data_8P1I
#
_entry.id   8P1I
#
loop_
_entity.id
_entity.type
_entity.pdbx_description
1 polymer 'Efflux pump membrane transporter'
2 non-polymer 3-chloranyl-2,6-di(piperazin-4-ium-1-yl)quinoline
3 non-polymer '[(2~{R})-1-[[(2~{R})-2,3-bis(oxidanyl)propoxy]-oxidanyl-phosphoryl]oxy-3-undecanoyloxy-propan-2-yl] tricosanoate'
4 non-polymer 1,2-DIOCTANOYL-SN-GLYCERO-3-[PHOSPHO-RAC-(1-GLYCEROL)
#
_entity_poly.entity_id   1
_entity_poly.type   'polypeptide(L)'
_entity_poly.pdbx_seq_one_letter_code
;MPNFFIDRPIFAWVIAIIIMLAGGLSILKLPVAQYPTIAPPAISITAMYPGADAETVQNTVTQVIEQNMNGIDHLMYMSS
NGDSTGTATITLTFESGTDPDIAQVQVQNKLALATPLLPQEVQQQGISVEKASSSFLMVVGVINTNGTMNQDDISDYVAA
NMKDPISRTSGVGDVQLFGSQYAMRIWMDPNKLNNFQLTPVDVISALKAQNAQVAAGQLGGTPPVKGQQLNASIIAQTRL
TNTEEFGNILLKVNQDGSQVRLRDVAKIELGGESYDVVAKFNGQPASGLGIKLATGANALDTANAIRAELAKMEPFFPSG
MKIVYPYDTTPFVKISIHEVVKTLVEAIILVFLVMYLFLQNFRATLIPTIAVPVVLLGTFAVLAAFGFSINTLTMFGMVL
AIGLLVDDAIVVVENVERVMAEEGLPPKEATRKSMGQIQGALVGIAMVLSAVFIPMAFFGGSTGAIYRQFSITIVSAMAL
SVLVALILTPALCATMLKPIQKGSHGATTGFFGWFNRMFDKSTHHYTDSVGNILRSTGRYLVLYLIIVVGMAWLFVRLPS
SFLPDEDQGVFLSMAQLPAGATQERTQKVLDEMTNYYLTKEKDNVESVFAVNGFGFAGRGQNTGIAFVSLKDWSQRPGEE
NKVEAITARAMGYFSQIKDAMVFAFNLPAIVELGTATGFDFELIDQGGLGHEKLTQARNQLFGMVAQHPDVLTGVRPNGL
EDTPQFKIDIDQEKAQALGVSISDINTTLGAAWGGSYVNDFIDRGRVKKVYIMSEAKYRMLPEDIGKWYVRGSDGQMVPF
SAFSTSRWEYGSPRLERYNGLPSLEILGQAAPGKSTGEAMALMEELAGKLPSGIGYDWTGMSYQERLSGNQAPALYAISL
IVVFLCLAALYESWSIPFSVMLVVPLGVVGALLAATFRGLTNDVYFQVGLLTTIGLSAKNAILIVEFAKDLMEKEGKGLI
EATLEAVRMRLRPILMTSLAFILGVMPLVISSGAGSGAQNAVGTGVMGGMVTATILAIFFVPVFFVVVRRRFSKKTEDIE
HSHQVEHHLEHHHHHH
;
_entity_poly.pdbx_strand_id   A,B,C
#
# COMPACT_ATOMS: atom_id res chain seq x y z
N MET A 1 -5.55 -7.26 44.34
CA MET A 1 -4.35 -7.75 43.60
C MET A 1 -3.12 -7.82 44.51
N PRO A 2 -2.89 -6.80 45.34
CA PRO A 2 -1.79 -6.90 46.30
C PRO A 2 -1.92 -8.08 47.25
N ASN A 3 -3.14 -8.41 47.67
CA ASN A 3 -3.33 -9.58 48.54
C ASN A 3 -2.93 -10.86 47.83
N PHE A 4 -3.29 -10.98 46.55
CA PHE A 4 -2.95 -12.19 45.80
C PHE A 4 -1.44 -12.37 45.72
N PHE A 5 -0.70 -11.30 45.48
CA PHE A 5 0.73 -11.38 45.25
C PHE A 5 1.57 -11.24 46.50
N ILE A 6 0.97 -10.93 47.65
CA ILE A 6 1.72 -10.95 48.89
C ILE A 6 2.07 -12.38 49.28
N ASP A 7 1.14 -13.31 49.04
CA ASP A 7 1.33 -14.72 49.36
C ASP A 7 2.02 -15.50 48.25
N ARG A 8 2.27 -14.88 47.10
CA ARG A 8 2.85 -15.56 45.95
C ARG A 8 4.02 -14.73 45.43
N PRO A 9 5.13 -14.67 46.17
CA PRO A 9 6.28 -13.90 45.69
C PRO A 9 6.82 -14.41 44.36
N ILE A 10 6.76 -15.72 44.15
CA ILE A 10 7.32 -16.30 42.94
C ILE A 10 6.48 -15.94 41.73
N PHE A 11 5.16 -15.87 41.89
CA PHE A 11 4.31 -15.45 40.78
C PHE A 11 4.58 -14.00 40.40
N ALA A 12 4.78 -13.13 41.39
CA ALA A 12 5.15 -11.74 41.11
C ALA A 12 6.50 -11.68 40.40
N TRP A 13 7.48 -12.45 40.87
CA TRP A 13 8.78 -12.46 40.23
C TRP A 13 8.67 -12.94 38.79
N VAL A 14 7.83 -13.96 38.55
CA VAL A 14 7.64 -14.48 37.20
C VAL A 14 7.04 -13.41 36.29
N ILE A 15 6.05 -12.67 36.78
CA ILE A 15 5.46 -11.63 35.97
C ILE A 15 6.50 -10.55 35.66
N ALA A 16 7.27 -10.15 36.66
CA ALA A 16 8.30 -9.14 36.43
C ALA A 16 9.33 -9.61 35.41
N ILE A 17 9.74 -10.88 35.50
CA ILE A 17 10.74 -11.41 34.58
C ILE A 17 10.18 -11.51 33.17
N ILE A 18 8.90 -11.86 33.04
CA ILE A 18 8.29 -11.90 31.72
C ILE A 18 8.26 -10.50 31.11
N ILE A 19 7.91 -9.50 31.91
CA ILE A 19 7.91 -8.12 31.42
C ILE A 19 9.31 -7.71 30.98
N MET A 20 10.32 -8.06 31.79
CA MET A 20 11.70 -7.70 31.44
C MET A 20 12.15 -8.42 30.17
N LEU A 21 11.76 -9.68 29.99
CA LEU A 21 12.12 -10.39 28.77
C LEU A 21 11.46 -9.75 27.55
N ALA A 22 10.19 -9.37 27.66
CA ALA A 22 9.54 -8.67 26.56
C ALA A 22 10.26 -7.37 26.24
N GLY A 23 10.64 -6.63 27.28
CA GLY A 23 11.39 -5.40 27.05
C GLY A 23 12.73 -5.63 26.38
N GLY A 24 13.44 -6.68 26.80
CA GLY A 24 14.73 -6.97 26.19
C GLY A 24 14.62 -7.38 24.74
N LEU A 25 13.65 -8.24 24.43
CA LEU A 25 13.45 -8.61 23.03
C LEU A 25 13.06 -7.40 22.19
N SER A 26 12.22 -6.53 22.74
CA SER A 26 11.86 -5.31 22.01
C SER A 26 13.08 -4.43 21.78
N ILE A 27 13.94 -4.30 22.78
CA ILE A 27 15.17 -3.53 22.61
C ILE A 27 16.01 -4.13 21.50
N LEU A 28 16.07 -5.46 21.43
CA LEU A 28 16.85 -6.11 20.38
C LEU A 28 16.27 -5.83 19.00
N LYS A 29 14.95 -5.83 18.88
CA LYS A 29 14.30 -5.79 17.58
C LYS A 29 13.65 -4.43 17.25
N LEU A 30 13.89 -3.39 18.04
CA LEU A 30 13.27 -2.11 17.73
C LEU A 30 14.17 -1.27 16.82
N PRO A 31 13.59 -0.47 15.92
CA PRO A 31 14.40 0.47 15.15
C PRO A 31 14.93 1.60 16.03
N VAL A 32 16.13 2.06 15.70
CA VAL A 32 16.75 3.18 16.39
C VAL A 32 16.83 4.34 15.40
N ALA A 33 16.33 5.49 15.81
CA ALA A 33 16.32 6.68 14.97
C ALA A 33 16.64 7.87 15.85
N GLN A 34 16.50 9.06 15.29
CA GLN A 34 16.67 10.32 16.03
C GLN A 34 15.36 11.03 16.29
N TYR A 35 14.43 10.99 15.35
CA TYR A 35 13.13 11.60 15.48
C TYR A 35 12.09 10.65 14.89
N PRO A 36 10.83 10.76 15.32
CA PRO A 36 9.76 10.10 14.58
C PRO A 36 9.72 10.65 13.17
N THR A 37 9.39 9.77 12.21
CA THR A 37 9.39 10.20 10.82
C THR A 37 8.52 11.45 10.65
N ILE A 38 9.17 12.55 10.28
CA ILE A 38 8.47 13.83 10.15
C ILE A 38 8.80 14.49 8.82
N ALA A 39 9.81 13.99 8.12
CA ALA A 39 10.16 14.55 6.83
C ALA A 39 9.15 14.10 5.78
N PRO A 40 8.56 15.02 5.01
CA PRO A 40 7.58 14.61 4.02
C PRO A 40 8.23 13.80 2.91
N PRO A 41 7.50 12.84 2.33
CA PRO A 41 8.07 12.09 1.19
C PRO A 41 8.35 13.02 0.01
N ALA A 42 9.42 12.71 -0.71
CA ALA A 42 9.78 13.44 -1.92
C ALA A 42 10.11 12.45 -3.03
N ILE A 43 9.71 12.78 -4.25
CA ILE A 43 9.98 11.97 -5.43
C ILE A 43 10.68 12.85 -6.45
N SER A 44 11.84 12.41 -6.92
CA SER A 44 12.68 13.21 -7.78
C SER A 44 12.76 12.58 -9.16
N ILE A 45 12.63 13.43 -10.19
CA ILE A 45 12.75 13.02 -11.58
C ILE A 45 13.97 13.70 -12.15
N THR A 46 14.93 12.91 -12.64
CA THR A 46 16.19 13.43 -13.16
C THR A 46 16.35 12.99 -14.61
N ALA A 47 16.36 13.96 -15.53
CA ALA A 47 16.50 13.71 -16.95
C ALA A 47 17.71 14.45 -17.47
N MET A 48 18.54 13.75 -18.24
CA MET A 48 19.78 14.32 -18.79
C MET A 48 19.59 14.56 -20.28
N TYR A 49 19.91 15.77 -20.72
CA TYR A 49 19.82 16.16 -22.12
C TYR A 49 21.17 16.73 -22.52
N PRO A 50 22.13 15.87 -22.86
CA PRO A 50 23.52 16.32 -22.94
C PRO A 50 23.72 17.40 -24.00
N GLY A 51 24.65 18.30 -23.71
CA GLY A 51 25.04 19.33 -24.65
C GLY A 51 24.14 20.54 -24.71
N ALA A 52 23.11 20.60 -23.88
CA ALA A 52 22.17 21.71 -23.92
C ALA A 52 22.52 22.76 -22.87
N ASP A 53 21.62 23.73 -22.70
CA ASP A 53 21.77 24.81 -21.75
C ASP A 53 20.50 24.94 -20.93
N ALA A 54 20.46 25.94 -20.06
CA ALA A 54 19.32 26.10 -19.15
C ALA A 54 18.04 26.36 -19.92
N GLU A 55 18.09 27.26 -20.90
CA GLU A 55 16.89 27.59 -21.66
C GLU A 55 16.37 26.38 -22.42
N THR A 56 17.26 25.67 -23.10
CA THR A 56 16.84 24.50 -23.87
C THR A 56 16.27 23.43 -22.96
N VAL A 57 16.93 23.17 -21.82
CA VAL A 57 16.45 22.14 -20.91
C VAL A 57 15.08 22.51 -20.37
N GLN A 58 14.90 23.77 -19.96
CA GLN A 58 13.61 24.18 -19.42
C GLN A 58 12.52 24.10 -20.48
N ASN A 59 12.80 24.56 -21.70
CA ASN A 59 11.79 24.55 -22.74
C ASN A 59 11.38 23.14 -23.12
N THR A 60 12.36 22.24 -23.28
CA THR A 60 12.07 20.94 -23.86
C THR A 60 11.71 19.88 -22.82
N VAL A 61 12.45 19.81 -21.71
CA VAL A 61 12.28 18.72 -20.75
C VAL A 61 11.45 19.16 -19.56
N THR A 62 11.93 20.15 -18.81
CA THR A 62 11.34 20.46 -17.51
C THR A 62 9.91 20.95 -17.65
N GLN A 63 9.68 21.92 -18.53
CA GLN A 63 8.34 22.48 -18.68
C GLN A 63 7.36 21.44 -19.21
N VAL A 64 7.81 20.57 -20.11
CA VAL A 64 6.93 19.54 -20.66
C VAL A 64 6.50 18.58 -19.56
N ILE A 65 7.43 18.16 -18.71
CA ILE A 65 7.09 17.22 -17.65
C ILE A 65 6.20 17.88 -16.59
N GLU A 66 6.48 19.13 -16.26
CA GLU A 66 5.71 19.81 -15.22
C GLU A 66 4.24 19.96 -15.63
N GLN A 67 3.99 20.29 -16.89
CA GLN A 67 2.62 20.50 -17.34
C GLN A 67 1.78 19.24 -17.31
N ASN A 68 2.40 18.07 -17.15
CA ASN A 68 1.69 16.81 -17.04
C ASN A 68 1.61 16.29 -15.61
N MET A 69 2.18 17.00 -14.64
CA MET A 69 2.12 16.60 -13.23
C MET A 69 0.85 17.16 -12.62
N ASN A 70 -0.22 16.37 -12.69
CA ASN A 70 -1.50 16.74 -12.12
C ASN A 70 -2.24 15.45 -11.77
N GLY A 71 -3.21 15.58 -10.88
CA GLY A 71 -3.92 14.40 -10.40
C GLY A 71 -3.05 13.48 -9.58
N ILE A 72 -2.14 14.03 -8.79
CA ILE A 72 -1.29 13.27 -7.86
C ILE A 72 -1.75 13.62 -6.46
N ASP A 73 -2.09 12.60 -5.67
CA ASP A 73 -2.65 12.82 -4.37
C ASP A 73 -1.62 13.36 -3.39
N HIS A 74 -2.06 14.24 -2.49
CA HIS A 74 -1.27 14.69 -1.35
C HIS A 74 0.06 15.29 -1.79
N LEU A 75 -0.01 16.37 -2.55
CA LEU A 75 1.15 17.09 -3.05
C LEU A 75 1.19 18.47 -2.40
N MET A 76 2.24 18.75 -1.63
CA MET A 76 2.36 20.08 -1.04
C MET A 76 2.94 21.08 -2.03
N TYR A 77 4.15 20.83 -2.51
CA TYR A 77 4.79 21.74 -3.45
C TYR A 77 5.68 20.94 -4.40
N MET A 78 6.00 21.56 -5.53
CA MET A 78 6.84 20.96 -6.56
C MET A 78 7.85 22.00 -7.01
N SER A 79 9.12 21.62 -7.07
CA SER A 79 10.19 22.52 -7.49
C SER A 79 11.08 21.81 -8.50
N SER A 80 11.48 22.53 -9.55
CA SER A 80 12.28 21.97 -10.61
C SER A 80 13.36 22.96 -11.02
N ASN A 81 14.39 22.46 -11.69
CA ASN A 81 15.50 23.29 -12.11
C ASN A 81 16.37 22.59 -13.15
N GLY A 82 16.66 23.26 -14.25
CA GLY A 82 17.52 22.71 -15.27
C GLY A 82 18.68 23.63 -15.57
N ASP A 83 19.90 23.10 -15.61
CA ASP A 83 21.10 23.92 -15.68
C ASP A 83 21.96 23.53 -16.88
N SER A 84 23.06 24.27 -17.05
CA SER A 84 23.81 24.26 -18.30
C SER A 84 24.46 22.92 -18.60
N THR A 85 24.68 22.07 -17.60
CA THR A 85 25.22 20.75 -17.89
C THR A 85 24.25 19.88 -18.65
N GLY A 86 22.98 20.28 -18.75
CA GLY A 86 21.98 19.49 -19.42
C GLY A 86 21.15 18.61 -18.52
N THR A 87 21.22 18.81 -17.21
CA THR A 87 20.50 17.98 -16.25
C THR A 87 19.31 18.74 -15.70
N ALA A 88 18.14 18.08 -15.70
CA ALA A 88 16.91 18.64 -15.16
C ALA A 88 16.46 17.80 -13.97
N THR A 89 15.93 18.47 -12.95
CA THR A 89 15.43 17.81 -11.76
C THR A 89 14.05 18.36 -11.42
N ILE A 90 13.18 17.49 -10.91
CA ILE A 90 11.83 17.86 -10.52
C ILE A 90 11.51 17.08 -9.25
N THR A 91 11.43 17.78 -8.12
CA THR A 91 11.18 17.16 -6.82
C THR A 91 9.74 17.45 -6.41
N LEU A 92 8.98 16.39 -6.14
CA LEU A 92 7.59 16.49 -5.73
C LEU A 92 7.49 16.06 -4.28
N THR A 93 7.17 17.00 -3.39
CA THR A 93 7.09 16.74 -1.95
C THR A 93 5.64 16.51 -1.57
N PHE A 94 5.37 15.38 -0.94
CA PHE A 94 4.02 14.96 -0.58
C PHE A 94 3.81 15.09 0.92
N GLU A 95 2.54 15.17 1.31
CA GLU A 95 2.20 15.43 2.70
C GLU A 95 2.68 14.31 3.59
N SER A 96 2.94 14.64 4.85
CA SER A 96 3.38 13.65 5.81
C SER A 96 2.34 12.55 5.95
N GLY A 97 2.81 11.30 6.02
CA GLY A 97 1.94 10.15 6.07
C GLY A 97 1.60 9.56 4.71
N THR A 98 1.96 10.24 3.63
CA THR A 98 1.74 9.69 2.30
C THR A 98 2.61 8.45 2.09
N ASP A 99 2.07 7.47 1.40
CA ASP A 99 2.82 6.24 1.13
C ASP A 99 3.83 6.51 0.03
N PRO A 100 5.13 6.40 0.29
CA PRO A 100 6.10 6.69 -0.78
C PRO A 100 5.95 5.78 -2.00
N ASP A 101 5.59 4.51 -1.81
CA ASP A 101 5.42 3.62 -2.95
C ASP A 101 4.33 4.12 -3.87
N ILE A 102 3.16 4.45 -3.32
CA ILE A 102 2.05 4.90 -4.14
C ILE A 102 2.34 6.26 -4.74
N ALA A 103 3.01 7.13 -3.99
CA ALA A 103 3.38 8.44 -4.53
C ALA A 103 4.29 8.28 -5.75
N GLN A 104 5.28 7.40 -5.65
CA GLN A 104 6.17 7.16 -6.78
C GLN A 104 5.42 6.53 -7.94
N VAL A 105 4.49 5.62 -7.64
CA VAL A 105 3.71 4.98 -8.69
C VAL A 105 2.92 6.01 -9.47
N GLN A 106 2.25 6.92 -8.76
CA GLN A 106 1.46 7.95 -9.42
C GLN A 106 2.33 8.93 -10.18
N VAL A 107 3.46 9.34 -9.60
CA VAL A 107 4.36 10.26 -10.28
C VAL A 107 4.86 9.64 -11.57
N GLN A 108 5.25 8.37 -11.54
CA GLN A 108 5.74 7.71 -12.74
C GLN A 108 4.64 7.47 -13.75
N ASN A 109 3.41 7.20 -13.28
CA ASN A 109 2.30 7.04 -14.19
C ASN A 109 2.02 8.34 -14.95
N LYS A 110 2.11 9.47 -14.27
CA LYS A 110 1.94 10.75 -14.95
C LYS A 110 3.12 11.07 -15.85
N LEU A 111 4.32 10.66 -15.46
CA LEU A 111 5.50 10.87 -16.29
C LEU A 111 5.42 10.07 -17.58
N ALA A 112 4.86 8.85 -17.52
CA ALA A 112 4.79 8.00 -18.69
C ALA A 112 3.97 8.63 -19.82
N LEU A 113 3.10 9.58 -19.49
CA LEU A 113 2.32 10.26 -20.53
C LEU A 113 3.06 11.44 -21.12
N ALA A 114 4.03 12.01 -20.41
CA ALA A 114 4.82 13.12 -20.92
C ALA A 114 6.09 12.66 -21.61
N THR A 115 6.53 11.43 -21.37
CA THR A 115 7.78 10.95 -21.96
C THR A 115 7.77 10.98 -23.48
N PRO A 116 6.71 10.58 -24.18
CA PRO A 116 6.75 10.62 -25.64
C PRO A 116 7.05 12.00 -26.20
N LEU A 117 6.71 13.06 -25.46
CA LEU A 117 6.91 14.41 -25.95
C LEU A 117 8.35 14.90 -25.78
N LEU A 118 9.15 14.24 -24.94
CA LEU A 118 10.51 14.68 -24.70
C LEU A 118 11.39 14.35 -25.92
N PRO A 119 12.54 15.01 -26.06
CA PRO A 119 13.44 14.68 -27.16
C PRO A 119 13.88 13.23 -27.10
N GLN A 120 14.56 12.80 -28.16
CA GLN A 120 15.10 11.44 -28.17
C GLN A 120 16.36 11.32 -27.33
N GLU A 121 17.15 12.39 -27.23
CA GLU A 121 18.38 12.33 -26.42
C GLU A 121 18.05 12.08 -24.95
N VAL A 122 17.00 12.73 -24.44
CA VAL A 122 16.64 12.53 -23.03
C VAL A 122 16.28 11.08 -22.78
N GLN A 123 15.42 10.50 -23.61
CA GLN A 123 15.02 9.12 -23.41
C GLN A 123 16.20 8.16 -23.57
N GLN A 124 17.05 8.42 -24.57
CA GLN A 124 18.22 7.58 -24.77
C GLN A 124 19.13 7.61 -23.55
N GLN A 125 19.32 8.78 -22.95
CA GLN A 125 20.13 8.88 -21.75
C GLN A 125 19.50 8.11 -20.59
N GLY A 126 18.18 8.22 -20.44
CA GLY A 126 17.48 7.52 -19.39
C GLY A 126 16.94 8.46 -18.33
N ILE A 127 15.65 8.34 -18.03
CA ILE A 127 15.01 9.13 -16.99
C ILE A 127 14.90 8.25 -15.74
N SER A 128 15.23 8.82 -14.60
CA SER A 128 15.18 8.11 -13.33
C SER A 128 14.22 8.82 -12.39
N VAL A 129 13.30 8.06 -11.82
CA VAL A 129 12.34 8.58 -10.85
C VAL A 129 12.65 7.91 -9.51
N GLU A 130 13.52 8.54 -8.73
CA GLU A 130 13.91 8.02 -7.43
C GLU A 130 13.10 8.70 -6.35
N LYS A 131 12.85 7.98 -5.26
CA LYS A 131 12.20 8.55 -4.08
C LYS A 131 13.27 8.86 -3.05
N ALA A 132 13.90 10.03 -3.22
CA ALA A 132 14.95 10.49 -2.33
C ALA A 132 14.92 12.01 -2.31
N SER A 133 15.92 12.60 -1.65
CA SER A 133 15.95 14.03 -1.41
C SER A 133 17.24 14.65 -1.94
N SER A 134 17.51 15.91 -1.60
CA SER A 134 18.73 16.58 -2.03
C SER A 134 19.90 16.39 -1.08
N SER A 135 19.68 15.78 0.09
CA SER A 135 20.72 15.60 1.09
C SER A 135 21.29 14.19 1.03
N PHE A 136 22.52 14.05 1.49
CA PHE A 136 23.25 12.80 1.43
C PHE A 136 23.22 12.12 2.78
N LEU A 137 22.93 10.82 2.79
CA LEU A 137 23.04 10.04 4.01
C LEU A 137 24.50 9.84 4.39
N MET A 138 25.35 9.49 3.43
CA MET A 138 26.76 9.26 3.68
C MET A 138 27.51 9.31 2.37
N VAL A 139 28.82 9.47 2.47
CA VAL A 139 29.72 9.48 1.33
C VAL A 139 30.78 8.42 1.58
N VAL A 140 31.05 7.60 0.57
CA VAL A 140 32.06 6.54 0.68
C VAL A 140 33.19 6.84 -0.28
N GLY A 141 34.22 7.52 0.19
CA GLY A 141 35.36 7.81 -0.64
C GLY A 141 36.23 6.59 -0.84
N VAL A 142 36.82 6.51 -2.03
CA VAL A 142 37.73 5.42 -2.38
C VAL A 142 39.00 6.02 -2.93
N ILE A 143 40.14 5.63 -2.36
CA ILE A 143 41.44 6.14 -2.75
C ILE A 143 42.37 4.97 -3.01
N ASN A 144 43.42 5.23 -3.78
CA ASN A 144 44.46 4.25 -4.06
C ASN A 144 45.72 4.69 -3.33
N THR A 145 46.07 3.97 -2.26
CA THR A 145 47.18 4.38 -1.42
C THR A 145 48.50 4.32 -2.16
N ASN A 146 48.64 3.39 -3.12
CA ASN A 146 49.89 3.29 -3.87
C ASN A 146 50.16 4.53 -4.71
N GLY A 147 49.14 5.35 -4.96
CA GLY A 147 49.34 6.59 -5.69
C GLY A 147 49.86 6.38 -7.10
N THR A 148 49.31 5.40 -7.82
CA THR A 148 49.78 5.07 -9.16
C THR A 148 48.83 5.51 -10.26
N MET A 149 47.54 5.65 -9.98
CA MET A 149 46.54 5.88 -11.00
C MET A 149 45.61 7.02 -10.60
N ASN A 150 45.15 7.75 -11.60
CA ASN A 150 44.45 9.02 -11.40
C ASN A 150 42.99 8.77 -11.04
N GLN A 151 42.19 9.85 -11.03
CA GLN A 151 40.81 9.75 -10.58
C GLN A 151 39.94 9.00 -11.58
N ASP A 152 40.30 9.01 -12.86
CA ASP A 152 39.50 8.28 -13.84
C ASP A 152 39.45 6.80 -13.51
N ASP A 153 40.60 6.22 -13.13
CA ASP A 153 40.65 4.79 -12.86
C ASP A 153 39.86 4.42 -11.61
N ILE A 154 40.01 5.22 -10.54
CA ILE A 154 39.28 4.93 -9.30
C ILE A 154 37.78 5.09 -9.53
N SER A 155 37.38 6.14 -10.27
CA SER A 155 35.96 6.35 -10.55
C SER A 155 35.41 5.23 -11.41
N ASP A 156 36.19 4.76 -12.39
CA ASP A 156 35.75 3.63 -13.21
C ASP A 156 35.57 2.38 -12.36
N TYR A 157 36.52 2.10 -11.46
CA TYR A 157 36.37 0.92 -10.62
C TYR A 157 35.14 1.04 -9.73
N VAL A 158 34.92 2.21 -9.12
CA VAL A 158 33.77 2.39 -8.26
C VAL A 158 32.48 2.20 -9.06
N ALA A 159 32.41 2.77 -10.26
CA ALA A 159 31.21 2.64 -11.06
C ALA A 159 30.96 1.20 -11.48
N ALA A 160 32.01 0.49 -11.93
CA ALA A 160 31.82 -0.84 -12.48
C ALA A 160 31.55 -1.87 -11.40
N ASN A 161 32.29 -1.82 -10.30
CA ASN A 161 32.28 -2.91 -9.32
C ASN A 161 31.65 -2.55 -7.99
N MET A 162 31.26 -1.30 -7.76
CA MET A 162 30.78 -0.88 -6.45
C MET A 162 29.45 -0.15 -6.50
N LYS A 163 29.18 0.56 -7.59
CA LYS A 163 28.01 1.45 -7.62
C LYS A 163 26.72 0.66 -7.66
N ASP A 164 26.63 -0.36 -8.53
CA ASP A 164 25.36 -1.03 -8.73
C ASP A 164 24.96 -1.88 -7.53
N PRO A 165 25.82 -2.73 -6.97
CA PRO A 165 25.41 -3.48 -5.76
C PRO A 165 24.96 -2.58 -4.63
N ILE A 166 25.62 -1.43 -4.45
CA ILE A 166 25.22 -0.49 -3.42
C ILE A 166 23.87 0.11 -3.75
N SER A 167 23.64 0.44 -5.03
CA SER A 167 22.38 1.05 -5.41
C SER A 167 21.22 0.07 -5.25
N ARG A 168 21.47 -1.22 -5.39
CA ARG A 168 20.43 -2.21 -5.20
C ARG A 168 20.14 -2.51 -3.73
N THR A 169 21.00 -2.07 -2.81
CA THR A 169 20.78 -2.33 -1.40
C THR A 169 19.45 -1.72 -0.97
N SER A 170 18.71 -2.47 -0.17
CA SER A 170 17.42 -1.98 0.30
C SER A 170 17.62 -0.81 1.24
N GLY A 171 16.84 0.25 1.01
CA GLY A 171 16.95 1.48 1.76
C GLY A 171 17.74 2.57 1.07
N VAL A 172 18.57 2.21 0.10
CA VAL A 172 19.37 3.18 -0.65
C VAL A 172 18.50 3.73 -1.76
N GLY A 173 17.98 4.95 -1.57
CA GLY A 173 17.07 5.52 -2.55
C GLY A 173 17.77 6.13 -3.76
N ASP A 174 19.01 6.56 -3.61
CA ASP A 174 19.75 7.13 -4.71
C ASP A 174 21.24 7.03 -4.41
N VAL A 175 22.05 6.85 -5.45
CA VAL A 175 23.50 6.80 -5.34
C VAL A 175 24.08 7.67 -6.44
N GLN A 176 24.93 8.63 -6.06
CA GLN A 176 25.49 9.60 -6.99
C GLN A 176 27.00 9.45 -6.98
N LEU A 177 27.58 9.23 -8.16
CA LEU A 177 29.00 8.94 -8.29
C LEU A 177 29.78 10.23 -8.49
N PHE A 178 30.71 10.50 -7.58
CA PHE A 178 31.57 11.68 -7.68
C PHE A 178 32.74 11.40 -8.62
N GLY A 179 32.39 11.07 -9.86
CA GLY A 179 33.34 10.72 -10.88
C GLY A 179 32.63 10.34 -12.15
N SER A 180 33.14 9.36 -12.90
CA SER A 180 32.39 8.88 -14.05
C SER A 180 33.04 7.61 -14.61
N GLN A 181 32.21 6.63 -14.92
CA GLN A 181 32.66 5.40 -15.55
C GLN A 181 33.41 5.71 -16.84
N TYR A 182 34.19 4.74 -17.31
CA TYR A 182 34.82 4.87 -18.61
C TYR A 182 33.80 4.96 -19.74
N ALA A 183 34.29 5.45 -20.87
CA ALA A 183 33.59 5.44 -22.14
C ALA A 183 34.66 5.51 -23.22
N MET A 184 34.30 5.15 -24.44
CA MET A 184 35.24 5.23 -25.54
C MET A 184 35.17 6.65 -26.10
N ARG A 185 36.20 7.44 -25.81
CA ARG A 185 36.22 8.83 -26.23
C ARG A 185 36.93 8.96 -27.57
N ILE A 186 36.22 9.47 -28.57
CA ILE A 186 36.79 9.79 -29.87
C ILE A 186 37.02 11.30 -29.89
N TRP A 187 38.27 11.72 -29.96
CA TRP A 187 38.64 13.13 -29.95
C TRP A 187 38.92 13.54 -31.40
N MET A 188 37.88 14.05 -32.06
CA MET A 188 37.99 14.36 -33.49
C MET A 188 38.88 15.56 -33.73
N ASP A 189 39.62 15.52 -34.84
CA ASP A 189 40.48 16.63 -35.25
C ASP A 189 39.84 17.31 -36.45
N PRO A 190 39.34 18.54 -36.33
CA PRO A 190 38.67 19.15 -37.48
C PRO A 190 39.57 19.30 -38.70
N ASN A 191 40.86 19.56 -38.49
CA ASN A 191 41.77 19.72 -39.61
C ASN A 191 41.88 18.42 -40.40
N LYS A 192 42.07 17.30 -39.72
CA LYS A 192 42.17 16.02 -40.40
C LYS A 192 40.84 15.63 -41.02
N LEU A 193 39.72 15.88 -40.33
CA LEU A 193 38.42 15.55 -40.90
C LEU A 193 38.19 16.30 -42.20
N ASN A 194 38.50 17.61 -42.21
CA ASN A 194 38.34 18.37 -43.44
C ASN A 194 39.36 17.97 -44.49
N ASN A 195 40.52 17.46 -44.07
CA ASN A 195 41.54 17.04 -45.03
C ASN A 195 41.01 15.95 -45.95
N PHE A 196 40.27 15.00 -45.40
CA PHE A 196 39.75 13.86 -46.15
C PHE A 196 38.31 14.07 -46.61
N GLN A 197 37.76 15.28 -46.45
CA GLN A 197 36.36 15.55 -46.76
C GLN A 197 35.43 14.62 -45.99
N LEU A 198 35.48 14.74 -44.67
CA LEU A 198 34.62 14.00 -43.77
C LEU A 198 34.05 14.97 -42.75
N THR A 199 33.02 14.52 -42.04
CA THR A 199 32.36 15.29 -41.00
C THR A 199 32.02 14.36 -39.85
N PRO A 200 31.69 14.91 -38.68
CA PRO A 200 31.27 14.04 -37.57
C PRO A 200 30.08 13.15 -37.91
N VAL A 201 29.27 13.54 -38.90
CA VAL A 201 28.18 12.67 -39.33
C VAL A 201 28.73 11.36 -39.88
N ASP A 202 29.79 11.44 -40.68
CA ASP A 202 30.42 10.23 -41.22
C ASP A 202 30.99 9.36 -40.10
N VAL A 203 31.61 9.99 -39.10
CA VAL A 203 32.16 9.22 -37.98
C VAL A 203 31.04 8.52 -37.23
N ILE A 204 29.93 9.21 -37.00
CA ILE A 204 28.80 8.61 -36.29
C ILE A 204 28.27 7.41 -37.08
N SER A 205 28.10 7.59 -38.40
CA SER A 205 27.58 6.50 -39.21
C SER A 205 28.54 5.31 -39.21
N ALA A 206 29.84 5.57 -39.33
CA ALA A 206 30.82 4.48 -39.32
C ALA A 206 30.81 3.75 -37.99
N LEU A 207 30.74 4.49 -36.89
CA LEU A 207 30.69 3.83 -35.58
C LEU A 207 29.44 2.99 -35.43
N LYS A 208 28.30 3.51 -35.87
CA LYS A 208 27.06 2.75 -35.75
C LYS A 208 27.06 1.50 -36.61
N ALA A 209 27.62 1.60 -37.83
CA ALA A 209 27.60 0.47 -38.74
C ALA A 209 28.62 -0.59 -38.39
N GLN A 210 29.82 -0.18 -37.96
CA GLN A 210 30.92 -1.11 -37.77
C GLN A 210 31.13 -1.54 -36.33
N ASN A 211 30.51 -0.86 -35.37
CA ASN A 211 30.50 -1.30 -33.98
C ASN A 211 29.06 -1.65 -33.63
N ALA A 212 28.66 -2.88 -33.93
CA ALA A 212 27.28 -3.30 -33.75
C ALA A 212 27.24 -4.77 -33.35
N GLN A 213 26.16 -5.14 -32.67
CA GLN A 213 25.91 -6.52 -32.26
C GLN A 213 24.77 -7.05 -33.13
N VAL A 214 25.10 -7.98 -34.02
CA VAL A 214 24.17 -8.45 -35.04
C VAL A 214 23.59 -9.79 -34.61
N ALA A 215 22.28 -9.95 -34.76
CA ALA A 215 21.60 -11.21 -34.53
C ALA A 215 21.39 -11.87 -35.88
N ALA A 216 22.13 -12.95 -36.14
CA ALA A 216 22.21 -13.54 -37.47
C ALA A 216 21.43 -14.83 -37.63
N GLY A 217 20.73 -15.28 -36.60
CA GLY A 217 19.93 -16.49 -36.72
C GLY A 217 20.69 -17.76 -36.40
N GLN A 218 20.35 -18.86 -37.07
CA GLN A 218 20.99 -20.14 -36.82
C GLN A 218 21.01 -20.98 -38.08
N LEU A 219 21.93 -21.94 -38.10
CA LEU A 219 21.86 -23.04 -39.05
C LEU A 219 20.87 -24.07 -38.53
N GLY A 220 20.08 -24.65 -39.42
CA GLY A 220 19.07 -25.58 -38.98
C GLY A 220 18.04 -24.94 -38.06
N GLY A 221 17.64 -23.72 -38.36
CA GLY A 221 16.71 -23.01 -37.51
C GLY A 221 15.27 -23.44 -37.75
N THR A 222 14.49 -23.39 -36.69
CA THR A 222 13.09 -23.78 -36.80
C THR A 222 12.30 -22.73 -37.59
N PRO A 223 11.42 -23.15 -38.50
CA PRO A 223 11.09 -24.55 -38.84
C PRO A 223 12.19 -25.22 -39.67
N PRO A 224 12.53 -26.46 -39.35
CA PRO A 224 13.57 -27.16 -40.12
C PRO A 224 12.97 -27.97 -41.26
N VAL A 225 13.86 -28.50 -42.09
CA VAL A 225 13.47 -29.41 -43.15
C VAL A 225 13.61 -30.84 -42.63
N LYS A 226 12.92 -31.76 -43.29
CA LYS A 226 13.02 -33.17 -42.92
C LYS A 226 14.44 -33.66 -43.17
N GLY A 227 15.02 -34.31 -42.17
CA GLY A 227 16.35 -34.86 -42.28
C GLY A 227 17.48 -33.97 -41.80
N GLN A 228 17.16 -32.84 -41.18
CA GLN A 228 18.19 -31.95 -40.68
C GLN A 228 18.88 -32.57 -39.47
N GLN A 229 20.22 -32.59 -39.50
CA GLN A 229 21.01 -33.22 -38.45
C GLN A 229 21.97 -32.28 -37.74
N LEU A 230 21.97 -31.00 -38.09
CA LEU A 230 22.85 -30.02 -37.47
C LEU A 230 22.06 -28.78 -37.09
N ASN A 231 22.50 -28.11 -36.02
CA ASN A 231 21.85 -26.88 -35.57
C ASN A 231 22.87 -26.10 -34.76
N ALA A 232 23.39 -25.02 -35.33
CA ALA A 232 24.41 -24.22 -34.67
C ALA A 232 24.13 -22.74 -34.94
N SER A 233 24.27 -21.92 -33.90
CA SER A 233 24.01 -20.50 -34.04
C SER A 233 25.05 -19.87 -34.97
N ILE A 234 24.65 -18.77 -35.60
CA ILE A 234 25.54 -17.97 -36.43
C ILE A 234 25.96 -16.75 -35.64
N ILE A 235 27.27 -16.48 -35.63
CA ILE A 235 27.84 -15.36 -34.89
C ILE A 235 28.35 -14.36 -35.92
N ALA A 236 27.64 -13.25 -36.07
CA ALA A 236 28.04 -12.18 -36.95
C ALA A 236 28.82 -11.13 -36.16
N GLN A 237 28.98 -9.95 -36.75
CA GLN A 237 29.66 -8.83 -36.09
C GLN A 237 29.26 -8.71 -34.63
N THR A 238 30.23 -8.36 -33.78
CA THR A 238 30.00 -8.14 -32.36
C THR A 238 30.59 -6.79 -31.97
N ARG A 239 30.25 -6.36 -30.75
CA ARG A 239 30.72 -5.07 -30.26
C ARG A 239 32.25 -5.07 -30.16
N LEU A 240 32.85 -3.91 -30.44
CA LEU A 240 34.29 -3.77 -30.30
C LEU A 240 34.67 -3.65 -28.83
N THR A 241 35.89 -4.04 -28.52
CA THR A 241 36.35 -4.10 -27.13
C THR A 241 37.49 -3.14 -26.85
N ASN A 242 38.58 -3.19 -27.60
CA ASN A 242 39.75 -2.38 -27.32
C ASN A 242 39.64 -1.01 -27.97
N THR A 243 40.61 -0.15 -27.66
CA THR A 243 40.78 1.09 -28.40
C THR A 243 41.47 0.85 -29.73
N GLU A 244 42.25 -0.24 -29.83
CA GLU A 244 42.89 -0.57 -31.10
C GLU A 244 41.87 -0.99 -32.14
N GLU A 245 40.83 -1.72 -31.72
CA GLU A 245 39.77 -2.10 -32.62
C GLU A 245 39.00 -0.88 -33.11
N PHE A 246 38.74 0.08 -32.22
CA PHE A 246 38.00 1.27 -32.60
C PHE A 246 38.81 2.13 -33.57
N GLY A 247 40.12 2.24 -33.33
CA GLY A 247 40.96 3.00 -34.22
C GLY A 247 41.16 2.38 -35.58
N ASN A 248 40.70 1.15 -35.78
CA ASN A 248 40.80 0.45 -37.05
C ASN A 248 39.53 0.59 -37.88
N ILE A 249 38.54 1.33 -37.41
CA ILE A 249 37.30 1.48 -38.15
C ILE A 249 37.58 2.21 -39.45
N LEU A 250 37.08 1.65 -40.56
CA LEU A 250 37.33 2.20 -41.89
C LEU A 250 36.25 3.22 -42.23
N LEU A 251 36.67 4.45 -42.51
CA LEU A 251 35.73 5.52 -42.83
C LEU A 251 35.49 5.64 -44.32
N LYS A 252 36.56 5.70 -45.12
CA LYS A 252 36.41 5.74 -46.57
C LYS A 252 37.72 5.30 -47.21
N VAL A 253 37.64 4.99 -48.50
CA VAL A 253 38.79 4.58 -49.29
C VAL A 253 39.09 5.68 -50.28
N ASN A 254 40.32 6.19 -50.26
CA ASN A 254 40.70 7.27 -51.15
C ASN A 254 40.79 6.76 -52.58
N GLN A 255 40.91 7.71 -53.51
CA GLN A 255 40.98 7.34 -54.93
C GLN A 255 42.22 6.52 -55.22
N ASP A 256 43.36 6.91 -54.64
CA ASP A 256 44.62 6.23 -54.88
C ASP A 256 44.73 4.90 -54.14
N GLY A 257 43.65 4.41 -53.54
CA GLY A 257 43.65 3.14 -52.85
C GLY A 257 43.97 3.22 -51.37
N SER A 258 44.54 4.33 -50.91
CA SER A 258 44.83 4.47 -49.49
C SER A 258 43.54 4.50 -48.69
N GLN A 259 43.56 3.86 -47.53
CA GLN A 259 42.40 3.74 -46.67
C GLN A 259 42.48 4.73 -45.51
N VAL A 260 41.34 5.32 -45.17
CA VAL A 260 41.24 6.27 -44.07
C VAL A 260 40.49 5.59 -42.93
N ARG A 261 41.12 5.52 -41.76
CA ARG A 261 40.56 4.86 -40.61
C ARG A 261 40.30 5.87 -39.51
N LEU A 262 39.64 5.41 -38.44
CA LEU A 262 39.27 6.31 -37.37
C LEU A 262 40.50 6.92 -36.70
N ARG A 263 41.56 6.12 -36.51
CA ARG A 263 42.76 6.64 -35.89
C ARG A 263 43.41 7.73 -36.73
N ASP A 264 43.11 7.80 -38.03
CA ASP A 264 43.72 8.79 -38.90
C ASP A 264 43.07 10.16 -38.80
N VAL A 265 41.87 10.24 -38.20
CA VAL A 265 41.15 11.51 -38.13
C VAL A 265 40.64 11.74 -36.71
N ALA A 266 41.19 11.03 -35.74
CA ALA A 266 40.72 11.14 -34.36
C ALA A 266 41.82 10.64 -33.43
N LYS A 267 41.51 10.61 -32.14
CA LYS A 267 42.43 10.12 -31.11
C LYS A 267 41.59 9.34 -30.10
N ILE A 268 41.62 8.02 -30.21
CA ILE A 268 40.75 7.15 -29.42
C ILE A 268 41.44 6.81 -28.12
N GLU A 269 40.71 6.93 -27.02
CA GLU A 269 41.24 6.56 -25.70
C GLU A 269 40.07 6.32 -24.76
N LEU A 270 40.31 5.49 -23.75
CA LEU A 270 39.33 5.26 -22.71
C LEU A 270 39.30 6.45 -21.76
N GLY A 271 38.12 7.01 -21.55
CA GLY A 271 37.98 8.16 -20.67
C GLY A 271 36.60 8.20 -20.07
N GLY A 272 36.42 9.12 -19.13
CA GLY A 272 35.15 9.21 -18.45
C GLY A 272 34.05 9.66 -19.38
N GLU A 273 32.81 9.30 -19.03
CA GLU A 273 31.66 9.78 -19.79
C GLU A 273 31.52 11.28 -19.70
N SER A 274 31.81 11.84 -18.52
CA SER A 274 31.79 13.28 -18.31
C SER A 274 33.00 13.65 -17.47
N TYR A 275 33.72 14.69 -17.90
CA TYR A 275 34.87 15.20 -17.16
C TYR A 275 34.50 16.35 -16.25
N ASP A 276 33.28 16.35 -15.71
CA ASP A 276 32.77 17.49 -14.95
C ASP A 276 33.12 17.38 -13.47
N VAL A 277 32.71 16.29 -12.82
CA VAL A 277 32.91 16.14 -11.38
C VAL A 277 34.29 15.53 -11.11
N VAL A 278 34.98 16.08 -10.12
CA VAL A 278 36.35 15.68 -9.79
C VAL A 278 36.49 15.74 -8.28
N ALA A 279 36.57 14.57 -7.65
CA ALA A 279 36.64 14.49 -6.20
C ALA A 279 38.08 14.29 -5.72
N LYS A 280 38.36 14.81 -4.53
CA LYS A 280 39.67 14.67 -3.91
C LYS A 280 39.50 14.47 -2.42
N PHE A 281 40.27 13.56 -1.84
CA PHE A 281 40.20 13.22 -0.43
C PHE A 281 41.50 13.65 0.24
N ASN A 282 41.44 14.69 1.06
CA ASN A 282 42.61 15.21 1.77
C ASN A 282 43.72 15.54 0.78
N GLY A 283 43.35 16.08 -0.37
CA GLY A 283 44.30 16.47 -1.39
C GLY A 283 44.75 15.34 -2.31
N GLN A 284 44.22 14.14 -2.15
CA GLN A 284 44.60 13.01 -2.99
C GLN A 284 43.54 12.75 -4.05
N PRO A 285 43.91 12.15 -5.18
CA PRO A 285 42.89 11.66 -6.11
C PRO A 285 41.97 10.67 -5.42
N ALA A 286 40.68 10.76 -5.73
CA ALA A 286 39.69 9.92 -5.07
C ALA A 286 38.43 9.88 -5.89
N SER A 287 37.55 8.94 -5.52
CA SER A 287 36.18 8.91 -6.03
C SER A 287 35.32 8.29 -4.97
N GLY A 288 34.01 8.54 -5.05
CA GLY A 288 33.13 8.04 -4.02
C GLY A 288 31.69 8.06 -4.46
N LEU A 289 30.84 7.46 -3.63
CA LEU A 289 29.42 7.35 -3.89
C LEU A 289 28.68 8.19 -2.86
N GLY A 290 27.89 9.16 -3.33
CA GLY A 290 27.06 9.94 -2.44
C GLY A 290 25.71 9.27 -2.26
N ILE A 291 25.55 8.56 -1.16
CA ILE A 291 24.38 7.70 -0.95
C ILE A 291 23.30 8.51 -0.25
N LYS A 292 22.09 8.49 -0.82
CA LYS A 292 20.93 9.12 -0.23
C LYS A 292 19.97 8.06 0.29
N LEU A 293 19.05 8.48 1.14
CA LEU A 293 18.17 7.57 1.86
C LEU A 293 16.78 7.57 1.23
N ALA A 294 16.28 6.39 0.87
CA ALA A 294 14.92 6.28 0.36
C ALA A 294 13.94 6.77 1.41
N THR A 295 12.94 7.52 0.98
CA THR A 295 11.97 8.06 1.91
C THR A 295 11.31 6.92 2.69
N GLY A 296 11.22 7.09 4.01
CA GLY A 296 10.63 6.10 4.86
C GLY A 296 11.56 5.02 5.36
N ALA A 297 12.83 5.04 4.96
CA ALA A 297 13.78 4.03 5.38
C ALA A 297 14.49 4.47 6.66
N ASN A 298 15.02 3.49 7.39
CA ASN A 298 15.77 3.76 8.60
C ASN A 298 17.22 4.05 8.26
N ALA A 299 17.73 5.16 8.77
CA ALA A 299 19.09 5.58 8.43
C ALA A 299 20.12 4.58 8.95
N LEU A 300 19.94 4.09 10.18
CA LEU A 300 20.94 3.22 10.77
C LEU A 300 20.94 1.83 10.12
N ASP A 301 19.74 1.30 9.84
CA ASP A 301 19.67 0.02 9.14
C ASP A 301 20.29 0.12 7.75
N THR A 302 20.00 1.21 7.04
CA THR A 302 20.57 1.39 5.71
C THR A 302 22.09 1.54 5.78
N ALA A 303 22.59 2.28 6.76
CA ALA A 303 24.04 2.42 6.90
C ALA A 303 24.69 1.08 7.22
N ASN A 304 24.07 0.28 8.09
CA ASN A 304 24.60 -1.04 8.38
C ASN A 304 24.59 -1.92 7.12
N ALA A 305 23.52 -1.85 6.34
CA ALA A 305 23.45 -2.64 5.12
C ALA A 305 24.54 -2.23 4.13
N ILE A 306 24.78 -0.93 3.99
CA ILE A 306 25.82 -0.46 3.10
C ILE A 306 27.20 -0.90 3.59
N ARG A 307 27.45 -0.76 4.89
CA ARG A 307 28.75 -1.15 5.43
C ARG A 307 28.98 -2.65 5.34
N ALA A 308 27.91 -3.44 5.38
CA ALA A 308 28.04 -4.88 5.19
C ALA A 308 28.22 -5.25 3.72
N GLU A 309 27.63 -4.48 2.82
CA GLU A 309 27.83 -4.72 1.40
C GLU A 309 29.28 -4.44 1.00
N LEU A 310 29.87 -3.38 1.53
CA LEU A 310 31.25 -3.05 1.18
C LEU A 310 32.22 -4.11 1.67
N ALA A 311 31.92 -4.77 2.80
CA ALA A 311 32.79 -5.82 3.30
C ALA A 311 32.89 -6.99 2.35
N LYS A 312 31.90 -7.18 1.47
CA LYS A 312 31.97 -8.22 0.45
C LYS A 312 32.79 -7.80 -0.76
N MET A 313 33.19 -6.53 -0.84
CA MET A 313 33.93 -6.02 -1.99
C MET A 313 35.42 -5.90 -1.71
N GLU A 314 35.80 -5.63 -0.46
CA GLU A 314 37.22 -5.39 -0.16
C GLU A 314 38.12 -6.53 -0.62
N PRO A 315 37.76 -7.81 -0.49
CA PRO A 315 38.70 -8.87 -0.90
C PRO A 315 39.16 -8.77 -2.34
N PHE A 316 38.32 -8.25 -3.24
CA PHE A 316 38.63 -8.22 -4.67
C PHE A 316 39.20 -6.88 -5.12
N PHE A 317 39.46 -5.96 -4.20
CA PHE A 317 40.00 -4.67 -4.60
C PHE A 317 41.41 -4.82 -5.14
N PRO A 318 41.74 -4.17 -6.26
CA PRO A 318 43.13 -4.20 -6.72
C PRO A 318 44.06 -3.57 -5.70
N SER A 319 45.29 -4.08 -5.65
CA SER A 319 46.23 -3.64 -4.63
C SER A 319 46.36 -2.12 -4.65
N GLY A 320 46.29 -1.51 -3.46
CA GLY A 320 46.36 -0.08 -3.30
C GLY A 320 45.03 0.56 -2.96
N MET A 321 43.93 -0.05 -3.36
CA MET A 321 42.61 0.50 -3.05
C MET A 321 42.37 0.53 -1.55
N LYS A 322 41.46 1.42 -1.15
CA LYS A 322 41.08 1.57 0.25
C LYS A 322 39.81 2.40 0.33
N ILE A 323 38.81 1.92 1.07
CA ILE A 323 37.57 2.65 1.27
C ILE A 323 37.75 3.58 2.44
N VAL A 324 37.54 4.87 2.21
CA VAL A 324 37.63 5.90 3.24
C VAL A 324 36.27 6.57 3.36
N TYR A 325 35.84 6.83 4.59
CA TYR A 325 34.51 7.38 4.87
C TYR A 325 34.65 8.84 5.28
N PRO A 326 34.58 9.78 4.35
CA PRO A 326 34.75 11.20 4.69
C PRO A 326 33.50 11.92 5.17
N TYR A 327 32.36 11.24 5.26
CA TYR A 327 31.11 11.91 5.63
C TYR A 327 30.05 10.88 5.96
N ASP A 328 29.40 11.02 7.11
CA ASP A 328 28.38 10.08 7.54
C ASP A 328 27.59 10.71 8.68
N THR A 329 26.26 10.69 8.57
CA THR A 329 25.40 11.32 9.56
C THR A 329 24.75 10.33 10.52
N THR A 330 24.90 9.03 10.29
CA THR A 330 24.28 8.01 11.13
C THR A 330 25.06 7.81 12.43
N PRO A 331 26.41 7.90 12.42
CA PRO A 331 27.14 7.74 13.69
C PRO A 331 26.69 8.74 14.75
N PHE A 332 26.31 9.95 14.35
CA PHE A 332 25.78 10.89 15.32
C PHE A 332 24.52 10.35 15.97
N VAL A 333 23.61 9.79 15.17
CA VAL A 333 22.38 9.24 15.73
C VAL A 333 22.70 8.11 16.71
N LYS A 334 23.57 7.19 16.28
CA LYS A 334 23.92 6.04 17.11
C LYS A 334 24.53 6.49 18.43
N ILE A 335 25.53 7.36 18.36
CA ILE A 335 26.24 7.78 19.56
C ILE A 335 25.35 8.63 20.45
N SER A 336 24.47 9.45 19.88
CA SER A 336 23.57 10.25 20.70
C SER A 336 22.59 9.36 21.46
N ILE A 337 22.02 8.36 20.78
CA ILE A 337 21.12 7.45 21.48
C ILE A 337 21.86 6.70 22.58
N HIS A 338 23.08 6.28 22.30
CA HIS A 338 23.83 5.55 23.33
C HIS A 338 24.23 6.48 24.48
N GLU A 339 24.45 7.76 24.20
CA GLU A 339 24.70 8.70 25.28
C GLU A 339 23.47 8.90 26.15
N VAL A 340 22.28 8.93 25.53
CA VAL A 340 21.06 9.04 26.33
C VAL A 340 20.86 7.78 27.17
N VAL A 341 21.21 6.61 26.61
CA VAL A 341 21.13 5.37 27.38
C VAL A 341 22.08 5.41 28.57
N LYS A 342 23.31 5.89 28.34
CA LYS A 342 24.26 6.03 29.43
C LYS A 342 23.73 6.99 30.49
N THR A 343 23.08 8.08 30.07
CA THR A 343 22.46 9.00 31.01
C THR A 343 21.37 8.31 31.82
N LEU A 344 20.58 7.44 31.18
CA LEU A 344 19.53 6.72 31.89
C LEU A 344 20.12 5.83 32.97
N VAL A 345 21.19 5.10 32.63
CA VAL A 345 21.84 4.22 33.61
C VAL A 345 22.43 5.04 34.75
N GLU A 346 23.09 6.16 34.42
CA GLU A 346 23.65 7.02 35.45
C GLU A 346 22.56 7.59 36.35
N ALA A 347 21.40 7.93 35.77
CA ALA A 347 20.29 8.42 36.57
C ALA A 347 19.82 7.37 37.55
N ILE A 348 19.71 6.12 37.10
CA ILE A 348 19.31 5.05 38.01
C ILE A 348 20.34 4.91 39.14
N ILE A 349 21.63 4.94 38.82
CA ILE A 349 22.64 4.77 39.85
C ILE A 349 22.59 5.92 40.85
N LEU A 350 22.47 7.15 40.37
CA LEU A 350 22.41 8.30 41.28
C LEU A 350 21.16 8.27 42.14
N VAL A 351 20.04 7.83 41.57
CA VAL A 351 18.82 7.68 42.34
C VAL A 351 19.03 6.68 43.47
N PHE A 352 19.66 5.55 43.14
CA PHE A 352 19.93 4.56 44.19
C PHE A 352 20.83 5.15 45.27
N LEU A 353 21.86 5.89 44.87
CA LEU A 353 22.79 6.44 45.87
C LEU A 353 22.08 7.41 46.80
N VAL A 354 21.28 8.32 46.26
CA VAL A 354 20.57 9.28 47.11
C VAL A 354 19.58 8.57 48.01
N MET A 355 18.86 7.58 47.46
CA MET A 355 17.87 6.86 48.24
C MET A 355 18.52 6.05 49.36
N TYR A 356 19.70 5.51 49.11
CA TYR A 356 20.43 4.82 50.18
C TYR A 356 20.90 5.82 51.23
N LEU A 357 21.34 7.00 50.80
CA LEU A 357 21.75 8.01 51.77
C LEU A 357 20.59 8.39 52.69
N PHE A 358 19.39 8.54 52.13
CA PHE A 358 18.26 8.97 52.94
C PHE A 358 17.64 7.82 53.74
N LEU A 359 17.66 6.60 53.21
CA LEU A 359 17.09 5.45 53.91
C LEU A 359 18.11 4.70 54.76
N GLN A 360 19.38 4.75 54.38
CA GLN A 360 20.45 4.15 55.17
C GLN A 360 20.19 2.67 55.43
N ASN A 361 19.72 1.96 54.41
CA ASN A 361 19.48 0.53 54.53
C ASN A 361 19.46 -0.08 53.13
N PHE A 362 20.40 -0.98 52.85
CA PHE A 362 20.44 -1.61 51.53
C PHE A 362 19.18 -2.43 51.28
N ARG A 363 18.77 -3.21 52.27
CA ARG A 363 17.63 -4.11 52.09
C ARG A 363 16.33 -3.34 51.90
N ALA A 364 16.27 -2.09 52.33
CA ALA A 364 15.07 -1.26 52.17
C ALA A 364 15.13 -0.33 50.98
N THR A 365 16.33 0.08 50.57
CA THR A 365 16.50 0.90 49.39
C THR A 365 16.64 0.09 48.12
N LEU A 366 16.70 -1.24 48.22
CA LEU A 366 16.87 -2.06 47.02
C LEU A 366 15.57 -2.35 46.30
N ILE A 367 14.43 -2.31 47.00
CA ILE A 367 13.15 -2.63 46.36
C ILE A 367 12.78 -1.61 45.29
N PRO A 368 12.75 -0.31 45.56
CA PRO A 368 12.44 0.65 44.49
C PRO A 368 13.41 0.58 43.32
N THR A 369 14.69 0.35 43.60
CA THR A 369 15.67 0.21 42.54
C THR A 369 15.44 -1.06 41.72
N ILE A 370 14.77 -2.05 42.29
CA ILE A 370 14.36 -3.20 41.49
C ILE A 370 13.10 -2.88 40.70
N ALA A 371 12.26 -1.98 41.23
CA ALA A 371 11.01 -1.65 40.55
C ALA A 371 11.25 -0.81 39.31
N VAL A 372 12.22 0.10 39.36
CA VAL A 372 12.43 1.02 38.24
C VAL A 372 12.84 0.30 36.95
N PRO A 373 13.87 -0.55 36.94
CA PRO A 373 14.24 -1.21 35.67
C PRO A 373 13.13 -2.06 35.07
N VAL A 374 12.33 -2.72 35.91
CA VAL A 374 11.21 -3.51 35.39
C VAL A 374 10.28 -2.61 34.60
N VAL A 375 9.97 -1.43 35.17
CA VAL A 375 9.08 -0.48 34.50
C VAL A 375 9.69 -0.01 33.19
N LEU A 376 10.99 0.31 33.20
CA LEU A 376 11.60 0.82 31.97
C LEU A 376 11.59 -0.23 30.86
N LEU A 377 11.93 -1.48 31.18
CA LEU A 377 11.93 -2.52 30.15
C LEU A 377 10.51 -2.82 29.67
N GLY A 378 9.54 -2.81 30.58
CA GLY A 378 8.15 -2.93 30.15
C GLY A 378 7.74 -1.80 29.24
N THR A 379 8.26 -0.60 29.49
CA THR A 379 7.96 0.53 28.61
C THR A 379 8.55 0.31 27.23
N PHE A 380 9.74 -0.29 27.16
CA PHE A 380 10.29 -0.65 25.85
C PHE A 380 9.37 -1.63 25.13
N ALA A 381 8.85 -2.61 25.86
CA ALA A 381 7.90 -3.55 25.25
C ALA A 381 6.65 -2.84 24.76
N VAL A 382 6.14 -1.88 25.53
CA VAL A 382 4.96 -1.13 25.12
C VAL A 382 5.25 -0.31 23.87
N LEU A 383 6.44 0.28 23.80
CA LEU A 383 6.84 0.99 22.58
C LEU A 383 6.81 0.06 21.38
N ALA A 384 7.36 -1.14 21.54
CA ALA A 384 7.31 -2.12 20.44
C ALA A 384 5.88 -2.43 20.06
N ALA A 385 4.99 -2.56 21.05
CA ALA A 385 3.59 -2.83 20.76
C ALA A 385 2.95 -1.69 19.97
N PHE A 386 3.26 -0.45 20.35
CA PHE A 386 2.65 0.70 19.68
C PHE A 386 3.24 0.97 18.32
N GLY A 387 4.39 0.39 18.00
CA GLY A 387 5.04 0.64 16.73
C GLY A 387 6.00 1.81 16.72
N PHE A 388 6.44 2.29 17.87
CA PHE A 388 7.38 3.39 17.94
C PHE A 388 8.80 2.86 17.72
N SER A 389 9.80 3.70 17.94
CA SER A 389 11.20 3.35 17.77
C SER A 389 11.98 3.81 18.99
N ILE A 390 13.27 3.50 19.01
CA ILE A 390 14.17 3.96 20.08
C ILE A 390 14.80 5.25 19.58
N ASN A 391 14.06 6.35 19.73
CA ASN A 391 14.48 7.65 19.26
C ASN A 391 14.78 8.56 20.45
N THR A 392 15.15 9.80 20.16
CA THR A 392 15.51 10.72 21.22
C THR A 392 14.32 11.01 22.13
N LEU A 393 13.13 11.14 21.55
CA LEU A 393 11.97 11.54 22.34
C LEU A 393 11.54 10.44 23.31
N THR A 394 11.50 9.19 22.85
CA THR A 394 11.13 8.10 23.74
C THR A 394 12.19 7.89 24.83
N MET A 395 13.46 8.02 24.48
CA MET A 395 14.51 7.87 25.48
C MET A 395 14.43 8.98 26.52
N PHE A 396 14.16 10.21 26.10
CA PHE A 396 13.98 11.29 27.06
C PHE A 396 12.72 11.06 27.89
N GLY A 397 11.68 10.48 27.31
CA GLY A 397 10.50 10.15 28.09
C GLY A 397 10.81 9.14 29.17
N MET A 398 11.67 8.17 28.87
CA MET A 398 12.07 7.19 29.88
C MET A 398 12.96 7.83 30.95
N VAL A 399 13.87 8.72 30.54
CA VAL A 399 14.75 9.36 31.53
C VAL A 399 13.95 10.27 32.45
N LEU A 400 12.97 10.99 31.89
CA LEU A 400 12.14 11.88 32.70
C LEU A 400 11.01 11.16 33.41
N ALA A 401 10.71 9.92 33.03
CA ALA A 401 9.68 9.16 33.71
C ALA A 401 10.16 8.59 35.03
N ILE A 402 11.47 8.61 35.29
CA ILE A 402 11.97 8.14 36.58
C ILE A 402 11.49 9.05 37.69
N GLY A 403 11.37 10.34 37.41
CA GLY A 403 10.96 11.27 38.46
C GLY A 403 9.55 11.02 38.95
N LEU A 404 8.66 10.61 38.04
CA LEU A 404 7.26 10.43 38.39
C LEU A 404 6.95 9.06 38.96
N LEU A 405 7.66 8.02 38.52
CA LEU A 405 7.39 6.66 38.95
C LEU A 405 8.25 6.21 40.13
N VAL A 406 9.11 7.08 40.64
CA VAL A 406 9.99 6.68 41.75
C VAL A 406 9.29 6.69 43.09
N ASP A 407 8.07 7.26 43.17
CA ASP A 407 7.33 7.31 44.41
C ASP A 407 6.40 6.13 44.60
N ASP A 408 6.11 5.38 43.55
CA ASP A 408 5.17 4.27 43.68
C ASP A 408 5.66 3.24 44.69
N ALA A 409 6.94 2.89 44.63
CA ALA A 409 7.50 1.93 45.59
C ALA A 409 7.77 2.57 46.94
N ILE A 410 8.17 3.85 46.96
CA ILE A 410 8.51 4.49 48.23
C ILE A 410 7.29 4.66 49.11
N VAL A 411 6.16 5.08 48.54
CA VAL A 411 4.97 5.23 49.36
C VAL A 411 4.59 3.90 49.98
N VAL A 412 4.65 2.82 49.20
CA VAL A 412 4.30 1.50 49.72
C VAL A 412 5.25 1.10 50.84
N VAL A 413 6.56 1.22 50.60
CA VAL A 413 7.52 0.77 51.59
C VAL A 413 7.40 1.60 52.86
N GLU A 414 7.24 2.92 52.73
CA GLU A 414 7.15 3.78 53.90
C GLU A 414 5.90 3.48 54.69
N ASN A 415 4.77 3.26 54.03
CA ASN A 415 3.55 2.94 54.76
C ASN A 415 3.67 1.60 55.46
N VAL A 416 4.28 0.61 54.82
CA VAL A 416 4.45 -0.69 55.45
C VAL A 416 5.32 -0.55 56.70
N GLU A 417 6.43 0.17 56.59
CA GLU A 417 7.31 0.37 57.73
C GLU A 417 6.60 1.14 58.84
N ARG A 418 5.77 2.12 58.48
CA ARG A 418 5.02 2.87 59.48
C ARG A 418 4.05 1.96 60.22
N VAL A 419 3.33 1.10 59.50
CA VAL A 419 2.39 0.20 60.16
C VAL A 419 3.14 -0.78 61.05
N MET A 420 4.30 -1.26 60.59
CA MET A 420 5.09 -2.19 61.40
C MET A 420 5.55 -1.52 62.69
N ALA A 421 6.08 -0.31 62.59
CA ALA A 421 6.66 0.34 63.76
C ALA A 421 5.60 0.82 64.73
N GLU A 422 4.46 1.29 64.21
CA GLU A 422 3.41 1.82 65.08
C GLU A 422 2.62 0.68 65.72
N GLU A 423 1.96 -0.14 64.90
CA GLU A 423 1.25 -1.30 65.38
C GLU A 423 2.24 -2.45 65.63
N GLY A 424 1.73 -3.58 66.07
CA GLY A 424 2.54 -4.76 66.32
C GLY A 424 2.47 -5.81 65.23
N LEU A 425 1.92 -5.49 64.07
CA LEU A 425 1.69 -6.49 63.05
C LEU A 425 3.03 -6.98 62.47
N PRO A 426 3.10 -8.24 62.05
CA PRO A 426 4.32 -8.73 61.39
C PRO A 426 4.49 -8.08 60.02
N PRO A 427 5.60 -8.33 59.33
CA PRO A 427 5.78 -7.72 58.00
C PRO A 427 4.69 -8.09 57.01
N LYS A 428 4.20 -9.32 57.03
CA LYS A 428 3.19 -9.74 56.05
C LYS A 428 1.84 -9.08 56.33
N GLU A 429 1.40 -9.11 57.58
CA GLU A 429 0.14 -8.45 57.92
C GLU A 429 0.24 -6.94 57.75
N ALA A 430 1.41 -6.37 58.09
CA ALA A 430 1.62 -4.96 57.86
C ALA A 430 1.51 -4.63 56.38
N THR A 431 2.10 -5.46 55.52
CA THR A 431 1.99 -5.24 54.08
C THR A 431 0.55 -5.33 53.61
N ARG A 432 -0.19 -6.34 54.10
CA ARG A 432 -1.59 -6.47 53.72
C ARG A 432 -2.36 -5.21 54.07
N LYS A 433 -2.24 -4.76 55.32
CA LYS A 433 -3.00 -3.59 55.76
C LYS A 433 -2.58 -2.34 55.00
N SER A 434 -1.28 -2.15 54.79
CA SER A 434 -0.80 -0.98 54.09
C SER A 434 -1.33 -0.94 52.66
N MET A 435 -1.27 -2.07 51.95
CA MET A 435 -1.75 -2.07 50.58
C MET A 435 -3.25 -1.90 50.53
N GLY A 436 -3.98 -2.45 51.49
CA GLY A 436 -5.40 -2.15 51.57
C GLY A 436 -5.64 -0.67 51.76
N GLN A 437 -4.77 0.01 52.51
CA GLN A 437 -4.94 1.44 52.76
C GLN A 437 -4.66 2.25 51.51
N ILE A 438 -3.60 1.93 50.78
CA ILE A 438 -3.12 2.81 49.71
C ILE A 438 -3.15 2.15 48.33
N GLN A 439 -4.07 1.21 48.12
CA GLN A 439 -4.25 0.69 46.77
C GLN A 439 -5.01 1.66 45.87
N GLY A 440 -5.95 2.41 46.43
CA GLY A 440 -6.79 3.28 45.64
C GLY A 440 -6.18 4.65 45.42
N ALA A 441 -5.51 5.18 46.43
CA ALA A 441 -4.83 6.46 46.27
C ALA A 441 -3.72 6.37 45.23
N LEU A 442 -3.00 5.26 45.22
CA LEU A 442 -1.92 5.07 44.24
C LEU A 442 -2.45 5.18 42.83
N VAL A 443 -3.49 4.40 42.51
CA VAL A 443 -4.04 4.40 41.16
C VAL A 443 -4.71 5.74 40.85
N GLY A 444 -5.38 6.33 41.83
CA GLY A 444 -6.03 7.61 41.59
C GLY A 444 -5.04 8.71 41.25
N ILE A 445 -3.94 8.80 42.01
CA ILE A 445 -2.94 9.81 41.73
C ILE A 445 -2.21 9.50 40.43
N ALA A 446 -2.04 8.21 40.11
CA ALA A 446 -1.43 7.87 38.82
C ALA A 446 -2.30 8.33 37.66
N MET A 447 -3.62 8.14 37.76
CA MET A 447 -4.50 8.64 36.70
C MET A 447 -4.50 10.17 36.67
N VAL A 448 -4.41 10.80 37.83
CA VAL A 448 -4.35 12.27 37.86
C VAL A 448 -3.12 12.77 37.13
N LEU A 449 -1.97 12.14 37.38
CA LEU A 449 -0.73 12.58 36.76
C LEU A 449 -0.67 12.22 35.28
N SER A 450 -1.49 11.27 34.83
CA SER A 450 -1.53 10.96 33.40
C SER A 450 -2.29 12.02 32.62
N ALA A 451 -3.22 12.72 33.28
CA ALA A 451 -3.98 13.76 32.60
C ALA A 451 -3.10 14.89 32.09
N VAL A 452 -1.89 15.03 32.61
CA VAL A 452 -0.99 16.05 32.11
C VAL A 452 -0.50 15.71 30.71
N PHE A 453 -0.26 14.43 30.44
CA PHE A 453 0.39 14.01 29.21
C PHE A 453 -0.55 13.44 28.16
N ILE A 454 -1.73 12.95 28.55
CA ILE A 454 -2.69 12.45 27.56
C ILE A 454 -3.11 13.56 26.59
N PRO A 455 -3.42 14.78 27.03
CA PRO A 455 -3.88 15.79 26.07
C PRO A 455 -2.91 16.04 24.92
N MET A 456 -1.60 16.08 25.14
CA MET A 456 -0.72 16.41 24.04
C MET A 456 -0.61 15.28 23.03
N ALA A 457 -1.01 14.06 23.40
CA ALA A 457 -0.87 12.92 22.49
C ALA A 457 -1.86 12.98 21.34
N PHE A 458 -2.82 13.90 21.37
CA PHE A 458 -3.81 14.04 20.32
C PHE A 458 -3.52 15.22 19.41
N PHE A 459 -2.46 15.99 19.68
CA PHE A 459 -2.11 17.10 18.83
C PHE A 459 -1.41 16.60 17.57
N GLY A 460 -1.87 17.10 16.42
CA GLY A 460 -1.35 16.69 15.13
C GLY A 460 -0.39 17.73 14.55
N GLY A 461 0.20 17.35 13.43
CA GLY A 461 1.16 18.18 12.74
C GLY A 461 2.57 17.63 12.81
N SER A 462 3.53 18.50 12.47
CA SER A 462 4.93 18.12 12.56
C SER A 462 5.35 17.85 14.00
N THR A 463 4.95 18.73 14.92
CA THR A 463 5.23 18.52 16.33
C THR A 463 4.21 17.61 17.00
N GLY A 464 3.16 17.20 16.28
CA GLY A 464 2.24 16.23 16.84
C GLY A 464 2.84 14.86 17.01
N ALA A 465 3.66 14.43 16.06
CA ALA A 465 4.34 13.14 16.19
C ALA A 465 5.44 13.17 17.22
N ILE A 466 6.13 14.31 17.37
CA ILE A 466 7.15 14.45 18.39
C ILE A 466 6.55 14.47 19.78
N TYR A 467 5.30 14.90 19.92
CA TYR A 467 4.65 14.97 21.23
C TYR A 467 4.05 13.63 21.63
N ARG A 468 3.42 12.93 20.71
CA ARG A 468 2.69 11.73 21.10
C ARG A 468 3.63 10.61 21.51
N GLN A 469 4.83 10.54 20.93
CA GLN A 469 5.77 9.50 21.33
C GLN A 469 6.25 9.72 22.76
N PHE A 470 6.64 10.94 23.08
CA PHE A 470 7.02 11.26 24.46
C PHE A 470 5.88 11.00 25.42
N SER A 471 4.66 11.39 25.03
CA SER A 471 3.51 11.22 25.92
C SER A 471 3.19 9.76 26.16
N ILE A 472 3.20 8.94 25.10
CA ILE A 472 2.92 7.53 25.25
C ILE A 472 3.99 6.87 26.10
N THR A 473 5.25 7.26 25.91
CA THR A 473 6.31 6.70 26.75
C THR A 473 6.07 7.03 28.22
N ILE A 474 5.76 8.30 28.52
CA ILE A 474 5.56 8.69 29.91
C ILE A 474 4.38 7.94 30.51
N VAL A 475 3.26 7.89 29.77
CA VAL A 475 2.05 7.29 30.31
C VAL A 475 2.22 5.78 30.46
N SER A 476 2.90 5.13 29.52
CA SER A 476 3.16 3.71 29.64
C SER A 476 4.05 3.42 30.84
N ALA A 477 5.09 4.22 31.05
CA ALA A 477 5.95 4.03 32.20
C ALA A 477 5.16 4.18 33.49
N MET A 478 4.30 5.20 33.56
CA MET A 478 3.53 5.42 34.79
C MET A 478 2.52 4.30 35.02
N ALA A 479 1.84 3.84 33.97
CA ALA A 479 0.89 2.74 34.12
C ALA A 479 1.60 1.46 34.56
N LEU A 480 2.75 1.15 33.96
CA LEU A 480 3.48 -0.04 34.38
C LEU A 480 3.98 0.08 35.81
N SER A 481 4.40 1.29 36.21
CA SER A 481 4.82 1.49 37.60
C SER A 481 3.66 1.26 38.55
N VAL A 482 2.47 1.71 38.19
CA VAL A 482 1.29 1.40 39.00
C VAL A 482 1.09 -0.10 39.08
N LEU A 483 1.16 -0.78 37.94
CA LEU A 483 0.97 -2.23 37.93
C LEU A 483 2.09 -2.93 38.69
N VAL A 484 3.34 -2.50 38.48
CA VAL A 484 4.47 -3.13 39.17
C VAL A 484 4.45 -2.82 40.66
N ALA A 485 3.93 -1.66 41.04
CA ALA A 485 3.86 -1.31 42.46
C ALA A 485 2.78 -2.08 43.20
N LEU A 486 1.86 -2.73 42.48
CA LEU A 486 0.85 -3.58 43.11
C LEU A 486 1.20 -5.05 43.03
N ILE A 487 2.02 -5.46 42.08
CA ILE A 487 2.35 -6.87 41.88
C ILE A 487 3.62 -7.21 42.63
N LEU A 488 4.73 -6.53 42.29
CA LEU A 488 6.03 -6.92 42.79
C LEU A 488 6.36 -6.27 44.13
N THR A 489 6.13 -4.98 44.27
CA THR A 489 6.54 -4.28 45.49
C THR A 489 5.89 -4.86 46.74
N PRO A 490 4.59 -5.11 46.79
CA PRO A 490 4.03 -5.72 48.02
C PRO A 490 4.65 -7.07 48.35
N ALA A 491 4.95 -7.90 47.34
CA ALA A 491 5.55 -9.20 47.61
C ALA A 491 6.92 -9.04 48.26
N LEU A 492 7.75 -8.17 47.70
CA LEU A 492 9.09 -7.95 48.26
C LEU A 492 9.00 -7.34 49.65
N CYS A 493 8.09 -6.40 49.85
CA CYS A 493 7.93 -5.80 51.17
C CYS A 493 7.51 -6.85 52.19
N ALA A 494 6.60 -7.75 51.81
CA ALA A 494 6.18 -8.80 52.72
C ALA A 494 7.34 -9.75 53.03
N THR A 495 8.14 -10.09 52.03
CA THR A 495 9.22 -11.05 52.21
C THR A 495 10.55 -10.38 52.55
N MET A 496 11.04 -9.52 51.67
CA MET A 496 12.41 -9.03 51.80
C MET A 496 12.58 -8.12 53.01
N LEU A 497 11.61 -7.23 53.27
CA LEU A 497 11.72 -6.34 54.41
C LEU A 497 11.77 -7.15 55.70
N LYS A 498 12.60 -6.70 56.64
CA LYS A 498 12.72 -7.31 57.95
C LYS A 498 12.57 -6.25 59.02
N PRO A 499 12.03 -6.60 60.21
CA PRO A 499 11.92 -5.62 61.28
C PRO A 499 13.10 -5.66 62.24
N THR A 509 26.76 5.91 64.27
CA THR A 509 26.99 7.34 64.43
C THR A 509 28.28 7.77 63.73
N GLY A 510 28.31 7.55 62.42
CA GLY A 510 29.42 7.98 61.59
C GLY A 510 29.03 9.13 60.68
N PHE A 511 29.02 8.88 59.37
CA PHE A 511 28.51 9.88 58.45
C PHE A 511 26.98 9.92 58.45
N PHE A 512 26.35 8.77 58.59
CA PHE A 512 24.88 8.73 58.66
C PHE A 512 24.37 9.49 59.86
N GLY A 513 25.04 9.36 61.02
CA GLY A 513 24.62 10.12 62.19
C GLY A 513 24.71 11.61 61.96
N TRP A 514 25.81 12.06 61.34
CA TRP A 514 25.97 13.48 61.06
C TRP A 514 24.88 13.97 60.11
N PHE A 515 24.60 13.19 59.07
CA PHE A 515 23.54 13.60 58.14
C PHE A 515 22.20 13.65 58.84
N ASN A 516 21.92 12.69 59.72
CA ASN A 516 20.65 12.68 60.42
C ASN A 516 20.52 13.90 61.33
N ARG A 517 21.59 14.25 62.04
CA ARG A 517 21.53 15.43 62.90
C ARG A 517 21.34 16.70 62.08
N MET A 518 22.07 16.82 60.96
CA MET A 518 21.90 17.98 60.11
C MET A 518 20.47 18.06 59.59
N PHE A 519 19.88 16.92 59.25
CA PHE A 519 18.51 16.92 58.76
C PHE A 519 17.52 17.28 59.85
N ASP A 520 17.76 16.84 61.09
CA ASP A 520 16.89 17.26 62.19
C ASP A 520 16.95 18.78 62.39
N LYS A 521 18.16 19.34 62.33
CA LYS A 521 18.29 20.79 62.45
C LYS A 521 17.56 21.50 61.31
N SER A 522 17.73 20.99 60.09
CA SER A 522 17.04 21.58 58.94
C SER A 522 15.53 21.51 59.10
N THR A 523 15.02 20.37 59.58
CA THR A 523 13.58 20.23 59.77
C THR A 523 13.08 21.19 60.82
N HIS A 524 13.83 21.37 61.91
CA HIS A 524 13.42 22.32 62.93
C HIS A 524 13.34 23.73 62.36
N HIS A 525 14.38 24.13 61.61
CA HIS A 525 14.35 25.47 61.01
C HIS A 525 13.16 25.61 60.05
N TYR A 526 12.92 24.58 59.25
CA TYR A 526 11.81 24.64 58.30
C TYR A 526 10.47 24.76 59.01
N THR A 527 10.27 23.99 60.08
CA THR A 527 9.01 24.06 60.81
C THR A 527 8.81 25.44 61.42
N ASP A 528 9.87 26.01 62.02
CA ASP A 528 9.74 27.34 62.59
C ASP A 528 9.44 28.38 61.52
N SER A 529 10.12 28.29 60.37
CA SER A 529 9.87 29.24 59.29
C SER A 529 8.44 29.13 58.78
N VAL A 530 7.93 27.90 58.64
CA VAL A 530 6.56 27.72 58.18
C VAL A 530 5.58 28.26 59.21
N GLY A 531 5.88 28.08 60.49
CA GLY A 531 5.03 28.65 61.52
C GLY A 531 4.95 30.15 61.43
N ASN A 532 6.11 30.80 61.27
CA ASN A 532 6.11 32.26 61.11
C ASN A 532 5.34 32.68 59.86
N ILE A 533 5.52 31.95 58.76
CA ILE A 533 4.83 32.27 57.52
C ILE A 533 3.32 32.21 57.73
N LEU A 534 2.85 31.12 58.35
CA LEU A 534 1.42 30.99 58.61
C LEU A 534 0.93 32.12 59.51
N ARG A 535 1.72 32.48 60.53
CA ARG A 535 1.31 33.55 61.42
C ARG A 535 1.14 34.86 60.66
N SER A 536 2.08 35.20 59.78
CA SER A 536 1.96 36.46 59.04
C SER A 536 1.03 36.31 57.83
N THR A 537 1.44 35.52 56.85
CA THR A 537 0.67 35.19 55.66
C THR A 537 0.23 36.42 54.87
N GLY A 538 0.71 37.61 55.23
CA GLY A 538 0.27 38.82 54.56
C GLY A 538 0.98 39.10 53.26
N ARG A 539 2.30 39.31 53.33
CA ARG A 539 3.08 39.62 52.15
C ARG A 539 3.40 38.39 51.30
N TYR A 540 3.14 37.19 51.83
CA TYR A 540 3.44 35.96 51.11
C TYR A 540 2.39 35.60 50.08
N LEU A 541 1.25 36.31 50.08
CA LEU A 541 0.29 36.20 48.99
C LEU A 541 0.50 37.28 47.92
N VAL A 542 1.28 38.31 48.23
CA VAL A 542 1.73 39.24 47.20
C VAL A 542 3.03 38.75 46.57
N LEU A 543 3.85 38.02 47.33
CA LEU A 543 5.03 37.39 46.75
C LEU A 543 4.64 36.38 45.69
N TYR A 544 3.55 35.63 45.93
CA TYR A 544 3.07 34.69 44.91
C TYR A 544 2.63 35.42 43.66
N LEU A 545 1.95 36.57 43.80
CA LEU A 545 1.56 37.34 42.64
C LEU A 545 2.78 37.85 41.89
N ILE A 546 3.80 38.29 42.62
CA ILE A 546 5.05 38.73 41.99
C ILE A 546 5.67 37.59 41.20
N ILE A 547 5.70 36.39 41.80
CA ILE A 547 6.31 35.24 41.12
C ILE A 547 5.52 34.88 39.87
N VAL A 548 4.19 34.96 39.94
CA VAL A 548 3.37 34.63 38.77
C VAL A 548 3.56 35.66 37.67
N VAL A 549 3.63 36.94 38.02
CA VAL A 549 3.88 37.97 37.01
C VAL A 549 5.25 37.77 36.38
N GLY A 550 6.25 37.44 37.19
CA GLY A 550 7.57 37.15 36.65
C GLY A 550 7.56 35.96 35.73
N MET A 551 6.81 34.92 36.09
CA MET A 551 6.68 33.76 35.22
C MET A 551 6.07 34.13 33.89
N ALA A 552 5.02 34.96 33.91
CA ALA A 552 4.39 35.38 32.66
C ALA A 552 5.37 36.20 31.82
N TRP A 553 6.11 37.11 32.46
CA TRP A 553 7.07 37.92 31.72
C TRP A 553 8.17 37.06 31.10
N LEU A 554 8.68 36.09 31.85
CA LEU A 554 9.72 35.22 31.32
C LEU A 554 9.20 34.38 30.16
N PHE A 555 7.98 33.86 30.27
CA PHE A 555 7.43 33.07 29.17
C PHE A 555 7.22 33.93 27.93
N VAL A 556 6.77 35.17 28.11
CA VAL A 556 6.57 36.06 26.97
C VAL A 556 7.90 36.37 26.31
N ARG A 557 8.93 36.64 27.12
CA ARG A 557 10.23 37.07 26.60
C ARG A 557 11.01 35.97 25.91
N LEU A 558 10.62 34.71 26.07
CA LEU A 558 11.46 33.60 25.63
C LEU A 558 11.34 33.41 24.12
N PRO A 559 12.45 33.37 23.38
CA PRO A 559 12.36 33.19 21.92
C PRO A 559 11.81 31.83 21.54
N SER A 560 11.22 31.78 20.34
CA SER A 560 10.56 30.58 19.85
C SER A 560 11.31 30.02 18.65
N SER A 561 11.47 28.70 18.63
CA SER A 561 12.10 27.99 17.52
C SER A 561 11.38 26.66 17.33
N PHE A 562 11.88 25.85 16.39
CA PHE A 562 11.27 24.57 16.07
C PHE A 562 12.13 23.40 16.51
N LEU A 563 13.36 23.30 16.04
CA LEU A 563 14.28 22.24 16.43
C LEU A 563 15.66 22.84 16.64
N PRO A 564 16.44 22.32 17.58
CA PRO A 564 17.78 22.87 17.81
C PRO A 564 18.82 22.25 16.90
N ASP A 565 19.64 23.08 16.28
CA ASP A 565 20.76 22.58 15.51
C ASP A 565 21.79 21.96 16.44
N GLU A 566 22.32 20.81 16.05
CA GLU A 566 23.25 20.07 16.89
C GLU A 566 24.49 19.72 16.10
N ASP A 567 25.63 19.73 16.79
CA ASP A 567 26.89 19.27 16.21
C ASP A 567 26.76 17.80 15.86
N GLN A 568 26.73 17.49 14.57
CA GLN A 568 26.60 16.12 14.09
C GLN A 568 27.93 15.49 13.74
N GLY A 569 29.04 16.16 14.06
CA GLY A 569 30.35 15.66 13.72
C GLY A 569 30.85 16.05 12.35
N VAL A 570 29.97 16.53 11.47
CA VAL A 570 30.31 16.88 10.10
C VAL A 570 29.64 18.20 9.76
N PHE A 571 30.20 18.88 8.76
CA PHE A 571 29.57 20.07 8.22
C PHE A 571 30.03 20.22 6.77
N LEU A 572 29.27 21.04 6.02
CA LEU A 572 29.50 21.20 4.60
C LEU A 572 30.10 22.57 4.32
N SER A 573 30.87 22.65 3.23
CA SER A 573 31.46 23.90 2.77
C SER A 573 31.19 24.05 1.28
N MET A 574 30.73 25.23 0.88
CA MET A 574 30.26 25.49 -0.47
C MET A 574 31.09 26.60 -1.08
N ALA A 575 31.56 26.38 -2.30
CA ALA A 575 32.30 27.38 -3.06
C ALA A 575 31.51 27.74 -4.31
N GLN A 576 31.60 29.00 -4.72
CA GLN A 576 30.85 29.46 -5.89
C GLN A 576 31.61 30.64 -6.48
N LEU A 577 32.35 30.38 -7.55
CA LEU A 577 33.17 31.39 -8.19
C LEU A 577 32.32 32.28 -9.09
N PRO A 578 32.85 33.43 -9.49
CA PRO A 578 32.08 34.33 -10.36
C PRO A 578 31.65 33.66 -11.65
N ALA A 579 30.77 34.36 -12.38
CA ALA A 579 30.25 33.84 -13.62
C ALA A 579 31.38 33.54 -14.60
N GLY A 580 31.28 32.38 -15.24
CA GLY A 580 32.23 32.00 -16.28
C GLY A 580 33.51 31.38 -15.77
N ALA A 581 33.66 31.19 -14.47
CA ALA A 581 34.87 30.56 -13.95
C ALA A 581 34.96 29.13 -14.46
N THR A 582 36.18 28.71 -14.80
CA THR A 582 36.41 27.37 -15.32
C THR A 582 36.71 26.40 -14.19
N GLN A 583 37.08 25.17 -14.56
CA GLN A 583 37.32 24.14 -13.55
C GLN A 583 38.63 24.37 -12.81
N GLU A 584 39.63 24.97 -13.45
CA GLU A 584 40.90 25.18 -12.79
C GLU A 584 40.79 26.19 -11.66
N ARG A 585 40.05 27.26 -11.87
CA ARG A 585 39.86 28.25 -10.80
C ARG A 585 39.15 27.63 -9.60
N THR A 586 38.08 26.88 -9.86
CA THR A 586 37.35 26.24 -8.77
C THR A 586 38.22 25.22 -8.05
N GLN A 587 39.07 24.51 -8.80
CA GLN A 587 39.97 23.56 -8.15
C GLN A 587 40.97 24.28 -7.26
N LYS A 588 41.48 25.43 -7.70
CA LYS A 588 42.38 26.20 -6.85
C LYS A 588 41.68 26.66 -5.58
N VAL A 589 40.43 27.13 -5.71
CA VAL A 589 39.69 27.58 -4.54
C VAL A 589 39.43 26.43 -3.58
N LEU A 590 39.06 25.26 -4.11
CA LEU A 590 38.81 24.12 -3.25
C LEU A 590 40.10 23.64 -2.58
N ASP A 591 41.23 23.73 -3.29
CA ASP A 591 42.50 23.40 -2.67
C ASP A 591 42.83 24.35 -1.52
N GLU A 592 42.56 25.64 -1.70
CA GLU A 592 42.76 26.58 -0.62
C GLU A 592 41.86 26.26 0.57
N MET A 593 40.60 25.93 0.30
CA MET A 593 39.68 25.56 1.38
C MET A 593 40.20 24.34 2.13
N THR A 594 40.64 23.31 1.41
CA THR A 594 41.14 22.11 2.05
C THR A 594 42.38 22.40 2.87
N ASN A 595 43.28 23.23 2.36
CA ASN A 595 44.48 23.58 3.13
C ASN A 595 44.10 24.32 4.40
N TYR A 596 43.16 25.24 4.33
CA TYR A 596 42.73 25.96 5.53
C TYR A 596 42.16 24.99 6.55
N TYR A 597 41.33 24.05 6.11
CA TYR A 597 40.75 23.09 7.04
C TYR A 597 41.82 22.21 7.66
N LEU A 598 42.78 21.75 6.87
CA LEU A 598 43.74 20.76 7.32
C LEU A 598 44.99 21.37 7.94
N THR A 599 45.09 22.69 8.02
CA THR A 599 46.16 23.33 8.77
C THR A 599 45.65 24.22 9.89
N LYS A 600 44.68 25.09 9.61
CA LYS A 600 44.17 25.99 10.63
C LYS A 600 43.20 25.31 11.58
N GLU A 601 42.68 24.13 11.22
CA GLU A 601 41.74 23.40 12.06
C GLU A 601 42.19 21.96 12.26
N LYS A 602 43.49 21.71 12.14
CA LYS A 602 44.00 20.35 12.20
C LYS A 602 43.77 19.68 13.55
N ASP A 603 43.23 20.37 14.54
CA ASP A 603 42.89 19.76 15.82
C ASP A 603 41.39 19.52 15.98
N ASN A 604 40.59 19.80 14.95
CA ASN A 604 39.17 19.45 14.96
C ASN A 604 38.69 18.83 13.67
N VAL A 605 39.44 18.88 12.58
CA VAL A 605 39.01 18.37 11.28
C VAL A 605 39.81 17.12 10.97
N GLU A 606 39.11 16.04 10.64
CA GLU A 606 39.74 14.76 10.34
C GLU A 606 40.01 14.60 8.85
N SER A 607 39.02 14.90 8.01
CA SER A 607 39.16 14.67 6.57
C SER A 607 38.30 15.68 5.83
N VAL A 608 38.68 15.92 4.58
CA VAL A 608 37.95 16.79 3.67
C VAL A 608 37.83 16.08 2.32
N PHE A 609 36.60 15.96 1.83
CA PHE A 609 36.32 15.33 0.54
C PHE A 609 35.82 16.42 -0.41
N ALA A 610 36.77 17.10 -1.06
CA ALA A 610 36.43 18.21 -1.93
C ALA A 610 35.94 17.70 -3.27
N VAL A 611 34.70 18.02 -3.62
CA VAL A 611 34.10 17.61 -4.88
C VAL A 611 33.97 18.84 -5.75
N ASN A 612 34.67 18.83 -6.89
CA ASN A 612 34.70 19.95 -7.81
C ASN A 612 33.73 19.71 -8.94
N GLY A 613 33.00 20.76 -9.34
CA GLY A 613 32.05 20.66 -10.42
C GLY A 613 30.65 20.25 -10.01
N PHE A 614 30.43 19.97 -8.73
CA PHE A 614 29.11 19.61 -8.23
C PHE A 614 28.84 20.40 -6.95
N GLY A 615 27.61 20.85 -6.80
CA GLY A 615 27.24 21.59 -5.60
C GLY A 615 25.74 21.55 -5.41
N PHE A 616 25.32 22.01 -4.24
CA PHE A 616 23.89 22.08 -3.95
C PHE A 616 23.24 23.26 -4.66
N ALA A 617 24.00 24.33 -4.94
CA ALA A 617 23.47 25.41 -5.74
C ALA A 617 23.18 24.94 -7.15
N GLY A 618 24.05 24.12 -7.72
CA GLY A 618 23.83 23.58 -9.05
C GLY A 618 25.10 22.99 -9.60
N ARG A 619 24.97 22.41 -10.80
CA ARG A 619 26.09 21.84 -11.51
C ARG A 619 26.75 22.92 -12.35
N GLY A 620 28.08 22.94 -12.35
CA GLY A 620 28.81 23.88 -13.17
C GLY A 620 30.29 23.81 -12.87
N GLN A 621 31.07 24.43 -13.76
CA GLN A 621 32.50 24.50 -13.54
C GLN A 621 32.86 25.50 -12.46
N ASN A 622 32.01 26.50 -12.20
CA ASN A 622 32.29 27.54 -11.23
C ASN A 622 31.71 27.25 -9.87
N THR A 623 31.57 25.98 -9.50
CA THR A 623 30.97 25.61 -8.22
C THR A 623 31.64 24.36 -7.70
N GLY A 624 31.59 24.19 -6.39
CA GLY A 624 32.15 23.01 -5.76
C GLY A 624 31.68 22.92 -4.33
N ILE A 625 31.84 21.73 -3.76
CA ILE A 625 31.44 21.46 -2.39
C ILE A 625 32.52 20.64 -1.70
N ALA A 626 32.52 20.67 -0.38
CA ALA A 626 33.46 19.90 0.44
C ALA A 626 32.69 19.28 1.59
N PHE A 627 32.94 17.99 1.84
CA PHE A 627 32.30 17.26 2.93
C PHE A 627 33.34 17.12 4.04
N VAL A 628 33.29 18.01 5.03
CA VAL A 628 34.25 18.03 6.12
C VAL A 628 33.72 17.18 7.26
N SER A 629 34.54 16.23 7.71
CA SER A 629 34.21 15.37 8.84
C SER A 629 35.17 15.66 9.97
N LEU A 630 34.63 15.95 11.15
CA LEU A 630 35.42 16.41 12.27
C LEU A 630 35.87 15.22 13.12
N LYS A 631 36.68 15.52 14.14
CA LYS A 631 37.13 14.49 15.07
C LYS A 631 36.02 14.12 16.04
N ASP A 632 36.27 13.09 16.84
CA ASP A 632 35.26 12.61 17.77
C ASP A 632 34.93 13.70 18.80
N TRP A 633 33.66 13.72 19.22
CA TRP A 633 33.22 14.75 20.15
C TRP A 633 34.08 14.77 21.39
N SER A 634 34.54 13.59 21.85
CA SER A 634 35.37 13.53 23.04
C SER A 634 36.72 14.20 22.85
N GLN A 635 37.15 14.41 21.60
CA GLN A 635 38.40 15.08 21.30
C GLN A 635 38.20 16.54 20.90
N ARG A 636 37.02 17.10 21.15
CA ARG A 636 36.74 18.51 20.88
C ARG A 636 36.10 19.13 22.11
N PRO A 637 36.85 19.26 23.20
CA PRO A 637 36.28 19.88 24.41
C PRO A 637 36.07 21.37 24.21
N GLY A 638 35.11 21.89 24.96
CA GLY A 638 34.78 23.30 24.88
C GLY A 638 33.75 23.60 23.83
N GLU A 639 33.37 24.88 23.77
CA GLU A 639 32.37 25.34 22.83
C GLU A 639 32.98 25.95 21.57
N GLU A 640 34.22 26.43 21.64
CA GLU A 640 34.90 26.96 20.47
C GLU A 640 35.33 25.88 19.49
N ASN A 641 35.24 24.61 19.88
CA ASN A 641 35.57 23.48 19.01
C ASN A 641 34.32 22.71 18.59
N LYS A 642 33.19 23.40 18.49
CA LYS A 642 31.95 22.80 18.02
C LYS A 642 31.60 23.34 16.64
N VAL A 643 30.68 22.65 15.96
CA VAL A 643 30.47 22.92 14.55
C VAL A 643 30.11 24.38 14.31
N GLU A 644 29.28 24.97 15.17
CA GLU A 644 28.91 26.36 14.96
C GLU A 644 30.13 27.27 15.05
N ALA A 645 31.01 27.03 16.04
CA ALA A 645 32.20 27.87 16.17
C ALA A 645 33.16 27.65 15.01
N ILE A 646 33.32 26.40 14.56
CA ILE A 646 34.21 26.12 13.45
C ILE A 646 33.70 26.80 12.18
N THR A 647 32.39 26.71 11.93
CA THR A 647 31.82 27.35 10.75
C THR A 647 31.96 28.86 10.83
N ALA A 648 31.75 29.43 12.02
CA ALA A 648 31.89 30.88 12.15
C ALA A 648 33.33 31.32 11.90
N ARG A 649 34.31 30.58 12.44
CA ARG A 649 35.70 30.90 12.17
C ARG A 649 36.02 30.78 10.68
N ALA A 650 35.55 29.71 10.04
CA ALA A 650 35.80 29.53 8.62
C ALA A 650 35.20 30.67 7.81
N MET A 651 33.97 31.05 8.12
CA MET A 651 33.35 32.17 7.42
C MET A 651 34.13 33.44 7.63
N GLY A 652 34.65 33.66 8.84
CA GLY A 652 35.50 34.80 9.07
C GLY A 652 36.75 34.78 8.21
N TYR A 653 37.35 33.60 8.04
CA TYR A 653 38.53 33.49 7.18
C TYR A 653 38.18 33.74 5.72
N PHE A 654 37.13 33.08 5.23
CA PHE A 654 36.79 33.12 3.81
C PHE A 654 36.10 34.41 3.39
N SER A 655 35.67 35.24 4.35
CA SER A 655 35.01 36.49 3.98
C SER A 655 35.95 37.41 3.22
N GLN A 656 37.26 37.27 3.42
CA GLN A 656 38.25 38.07 2.72
C GLN A 656 38.74 37.42 1.45
N ILE A 657 38.22 36.24 1.09
CA ILE A 657 38.66 35.55 -0.11
C ILE A 657 38.26 36.36 -1.35
N LYS A 658 39.04 36.21 -2.41
CA LYS A 658 38.83 36.94 -3.65
C LYS A 658 38.59 35.96 -4.79
N ASP A 659 37.77 36.38 -5.74
CA ASP A 659 37.40 35.54 -6.88
C ASP A 659 36.78 34.23 -6.40
N ALA A 660 35.93 34.32 -5.38
CA ALA A 660 35.21 33.18 -4.84
C ALA A 660 34.24 33.68 -3.79
N MET A 661 33.25 32.86 -3.49
CA MET A 661 32.24 33.16 -2.47
C MET A 661 32.01 31.87 -1.69
N VAL A 662 32.80 31.66 -0.64
CA VAL A 662 32.81 30.41 0.10
C VAL A 662 31.85 30.49 1.27
N PHE A 663 31.06 29.43 1.45
CA PHE A 663 30.14 29.30 2.57
C PHE A 663 30.43 28.00 3.30
N ALA A 664 30.55 28.08 4.63
CA ALA A 664 30.65 26.91 5.49
C ALA A 664 29.44 26.91 6.42
N PHE A 665 28.61 25.88 6.33
CA PHE A 665 27.35 25.86 7.06
C PHE A 665 27.11 24.48 7.63
N ASN A 666 26.34 24.45 8.72
CA ASN A 666 25.95 23.21 9.38
C ASN A 666 24.75 22.59 8.66
N LEU A 667 24.76 21.27 8.54
CA LEU A 667 23.70 20.59 7.83
C LEU A 667 22.39 20.68 8.61
N PRO A 668 21.25 20.48 7.95
CA PRO A 668 19.96 20.83 8.56
C PRO A 668 19.69 20.06 9.85
N ALA A 669 18.57 20.40 10.47
CA ALA A 669 18.18 19.74 11.71
C ALA A 669 17.64 18.33 11.45
N ILE A 670 16.83 18.17 10.41
CA ILE A 670 16.22 16.87 10.12
C ILE A 670 17.09 15.99 9.24
N VAL A 671 18.00 16.58 8.46
CA VAL A 671 18.89 15.91 7.53
C VAL A 671 18.08 14.97 6.67
N GLU A 672 16.91 15.42 6.25
CA GLU A 672 16.25 14.94 5.01
C GLU A 672 15.58 16.07 4.32
N LEU A 673 15.43 17.23 4.95
CA LEU A 673 14.80 18.40 4.36
C LEU A 673 15.85 19.47 4.13
N GLY A 674 15.89 20.01 2.92
CA GLY A 674 16.81 21.08 2.63
C GLY A 674 18.25 20.61 2.64
N THR A 675 19.14 21.59 2.56
CA THR A 675 20.58 21.34 2.53
C THR A 675 21.39 22.20 3.49
N ALA A 676 20.81 23.25 4.05
CA ALA A 676 21.49 24.14 4.99
C ALA A 676 20.68 24.22 6.28
N THR A 677 21.16 25.06 7.19
CA THR A 677 20.60 25.12 8.54
C THR A 677 19.50 26.16 8.70
N GLY A 678 19.59 27.29 8.02
CA GLY A 678 18.66 28.39 8.20
C GLY A 678 17.30 28.12 7.59
N PHE A 679 16.68 29.19 7.11
CA PHE A 679 15.36 29.11 6.49
C PHE A 679 15.50 28.89 4.99
N ASP A 680 14.36 28.70 4.32
CA ASP A 680 14.30 28.46 2.88
C ASP A 680 13.23 29.36 2.28
N PHE A 681 13.62 30.27 1.41
CA PHE A 681 12.76 31.32 0.89
C PHE A 681 12.75 31.27 -0.63
N GLU A 682 11.58 31.52 -1.22
CA GLU A 682 11.40 31.47 -2.66
C GLU A 682 10.83 32.80 -3.15
N LEU A 683 11.35 33.28 -4.28
CA LEU A 683 10.85 34.50 -4.93
C LEU A 683 10.15 34.07 -6.22
N ILE A 684 8.86 33.78 -6.12
CA ILE A 684 8.10 33.28 -7.25
C ILE A 684 7.71 34.43 -8.16
N ASP A 685 7.68 34.16 -9.46
CA ASP A 685 7.32 35.17 -10.46
C ASP A 685 5.85 35.01 -10.84
N GLN A 686 4.99 35.40 -9.90
CA GLN A 686 3.55 35.23 -10.10
C GLN A 686 3.00 36.14 -11.18
N GLY A 687 3.60 37.32 -11.35
CA GLY A 687 3.07 38.30 -12.28
C GLY A 687 3.44 38.11 -13.73
N GLY A 688 4.25 37.10 -14.04
CA GLY A 688 4.70 36.92 -15.42
C GLY A 688 5.68 37.98 -15.87
N LEU A 689 6.43 38.56 -14.94
CA LEU A 689 7.36 39.63 -15.30
C LEU A 689 8.45 39.13 -16.24
N GLY A 690 9.12 38.05 -15.85
CA GLY A 690 10.21 37.51 -16.64
C GLY A 690 11.37 37.05 -15.79
N HIS A 691 12.58 37.06 -16.37
CA HIS A 691 13.78 36.68 -15.63
C HIS A 691 14.60 37.88 -15.18
N GLU A 692 14.78 38.88 -16.04
CA GLU A 692 15.52 40.07 -15.62
C GLU A 692 14.82 40.78 -14.49
N LYS A 693 13.49 40.90 -14.56
CA LYS A 693 12.75 41.58 -13.51
C LYS A 693 12.79 40.78 -12.21
N LEU A 694 12.69 39.45 -12.30
CA LEU A 694 12.78 38.63 -11.10
C LEU A 694 14.17 38.72 -10.46
N THR A 695 15.22 38.73 -11.28
CA THR A 695 16.56 38.91 -10.74
C THR A 695 16.73 40.28 -10.11
N GLN A 696 16.14 41.31 -10.72
CA GLN A 696 16.17 42.64 -10.12
C GLN A 696 15.47 42.66 -8.78
N ALA A 697 14.33 41.96 -8.68
CA ALA A 697 13.63 41.87 -7.40
C ALA A 697 14.49 41.17 -6.36
N ARG A 698 15.18 40.09 -6.76
CA ARG A 698 16.07 39.40 -5.82
C ARG A 698 17.19 40.33 -5.36
N ASN A 699 17.78 41.08 -6.28
CA ASN A 699 18.85 42.01 -5.91
C ASN A 699 18.34 43.09 -4.97
N GLN A 700 17.15 43.61 -5.23
CA GLN A 700 16.56 44.60 -4.32
C GLN A 700 16.34 44.02 -2.94
N LEU A 701 15.82 42.79 -2.88
CA LEU A 701 15.61 42.15 -1.58
C LEU A 701 16.94 41.98 -0.85
N PHE A 702 17.98 41.53 -1.55
CA PHE A 702 19.30 41.41 -0.93
C PHE A 702 19.81 42.76 -0.46
N GLY A 703 19.46 43.83 -1.17
CA GLY A 703 19.82 45.16 -0.71
C GLY A 703 19.11 45.53 0.59
N MET A 704 17.83 45.13 0.71
CA MET A 704 17.07 45.48 1.90
C MET A 704 17.51 44.65 3.11
N VAL A 705 17.76 43.35 2.92
CA VAL A 705 18.22 42.53 4.03
C VAL A 705 19.61 42.96 4.50
N ALA A 706 20.36 43.66 3.66
CA ALA A 706 21.67 44.15 4.06
C ALA A 706 21.59 45.25 5.11
N GLN A 707 20.41 45.81 5.34
CA GLN A 707 20.20 46.86 6.32
C GLN A 707 19.61 46.33 7.63
N HIS A 708 19.55 45.01 7.79
CA HIS A 708 19.10 44.39 9.04
C HIS A 708 20.07 43.30 9.46
N PRO A 709 21.32 43.64 9.75
CA PRO A 709 22.27 42.61 10.21
C PRO A 709 21.97 42.11 11.61
N ASP A 710 21.16 42.85 12.38
CA ASP A 710 20.90 42.46 13.76
C ASP A 710 20.08 41.18 13.87
N VAL A 711 19.39 40.78 12.80
CA VAL A 711 18.54 39.60 12.80
C VAL A 711 18.94 38.61 11.71
N LEU A 712 19.16 39.10 10.49
CA LEU A 712 19.46 38.26 9.35
C LEU A 712 20.97 38.22 9.12
N THR A 713 21.52 37.01 9.01
CA THR A 713 22.94 36.83 8.74
C THR A 713 23.13 35.77 7.67
N GLY A 714 24.12 35.97 6.82
CA GLY A 714 24.48 34.98 5.82
C GLY A 714 23.38 34.64 4.85
N VAL A 715 22.68 35.67 4.35
CA VAL A 715 21.63 35.45 3.35
C VAL A 715 22.27 35.40 1.97
N ARG A 716 22.15 34.26 1.31
CA ARG A 716 22.75 34.00 0.02
C ARG A 716 21.72 33.36 -0.90
N PRO A 717 21.88 33.50 -2.20
CA PRO A 717 20.98 32.81 -3.14
C PRO A 717 21.43 31.38 -3.42
N ASN A 718 20.44 30.52 -3.64
CA ASN A 718 20.70 29.12 -3.95
C ASN A 718 20.61 28.90 -5.46
N GLY A 719 21.64 29.38 -6.15
CA GLY A 719 21.66 29.24 -7.60
C GLY A 719 22.87 29.92 -8.19
N LEU A 720 22.91 29.92 -9.51
CA LEU A 720 24.03 30.46 -10.28
C LEU A 720 23.56 31.72 -11.00
N GLU A 721 24.36 32.78 -10.91
CA GLU A 721 23.99 34.05 -11.51
C GLU A 721 24.22 34.01 -13.01
N ASP A 722 23.66 34.99 -13.71
CA ASP A 722 23.72 34.99 -15.17
C ASP A 722 25.17 35.03 -15.65
N THR A 723 25.41 34.36 -16.77
CA THR A 723 26.75 34.22 -17.35
C THR A 723 26.72 34.62 -18.81
N PRO A 724 27.84 35.06 -19.37
CA PRO A 724 27.89 35.28 -20.82
C PRO A 724 27.65 33.99 -21.57
N GLN A 725 26.95 34.10 -22.70
CA GLN A 725 26.64 32.95 -23.54
C GLN A 725 26.97 33.29 -24.99
N PHE A 726 27.39 32.28 -25.74
CA PHE A 726 27.79 32.44 -27.13
C PHE A 726 26.60 32.08 -28.01
N LYS A 727 26.16 33.03 -28.83
CA LYS A 727 25.05 32.84 -29.74
C LYS A 727 25.57 32.71 -31.16
N ILE A 728 25.34 31.56 -31.77
CA ILE A 728 25.73 31.31 -33.16
C ILE A 728 24.46 31.30 -34.00
N ASP A 729 24.35 32.23 -34.93
CA ASP A 729 23.21 32.31 -35.82
C ASP A 729 23.51 31.54 -37.09
N ILE A 730 22.63 30.60 -37.43
CA ILE A 730 22.76 29.80 -38.64
C ILE A 730 21.74 30.31 -39.64
N ASP A 731 22.21 30.75 -40.79
CA ASP A 731 21.34 31.23 -41.86
C ASP A 731 20.92 30.04 -42.71
N GLN A 732 19.65 29.64 -42.57
CA GLN A 732 19.16 28.47 -43.30
C GLN A 732 19.24 28.69 -44.80
N GLU A 733 18.89 29.90 -45.25
CA GLU A 733 18.88 30.18 -46.69
C GLU A 733 20.26 30.04 -47.29
N LYS A 734 21.28 30.59 -46.62
CA LYS A 734 22.64 30.48 -47.14
C LYS A 734 23.10 29.04 -47.16
N ALA A 735 22.78 28.27 -46.12
CA ALA A 735 23.16 26.86 -46.09
C ALA A 735 22.53 26.11 -47.26
N GLN A 736 21.25 26.36 -47.52
CA GLN A 736 20.60 25.72 -48.66
C GLN A 736 21.23 26.16 -49.97
N ALA A 737 21.56 27.45 -50.10
CA ALA A 737 22.18 27.94 -51.33
C ALA A 737 23.54 27.30 -51.56
N LEU A 738 24.25 26.96 -50.49
CA LEU A 738 25.53 26.28 -50.61
C LEU A 738 25.39 24.77 -50.64
N GLY A 739 24.17 24.25 -50.64
CA GLY A 739 23.96 22.81 -50.68
C GLY A 739 24.43 22.09 -49.43
N VAL A 740 24.14 22.65 -48.26
CA VAL A 740 24.50 22.05 -46.98
C VAL A 740 23.21 21.79 -46.21
N SER A 741 23.02 20.54 -45.79
CA SER A 741 21.81 20.19 -45.07
C SER A 741 21.86 20.72 -43.64
N ILE A 742 20.70 21.11 -43.13
CA ILE A 742 20.63 21.63 -41.76
C ILE A 742 20.96 20.54 -40.75
N SER A 743 20.55 19.30 -41.04
CA SER A 743 20.85 18.20 -40.12
C SER A 743 22.36 18.02 -39.97
N ASP A 744 23.08 18.10 -41.09
CA ASP A 744 24.54 18.00 -41.02
C ASP A 744 25.13 19.10 -40.16
N ILE A 745 24.65 20.33 -40.32
CA ILE A 745 25.18 21.45 -39.55
C ILE A 745 24.94 21.24 -38.07
N ASN A 746 23.70 20.89 -37.71
CA ASN A 746 23.37 20.72 -36.29
C ASN A 746 24.15 19.56 -35.69
N THR A 747 24.26 18.44 -36.42
CA THR A 747 25.00 17.31 -35.91
C THR A 747 26.48 17.65 -35.73
N THR A 748 27.07 18.32 -36.71
CA THR A 748 28.47 18.72 -36.59
C THR A 748 28.68 19.60 -35.36
N LEU A 749 27.85 20.62 -35.21
CA LEU A 749 28.00 21.53 -34.07
C LEU A 749 27.85 20.78 -32.75
N GLY A 750 26.76 20.02 -32.61
CA GLY A 750 26.52 19.33 -31.35
C GLY A 750 27.61 18.32 -31.01
N ALA A 751 27.99 17.51 -31.99
CA ALA A 751 29.01 16.50 -31.73
C ALA A 751 30.35 17.13 -31.41
N ALA A 752 30.80 18.08 -32.24
CA ALA A 752 32.13 18.65 -32.02
C ALA A 752 32.20 19.39 -30.69
N TRP A 753 31.18 20.17 -30.36
CA TRP A 753 31.25 21.05 -29.20
C TRP A 753 30.51 20.54 -27.98
N GLY A 754 29.57 19.63 -28.15
CA GLY A 754 28.77 19.15 -27.03
C GLY A 754 28.97 17.67 -26.74
N GLY A 755 29.50 16.94 -27.70
CA GLY A 755 29.74 15.52 -27.53
C GLY A 755 28.49 14.70 -27.80
N SER A 756 28.63 13.68 -28.64
CA SER A 756 27.50 12.86 -29.07
C SER A 756 27.67 11.44 -28.58
N TYR A 757 26.62 10.87 -28.01
CA TYR A 757 26.61 9.50 -27.53
C TYR A 757 26.13 8.60 -28.67
N VAL A 758 27.04 7.81 -29.22
CA VAL A 758 26.70 7.02 -30.41
C VAL A 758 26.02 5.72 -30.03
N ASN A 759 26.72 4.84 -29.34
CA ASN A 759 26.20 3.54 -28.95
C ASN A 759 27.13 2.97 -27.87
N ASP A 760 26.93 1.71 -27.52
CA ASP A 760 27.65 1.07 -26.43
C ASP A 760 28.82 0.24 -26.94
N PHE A 761 29.60 -0.29 -26.00
CA PHE A 761 30.64 -1.25 -26.34
C PHE A 761 30.88 -2.07 -25.08
N ILE A 762 31.59 -3.18 -25.23
CA ILE A 762 31.86 -4.08 -24.13
C ILE A 762 33.28 -3.86 -23.65
N ASP A 763 33.43 -3.40 -22.40
CA ASP A 763 34.72 -3.16 -21.79
C ASP A 763 34.89 -4.15 -20.64
N ARG A 764 35.77 -5.13 -20.82
CA ARG A 764 36.00 -6.15 -19.80
C ARG A 764 34.68 -6.80 -19.39
N GLY A 765 33.81 -7.02 -20.37
CA GLY A 765 32.54 -7.68 -20.15
C GLY A 765 31.40 -6.78 -19.73
N ARG A 766 31.63 -5.49 -19.54
CA ARG A 766 30.60 -4.57 -19.09
C ARG A 766 30.22 -3.63 -20.23
N VAL A 767 28.94 -3.26 -20.28
CA VAL A 767 28.42 -2.39 -21.32
C VAL A 767 28.72 -0.94 -20.93
N LYS A 768 29.41 -0.22 -21.81
CA LYS A 768 29.79 1.17 -21.58
C LYS A 768 29.52 1.98 -22.83
N LYS A 769 29.33 3.29 -22.63
CA LYS A 769 28.93 4.17 -23.71
C LYS A 769 30.09 4.48 -24.65
N VAL A 770 29.77 4.91 -25.86
CA VAL A 770 30.73 5.40 -26.83
C VAL A 770 30.40 6.85 -27.13
N TYR A 771 31.40 7.73 -27.01
CA TYR A 771 31.23 9.15 -27.20
C TYR A 771 32.16 9.66 -28.29
N ILE A 772 31.68 10.63 -29.06
CA ILE A 772 32.49 11.36 -30.03
C ILE A 772 32.42 12.84 -29.69
N MET A 773 33.54 13.53 -29.82
CA MET A 773 33.59 14.94 -29.46
C MET A 773 34.92 15.50 -29.93
N SER A 774 34.98 16.82 -30.05
CA SER A 774 36.18 17.46 -30.56
C SER A 774 37.31 17.38 -29.55
N GLU A 775 38.52 17.55 -30.05
CA GLU A 775 39.67 17.60 -29.16
C GLU A 775 39.66 18.91 -28.38
N ALA A 776 40.19 18.84 -27.16
CA ALA A 776 40.08 19.99 -26.26
C ALA A 776 40.55 21.27 -26.92
N LYS A 777 41.64 21.21 -27.68
CA LYS A 777 42.24 22.42 -28.21
C LYS A 777 41.45 23.05 -29.34
N TYR A 778 40.41 22.40 -29.85
CA TYR A 778 39.66 22.90 -31.00
C TYR A 778 38.28 23.44 -30.65
N ARG A 779 37.90 23.47 -29.37
CA ARG A 779 36.59 23.95 -28.96
C ARG A 779 36.71 24.83 -27.74
N MET A 780 37.68 25.75 -27.74
CA MET A 780 37.98 26.57 -26.57
C MET A 780 37.67 28.05 -26.76
N LEU A 781 37.71 28.55 -27.99
CA LEU A 781 37.56 29.98 -28.25
C LEU A 781 36.50 30.19 -29.32
N PRO A 782 35.87 31.37 -29.34
CA PRO A 782 34.88 31.64 -30.39
C PRO A 782 35.46 31.56 -31.79
N GLU A 783 36.75 31.79 -31.94
CA GLU A 783 37.39 31.75 -33.25
C GLU A 783 37.69 30.34 -33.71
N ASP A 784 37.40 29.32 -32.89
CA ASP A 784 37.49 27.93 -33.32
C ASP A 784 36.24 27.45 -34.02
N ILE A 785 35.18 28.27 -34.06
CA ILE A 785 33.96 27.88 -34.75
C ILE A 785 34.21 27.76 -36.25
N GLY A 786 34.97 28.69 -36.82
CA GLY A 786 35.27 28.64 -38.24
C GLY A 786 36.22 27.54 -38.63
N LYS A 787 36.78 26.81 -37.66
CA LYS A 787 37.67 25.70 -37.95
C LYS A 787 36.94 24.47 -38.46
N TRP A 788 35.63 24.39 -38.28
CA TRP A 788 34.85 23.21 -38.61
C TRP A 788 34.14 23.41 -39.95
N TYR A 789 34.12 22.35 -40.76
CA TYR A 789 33.55 22.39 -42.10
C TYR A 789 32.40 21.40 -42.21
N VAL A 790 31.51 21.66 -43.15
CA VAL A 790 30.38 20.79 -43.46
C VAL A 790 30.43 20.45 -44.94
N ARG A 791 30.29 19.18 -45.26
CA ARG A 791 30.36 18.75 -46.66
C ARG A 791 29.09 19.12 -47.40
N GLY A 792 29.24 19.77 -48.55
CA GLY A 792 28.11 20.10 -49.37
C GLY A 792 27.64 18.93 -50.21
N SER A 793 26.50 19.13 -50.87
CA SER A 793 25.93 18.08 -51.69
C SER A 793 26.81 17.70 -52.87
N ASP A 794 27.75 18.56 -53.28
CA ASP A 794 28.67 18.26 -54.37
C ASP A 794 30.00 17.72 -53.88
N GLY A 795 30.14 17.49 -52.57
CA GLY A 795 31.38 17.02 -52.00
C GLY A 795 32.34 18.09 -51.54
N GLN A 796 31.99 19.37 -51.71
CA GLN A 796 32.83 20.46 -51.26
C GLN A 796 32.57 20.75 -49.78
N MET A 797 33.60 21.25 -49.11
CA MET A 797 33.54 21.54 -47.68
C MET A 797 33.26 23.03 -47.48
N VAL A 798 32.26 23.33 -46.66
CA VAL A 798 31.78 24.69 -46.43
C VAL A 798 32.06 25.05 -44.97
N PRO A 799 32.89 26.05 -44.69
CA PRO A 799 33.14 26.42 -43.29
C PRO A 799 31.92 27.05 -42.65
N PHE A 800 31.88 26.96 -41.31
CA PHE A 800 30.77 27.58 -40.58
C PHE A 800 30.71 29.08 -40.83
N SER A 801 31.85 29.73 -41.03
CA SER A 801 31.83 31.16 -41.29
C SER A 801 31.07 31.50 -42.57
N ALA A 802 30.95 30.54 -43.50
CA ALA A 802 30.30 30.82 -44.78
C ALA A 802 28.81 31.08 -44.59
N PHE A 803 28.15 30.32 -43.73
CA PHE A 803 26.70 30.35 -43.61
C PHE A 803 26.24 30.63 -42.17
N SER A 804 27.05 31.35 -41.40
CA SER A 804 26.68 31.59 -40.00
C SER A 804 27.37 32.85 -39.50
N THR A 805 26.80 33.39 -38.42
CA THR A 805 27.38 34.52 -37.71
C THR A 805 27.09 34.34 -36.23
N SER A 806 27.90 34.98 -35.40
CA SER A 806 27.83 34.76 -33.96
C SER A 806 27.92 36.09 -33.22
N ARG A 807 27.59 36.05 -31.94
CA ARG A 807 27.65 37.22 -31.08
C ARG A 807 27.52 36.73 -29.64
N TRP A 808 27.78 37.64 -28.70
CA TRP A 808 27.78 37.33 -27.28
C TRP A 808 26.54 37.92 -26.63
N GLU A 809 25.79 37.09 -25.92
CA GLU A 809 24.64 37.55 -25.14
C GLU A 809 24.74 37.05 -23.71
N TYR A 810 23.75 37.40 -22.89
CA TYR A 810 23.72 37.02 -21.48
C TYR A 810 22.57 36.07 -21.23
N GLY A 811 22.79 35.09 -20.35
CA GLY A 811 21.77 34.13 -20.02
C GLY A 811 22.04 33.52 -18.67
N SER A 812 21.05 32.77 -18.18
CA SER A 812 21.15 32.15 -16.86
C SER A 812 21.65 30.72 -17.01
N PRO A 813 22.80 30.37 -16.42
CA PRO A 813 23.25 28.97 -16.50
C PRO A 813 22.31 27.99 -15.82
N ARG A 814 21.56 28.43 -14.81
CA ARG A 814 20.63 27.57 -14.09
C ARG A 814 19.32 28.32 -13.89
N LEU A 815 18.22 27.66 -14.23
CA LEU A 815 16.88 28.22 -14.10
C LEU A 815 16.07 27.37 -13.15
N GLU A 816 15.20 28.02 -12.38
CA GLU A 816 14.42 27.35 -11.35
C GLU A 816 12.94 27.62 -11.57
N ARG A 817 12.12 26.72 -11.03
CA ARG A 817 10.68 26.87 -11.03
C ARG A 817 10.14 26.34 -9.72
N TYR A 818 9.16 27.03 -9.14
CA TYR A 818 8.51 26.60 -7.92
C TYR A 818 7.00 26.52 -8.19
N ASN A 819 6.44 25.33 -8.01
CA ASN A 819 5.01 25.09 -8.22
C ASN A 819 4.58 25.42 -9.63
N GLY A 820 5.50 25.36 -10.59
CA GLY A 820 5.16 25.47 -11.99
C GLY A 820 5.43 26.82 -12.63
N LEU A 821 5.92 27.80 -11.88
CA LEU A 821 6.22 29.10 -12.44
C LEU A 821 7.53 29.62 -11.86
N PRO A 822 8.28 30.41 -12.62
CA PRO A 822 9.70 30.63 -12.29
C PRO A 822 9.88 31.27 -10.94
N SER A 823 11.01 30.96 -10.29
CA SER A 823 11.33 31.48 -8.98
C SER A 823 12.83 31.51 -8.80
N LEU A 824 13.26 32.24 -7.77
CA LEU A 824 14.64 32.26 -7.30
C LEU A 824 14.65 31.89 -5.83
N GLU A 825 15.36 30.82 -5.49
CA GLU A 825 15.45 30.37 -4.10
C GLU A 825 16.61 31.08 -3.43
N ILE A 826 16.32 31.75 -2.31
CA ILE A 826 17.33 32.42 -1.51
C ILE A 826 17.20 31.91 -0.09
N LEU A 827 18.31 31.46 0.49
CA LEU A 827 18.31 30.93 1.84
C LEU A 827 19.42 31.59 2.65
N GLY A 828 19.13 31.80 3.93
CA GLY A 828 20.07 32.47 4.80
C GLY A 828 20.07 31.90 6.20
N GLN A 829 20.03 32.76 7.21
CA GLN A 829 20.13 32.34 8.60
C GLN A 829 19.69 33.49 9.48
N ALA A 830 19.48 33.18 10.76
CA ALA A 830 19.13 34.16 11.77
C ALA A 830 20.35 34.49 12.61
N ALA A 831 20.60 35.78 12.82
CA ALA A 831 21.81 36.20 13.50
C ALA A 831 21.83 35.68 14.93
N PRO A 832 23.00 35.44 15.50
CA PRO A 832 23.06 34.95 16.89
C PRO A 832 22.34 35.89 17.83
N GLY A 833 21.62 35.32 18.78
CA GLY A 833 20.81 36.09 19.70
C GLY A 833 19.34 35.97 19.37
N LYS A 834 19.01 35.99 18.07
CA LYS A 834 17.64 35.80 17.62
C LYS A 834 17.40 34.32 17.31
N SER A 835 16.13 33.98 17.11
CA SER A 835 15.72 32.63 16.82
C SER A 835 14.88 32.62 15.54
N THR A 836 14.94 31.51 14.81
CA THR A 836 14.21 31.41 13.56
C THR A 836 12.73 31.69 13.79
N GLY A 837 12.18 32.59 12.99
CA GLY A 837 10.81 33.03 13.13
C GLY A 837 10.74 34.53 13.14
N GLU A 838 11.67 35.18 13.85
CA GLU A 838 11.82 36.62 13.71
C GLU A 838 12.42 36.96 12.34
N ALA A 839 13.43 36.20 11.93
CA ALA A 839 13.97 36.37 10.58
C ALA A 839 12.91 36.03 9.54
N MET A 840 12.09 35.02 9.80
CA MET A 840 11.01 34.69 8.86
C MET A 840 10.00 35.83 8.75
N ALA A 841 9.64 36.45 9.88
CA ALA A 841 8.74 37.59 9.82
C ALA A 841 9.37 38.75 9.07
N LEU A 842 10.67 38.99 9.30
CA LEU A 842 11.34 40.07 8.59
C LEU A 842 11.36 39.82 7.09
N MET A 843 11.64 38.58 6.68
CA MET A 843 11.65 38.26 5.25
C MET A 843 10.25 38.38 4.66
N GLU A 844 9.23 38.00 5.44
CA GLU A 844 7.86 38.13 4.94
C GLU A 844 7.49 39.59 4.73
N GLU A 845 7.87 40.48 5.65
CA GLU A 845 7.49 41.88 5.51
C GLU A 845 8.33 42.56 4.43
N LEU A 846 9.61 42.21 4.34
CA LEU A 846 10.45 42.79 3.28
C LEU A 846 9.96 42.37 1.90
N ALA A 847 9.60 41.10 1.74
CA ALA A 847 9.18 40.61 0.44
C ALA A 847 7.95 41.34 -0.09
N GLY A 848 7.16 41.96 0.80
CA GLY A 848 6.01 42.72 0.36
C GLY A 848 6.36 44.03 -0.32
N LYS A 849 7.54 44.58 -0.05
CA LYS A 849 7.98 45.81 -0.67
C LYS A 849 8.48 45.62 -2.09
N LEU A 850 8.59 44.38 -2.55
CA LEU A 850 9.06 44.11 -3.89
C LEU A 850 8.00 44.47 -4.92
N PRO A 851 8.38 44.66 -6.18
CA PRO A 851 7.42 45.12 -7.18
C PRO A 851 6.24 44.17 -7.31
N SER A 852 5.07 44.73 -7.60
CA SER A 852 3.88 43.92 -7.74
C SER A 852 4.08 42.86 -8.82
N GLY A 853 3.64 41.64 -8.53
CA GLY A 853 3.84 40.51 -9.40
C GLY A 853 4.92 39.56 -8.95
N ILE A 854 5.67 39.92 -7.90
CA ILE A 854 6.73 39.08 -7.36
C ILE A 854 6.21 38.48 -6.06
N GLY A 855 5.75 37.25 -6.11
CA GLY A 855 5.27 36.56 -4.94
C GLY A 855 6.41 35.93 -4.16
N TYR A 856 6.04 35.16 -3.15
CA TYR A 856 7.03 34.45 -2.34
C TYR A 856 6.33 33.28 -1.66
N ASP A 857 7.14 32.39 -1.10
CA ASP A 857 6.62 31.22 -0.40
C ASP A 857 7.79 30.50 0.26
N TRP A 858 7.49 29.81 1.35
CA TRP A 858 8.50 29.11 2.14
C TRP A 858 8.50 27.63 1.80
N THR A 859 9.68 27.06 1.70
CA THR A 859 9.82 25.65 1.36
C THR A 859 10.78 24.95 2.32
N GLY A 860 11.12 23.71 2.02
CA GLY A 860 12.08 23.00 2.86
C GLY A 860 11.60 22.89 4.29
N MET A 861 12.50 23.13 5.23
CA MET A 861 12.16 23.04 6.64
C MET A 861 11.43 24.29 7.14
N SER A 862 11.50 25.40 6.41
CA SER A 862 10.69 26.56 6.78
C SER A 862 9.21 26.28 6.63
N TYR A 863 8.83 25.46 5.65
CA TYR A 863 7.44 25.04 5.51
C TYR A 863 6.98 24.27 6.74
N GLN A 864 7.81 23.34 7.22
CA GLN A 864 7.46 22.59 8.43
C GLN A 864 7.41 23.51 9.64
N GLU A 865 8.37 24.42 9.76
CA GLU A 865 8.39 25.32 10.91
C GLU A 865 7.14 26.20 10.94
N ARG A 866 6.75 26.73 9.78
CA ARG A 866 5.51 27.53 9.74
C ARG A 866 4.28 26.67 9.93
N LEU A 867 4.32 25.42 9.46
CA LEU A 867 3.14 24.56 9.54
C LEU A 867 2.78 24.19 10.98
N SER A 868 3.74 24.26 11.91
CA SER A 868 3.47 24.01 13.32
C SER A 868 2.98 25.32 13.93
N GLY A 869 1.71 25.60 13.73
CA GLY A 869 1.15 26.91 14.03
C GLY A 869 0.95 27.19 15.51
N ASN A 870 2.03 27.13 16.28
CA ASN A 870 2.02 27.56 17.69
C ASN A 870 0.82 26.97 18.42
N GLN A 871 0.83 25.65 18.54
CA GLN A 871 -0.23 24.89 19.20
C GLN A 871 0.19 24.40 20.58
N ALA A 872 1.12 25.11 21.23
CA ALA A 872 1.54 24.77 22.58
C ALA A 872 0.59 25.34 23.63
N PRO A 873 0.14 26.59 23.50
CA PRO A 873 -0.82 27.11 24.49
C PRO A 873 -2.09 26.28 24.58
N ALA A 874 -2.54 25.71 23.47
CA ALA A 874 -3.74 24.87 23.51
C ALA A 874 -3.52 23.66 24.41
N LEU A 875 -2.38 22.98 24.27
CA LEU A 875 -2.16 21.81 25.10
C LEU A 875 -1.90 22.21 26.54
N TYR A 876 -1.24 23.35 26.76
CA TYR A 876 -1.10 23.84 28.14
C TYR A 876 -2.46 24.00 28.80
N ALA A 877 -3.36 24.72 28.14
CA ALA A 877 -4.67 25.00 28.73
C ALA A 877 -5.47 23.72 28.92
N ILE A 878 -5.49 22.84 27.93
CA ILE A 878 -6.26 21.61 28.05
C ILE A 878 -5.71 20.75 29.16
N SER A 879 -4.38 20.62 29.25
CA SER A 879 -3.78 19.82 30.30
C SER A 879 -4.10 20.38 31.66
N LEU A 880 -4.02 21.70 31.83
CA LEU A 880 -4.32 22.29 33.14
C LEU A 880 -5.78 22.06 33.52
N ILE A 881 -6.70 22.23 32.56
CA ILE A 881 -8.11 22.03 32.87
C ILE A 881 -8.38 20.59 33.26
N VAL A 882 -7.83 19.64 32.49
CA VAL A 882 -8.10 18.24 32.77
C VAL A 882 -7.46 17.81 34.08
N VAL A 883 -6.27 18.34 34.39
CA VAL A 883 -5.64 18.01 35.66
C VAL A 883 -6.45 18.56 36.83
N PHE A 884 -6.97 19.78 36.69
CA PHE A 884 -7.82 20.29 37.75
C PHE A 884 -9.06 19.43 37.93
N LEU A 885 -9.67 19.01 36.83
CA LEU A 885 -10.85 18.17 36.95
C LEU A 885 -10.52 16.85 37.64
N CYS A 886 -9.40 16.23 37.26
CA CYS A 886 -9.02 14.97 37.87
C CYS A 886 -8.68 15.14 39.35
N LEU A 887 -8.06 16.26 39.72
CA LEU A 887 -7.79 16.52 41.13
C LEU A 887 -9.07 16.71 41.91
N ALA A 888 -10.04 17.42 41.35
CA ALA A 888 -11.33 17.58 42.01
C ALA A 888 -12.01 16.23 42.19
N ALA A 889 -11.90 15.36 41.19
CA ALA A 889 -12.43 14.01 41.31
C ALA A 889 -11.72 13.23 42.41
N LEU A 890 -10.40 13.36 42.49
CA LEU A 890 -9.61 12.58 43.46
C LEU A 890 -9.89 13.02 44.89
N TYR A 891 -9.85 14.33 45.14
CA TYR A 891 -10.04 14.86 46.48
C TYR A 891 -11.50 15.07 46.85
N GLU A 892 -12.41 15.00 45.88
CA GLU A 892 -13.83 15.16 46.14
C GLU A 892 -14.15 16.57 46.64
N SER A 893 -13.67 17.56 45.89
CA SER A 893 -13.95 18.96 46.21
C SER A 893 -13.43 19.82 45.08
N TRP A 894 -14.12 20.92 44.83
CA TRP A 894 -13.70 21.88 43.81
C TRP A 894 -12.67 22.88 44.35
N SER A 895 -12.41 22.87 45.65
CA SER A 895 -11.51 23.84 46.28
C SER A 895 -10.12 23.27 46.56
N ILE A 896 -10.05 22.04 47.08
CA ILE A 896 -8.73 21.47 47.41
C ILE A 896 -7.81 21.45 46.21
N PRO A 897 -8.28 21.15 44.99
CA PRO A 897 -7.35 21.16 43.84
C PRO A 897 -6.58 22.46 43.69
N PHE A 898 -7.16 23.59 44.07
CA PHE A 898 -6.44 24.86 44.00
C PHE A 898 -5.19 24.84 44.88
N SER A 899 -5.13 23.96 45.88
CA SER A 899 -3.92 23.80 46.65
C SER A 899 -2.85 23.08 45.85
N VAL A 900 -3.24 22.22 44.92
CA VAL A 900 -2.30 21.48 44.10
C VAL A 900 -1.98 22.22 42.81
N MET A 901 -2.95 22.96 42.26
CA MET A 901 -2.73 23.63 40.99
C MET A 901 -1.85 24.87 41.14
N LEU A 902 -1.93 25.56 42.28
CA LEU A 902 -1.17 26.78 42.47
C LEU A 902 0.32 26.52 42.64
N VAL A 903 0.74 25.27 42.77
CA VAL A 903 2.16 24.94 42.78
C VAL A 903 2.72 24.88 41.37
N VAL A 904 1.87 24.79 40.36
CA VAL A 904 2.35 24.72 38.98
C VAL A 904 3.17 25.95 38.61
N PRO A 905 2.73 27.18 38.89
CA PRO A 905 3.58 28.33 38.59
C PRO A 905 4.91 28.32 39.29
N LEU A 906 5.03 27.64 40.43
CA LEU A 906 6.32 27.56 41.11
C LEU A 906 7.33 26.75 40.29
N GLY A 907 6.88 25.65 39.68
CA GLY A 907 7.78 24.88 38.83
C GLY A 907 8.05 25.57 37.51
N VAL A 908 7.01 26.16 36.91
CA VAL A 908 7.16 26.77 35.59
C VAL A 908 8.11 27.96 35.66
N VAL A 909 8.02 28.76 36.72
CA VAL A 909 8.92 29.90 36.86
C VAL A 909 10.34 29.42 37.01
N GLY A 910 10.55 28.32 37.72
CA GLY A 910 11.90 27.78 37.84
C GLY A 910 12.45 27.31 36.50
N ALA A 911 11.63 26.60 35.73
CA ALA A 911 12.07 26.13 34.42
C ALA A 911 12.40 27.30 33.51
N LEU A 912 11.55 28.33 33.51
CA LEU A 912 11.79 29.50 32.68
C LEU A 912 13.04 30.25 33.12
N LEU A 913 13.28 30.35 34.43
CA LEU A 913 14.50 30.99 34.90
C LEU A 913 15.73 30.23 34.44
N ALA A 914 15.70 28.90 34.55
CA ALA A 914 16.85 28.10 34.12
C ALA A 914 17.09 28.26 32.62
N ALA A 915 16.03 28.20 31.82
CA ALA A 915 16.17 28.36 30.38
C ALA A 915 16.69 29.76 30.03
N THR A 916 16.14 30.79 30.65
CA THR A 916 16.55 32.16 30.33
C THR A 916 18.00 32.41 30.72
N PHE A 917 18.41 31.95 31.90
CA PHE A 917 19.79 32.16 32.33
C PHE A 917 20.76 31.36 31.46
N ARG A 918 20.40 30.12 31.10
CA ARG A 918 21.30 29.34 30.26
C ARG A 918 21.24 29.74 28.79
N GLY A 919 20.17 30.40 28.37
CA GLY A 919 20.08 30.86 27.00
C GLY A 919 19.51 29.82 26.05
N LEU A 920 18.30 29.35 26.34
CA LEU A 920 17.58 28.41 25.50
C LEU A 920 16.40 29.13 24.86
N THR A 921 15.59 28.36 24.13
CA THR A 921 14.43 28.88 23.41
C THR A 921 13.25 27.97 23.64
N ASN A 922 12.09 28.32 23.07
CA ASN A 922 10.92 27.45 23.11
C ASN A 922 11.01 26.38 22.03
N ASP A 923 12.03 25.54 22.14
CA ASP A 923 12.15 24.41 21.25
C ASP A 923 11.03 23.41 21.54
N VAL A 924 11.04 22.30 20.82
CA VAL A 924 10.15 21.19 21.20
C VAL A 924 10.63 20.59 22.51
N TYR A 925 11.94 20.48 22.70
CA TYR A 925 12.47 19.92 23.93
C TYR A 925 12.05 20.76 25.13
N PHE A 926 12.09 22.08 25.01
CA PHE A 926 11.61 22.92 26.10
C PHE A 926 10.12 22.73 26.33
N GLN A 927 9.35 22.57 25.27
CA GLN A 927 7.90 22.44 25.44
C GLN A 927 7.53 21.12 26.09
N VAL A 928 8.33 20.07 25.92
CA VAL A 928 8.06 18.82 26.63
C VAL A 928 8.60 18.89 28.05
N GLY A 929 9.75 19.52 28.25
CA GLY A 929 10.25 19.72 29.60
C GLY A 929 9.33 20.56 30.45
N LEU A 930 8.60 21.49 29.83
CA LEU A 930 7.66 22.31 30.60
C LEU A 930 6.52 21.47 31.18
N LEU A 931 5.96 20.56 30.39
CA LEU A 931 4.91 19.71 30.93
C LEU A 931 5.45 18.67 31.89
N THR A 932 6.69 18.21 31.68
CA THR A 932 7.29 17.38 32.72
C THR A 932 7.41 18.15 34.03
N THR A 933 7.78 19.43 33.95
CA THR A 933 7.85 20.26 35.14
C THR A 933 6.48 20.44 35.78
N ILE A 934 5.45 20.65 34.97
CA ILE A 934 4.09 20.77 35.52
C ILE A 934 3.71 19.50 36.24
N GLY A 935 3.99 18.34 35.63
CA GLY A 935 3.66 17.08 36.26
C GLY A 935 4.40 16.84 37.56
N LEU A 936 5.70 17.14 37.57
CA LEU A 936 6.48 16.95 38.79
C LEU A 936 6.04 17.90 39.89
N SER A 937 5.72 19.15 39.54
CA SER A 937 5.22 20.08 40.54
C SER A 937 3.91 19.62 41.12
N ALA A 938 3.00 19.13 40.26
CA ALA A 938 1.74 18.58 40.76
C ALA A 938 1.98 17.37 41.64
N LYS A 939 2.98 16.54 41.30
CA LYS A 939 3.28 15.37 42.11
C LYS A 939 3.76 15.77 43.50
N ASN A 940 4.66 16.76 43.58
CA ASN A 940 5.14 17.21 44.88
C ASN A 940 4.01 17.83 45.70
N ALA A 941 3.16 18.63 45.04
CA ALA A 941 2.03 19.23 45.74
C ALA A 941 1.08 18.15 46.26
N ILE A 942 0.87 17.10 45.46
CA ILE A 942 -0.01 16.02 45.89
C ILE A 942 0.60 15.28 47.08
N LEU A 943 1.92 15.05 47.05
CA LEU A 943 2.58 14.45 48.22
C LEU A 943 2.31 15.27 49.47
N ILE A 944 2.57 16.58 49.40
CA ILE A 944 2.39 17.43 50.57
C ILE A 944 0.94 17.45 51.03
N VAL A 945 0.01 17.57 50.07
CA VAL A 945 -1.41 17.68 50.41
C VAL A 945 -1.92 16.38 51.02
N GLU A 946 -1.46 15.23 50.50
CA GLU A 946 -1.84 13.95 51.08
C GLU A 946 -1.33 13.83 52.50
N PHE A 947 -0.05 14.20 52.72
CA PHE A 947 0.48 14.12 54.08
C PHE A 947 -0.24 15.07 55.03
N ALA A 948 -0.72 16.21 54.51
CA ALA A 948 -1.44 17.15 55.36
C ALA A 948 -2.85 16.66 55.67
N LYS A 949 -3.53 16.07 54.69
CA LYS A 949 -4.89 15.56 54.89
C LYS A 949 -4.91 14.26 55.68
N ASP A 950 -3.78 13.55 55.72
CA ASP A 950 -3.72 12.31 56.48
C ASP A 950 -4.17 12.49 57.91
N LEU A 951 -3.87 13.66 58.50
CA LEU A 951 -4.26 13.92 59.88
C LEU A 951 -5.68 14.47 59.97
N MET A 952 -6.02 15.45 59.13
CA MET A 952 -7.36 16.02 59.19
C MET A 952 -8.43 14.95 58.99
N GLU A 953 -8.09 13.86 58.30
CA GLU A 953 -8.98 12.71 58.21
C GLU A 953 -8.37 11.58 59.03
N LYS A 954 -9.10 11.15 60.07
CA LYS A 954 -8.77 10.03 60.93
C LYS A 954 -7.75 10.35 62.01
N GLU A 955 -7.36 11.62 62.20
CA GLU A 955 -6.44 11.96 63.28
C GLU A 955 -6.77 13.30 63.94
N GLY A 956 -7.96 13.84 63.74
CA GLY A 956 -8.35 15.09 64.36
C GLY A 956 -8.06 16.28 63.45
N LYS A 957 -7.48 17.33 64.03
CA LYS A 957 -7.16 18.54 63.27
C LYS A 957 -5.87 19.13 63.81
N GLY A 958 -5.25 19.97 62.99
CA GLY A 958 -4.00 20.59 63.38
C GLY A 958 -3.52 21.55 62.31
N LEU A 959 -2.38 22.17 62.58
CA LEU A 959 -1.77 23.12 61.65
C LEU A 959 -0.88 22.37 60.67
N ILE A 960 -1.50 21.43 59.95
CA ILE A 960 -0.79 20.60 58.97
C ILE A 960 0.38 19.86 59.59
N GLU A 961 0.11 19.06 60.62
CA GLU A 961 1.10 18.23 61.30
C GLU A 961 2.22 19.14 61.81
N ALA A 962 1.85 20.06 62.69
CA ALA A 962 2.79 21.00 63.29
C ALA A 962 3.43 20.36 64.53
N THR A 963 4.28 19.38 64.26
CA THR A 963 5.00 18.68 65.31
C THR A 963 6.35 18.22 64.79
N LEU A 964 7.43 18.67 65.44
CA LEU A 964 8.78 18.29 65.03
C LEU A 964 8.86 16.78 64.84
N GLU A 965 8.37 16.04 65.83
CA GLU A 965 8.09 14.64 65.63
C GLU A 965 6.99 14.48 64.60
N ALA A 966 7.21 13.56 63.67
CA ALA A 966 6.32 13.24 62.57
C ALA A 966 6.36 14.26 61.43
N VAL A 967 6.88 15.47 61.66
CA VAL A 967 7.22 16.30 60.51
C VAL A 967 8.66 16.05 60.09
N ARG A 968 9.48 15.47 60.98
CA ARG A 968 10.72 14.85 60.53
C ARG A 968 10.44 13.57 59.75
N MET A 969 9.49 12.76 60.22
CA MET A 969 9.15 11.52 59.54
C MET A 969 8.58 11.81 58.16
N ARG A 970 7.65 12.76 58.07
CA ARG A 970 7.28 13.31 56.79
C ARG A 970 8.33 14.33 56.36
N LEU A 971 8.29 14.69 55.08
CA LEU A 971 9.26 15.64 54.51
C LEU A 971 10.63 15.01 54.34
N ARG A 972 10.84 13.81 54.87
CA ARG A 972 12.04 13.05 54.57
C ARG A 972 11.84 12.36 53.22
N PRO A 973 10.71 11.71 52.99
CA PRO A 973 10.49 11.11 51.66
C PRO A 973 10.32 12.15 50.57
N ILE A 974 9.65 13.26 50.85
CA ILE A 974 9.45 14.30 49.84
C ILE A 974 10.80 14.83 49.37
N LEU A 975 11.64 15.25 50.33
CA LEU A 975 12.96 15.74 49.98
C LEU A 975 13.80 14.64 49.36
N MET A 976 13.68 13.42 49.85
CA MET A 976 14.45 12.31 49.30
C MET A 976 14.19 12.15 47.82
N THR A 977 12.91 12.08 47.42
CA THR A 977 12.59 11.87 46.02
C THR A 977 12.91 13.11 45.18
N SER A 978 12.66 14.30 45.71
CA SER A 978 12.98 15.52 44.96
C SER A 978 14.47 15.60 44.68
N LEU A 979 15.30 15.38 45.71
CA LEU A 979 16.74 15.42 45.52
C LEU A 979 17.21 14.28 44.62
N ALA A 980 16.61 13.10 44.75
CA ALA A 980 17.00 11.99 43.89
C ALA A 980 16.78 12.34 42.43
N PHE A 981 15.62 12.92 42.11
CA PHE A 981 15.38 13.30 40.72
C PHE A 981 16.29 14.45 40.28
N ILE A 982 16.47 15.46 41.14
CA ILE A 982 17.30 16.60 40.77
C ILE A 982 18.71 16.13 40.44
N LEU A 983 19.27 15.26 41.28
CA LEU A 983 20.61 14.76 41.05
C LEU A 983 20.63 13.72 39.93
N GLY A 984 19.49 13.11 39.61
CA GLY A 984 19.42 12.15 38.53
C GLY A 984 19.44 12.75 37.15
N VAL A 985 19.26 14.07 37.04
CA VAL A 985 19.33 14.76 35.76
C VAL A 985 20.60 15.61 35.67
N MET A 986 21.65 15.27 36.41
CA MET A 986 22.95 15.87 36.15
C MET A 986 23.43 15.55 34.75
N PRO A 987 23.49 14.29 34.31
CA PRO A 987 24.10 14.02 33.00
C PRO A 987 23.43 14.79 31.88
N LEU A 988 22.11 14.96 31.93
CA LEU A 988 21.43 15.75 30.92
C LEU A 988 21.89 17.21 30.96
N VAL A 989 21.99 17.78 32.17
CA VAL A 989 22.34 19.19 32.29
C VAL A 989 23.81 19.41 31.95
N ILE A 990 24.69 18.51 32.41
CA ILE A 990 26.12 18.66 32.20
C ILE A 990 26.60 17.82 31.01
N SER A 991 25.69 17.42 30.12
CA SER A 991 26.08 16.61 28.99
C SER A 991 27.09 17.35 28.12
N SER A 992 28.10 16.62 27.65
CA SER A 992 29.11 17.18 26.75
C SER A 992 29.55 16.04 25.83
N GLY A 993 28.92 15.97 24.66
CA GLY A 993 29.19 14.89 23.74
C GLY A 993 28.18 14.88 22.62
N ALA A 994 28.00 13.71 22.02
CA ALA A 994 27.06 13.58 20.91
C ALA A 994 25.65 13.94 21.36
N GLY A 995 24.99 14.77 20.57
CA GLY A 995 23.60 15.11 20.85
C GLY A 995 23.39 15.71 22.22
N SER A 996 24.27 16.63 22.63
CA SER A 996 24.17 17.24 23.94
C SER A 996 23.27 18.47 23.95
N GLY A 997 22.95 19.04 22.80
CA GLY A 997 22.06 20.19 22.78
C GLY A 997 20.67 19.85 23.29
N ALA A 998 20.10 18.75 22.78
CA ALA A 998 18.79 18.32 23.24
C ALA A 998 18.82 17.91 24.72
N GLN A 999 19.88 17.20 25.11
CA GLN A 999 19.98 16.77 26.51
C GLN A 999 20.03 17.97 27.44
N ASN A 1000 20.83 18.98 27.10
CA ASN A 1000 20.86 20.19 27.93
C ASN A 1000 19.51 20.90 27.92
N ALA A 1001 18.88 21.00 26.76
CA ALA A 1001 17.61 21.70 26.67
C ALA A 1001 16.56 21.06 27.57
N VAL A 1002 16.49 19.73 27.59
CA VAL A 1002 15.53 19.05 28.46
C VAL A 1002 15.96 19.15 29.92
N GLY A 1003 17.23 18.86 30.19
CA GLY A 1003 17.68 18.72 31.56
C GLY A 1003 17.64 20.01 32.35
N THR A 1004 18.05 21.12 31.74
CA THR A 1004 18.05 22.38 32.46
C THR A 1004 16.63 22.79 32.84
N GLY A 1005 15.70 22.68 31.90
CA GLY A 1005 14.32 23.01 32.22
C GLY A 1005 13.77 22.15 33.33
N VAL A 1006 13.97 20.83 33.23
CA VAL A 1006 13.39 19.94 34.24
C VAL A 1006 14.05 20.16 35.59
N MET A 1007 15.36 20.37 35.61
CA MET A 1007 16.06 20.59 36.88
C MET A 1007 15.61 21.89 37.54
N GLY A 1008 15.51 22.98 36.77
CA GLY A 1008 15.02 24.21 37.35
C GLY A 1008 13.61 24.08 37.88
N GLY A 1009 12.74 23.44 37.10
CA GLY A 1009 11.38 23.22 37.56
C GLY A 1009 11.33 22.44 38.86
N MET A 1010 12.11 21.36 38.95
CA MET A 1010 12.09 20.54 40.15
C MET A 1010 12.67 21.30 41.34
N VAL A 1011 13.76 22.03 41.15
CA VAL A 1011 14.36 22.78 42.24
C VAL A 1011 13.35 23.75 42.82
N THR A 1012 12.71 24.54 41.96
CA THR A 1012 11.75 25.53 42.46
C THR A 1012 10.52 24.85 43.04
N ALA A 1013 9.95 23.89 42.34
CA ALA A 1013 8.74 23.21 42.79
C ALA A 1013 8.95 22.39 44.04
N THR A 1014 10.20 22.16 44.46
CA THR A 1014 10.46 21.58 45.76
C THR A 1014 10.63 22.68 46.82
N ILE A 1015 11.61 23.57 46.59
CA ILE A 1015 11.97 24.53 47.64
C ILE A 1015 10.80 25.45 47.94
N LEU A 1016 10.20 26.05 46.91
CA LEU A 1016 9.09 26.96 47.15
C LEU A 1016 7.83 26.23 47.56
N ALA A 1017 7.63 25.00 47.06
CA ALA A 1017 6.40 24.27 47.37
C ALA A 1017 6.34 23.90 48.84
N ILE A 1018 7.44 23.38 49.41
CA ILE A 1018 7.38 22.93 50.79
C ILE A 1018 7.04 24.09 51.73
N PHE A 1019 7.17 25.33 51.28
CA PHE A 1019 6.82 26.49 52.08
C PHE A 1019 5.49 27.12 51.70
N PHE A 1020 5.05 26.96 50.45
CA PHE A 1020 3.82 27.59 49.99
C PHE A 1020 2.60 26.67 50.16
N VAL A 1021 2.74 25.37 49.90
CA VAL A 1021 1.59 24.48 49.96
C VAL A 1021 0.90 24.55 51.30
N PRO A 1022 1.60 24.57 52.44
CA PRO A 1022 0.88 24.75 53.71
C PRO A 1022 0.06 26.02 53.76
N VAL A 1023 0.57 27.12 53.20
CA VAL A 1023 -0.17 28.38 53.21
C VAL A 1023 -1.43 28.25 52.34
N PHE A 1024 -1.27 27.70 51.13
CA PHE A 1024 -2.43 27.53 50.26
C PHE A 1024 -3.46 26.62 50.92
N PHE A 1025 -3.01 25.56 51.58
CA PHE A 1025 -3.91 24.63 52.21
C PHE A 1025 -4.66 25.29 53.36
N VAL A 1026 -3.96 26.04 54.20
CA VAL A 1026 -4.61 26.75 55.30
C VAL A 1026 -5.66 27.71 54.75
N VAL A 1027 -5.28 28.51 53.75
CA VAL A 1027 -6.20 29.53 53.23
C VAL A 1027 -7.41 28.87 52.58
N VAL A 1028 -7.20 27.82 51.79
CA VAL A 1028 -8.30 27.17 51.11
C VAL A 1028 -9.25 26.52 52.12
N ARG A 1029 -8.71 25.78 53.09
CA ARG A 1029 -9.57 25.11 54.06
C ARG A 1029 -10.32 26.13 54.91
N ARG A 1030 -9.65 27.21 55.34
CA ARG A 1030 -10.32 28.20 56.17
C ARG A 1030 -11.39 28.95 55.39
N ARG A 1031 -11.11 29.30 54.14
CA ARG A 1031 -12.05 30.09 53.35
C ARG A 1031 -13.21 29.25 52.84
N PHE A 1032 -12.95 28.00 52.46
CA PHE A 1032 -13.97 27.18 51.81
C PHE A 1032 -14.26 25.90 52.57
N SER A 1033 -14.41 26.00 53.88
CA SER A 1033 -14.81 24.86 54.70
C SER A 1033 -15.62 25.31 55.91
N MET B 1 -14.41 -18.31 36.56
CA MET B 1 -15.24 -18.33 35.32
C MET B 1 -16.08 -19.60 35.23
N PRO B 2 -15.49 -20.76 35.51
CA PRO B 2 -16.30 -21.99 35.50
C PRO B 2 -17.48 -21.93 36.47
N ASN B 3 -17.30 -21.32 37.63
CA ASN B 3 -18.41 -21.19 38.58
C ASN B 3 -19.45 -20.19 38.11
N PHE B 4 -19.02 -19.19 37.34
CA PHE B 4 -19.97 -18.24 36.77
C PHE B 4 -20.92 -18.94 35.81
N PHE B 5 -20.40 -19.82 34.96
CA PHE B 5 -21.19 -20.50 33.95
C PHE B 5 -21.78 -21.82 34.42
N ILE B 6 -21.42 -22.30 35.61
CA ILE B 6 -22.12 -23.44 36.16
C ILE B 6 -23.55 -23.05 36.55
N ASP B 7 -23.73 -21.84 37.06
CA ASP B 7 -25.03 -21.32 37.43
C ASP B 7 -25.75 -20.61 36.29
N ARG B 8 -25.08 -20.40 35.15
CA ARG B 8 -25.67 -19.72 34.01
C ARG B 8 -25.42 -20.56 32.75
N PRO B 9 -26.02 -21.74 32.68
CA PRO B 9 -25.80 -22.60 31.49
C PRO B 9 -26.27 -21.96 30.20
N ILE B 10 -27.32 -21.13 30.24
CA ILE B 10 -27.86 -20.55 29.01
C ILE B 10 -26.86 -19.59 28.38
N PHE B 11 -26.13 -18.85 29.21
CA PHE B 11 -25.11 -17.95 28.68
C PHE B 11 -23.99 -18.73 28.02
N ALA B 12 -23.61 -19.87 28.60
CA ALA B 12 -22.62 -20.74 27.97
C ALA B 12 -23.13 -21.26 26.64
N TRP B 13 -24.39 -21.68 26.59
CA TRP B 13 -24.97 -22.14 25.32
C TRP B 13 -24.99 -21.03 24.28
N VAL B 14 -25.29 -19.80 24.71
CA VAL B 14 -25.31 -18.68 23.78
C VAL B 14 -23.91 -18.44 23.22
N ILE B 15 -22.89 -18.50 24.07
CA ILE B 15 -21.52 -18.32 23.59
C ILE B 15 -21.14 -19.42 22.62
N ALA B 16 -21.51 -20.66 22.94
CA ALA B 16 -21.21 -21.77 22.05
C ALA B 16 -21.92 -21.61 20.71
N ILE B 17 -23.15 -21.10 20.73
CA ILE B 17 -23.90 -20.90 19.48
C ILE B 17 -23.26 -19.80 18.65
N ILE B 18 -22.81 -18.73 19.30
CA ILE B 18 -22.12 -17.67 18.56
C ILE B 18 -20.86 -18.21 17.91
N ILE B 19 -20.09 -19.01 18.65
CA ILE B 19 -18.87 -19.59 18.09
C ILE B 19 -19.20 -20.52 16.93
N MET B 20 -20.23 -21.35 17.08
CA MET B 20 -20.64 -22.25 16.00
C MET B 20 -21.05 -21.47 14.75
N LEU B 21 -21.83 -20.40 14.92
CA LEU B 21 -22.26 -19.62 13.76
C LEU B 21 -21.08 -18.97 13.07
N ALA B 22 -20.15 -18.40 13.85
CA ALA B 22 -18.97 -17.79 13.25
C ALA B 22 -18.15 -18.84 12.50
N GLY B 23 -17.95 -20.02 13.10
CA GLY B 23 -17.18 -21.05 12.43
C GLY B 23 -17.84 -21.56 11.16
N GLY B 24 -19.16 -21.74 11.20
CA GLY B 24 -19.86 -22.19 9.99
C GLY B 24 -19.81 -21.17 8.88
N LEU B 25 -20.03 -19.90 9.21
CA LEU B 25 -19.93 -18.86 8.20
C LEU B 25 -18.52 -18.79 7.62
N SER B 26 -17.50 -18.89 8.49
CA SER B 26 -16.12 -18.86 8.01
C SER B 26 -15.81 -20.04 7.11
N ILE B 27 -16.30 -21.23 7.46
CA ILE B 27 -16.12 -22.39 6.59
C ILE B 27 -16.79 -22.14 5.25
N LEU B 28 -17.94 -21.48 5.27
CA LEU B 28 -18.61 -21.13 4.01
C LEU B 28 -17.85 -20.07 3.23
N LYS B 29 -16.98 -19.30 3.87
CA LYS B 29 -16.28 -18.20 3.22
C LYS B 29 -14.77 -18.36 3.21
N LEU B 30 -14.23 -19.56 3.46
CA LEU B 30 -12.78 -19.68 3.50
C LEU B 30 -12.24 -20.18 2.15
N PRO B 31 -11.11 -19.66 1.70
CA PRO B 31 -10.49 -20.20 0.48
C PRO B 31 -9.97 -21.61 0.69
N VAL B 32 -9.92 -22.38 -0.38
CA VAL B 32 -9.37 -23.72 -0.38
C VAL B 32 -8.26 -23.77 -1.42
N ALA B 33 -7.08 -24.22 -1.00
CA ALA B 33 -5.94 -24.36 -1.88
C ALA B 33 -5.07 -25.48 -1.36
N GLN B 34 -4.24 -26.04 -2.24
CA GLN B 34 -3.37 -27.13 -1.82
C GLN B 34 -2.36 -26.67 -0.79
N TYR B 35 -1.67 -25.57 -1.06
CA TYR B 35 -0.69 -25.00 -0.17
C TYR B 35 -0.84 -23.49 -0.17
N PRO B 36 -0.37 -22.81 0.87
CA PRO B 36 -0.38 -21.35 0.87
C PRO B 36 0.85 -20.79 0.17
N THR B 37 1.04 -19.47 0.24
CA THR B 37 2.24 -18.85 -0.30
C THR B 37 3.43 -19.20 0.59
N ILE B 38 4.34 -20.00 0.06
CA ILE B 38 5.52 -20.45 0.81
C ILE B 38 6.79 -19.77 0.28
N ALA B 39 7.05 -19.87 -1.03
CA ALA B 39 8.28 -19.35 -1.58
C ALA B 39 8.28 -17.82 -1.56
N PRO B 40 9.46 -17.20 -1.51
CA PRO B 40 9.51 -15.74 -1.51
C PRO B 40 9.03 -15.17 -2.83
N PRO B 41 8.47 -13.96 -2.83
CA PRO B 41 8.01 -13.38 -4.09
C PRO B 41 9.14 -13.19 -5.07
N ALA B 42 8.98 -13.74 -6.26
CA ALA B 42 9.97 -13.63 -7.33
C ALA B 42 9.30 -13.07 -8.58
N ILE B 43 9.84 -11.98 -9.10
CA ILE B 43 9.33 -11.31 -10.30
C ILE B 43 10.30 -11.60 -11.43
N SER B 44 9.78 -12.07 -12.56
CA SER B 44 10.59 -12.47 -13.70
C SER B 44 10.36 -11.53 -14.87
N ILE B 45 11.45 -11.07 -15.48
CA ILE B 45 11.41 -10.21 -16.66
C ILE B 45 11.85 -11.04 -17.85
N THR B 46 11.03 -11.09 -18.88
CA THR B 46 11.32 -11.86 -20.09
C THR B 46 11.35 -10.93 -21.29
N ALA B 47 12.45 -10.98 -22.05
CA ALA B 47 12.63 -10.17 -23.24
C ALA B 47 13.09 -11.05 -24.38
N MET B 48 12.45 -10.93 -25.53
CA MET B 48 12.71 -11.77 -26.69
C MET B 48 13.35 -10.93 -27.79
N TYR B 49 14.49 -11.40 -28.30
CA TYR B 49 15.25 -10.71 -29.33
C TYR B 49 15.51 -11.70 -30.45
N PRO B 50 14.56 -11.86 -31.38
CA PRO B 50 14.59 -13.00 -32.29
C PRO B 50 15.87 -13.08 -33.11
N GLY B 51 16.36 -14.30 -33.29
CA GLY B 51 17.53 -14.56 -34.10
C GLY B 51 18.85 -14.37 -33.41
N ALA B 52 18.86 -13.95 -32.15
CA ALA B 52 20.10 -13.62 -31.46
C ALA B 52 20.66 -14.84 -30.74
N ASP B 53 21.94 -14.77 -30.40
CA ASP B 53 22.62 -15.80 -29.64
C ASP B 53 22.66 -15.38 -28.16
N ALA B 54 23.45 -16.10 -27.37
CA ALA B 54 23.50 -15.81 -25.94
C ALA B 54 24.27 -14.52 -25.65
N GLU B 55 25.42 -14.33 -26.32
CA GLU B 55 26.20 -13.12 -26.09
C GLU B 55 25.45 -11.88 -26.53
N THR B 56 24.79 -11.93 -27.69
CA THR B 56 24.03 -10.79 -28.16
C THR B 56 22.95 -10.41 -27.15
N VAL B 57 22.21 -11.41 -26.67
CA VAL B 57 21.14 -11.15 -25.71
C VAL B 57 21.71 -10.57 -24.43
N GLN B 58 22.77 -11.17 -23.91
CA GLN B 58 23.33 -10.69 -22.65
C GLN B 58 23.85 -9.27 -22.78
N ASN B 59 24.51 -8.95 -23.88
CA ASN B 59 25.13 -7.65 -24.05
C ASN B 59 24.10 -6.56 -24.33
N THR B 60 23.08 -6.84 -25.13
CA THR B 60 22.15 -5.81 -25.55
C THR B 60 20.90 -5.70 -24.68
N VAL B 61 20.54 -6.74 -23.93
CA VAL B 61 19.29 -6.73 -23.19
C VAL B 61 19.54 -6.93 -21.71
N THR B 62 20.09 -8.08 -21.32
CA THR B 62 20.17 -8.42 -19.90
C THR B 62 21.09 -7.47 -19.17
N GLN B 63 22.23 -7.10 -19.76
CA GLN B 63 23.14 -6.18 -19.08
C GLN B 63 22.50 -4.82 -18.90
N VAL B 64 21.78 -4.34 -19.92
CA VAL B 64 21.16 -3.01 -19.83
C VAL B 64 20.05 -3.01 -18.79
N ILE B 65 19.27 -4.08 -18.70
CA ILE B 65 18.20 -4.14 -17.70
C ILE B 65 18.78 -4.27 -16.31
N GLU B 66 19.85 -5.05 -16.15
CA GLU B 66 20.43 -5.28 -14.84
C GLU B 66 21.11 -4.04 -14.29
N GLN B 67 21.54 -3.11 -15.14
CA GLN B 67 22.19 -1.89 -14.69
C GLN B 67 21.19 -0.83 -14.24
N ASN B 68 19.90 -1.04 -14.47
CA ASN B 68 18.88 -0.05 -14.17
C ASN B 68 17.86 -0.57 -13.15
N MET B 69 18.20 -1.61 -12.39
CA MET B 69 17.32 -2.15 -11.37
C MET B 69 17.70 -1.59 -9.99
N ASN B 70 17.58 -0.28 -9.85
CA ASN B 70 17.89 0.42 -8.62
C ASN B 70 16.62 0.80 -7.89
N GLY B 71 16.74 0.97 -6.57
CA GLY B 71 15.64 1.49 -5.79
C GLY B 71 14.41 0.60 -5.79
N ILE B 72 14.59 -0.71 -5.70
CA ILE B 72 13.51 -1.67 -5.53
C ILE B 72 13.64 -2.23 -4.12
N ASP B 73 12.57 -2.12 -3.34
CA ASP B 73 12.62 -2.43 -1.92
C ASP B 73 12.57 -3.92 -1.66
N HIS B 74 13.31 -4.37 -0.64
CA HIS B 74 13.25 -5.74 -0.16
C HIS B 74 13.64 -6.72 -1.27
N LEU B 75 14.81 -6.50 -1.84
CA LEU B 75 15.37 -7.38 -2.87
C LEU B 75 16.43 -8.25 -2.22
N MET B 76 16.28 -9.57 -2.35
CA MET B 76 17.24 -10.51 -1.78
C MET B 76 18.40 -10.75 -2.75
N TYR B 77 18.10 -11.23 -3.95
CA TYR B 77 19.12 -11.43 -4.97
C TYR B 77 18.46 -11.34 -6.34
N MET B 78 19.29 -11.32 -7.37
CA MET B 78 18.84 -11.19 -8.75
C MET B 78 19.67 -12.12 -9.63
N SER B 79 19.00 -12.83 -10.53
CA SER B 79 19.67 -13.75 -11.44
C SER B 79 19.06 -13.60 -12.82
N SER B 80 19.84 -13.97 -13.83
CA SER B 80 19.41 -13.84 -15.21
C SER B 80 20.19 -14.82 -16.08
N ASN B 81 19.71 -15.01 -17.30
CA ASN B 81 20.38 -15.88 -18.24
C ASN B 81 19.76 -15.69 -19.62
N GLY B 82 20.61 -15.57 -20.63
CA GLY B 82 20.15 -15.40 -22.00
C GLY B 82 20.60 -16.52 -22.90
N ASP B 83 19.66 -17.29 -23.43
CA ASP B 83 19.96 -18.49 -24.19
C ASP B 83 19.95 -18.21 -25.68
N SER B 84 20.42 -19.21 -26.44
CA SER B 84 20.64 -19.05 -27.86
C SER B 84 19.36 -18.86 -28.66
N THR B 85 18.20 -19.11 -28.07
CA THR B 85 16.94 -18.87 -28.78
C THR B 85 16.61 -17.39 -28.88
N GLY B 86 17.34 -16.53 -28.18
CA GLY B 86 17.07 -15.11 -28.17
C GLY B 86 16.26 -14.62 -27.00
N THR B 87 16.08 -15.44 -25.96
CA THR B 87 15.27 -15.08 -24.82
C THR B 87 16.14 -14.70 -23.64
N ALA B 88 15.84 -13.57 -23.00
CA ALA B 88 16.52 -13.11 -21.81
C ALA B 88 15.56 -13.17 -20.63
N THR B 89 15.97 -13.83 -19.57
CA THR B 89 15.17 -13.94 -18.36
C THR B 89 15.93 -13.31 -17.21
N ILE B 90 15.25 -12.46 -16.44
CA ILE B 90 15.82 -11.82 -15.26
C ILE B 90 14.84 -12.01 -14.13
N THR B 91 15.27 -12.67 -13.06
CA THR B 91 14.41 -13.00 -11.93
C THR B 91 14.87 -12.22 -10.70
N LEU B 92 13.95 -11.50 -10.07
CA LEU B 92 14.23 -10.70 -8.89
C LEU B 92 13.48 -11.31 -7.71
N THR B 93 14.21 -11.91 -6.78
CA THR B 93 13.63 -12.54 -5.60
C THR B 93 13.63 -11.57 -4.44
N PHE B 94 12.48 -11.42 -3.79
CA PHE B 94 12.28 -10.45 -2.73
C PHE B 94 12.11 -11.14 -1.39
N GLU B 95 12.33 -10.38 -0.33
CA GLU B 95 12.23 -10.95 1.02
C GLU B 95 10.82 -11.44 1.29
N SER B 96 10.72 -12.51 2.07
CA SER B 96 9.42 -13.08 2.39
C SER B 96 8.56 -12.06 3.10
N GLY B 97 7.27 -12.06 2.76
CA GLY B 97 6.33 -11.09 3.30
C GLY B 97 6.19 -9.84 2.47
N THR B 98 7.04 -9.65 1.45
CA THR B 98 6.92 -8.49 0.57
C THR B 98 5.62 -8.56 -0.20
N ASP B 99 5.06 -7.40 -0.49
CA ASP B 99 3.82 -7.33 -1.25
C ASP B 99 4.11 -7.68 -2.69
N PRO B 100 3.55 -8.76 -3.25
CA PRO B 100 3.85 -9.10 -4.64
C PRO B 100 3.44 -8.02 -5.64
N ASP B 101 2.31 -7.34 -5.39
CA ASP B 101 1.87 -6.31 -6.33
C ASP B 101 2.80 -5.11 -6.32
N ILE B 102 3.21 -4.66 -5.13
CA ILE B 102 4.11 -3.52 -5.05
C ILE B 102 5.45 -3.86 -5.67
N ALA B 103 5.96 -5.07 -5.39
CA ALA B 103 7.24 -5.49 -5.99
C ALA B 103 7.13 -5.52 -7.51
N GLN B 104 6.05 -6.09 -8.03
CA GLN B 104 5.91 -6.18 -9.48
C GLN B 104 5.80 -4.82 -10.12
N VAL B 105 5.04 -3.90 -9.50
CA VAL B 105 4.88 -2.58 -10.10
C VAL B 105 6.19 -1.81 -10.05
N GLN B 106 6.96 -1.97 -8.96
CA GLN B 106 8.26 -1.31 -8.90
C GLN B 106 9.20 -1.82 -9.98
N VAL B 107 9.24 -3.14 -10.18
CA VAL B 107 10.07 -3.70 -11.25
C VAL B 107 9.60 -3.20 -12.60
N GLN B 108 8.29 -3.15 -12.81
CA GLN B 108 7.75 -2.70 -14.10
C GLN B 108 8.09 -1.24 -14.35
N ASN B 109 8.03 -0.41 -13.32
CA ASN B 109 8.36 1.01 -13.47
C ASN B 109 9.82 1.19 -13.84
N LYS B 110 10.72 0.47 -13.14
CA LYS B 110 12.13 0.57 -13.47
C LYS B 110 12.40 0.10 -14.90
N LEU B 111 11.75 -0.99 -15.31
CA LEU B 111 11.95 -1.51 -16.66
C LEU B 111 11.36 -0.58 -17.71
N ALA B 112 10.26 0.10 -17.39
CA ALA B 112 9.68 1.06 -18.32
C ALA B 112 10.60 2.25 -18.50
N LEU B 113 11.30 2.64 -17.44
CA LEU B 113 12.33 3.67 -17.60
C LEU B 113 13.52 3.17 -18.40
N ALA B 114 13.88 1.90 -18.24
CA ALA B 114 15.06 1.33 -18.88
C ALA B 114 14.76 0.65 -20.21
N THR B 115 13.57 0.85 -20.78
CA THR B 115 13.20 0.21 -22.03
C THR B 115 13.75 0.97 -23.23
N PRO B 116 13.71 2.30 -23.26
CA PRO B 116 14.24 3.03 -24.42
C PRO B 116 15.70 2.73 -24.73
N LEU B 117 16.43 2.07 -23.83
CA LEU B 117 17.81 1.72 -24.06
C LEU B 117 17.99 0.39 -24.78
N LEU B 118 16.94 -0.43 -24.87
CA LEU B 118 17.05 -1.75 -25.47
C LEU B 118 16.96 -1.66 -26.99
N PRO B 119 17.39 -2.70 -27.69
CA PRO B 119 17.29 -2.68 -29.16
C PRO B 119 15.86 -2.53 -29.62
N GLN B 120 15.69 -1.92 -30.79
CA GLN B 120 14.34 -1.69 -31.30
C GLN B 120 13.57 -2.99 -31.46
N GLU B 121 14.26 -4.09 -31.78
CA GLU B 121 13.58 -5.37 -31.93
C GLU B 121 13.04 -5.87 -30.60
N VAL B 122 13.81 -5.72 -29.53
CA VAL B 122 13.34 -6.13 -28.21
C VAL B 122 12.16 -5.28 -27.79
N GLN B 123 12.25 -3.96 -27.99
CA GLN B 123 11.14 -3.09 -27.63
C GLN B 123 9.89 -3.45 -28.43
N GLN B 124 10.06 -3.74 -29.71
CA GLN B 124 8.92 -4.09 -30.56
C GLN B 124 8.30 -5.41 -30.14
N GLN B 125 9.11 -6.38 -29.73
CA GLN B 125 8.56 -7.63 -29.23
C GLN B 125 7.77 -7.42 -27.94
N GLY B 126 8.32 -6.65 -27.01
CA GLY B 126 7.69 -6.42 -25.73
C GLY B 126 8.36 -7.18 -24.61
N ILE B 127 8.52 -6.53 -23.46
CA ILE B 127 9.15 -7.12 -22.29
C ILE B 127 8.06 -7.42 -21.27
N SER B 128 8.03 -8.65 -20.77
CA SER B 128 6.98 -9.11 -19.86
C SER B 128 7.53 -9.21 -18.45
N VAL B 129 6.85 -8.54 -17.51
CA VAL B 129 7.12 -8.67 -16.08
C VAL B 129 5.94 -9.36 -15.44
N GLU B 130 6.22 -10.37 -14.63
CA GLU B 130 5.14 -11.20 -14.08
C GLU B 130 5.67 -11.96 -12.88
N LYS B 131 4.73 -12.41 -12.05
CA LYS B 131 5.09 -13.18 -10.86
C LYS B 131 5.53 -14.58 -11.26
N ALA B 132 6.70 -14.99 -10.77
CA ALA B 132 7.25 -16.30 -11.09
C ALA B 132 7.09 -17.32 -9.98
N SER B 133 6.64 -16.89 -8.79
CA SER B 133 6.48 -17.79 -7.66
C SER B 133 5.13 -18.48 -7.63
N SER B 134 4.26 -18.21 -8.60
CA SER B 134 2.94 -18.81 -8.65
C SER B 134 2.99 -20.15 -9.37
N SER B 135 1.91 -20.91 -9.23
CA SER B 135 1.81 -22.26 -9.79
C SER B 135 0.49 -22.42 -10.52
N PHE B 136 0.47 -23.34 -11.48
CA PHE B 136 -0.71 -23.57 -12.30
C PHE B 136 -1.70 -24.47 -11.57
N LEU B 137 -2.93 -24.00 -11.43
CA LEU B 137 -3.98 -24.84 -10.86
C LEU B 137 -4.24 -26.05 -11.75
N MET B 138 -4.34 -25.84 -13.06
CA MET B 138 -4.53 -26.93 -14.00
C MET B 138 -4.03 -26.50 -15.36
N VAL B 139 -3.76 -27.48 -16.21
CA VAL B 139 -3.35 -27.26 -17.60
C VAL B 139 -4.37 -27.95 -18.48
N VAL B 140 -4.99 -27.19 -19.38
CA VAL B 140 -6.04 -27.69 -20.24
C VAL B 140 -5.43 -27.83 -21.64
N GLY B 141 -5.12 -29.06 -22.03
CA GLY B 141 -4.57 -29.31 -23.35
C GLY B 141 -5.67 -29.61 -24.35
N VAL B 142 -5.53 -29.02 -25.53
CA VAL B 142 -6.51 -29.17 -26.62
C VAL B 142 -5.81 -29.85 -27.78
N ILE B 143 -6.36 -30.98 -28.22
CA ILE B 143 -5.69 -31.82 -29.20
C ILE B 143 -6.52 -31.91 -30.48
N ASN B 144 -6.01 -32.63 -31.47
CA ASN B 144 -6.74 -32.96 -32.68
C ASN B 144 -6.73 -34.46 -32.89
N THR B 145 -7.92 -35.05 -33.01
CA THR B 145 -8.05 -36.49 -33.20
C THR B 145 -8.03 -36.89 -34.68
N ASN B 146 -8.75 -36.15 -35.52
CA ASN B 146 -8.76 -36.48 -36.94
C ASN B 146 -7.37 -36.33 -37.55
N GLY B 147 -6.66 -35.27 -37.20
CA GLY B 147 -5.34 -35.02 -37.75
C GLY B 147 -5.39 -34.13 -38.97
N THR B 148 -6.29 -33.14 -38.96
CA THR B 148 -6.45 -32.23 -40.08
C THR B 148 -5.60 -30.98 -39.92
N MET B 149 -5.68 -30.33 -38.76
CA MET B 149 -4.99 -29.07 -38.51
C MET B 149 -3.91 -29.26 -37.46
N ASN B 150 -2.78 -28.59 -37.67
CA ASN B 150 -1.60 -28.75 -36.83
C ASN B 150 -1.74 -27.94 -35.54
N GLN B 151 -0.64 -27.79 -34.80
CA GLN B 151 -0.70 -27.13 -33.51
C GLN B 151 -0.84 -25.62 -33.61
N ASP B 152 -0.39 -25.01 -34.71
CA ASP B 152 -0.57 -23.58 -34.88
C ASP B 152 -2.05 -23.23 -34.99
N ASP B 153 -2.81 -24.04 -35.73
CA ASP B 153 -4.24 -23.81 -35.85
C ASP B 153 -4.95 -23.98 -34.52
N ILE B 154 -4.56 -24.99 -33.75
CA ILE B 154 -5.18 -25.21 -32.44
C ILE B 154 -4.84 -24.06 -31.50
N SER B 155 -3.59 -23.60 -31.51
CA SER B 155 -3.22 -22.46 -30.67
C SER B 155 -4.00 -21.21 -31.06
N ASP B 156 -4.16 -20.98 -32.37
CA ASP B 156 -4.95 -19.84 -32.81
C ASP B 156 -6.39 -19.96 -32.35
N TYR B 157 -6.97 -21.16 -32.45
CA TYR B 157 -8.35 -21.36 -32.05
C TYR B 157 -8.52 -21.10 -30.56
N VAL B 158 -7.62 -21.64 -29.73
CA VAL B 158 -7.75 -21.43 -28.30
C VAL B 158 -7.61 -19.95 -27.96
N ALA B 159 -6.64 -19.28 -28.60
CA ALA B 159 -6.46 -17.84 -28.35
C ALA B 159 -7.70 -17.05 -28.74
N ALA B 160 -8.29 -17.38 -29.89
CA ALA B 160 -9.40 -16.58 -30.39
C ALA B 160 -10.68 -16.82 -29.61
N ASN B 161 -10.99 -18.07 -29.29
CA ASN B 161 -12.27 -18.43 -28.70
C ASN B 161 -12.19 -18.84 -27.25
N MET B 162 -11.27 -19.73 -26.88
CA MET B 162 -11.31 -20.37 -25.57
C MET B 162 -10.68 -19.53 -24.46
N LYS B 163 -9.91 -18.49 -24.79
CA LYS B 163 -9.24 -17.74 -23.73
C LYS B 163 -10.20 -16.81 -23.00
N ASP B 164 -11.13 -16.17 -23.71
CA ASP B 164 -12.01 -15.21 -23.06
C ASP B 164 -12.94 -15.89 -22.06
N PRO B 165 -13.71 -16.93 -22.42
CA PRO B 165 -14.57 -17.57 -21.42
C PRO B 165 -13.82 -18.14 -20.24
N ILE B 166 -12.64 -18.71 -20.47
CA ILE B 166 -11.87 -19.26 -19.36
C ILE B 166 -11.35 -18.15 -18.46
N SER B 167 -10.98 -17.01 -19.07
CA SER B 167 -10.46 -15.90 -18.28
C SER B 167 -11.54 -15.26 -17.43
N ARG B 168 -12.75 -15.12 -17.98
CA ARG B 168 -13.83 -14.49 -17.24
C ARG B 168 -14.55 -15.44 -16.31
N THR B 169 -14.17 -16.72 -16.29
CA THR B 169 -14.74 -17.65 -15.32
C THR B 169 -14.39 -17.22 -13.91
N SER B 170 -15.32 -17.45 -12.98
CA SER B 170 -15.11 -17.03 -11.61
C SER B 170 -13.93 -17.75 -10.99
N GLY B 171 -13.05 -17.00 -10.33
CA GLY B 171 -11.95 -17.56 -9.60
C GLY B 171 -10.69 -17.79 -10.40
N VAL B 172 -10.73 -17.59 -11.71
CA VAL B 172 -9.57 -17.78 -12.57
C VAL B 172 -8.78 -16.47 -12.53
N GLY B 173 -7.69 -16.46 -11.77
CA GLY B 173 -6.91 -15.25 -11.61
C GLY B 173 -5.96 -14.94 -12.73
N ASP B 174 -5.72 -15.89 -13.62
CA ASP B 174 -4.80 -15.67 -14.73
C ASP B 174 -4.87 -16.88 -15.66
N VAL B 175 -4.80 -16.62 -16.96
CA VAL B 175 -4.81 -17.66 -17.98
C VAL B 175 -3.63 -17.42 -18.91
N GLN B 176 -2.78 -18.42 -19.03
CA GLN B 176 -1.59 -18.34 -19.88
C GLN B 176 -1.73 -19.36 -21.00
N LEU B 177 -1.58 -18.90 -22.23
CA LEU B 177 -1.77 -19.75 -23.40
C LEU B 177 -0.41 -20.30 -23.83
N PHE B 178 -0.31 -21.63 -23.89
CA PHE B 178 0.91 -22.30 -24.36
C PHE B 178 0.86 -22.32 -25.89
N GLY B 179 1.51 -21.33 -26.50
CA GLY B 179 1.45 -21.16 -27.94
C GLY B 179 1.24 -19.71 -28.29
N SER B 180 0.57 -19.45 -29.41
CA SER B 180 0.31 -18.09 -29.84
C SER B 180 -0.58 -18.13 -31.08
N GLN B 181 -1.26 -17.01 -31.32
CA GLN B 181 -2.18 -16.92 -32.44
C GLN B 181 -1.40 -16.94 -33.75
N TYR B 182 -2.12 -16.82 -34.87
CA TYR B 182 -1.48 -16.87 -36.17
C TYR B 182 -0.51 -15.71 -36.35
N ALA B 183 0.15 -15.72 -37.51
CA ALA B 183 1.02 -14.64 -37.95
C ALA B 183 1.26 -14.81 -39.44
N MET B 184 1.19 -13.73 -40.21
CA MET B 184 1.43 -13.83 -41.64
C MET B 184 2.89 -14.13 -41.87
N ARG B 185 3.19 -15.37 -42.26
CA ARG B 185 4.56 -15.82 -42.45
C ARG B 185 4.91 -15.71 -43.92
N ILE B 186 5.99 -14.98 -44.21
CA ILE B 186 6.49 -14.80 -45.57
C ILE B 186 7.81 -15.54 -45.67
N TRP B 187 7.88 -16.50 -46.60
CA TRP B 187 9.05 -17.35 -46.78
C TRP B 187 9.77 -16.93 -48.05
N MET B 188 10.87 -16.22 -47.91
CA MET B 188 11.59 -15.66 -49.05
C MET B 188 12.38 -16.74 -49.77
N ASP B 189 12.70 -16.47 -51.02
CA ASP B 189 13.47 -17.38 -51.87
C ASP B 189 14.67 -16.62 -52.42
N PRO B 190 15.91 -16.95 -52.01
CA PRO B 190 17.05 -16.16 -52.48
C PRO B 190 17.22 -16.18 -53.99
N ASN B 191 16.93 -17.32 -54.64
CA ASN B 191 17.09 -17.40 -56.08
C ASN B 191 16.17 -16.41 -56.78
N LYS B 192 14.90 -16.35 -56.36
CA LYS B 192 13.96 -15.42 -56.98
C LYS B 192 14.31 -13.97 -56.64
N LEU B 193 14.74 -13.71 -55.40
CA LEU B 193 15.11 -12.35 -55.03
C LEU B 193 16.26 -11.86 -55.90
N ASN B 194 17.29 -12.70 -56.09
CA ASN B 194 18.40 -12.32 -56.97
C ASN B 194 17.95 -12.24 -58.42
N ASN B 195 16.94 -13.02 -58.80
CA ASN B 195 16.47 -12.97 -60.18
C ASN B 195 15.99 -11.57 -60.55
N PHE B 196 15.26 -10.93 -59.66
CA PHE B 196 14.73 -9.59 -59.88
C PHE B 196 15.60 -8.51 -59.25
N GLN B 197 16.80 -8.86 -58.78
CA GLN B 197 17.72 -7.91 -58.17
C GLN B 197 17.07 -7.18 -57.00
N LEU B 198 16.56 -7.98 -56.07
CA LEU B 198 15.93 -7.48 -54.85
C LEU B 198 16.68 -8.03 -53.63
N THR B 199 16.32 -7.51 -52.47
CA THR B 199 16.97 -7.82 -51.21
C THR B 199 15.90 -7.91 -50.14
N PRO B 200 16.16 -8.64 -49.04
CA PRO B 200 15.21 -8.60 -47.92
C PRO B 200 14.99 -7.20 -47.38
N VAL B 201 15.96 -6.29 -47.56
CA VAL B 201 15.74 -4.90 -47.19
C VAL B 201 14.58 -4.31 -47.99
N ASP B 202 14.52 -4.59 -49.29
CA ASP B 202 13.44 -4.10 -50.11
C ASP B 202 12.08 -4.68 -49.70
N VAL B 203 12.02 -5.97 -49.37
CA VAL B 203 10.79 -6.55 -48.87
C VAL B 203 10.36 -5.94 -47.54
N ILE B 204 11.31 -5.72 -46.61
CA ILE B 204 10.96 -5.08 -45.35
C ILE B 204 10.43 -3.68 -45.60
N SER B 205 11.08 -2.91 -46.45
CA SER B 205 10.64 -1.55 -46.75
C SER B 205 9.30 -1.49 -47.44
N ALA B 206 9.00 -2.45 -48.32
CA ALA B 206 7.72 -2.44 -49.01
C ALA B 206 6.61 -3.04 -48.15
N LEU B 207 6.96 -3.75 -47.08
CA LEU B 207 5.93 -4.27 -46.19
C LEU B 207 5.64 -3.29 -45.06
N LYS B 208 6.62 -2.50 -44.65
CA LYS B 208 6.37 -1.52 -43.59
C LYS B 208 5.35 -0.48 -44.03
N ALA B 209 5.41 -0.03 -45.27
CA ALA B 209 4.51 1.01 -45.75
C ALA B 209 3.06 0.58 -45.62
N GLN B 210 2.67 -0.46 -46.36
CA GLN B 210 1.28 -0.87 -46.42
C GLN B 210 0.74 -1.25 -45.04
N ASN B 211 -0.59 -1.23 -44.90
CA ASN B 211 -1.25 -1.62 -43.66
C ASN B 211 -0.99 -0.60 -42.56
N ALA B 212 -1.07 0.68 -42.89
CA ALA B 212 -0.95 1.77 -41.93
C ALA B 212 -2.31 2.41 -41.71
N GLN B 213 -2.41 3.17 -40.63
CA GLN B 213 -3.66 3.84 -40.26
C GLN B 213 -3.52 5.34 -40.51
N VAL B 214 -4.50 5.91 -41.19
CA VAL B 214 -4.49 7.33 -41.53
C VAL B 214 -5.54 8.04 -40.69
N ALA B 215 -5.13 9.08 -39.98
CA ALA B 215 -6.06 9.96 -39.28
C ALA B 215 -6.73 10.87 -40.32
N ALA B 216 -7.57 10.24 -41.15
CA ALA B 216 -8.14 10.93 -42.29
C ALA B 216 -8.88 12.20 -41.89
N GLY B 217 -9.18 12.39 -40.62
CA GLY B 217 -9.82 13.60 -40.17
C GLY B 217 -11.32 13.49 -40.10
N GLN B 218 -12.02 14.51 -40.57
CA GLN B 218 -13.46 14.55 -40.47
C GLN B 218 -14.01 15.47 -41.55
N LEU B 219 -15.15 15.09 -42.12
CA LEU B 219 -15.78 15.86 -43.19
C LEU B 219 -16.72 16.87 -42.56
N GLY B 220 -16.35 18.15 -42.60
CA GLY B 220 -17.10 19.17 -41.92
C GLY B 220 -16.68 19.39 -40.48
N GLY B 221 -15.53 18.90 -40.07
CA GLY B 221 -15.11 19.03 -38.70
C GLY B 221 -14.74 20.45 -38.34
N THR B 222 -14.70 20.70 -37.03
CA THR B 222 -14.45 22.05 -36.55
C THR B 222 -12.99 22.44 -36.77
N PRO B 223 -12.71 23.72 -37.00
CA PRO B 223 -13.66 24.84 -37.05
C PRO B 223 -14.45 24.84 -38.36
N PRO B 224 -15.78 24.77 -38.29
CA PRO B 224 -16.56 24.64 -39.52
C PRO B 224 -16.62 25.94 -40.30
N VAL B 225 -17.37 25.94 -41.39
CA VAL B 225 -17.64 27.14 -42.17
C VAL B 225 -19.10 27.51 -41.95
N LYS B 226 -19.35 28.80 -41.75
CA LYS B 226 -20.71 29.24 -41.43
C LYS B 226 -21.70 28.74 -42.46
N GLY B 227 -22.61 27.86 -42.04
CA GLY B 227 -23.59 27.27 -42.93
C GLY B 227 -23.40 25.79 -43.18
N GLN B 228 -22.43 25.15 -42.54
CA GLN B 228 -22.23 23.72 -42.73
C GLN B 228 -23.40 22.94 -42.14
N GLN B 229 -23.83 21.91 -42.85
CA GLN B 229 -24.98 21.12 -42.46
C GLN B 229 -24.67 19.66 -42.19
N LEU B 230 -23.69 19.06 -42.87
CA LEU B 230 -23.36 17.66 -42.71
C LEU B 230 -21.98 17.51 -42.10
N ASN B 231 -21.87 16.68 -41.07
CA ASN B 231 -20.62 16.34 -40.43
C ASN B 231 -20.45 14.83 -40.46
N ALA B 232 -19.38 14.36 -41.08
CA ALA B 232 -19.13 12.94 -41.25
C ALA B 232 -17.67 12.64 -40.98
N SER B 233 -17.40 11.41 -40.58
CA SER B 233 -16.05 10.96 -40.29
C SER B 233 -15.50 10.22 -41.51
N ILE B 234 -14.30 10.58 -41.91
CA ILE B 234 -13.66 9.98 -43.08
C ILE B 234 -12.90 8.73 -42.62
N ILE B 235 -13.11 7.63 -43.34
CA ILE B 235 -12.46 6.37 -43.04
C ILE B 235 -11.61 5.99 -44.24
N ALA B 236 -10.30 6.17 -44.13
CA ALA B 236 -9.35 5.76 -45.15
C ALA B 236 -8.57 4.56 -44.60
N GLN B 237 -8.83 3.37 -45.14
CA GLN B 237 -8.23 2.13 -44.66
C GLN B 237 -7.63 1.39 -45.85
N THR B 238 -6.35 1.58 -46.09
CA THR B 238 -5.60 0.82 -47.08
C THR B 238 -4.96 -0.42 -46.45
N ARG B 239 -5.79 -1.24 -45.80
CA ARG B 239 -5.31 -2.34 -44.98
C ARG B 239 -5.23 -3.63 -45.78
N LEU B 240 -4.38 -4.54 -45.30
CA LEU B 240 -4.21 -5.87 -45.87
C LEU B 240 -4.60 -6.89 -44.82
N THR B 241 -5.42 -7.88 -45.21
CA THR B 241 -5.92 -8.88 -44.28
C THR B 241 -5.81 -10.30 -44.77
N ASN B 242 -5.74 -10.54 -46.08
CA ASN B 242 -5.66 -11.89 -46.64
C ASN B 242 -4.26 -12.16 -47.15
N THR B 243 -3.97 -13.45 -47.34
CA THR B 243 -2.69 -13.83 -47.92
C THR B 243 -2.59 -13.38 -49.37
N GLU B 244 -3.71 -13.41 -50.11
CA GLU B 244 -3.71 -12.93 -51.49
C GLU B 244 -3.37 -11.45 -51.56
N GLU B 245 -3.92 -10.66 -50.64
CA GLU B 245 -3.61 -9.23 -50.62
C GLU B 245 -2.13 -9.00 -50.33
N PHE B 246 -1.55 -9.77 -49.41
CA PHE B 246 -0.13 -9.64 -49.13
C PHE B 246 0.71 -10.04 -50.33
N GLY B 247 0.29 -11.07 -51.06
CA GLY B 247 1.00 -11.47 -52.26
C GLY B 247 0.93 -10.45 -53.37
N ASN B 248 0.02 -9.49 -53.28
CA ASN B 248 -0.15 -8.46 -54.29
C ASN B 248 0.69 -7.22 -54.03
N ILE B 249 1.44 -7.19 -52.94
CA ILE B 249 2.32 -6.05 -52.68
C ILE B 249 3.32 -5.93 -53.82
N LEU B 250 3.58 -4.70 -54.24
CA LEU B 250 4.47 -4.43 -55.36
C LEU B 250 5.85 -4.01 -54.84
N LEU B 251 6.88 -4.72 -55.28
CA LEU B 251 8.25 -4.45 -54.86
C LEU B 251 9.10 -3.80 -55.94
N LYS B 252 8.79 -4.03 -57.22
CA LYS B 252 9.62 -3.51 -58.29
C LYS B 252 8.79 -3.47 -59.57
N VAL B 253 9.21 -2.63 -60.50
CA VAL B 253 8.64 -2.55 -61.83
C VAL B 253 9.79 -2.57 -62.81
N ASN B 254 9.96 -3.68 -63.53
CA ASN B 254 11.10 -3.86 -64.41
C ASN B 254 11.09 -2.80 -65.52
N GLN B 255 12.16 -2.80 -66.30
CA GLN B 255 12.29 -1.81 -67.37
C GLN B 255 11.16 -1.92 -68.37
N ASP B 256 10.77 -3.15 -68.73
CA ASP B 256 9.71 -3.35 -69.70
C ASP B 256 8.35 -2.90 -69.18
N GLY B 257 8.23 -2.63 -67.89
CA GLY B 257 6.97 -2.21 -67.29
C GLY B 257 6.29 -3.27 -66.46
N SER B 258 6.74 -4.52 -66.51
CA SER B 258 6.13 -5.59 -65.74
C SER B 258 6.31 -5.33 -64.25
N GLN B 259 5.33 -5.78 -63.47
CA GLN B 259 5.31 -5.58 -62.02
C GLN B 259 5.78 -6.85 -61.33
N VAL B 260 6.64 -6.68 -60.33
CA VAL B 260 7.14 -7.79 -59.53
C VAL B 260 6.40 -7.72 -58.18
N ARG B 261 5.41 -8.59 -58.01
CA ARG B 261 4.66 -8.66 -56.78
C ARG B 261 5.42 -9.46 -55.74
N LEU B 262 4.97 -9.38 -54.49
CA LEU B 262 5.62 -10.11 -53.41
C LEU B 262 5.54 -11.61 -53.63
N ARG B 263 4.40 -12.10 -54.13
CA ARG B 263 4.23 -13.52 -54.33
C ARG B 263 5.21 -14.08 -55.36
N ASP B 264 5.85 -13.22 -56.15
CA ASP B 264 6.82 -13.66 -57.13
C ASP B 264 8.17 -13.98 -56.51
N VAL B 265 8.43 -13.57 -55.27
CA VAL B 265 9.72 -13.80 -54.63
C VAL B 265 9.54 -14.36 -53.23
N ALA B 266 8.34 -14.87 -52.92
CA ALA B 266 8.11 -15.40 -51.58
C ALA B 266 6.89 -16.31 -51.60
N LYS B 267 6.79 -17.15 -50.58
CA LYS B 267 5.65 -18.02 -50.36
C LYS B 267 4.97 -17.56 -49.08
N ILE B 268 3.75 -17.02 -49.22
CA ILE B 268 3.06 -16.37 -48.12
C ILE B 268 1.98 -17.32 -47.61
N GLU B 269 1.93 -17.50 -46.29
CA GLU B 269 0.93 -18.36 -45.68
C GLU B 269 0.78 -17.97 -44.22
N LEU B 270 -0.32 -18.42 -43.62
CA LEU B 270 -0.55 -18.19 -42.20
C LEU B 270 0.20 -19.24 -41.39
N GLY B 271 0.98 -18.78 -40.42
CA GLY B 271 1.75 -19.68 -39.58
C GLY B 271 1.73 -19.26 -38.13
N GLY B 272 2.65 -19.80 -37.34
CA GLY B 272 2.73 -19.45 -35.95
C GLY B 272 3.75 -18.38 -35.67
N GLU B 273 3.65 -17.79 -34.48
CA GLU B 273 4.63 -16.78 -34.07
C GLU B 273 6.04 -17.35 -34.11
N SER B 274 6.23 -18.51 -33.48
CA SER B 274 7.53 -19.16 -33.39
C SER B 274 7.33 -20.66 -33.52
N TYR B 275 8.35 -21.33 -34.05
CA TYR B 275 8.33 -22.77 -34.25
C TYR B 275 9.29 -23.51 -33.33
N ASP B 276 9.77 -22.84 -32.28
CA ASP B 276 10.78 -23.45 -31.41
C ASP B 276 10.25 -24.70 -30.72
N VAL B 277 9.01 -24.64 -30.23
CA VAL B 277 8.45 -25.67 -29.36
C VAL B 277 7.38 -26.43 -30.13
N VAL B 278 7.44 -27.76 -30.08
CA VAL B 278 6.44 -28.64 -30.67
C VAL B 278 5.90 -29.52 -29.55
N ALA B 279 4.62 -29.34 -29.22
CA ALA B 279 3.96 -30.09 -28.17
C ALA B 279 3.03 -31.12 -28.77
N LYS B 280 3.01 -32.32 -28.18
CA LYS B 280 2.16 -33.40 -28.64
C LYS B 280 1.50 -34.05 -27.44
N PHE B 281 0.33 -34.65 -27.67
CA PHE B 281 -0.43 -35.34 -26.63
C PHE B 281 -0.72 -36.75 -27.14
N ASN B 282 0.05 -37.72 -26.67
CA ASN B 282 -0.05 -39.11 -27.12
C ASN B 282 0.25 -39.24 -28.60
N GLY B 283 0.99 -38.30 -29.17
CA GLY B 283 1.36 -38.34 -30.57
C GLY B 283 0.55 -37.47 -31.50
N GLN B 284 -0.33 -36.62 -30.96
CA GLN B 284 -1.17 -35.75 -31.76
C GLN B 284 -0.85 -34.29 -31.48
N PRO B 285 -1.01 -33.40 -32.46
CA PRO B 285 -0.74 -31.98 -32.19
C PRO B 285 -1.63 -31.44 -31.09
N ALA B 286 -1.07 -30.53 -30.30
CA ALA B 286 -1.81 -30.02 -29.15
C ALA B 286 -1.36 -28.61 -28.79
N SER B 287 -2.25 -27.89 -28.14
CA SER B 287 -1.93 -26.63 -27.47
C SER B 287 -2.40 -26.72 -26.03
N GLY B 288 -2.39 -25.62 -25.30
CA GLY B 288 -2.80 -25.71 -23.91
C GLY B 288 -3.02 -24.35 -23.29
N LEU B 289 -3.65 -24.37 -22.11
CA LEU B 289 -3.91 -23.19 -21.32
C LEU B 289 -3.38 -23.41 -19.91
N GLY B 290 -2.51 -22.53 -19.44
CA GLY B 290 -2.05 -22.61 -18.07
C GLY B 290 -2.88 -21.75 -17.15
N ILE B 291 -3.83 -22.36 -16.46
CA ILE B 291 -4.77 -21.63 -15.63
C ILE B 291 -4.20 -21.51 -14.22
N LYS B 292 -4.18 -20.30 -13.70
CA LYS B 292 -3.68 -20.01 -12.35
C LYS B 292 -4.85 -19.57 -11.48
N LEU B 293 -4.89 -20.07 -10.25
CA LEU B 293 -5.94 -19.70 -9.34
C LEU B 293 -5.75 -18.27 -8.85
N ALA B 294 -6.87 -17.62 -8.52
CA ALA B 294 -6.83 -16.22 -8.11
C ALA B 294 -6.42 -16.13 -6.64
N THR B 295 -6.54 -14.94 -6.07
CA THR B 295 -6.21 -14.69 -4.67
C THR B 295 -7.49 -14.79 -3.85
N GLY B 296 -7.49 -15.67 -2.86
CA GLY B 296 -8.68 -15.86 -2.05
C GLY B 296 -9.80 -16.60 -2.75
N ALA B 297 -9.47 -17.40 -3.77
CA ALA B 297 -10.46 -18.17 -4.50
C ALA B 297 -10.44 -19.62 -4.04
N ASN B 298 -11.58 -20.28 -4.18
CA ASN B 298 -11.72 -21.68 -3.80
C ASN B 298 -11.26 -22.54 -4.97
N ALA B 299 -10.26 -23.39 -4.74
CA ALA B 299 -9.66 -24.16 -5.82
C ALA B 299 -10.68 -25.13 -6.42
N LEU B 300 -11.43 -25.83 -5.57
CA LEU B 300 -12.36 -26.83 -6.09
C LEU B 300 -13.47 -26.19 -6.91
N ASP B 301 -14.03 -25.08 -6.42
CA ASP B 301 -15.08 -24.40 -7.18
C ASP B 301 -14.55 -23.87 -8.49
N THR B 302 -13.33 -23.32 -8.49
CA THR B 302 -12.76 -22.80 -9.73
C THR B 302 -12.55 -23.92 -10.75
N ALA B 303 -12.04 -25.07 -10.28
CA ALA B 303 -11.86 -26.20 -11.20
C ALA B 303 -13.19 -26.66 -11.77
N ASN B 304 -14.22 -26.74 -10.91
CA ASN B 304 -15.54 -27.15 -11.40
C ASN B 304 -16.07 -26.14 -12.42
N ALA B 305 -15.88 -24.84 -12.16
CA ALA B 305 -16.37 -23.84 -13.10
C ALA B 305 -15.65 -23.94 -14.43
N ILE B 306 -14.33 -24.15 -14.41
CA ILE B 306 -13.59 -24.27 -15.65
C ILE B 306 -14.05 -25.49 -16.44
N ARG B 307 -14.23 -26.62 -15.75
CA ARG B 307 -14.69 -27.82 -16.44
C ARG B 307 -16.09 -27.63 -17.01
N ALA B 308 -16.98 -26.97 -16.26
CA ALA B 308 -18.33 -26.72 -16.76
C ALA B 308 -18.30 -25.84 -17.99
N GLU B 309 -17.47 -24.79 -17.97
CA GLU B 309 -17.36 -23.91 -19.14
C GLU B 309 -16.84 -24.68 -20.35
N LEU B 310 -15.79 -25.47 -20.16
CA LEU B 310 -15.21 -26.20 -21.29
C LEU B 310 -16.19 -27.22 -21.84
N ALA B 311 -16.97 -27.86 -20.97
CA ALA B 311 -18.01 -28.75 -21.45
C ALA B 311 -19.11 -28.00 -22.18
N LYS B 312 -19.39 -26.77 -21.75
CA LYS B 312 -20.37 -25.94 -22.46
C LYS B 312 -19.90 -25.61 -23.86
N MET B 313 -18.60 -25.36 -24.03
CA MET B 313 -18.05 -25.02 -25.34
C MET B 313 -17.78 -26.24 -26.21
N GLU B 314 -17.97 -27.46 -25.70
CA GLU B 314 -17.65 -28.65 -26.49
C GLU B 314 -18.40 -28.72 -27.81
N PRO B 315 -19.71 -28.49 -27.86
CA PRO B 315 -20.43 -28.70 -29.13
C PRO B 315 -19.95 -27.83 -30.28
N PHE B 316 -19.32 -26.70 -30.00
CA PHE B 316 -18.96 -25.74 -31.03
C PHE B 316 -17.53 -25.91 -31.54
N PHE B 317 -16.82 -26.94 -31.11
CA PHE B 317 -15.46 -27.13 -31.58
C PHE B 317 -15.44 -27.68 -33.01
N PRO B 318 -14.35 -27.48 -33.73
CA PRO B 318 -14.24 -28.05 -35.08
C PRO B 318 -14.29 -29.57 -35.03
N SER B 319 -14.23 -30.17 -36.22
CA SER B 319 -14.30 -31.62 -36.35
C SER B 319 -13.11 -32.29 -35.65
N GLY B 320 -13.39 -33.19 -34.73
CA GLY B 320 -12.35 -33.98 -34.09
C GLY B 320 -11.34 -33.17 -33.31
N MET B 321 -11.83 -32.23 -32.49
CA MET B 321 -10.99 -31.43 -31.61
C MET B 321 -11.59 -31.49 -30.22
N LYS B 322 -10.84 -32.05 -29.26
CA LYS B 322 -11.36 -32.33 -27.93
C LYS B 322 -10.44 -31.73 -26.88
N ILE B 323 -10.91 -31.77 -25.63
CA ILE B 323 -10.22 -31.19 -24.49
C ILE B 323 -9.65 -32.31 -23.63
N VAL B 324 -8.39 -32.14 -23.21
CA VAL B 324 -7.74 -33.09 -22.30
C VAL B 324 -7.07 -32.28 -21.20
N TYR B 325 -6.87 -32.94 -20.05
CA TYR B 325 -6.37 -32.30 -18.85
C TYR B 325 -5.11 -33.02 -18.39
N PRO B 326 -3.96 -32.75 -19.02
CA PRO B 326 -2.74 -33.46 -18.61
C PRO B 326 -2.34 -33.22 -17.16
N TYR B 327 -2.63 -32.03 -16.62
CA TYR B 327 -2.24 -31.69 -15.26
C TYR B 327 -3.44 -31.08 -14.55
N ASP B 328 -3.67 -31.52 -13.32
CA ASP B 328 -4.80 -31.00 -12.53
C ASP B 328 -4.55 -31.34 -11.07
N THR B 329 -4.55 -30.32 -10.21
CA THR B 329 -4.27 -30.48 -8.79
C THR B 329 -5.52 -30.55 -7.94
N THR B 330 -6.69 -30.61 -8.55
CA THR B 330 -7.94 -30.58 -7.79
C THR B 330 -8.28 -31.94 -7.20
N PRO B 331 -8.10 -33.05 -7.93
CA PRO B 331 -8.38 -34.35 -7.32
C PRO B 331 -7.56 -34.62 -6.07
N PHE B 332 -6.27 -34.25 -6.10
CA PHE B 332 -5.42 -34.46 -4.93
C PHE B 332 -5.88 -33.62 -3.76
N VAL B 333 -6.21 -32.35 -4.00
CA VAL B 333 -6.69 -31.50 -2.92
C VAL B 333 -7.98 -32.06 -2.35
N LYS B 334 -8.89 -32.49 -3.22
CA LYS B 334 -10.17 -33.02 -2.75
C LYS B 334 -9.95 -34.26 -1.89
N ILE B 335 -9.07 -35.16 -2.33
CA ILE B 335 -8.81 -36.37 -1.55
C ILE B 335 -8.21 -36.01 -0.20
N SER B 336 -7.26 -35.08 -0.18
CA SER B 336 -6.62 -34.71 1.09
C SER B 336 -7.63 -34.11 2.05
N ILE B 337 -8.47 -33.20 1.56
CA ILE B 337 -9.46 -32.57 2.45
C ILE B 337 -10.43 -33.61 2.97
N HIS B 338 -10.89 -34.51 2.10
CA HIS B 338 -11.82 -35.54 2.56
C HIS B 338 -11.16 -36.45 3.61
N GLU B 339 -9.90 -36.82 3.39
CA GLU B 339 -9.22 -37.68 4.35
C GLU B 339 -9.09 -37.00 5.70
N VAL B 340 -8.76 -35.70 5.71
CA VAL B 340 -8.64 -34.99 6.98
C VAL B 340 -9.99 -34.92 7.69
N VAL B 341 -11.07 -34.61 6.95
CA VAL B 341 -12.38 -34.53 7.57
C VAL B 341 -12.80 -35.89 8.13
N LYS B 342 -12.52 -36.95 7.37
CA LYS B 342 -12.81 -38.30 7.86
C LYS B 342 -12.03 -38.60 9.12
N THR B 343 -10.76 -38.18 9.16
CA THR B 343 -9.96 -38.40 10.37
C THR B 343 -10.56 -37.69 11.57
N LEU B 344 -11.01 -36.45 11.39
CA LEU B 344 -11.60 -35.73 12.51
C LEU B 344 -12.89 -36.40 12.99
N VAL B 345 -13.75 -36.81 12.04
CA VAL B 345 -15.00 -37.46 12.43
C VAL B 345 -14.72 -38.78 13.15
N GLU B 346 -13.77 -39.56 12.63
CA GLU B 346 -13.42 -40.82 13.29
C GLU B 346 -12.85 -40.58 14.67
N ALA B 347 -12.07 -39.50 14.85
CA ALA B 347 -11.54 -39.19 16.16
C ALA B 347 -12.66 -38.87 17.15
N ILE B 348 -13.66 -38.10 16.70
CA ILE B 348 -14.79 -37.80 17.58
C ILE B 348 -15.54 -39.09 17.96
N ILE B 349 -15.78 -39.96 16.97
CA ILE B 349 -16.48 -41.21 17.26
C ILE B 349 -15.69 -42.07 18.23
N LEU B 350 -14.36 -42.13 18.05
CA LEU B 350 -13.53 -42.92 18.95
C LEU B 350 -13.54 -42.34 20.35
N VAL B 351 -13.54 -41.01 20.47
CA VAL B 351 -13.65 -40.39 21.78
C VAL B 351 -14.95 -40.82 22.45
N PHE B 352 -16.06 -40.80 21.69
CA PHE B 352 -17.33 -41.25 22.24
C PHE B 352 -17.23 -42.70 22.73
N LEU B 353 -16.64 -43.57 21.91
CA LEU B 353 -16.58 -44.98 22.25
C LEU B 353 -15.73 -45.22 23.50
N VAL B 354 -14.58 -44.55 23.60
CA VAL B 354 -13.71 -44.73 24.76
C VAL B 354 -14.38 -44.17 26.01
N MET B 355 -15.04 -43.01 25.88
CA MET B 355 -15.75 -42.46 27.02
C MET B 355 -16.82 -43.41 27.52
N TYR B 356 -17.57 -44.03 26.60
CA TYR B 356 -18.59 -44.98 27.06
C TYR B 356 -17.96 -46.23 27.66
N LEU B 357 -16.83 -46.66 27.10
CA LEU B 357 -16.16 -47.84 27.64
C LEU B 357 -15.75 -47.63 29.09
N PHE B 358 -15.20 -46.45 29.39
CA PHE B 358 -14.66 -46.20 30.73
C PHE B 358 -15.73 -45.68 31.70
N LEU B 359 -16.37 -44.57 31.36
CA LEU B 359 -17.36 -43.97 32.26
C LEU B 359 -18.66 -44.75 32.27
N GLN B 360 -19.03 -45.37 31.16
CA GLN B 360 -20.23 -46.22 31.08
C GLN B 360 -21.50 -45.44 31.39
N ASN B 361 -21.76 -44.43 30.56
CA ASN B 361 -23.04 -43.73 30.55
C ASN B 361 -23.06 -42.78 29.36
N PHE B 362 -24.25 -42.58 28.79
CA PHE B 362 -24.37 -41.78 27.57
C PHE B 362 -24.30 -40.28 27.85
N ARG B 363 -24.79 -39.84 29.01
CA ARG B 363 -24.80 -38.41 29.30
C ARG B 363 -23.38 -37.86 29.32
N ALA B 364 -22.45 -38.59 29.92
CA ALA B 364 -21.06 -38.15 29.92
C ALA B 364 -20.46 -38.18 28.53
N THR B 365 -20.73 -39.23 27.76
CA THR B 365 -20.13 -39.36 26.44
C THR B 365 -20.61 -38.27 25.49
N LEU B 366 -21.81 -37.76 25.70
CA LEU B 366 -22.31 -36.72 24.79
C LEU B 366 -21.55 -35.41 24.96
N ILE B 367 -21.00 -35.14 26.15
CA ILE B 367 -20.40 -33.84 26.41
C ILE B 367 -19.19 -33.57 25.53
N PRO B 368 -18.20 -34.46 25.42
CA PRO B 368 -17.09 -34.19 24.48
C PRO B 368 -17.55 -34.08 23.04
N THR B 369 -18.57 -34.85 22.66
CA THR B 369 -19.10 -34.77 21.30
C THR B 369 -19.64 -33.38 21.00
N ILE B 370 -20.16 -32.68 22.00
CA ILE B 370 -20.60 -31.31 21.81
C ILE B 370 -19.45 -30.32 21.93
N ALA B 371 -18.47 -30.61 22.79
CA ALA B 371 -17.42 -29.64 23.06
C ALA B 371 -16.43 -29.54 21.90
N VAL B 372 -16.00 -30.68 21.35
CA VAL B 372 -14.94 -30.66 20.34
C VAL B 372 -15.39 -29.95 19.06
N PRO B 373 -16.57 -30.23 18.49
CA PRO B 373 -16.98 -29.47 17.31
C PRO B 373 -17.04 -27.97 17.53
N VAL B 374 -17.42 -27.51 18.72
CA VAL B 374 -17.42 -26.08 19.00
C VAL B 374 -16.01 -25.52 18.84
N VAL B 375 -15.02 -26.23 19.37
CA VAL B 375 -13.64 -25.78 19.27
C VAL B 375 -13.17 -25.79 17.81
N LEU B 376 -13.53 -26.82 17.05
CA LEU B 376 -13.12 -26.85 15.65
C LEU B 376 -13.72 -25.70 14.86
N LEU B 377 -15.01 -25.42 15.07
CA LEU B 377 -15.65 -24.32 14.35
C LEU B 377 -15.07 -22.98 14.77
N GLY B 378 -14.82 -22.78 16.06
CA GLY B 378 -14.14 -21.58 16.49
C GLY B 378 -12.76 -21.44 15.89
N THR B 379 -12.06 -22.56 15.72
CA THR B 379 -10.75 -22.53 15.09
C THR B 379 -10.86 -22.08 13.64
N PHE B 380 -11.87 -22.57 12.92
CA PHE B 380 -12.07 -22.12 11.56
C PHE B 380 -12.37 -20.63 11.52
N ALA B 381 -13.18 -20.15 12.45
CA ALA B 381 -13.46 -18.71 12.51
C ALA B 381 -12.19 -17.90 12.78
N VAL B 382 -11.33 -18.40 13.67
CA VAL B 382 -10.09 -17.68 13.97
C VAL B 382 -9.17 -17.68 12.75
N LEU B 383 -9.06 -18.81 12.06
CA LEU B 383 -8.28 -18.86 10.82
C LEU B 383 -8.79 -17.85 9.82
N ALA B 384 -10.11 -17.77 9.64
CA ALA B 384 -10.66 -16.77 8.73
C ALA B 384 -10.30 -15.36 9.18
N ALA B 385 -10.37 -15.10 10.49
CA ALA B 385 -10.03 -13.78 10.99
C ALA B 385 -8.57 -13.42 10.74
N PHE B 386 -7.69 -14.42 10.71
CA PHE B 386 -6.27 -14.19 10.51
C PHE B 386 -5.86 -14.19 9.04
N GLY B 387 -6.82 -14.33 8.13
CA GLY B 387 -6.50 -14.36 6.71
C GLY B 387 -5.98 -15.67 6.20
N PHE B 388 -6.12 -16.75 6.96
CA PHE B 388 -5.64 -18.05 6.53
C PHE B 388 -6.66 -18.71 5.61
N SER B 389 -6.27 -19.86 5.07
CA SER B 389 -7.10 -20.62 4.14
C SER B 389 -7.25 -22.04 4.64
N ILE B 390 -7.95 -22.87 3.87
CA ILE B 390 -8.14 -24.28 4.17
C ILE B 390 -7.22 -25.04 3.22
N ASN B 391 -6.00 -25.32 3.67
CA ASN B 391 -5.03 -26.01 2.83
C ASN B 391 -4.44 -27.21 3.57
N THR B 392 -3.43 -27.83 2.97
CA THR B 392 -2.87 -29.05 3.55
C THR B 392 -2.26 -28.77 4.92
N LEU B 393 -1.53 -27.67 5.05
CA LEU B 393 -0.82 -27.39 6.29
C LEU B 393 -1.80 -27.10 7.42
N THR B 394 -2.80 -26.26 7.19
CA THR B 394 -3.77 -25.96 8.24
C THR B 394 -4.61 -27.19 8.57
N MET B 395 -4.97 -27.98 7.56
CA MET B 395 -5.75 -29.18 7.82
C MET B 395 -4.98 -30.17 8.68
N PHE B 396 -3.69 -30.38 8.37
CA PHE B 396 -2.90 -31.27 9.21
C PHE B 396 -2.63 -30.65 10.58
N GLY B 397 -2.60 -29.32 10.67
CA GLY B 397 -2.53 -28.69 11.98
C GLY B 397 -3.75 -29.00 12.83
N MET B 398 -4.94 -28.96 12.21
CA MET B 398 -6.15 -29.36 12.92
C MET B 398 -6.09 -30.83 13.33
N VAL B 399 -5.62 -31.69 12.42
CA VAL B 399 -5.53 -33.12 12.74
C VAL B 399 -4.59 -33.34 13.90
N LEU B 400 -3.48 -32.60 13.95
CA LEU B 400 -2.54 -32.75 15.07
C LEU B 400 -3.11 -32.16 16.35
N ALA B 401 -3.89 -31.10 16.25
CA ALA B 401 -4.48 -30.47 17.43
C ALA B 401 -5.70 -31.21 17.95
N ILE B 402 -6.23 -32.20 17.21
CA ILE B 402 -7.41 -32.93 17.66
C ILE B 402 -7.08 -33.76 18.89
N GLY B 403 -5.80 -33.81 19.27
CA GLY B 403 -5.41 -34.48 20.49
C GLY B 403 -5.62 -33.61 21.72
N LEU B 404 -5.24 -32.34 21.61
CA LEU B 404 -5.40 -31.43 22.74
C LEU B 404 -6.88 -31.21 23.07
N LEU B 405 -7.71 -31.07 22.04
CA LEU B 405 -9.14 -30.84 22.26
C LEU B 405 -9.78 -31.98 23.03
N VAL B 406 -9.59 -33.21 22.54
CA VAL B 406 -10.17 -34.36 23.21
C VAL B 406 -9.55 -34.53 24.58
N ASP B 407 -8.27 -34.22 24.73
CA ASP B 407 -7.65 -34.31 26.05
C ASP B 407 -8.34 -33.37 27.04
N ASP B 408 -8.61 -32.13 26.64
CA ASP B 408 -9.26 -31.19 27.54
C ASP B 408 -10.65 -31.65 27.92
N ALA B 409 -11.45 -32.03 26.92
CA ALA B 409 -12.82 -32.47 27.21
C ALA B 409 -12.81 -33.68 28.12
N ILE B 410 -11.96 -34.66 27.82
CA ILE B 410 -11.88 -35.88 28.62
C ILE B 410 -11.43 -35.56 30.03
N VAL B 411 -10.45 -34.70 30.18
CA VAL B 411 -9.95 -34.36 31.52
C VAL B 411 -11.09 -33.79 32.36
N VAL B 412 -11.80 -32.80 31.82
CA VAL B 412 -12.86 -32.16 32.61
C VAL B 412 -13.95 -33.17 32.97
N VAL B 413 -14.45 -33.90 31.96
CA VAL B 413 -15.59 -34.78 32.20
C VAL B 413 -15.19 -35.93 33.14
N GLU B 414 -14.02 -36.51 32.93
CA GLU B 414 -13.59 -37.61 33.79
C GLU B 414 -13.36 -37.15 35.22
N ASN B 415 -12.81 -35.95 35.41
CA ASN B 415 -12.66 -35.46 36.78
C ASN B 415 -14.01 -35.31 37.46
N VAL B 416 -14.99 -34.75 36.73
CA VAL B 416 -16.31 -34.59 37.34
C VAL B 416 -16.91 -35.95 37.69
N GLU B 417 -16.78 -36.92 36.77
CA GLU B 417 -17.33 -38.25 37.04
C GLU B 417 -16.66 -38.91 38.23
N ARG B 418 -15.33 -38.78 38.34
CA ARG B 418 -14.62 -39.35 39.48
C ARG B 418 -15.08 -38.71 40.77
N VAL B 419 -15.23 -37.39 40.79
CA VAL B 419 -15.65 -36.71 42.01
C VAL B 419 -17.04 -37.18 42.41
N MET B 420 -17.97 -37.23 41.46
CA MET B 420 -19.31 -37.71 41.74
C MET B 420 -19.27 -39.13 42.32
N ALA B 421 -18.53 -40.03 41.66
CA ALA B 421 -18.54 -41.43 42.06
C ALA B 421 -17.90 -41.63 43.42
N GLU B 422 -16.81 -40.90 43.71
CA GLU B 422 -16.07 -41.15 44.93
C GLU B 422 -16.71 -40.44 46.13
N GLU B 423 -16.99 -39.14 46.00
CA GLU B 423 -17.52 -38.37 47.12
C GLU B 423 -19.04 -38.36 47.18
N GLY B 424 -19.71 -38.93 46.19
CA GLY B 424 -21.16 -38.99 46.21
C GLY B 424 -21.82 -37.63 46.23
N LEU B 425 -21.32 -36.69 45.44
CA LEU B 425 -21.90 -35.38 45.34
C LEU B 425 -22.87 -35.32 44.17
N PRO B 426 -23.82 -34.38 44.18
CA PRO B 426 -24.69 -34.21 43.01
C PRO B 426 -23.93 -33.60 41.85
N PRO B 427 -24.47 -33.64 40.64
CA PRO B 427 -23.72 -33.12 39.48
C PRO B 427 -23.26 -31.68 39.64
N LYS B 428 -24.08 -30.80 40.20
CA LYS B 428 -23.71 -29.40 40.28
C LYS B 428 -22.58 -29.18 41.27
N GLU B 429 -22.70 -29.72 42.48
CA GLU B 429 -21.64 -29.56 43.47
C GLU B 429 -20.40 -30.34 43.08
N ALA B 430 -20.57 -31.51 42.47
CA ALA B 430 -19.41 -32.27 42.01
C ALA B 430 -18.66 -31.51 40.93
N THR B 431 -19.39 -30.86 40.00
CA THR B 431 -18.74 -30.06 38.98
C THR B 431 -18.06 -28.84 39.59
N ARG B 432 -18.70 -28.19 40.55
CA ARG B 432 -18.08 -27.04 41.19
C ARG B 432 -16.79 -27.43 41.89
N LYS B 433 -16.79 -28.56 42.60
CA LYS B 433 -15.59 -29.03 43.26
C LYS B 433 -14.52 -29.44 42.26
N SER B 434 -14.91 -30.13 41.20
CA SER B 434 -13.96 -30.60 40.21
C SER B 434 -13.29 -29.45 39.48
N MET B 435 -14.06 -28.43 39.10
CA MET B 435 -13.47 -27.30 38.39
C MET B 435 -12.50 -26.53 39.27
N GLY B 436 -12.64 -26.63 40.59
CA GLY B 436 -11.69 -25.99 41.47
C GLY B 436 -10.36 -26.71 41.58
N GLN B 437 -10.28 -27.93 41.06
CA GLN B 437 -9.05 -28.71 41.10
C GLN B 437 -8.20 -28.57 39.85
N ILE B 438 -8.77 -28.07 38.75
CA ILE B 438 -8.06 -28.07 37.47
C ILE B 438 -8.15 -26.72 36.77
N GLN B 439 -8.94 -25.79 37.30
CA GLN B 439 -9.12 -24.51 36.60
C GLN B 439 -7.80 -23.76 36.51
N GLY B 440 -7.00 -23.76 37.57
CA GLY B 440 -5.68 -23.16 37.49
C GLY B 440 -4.75 -23.94 36.59
N ALA B 441 -4.85 -25.26 36.62
CA ALA B 441 -4.02 -26.09 35.75
C ALA B 441 -4.31 -25.83 34.29
N LEU B 442 -5.59 -25.63 33.95
CA LEU B 442 -5.94 -25.38 32.56
C LEU B 442 -5.31 -24.08 32.05
N VAL B 443 -5.34 -23.03 32.87
CA VAL B 443 -4.71 -21.77 32.47
C VAL B 443 -3.20 -21.95 32.36
N GLY B 444 -2.59 -22.62 33.33
CA GLY B 444 -1.16 -22.86 33.26
C GLY B 444 -0.78 -23.65 32.02
N ILE B 445 -1.58 -24.65 31.66
CA ILE B 445 -1.31 -25.46 30.49
C ILE B 445 -1.51 -24.64 29.21
N ALA B 446 -2.50 -23.77 29.20
CA ALA B 446 -2.67 -22.88 28.06
C ALA B 446 -1.42 -22.04 27.85
N MET B 447 -0.90 -21.45 28.92
CA MET B 447 0.32 -20.65 28.80
C MET B 447 1.50 -21.50 28.36
N VAL B 448 1.63 -22.70 28.92
CA VAL B 448 2.77 -23.56 28.58
C VAL B 448 2.73 -23.96 27.11
N LEU B 449 1.56 -24.35 26.62
CA LEU B 449 1.44 -24.75 25.22
C LEU B 449 1.64 -23.55 24.30
N SER B 450 1.15 -22.37 24.70
CA SER B 450 1.42 -21.17 23.91
C SER B 450 2.92 -20.94 23.80
N ALA B 451 3.64 -21.08 24.91
CA ALA B 451 5.08 -20.92 24.87
C ALA B 451 5.74 -21.97 24.00
N VAL B 452 5.20 -23.18 23.99
CA VAL B 452 5.81 -24.25 23.20
C VAL B 452 5.63 -24.01 21.70
N PHE B 453 4.46 -23.51 21.30
CA PHE B 453 4.10 -23.44 19.89
C PHE B 453 4.37 -22.08 19.25
N ILE B 454 4.15 -20.98 19.98
CA ILE B 454 4.29 -19.65 19.37
C ILE B 454 5.71 -19.40 18.86
N PRO B 455 6.77 -19.74 19.60
CA PRO B 455 8.12 -19.47 19.08
C PRO B 455 8.41 -20.14 17.76
N MET B 456 7.75 -21.27 17.48
CA MET B 456 7.93 -21.93 16.19
C MET B 456 7.45 -21.06 15.04
N ALA B 457 6.62 -20.06 15.30
CA ALA B 457 6.07 -19.20 14.25
C ALA B 457 6.99 -18.05 13.88
N PHE B 458 8.13 -17.90 14.57
CA PHE B 458 9.04 -16.79 14.33
C PHE B 458 10.23 -17.18 13.48
N PHE B 459 10.18 -18.34 12.83
CA PHE B 459 11.20 -18.70 11.87
C PHE B 459 11.09 -17.81 10.63
N GLY B 460 12.12 -17.84 9.80
CA GLY B 460 12.18 -17.02 8.60
C GLY B 460 12.32 -17.87 7.35
N GLY B 461 11.66 -17.44 6.28
CA GLY B 461 11.76 -18.09 5.00
C GLY B 461 10.64 -19.07 4.72
N SER B 462 10.92 -19.98 3.79
CA SER B 462 9.94 -21.00 3.43
C SER B 462 9.59 -21.87 4.63
N THR B 463 10.61 -22.34 5.35
CA THR B 463 10.35 -23.11 6.56
C THR B 463 9.61 -22.27 7.58
N GLY B 464 9.90 -20.97 7.63
CA GLY B 464 9.18 -20.10 8.54
C GLY B 464 7.70 -20.07 8.24
N ALA B 465 7.33 -19.95 6.96
CA ALA B 465 5.92 -19.94 6.59
C ALA B 465 5.25 -21.28 6.87
N ILE B 466 5.93 -22.37 6.53
CA ILE B 466 5.36 -23.69 6.76
C ILE B 466 5.11 -23.91 8.24
N TYR B 467 6.07 -23.52 9.08
CA TYR B 467 5.90 -23.66 10.52
C TYR B 467 4.84 -22.70 11.05
N ARG B 468 4.72 -21.52 10.47
CA ARG B 468 3.74 -20.56 10.95
C ARG B 468 2.33 -21.07 10.75
N GLN B 469 2.06 -21.73 9.61
CA GLN B 469 0.72 -22.28 9.40
C GLN B 469 0.34 -23.21 10.54
N PHE B 470 1.20 -24.19 10.82
CA PHE B 470 0.94 -25.15 11.89
C PHE B 470 0.82 -24.47 13.24
N SER B 471 1.72 -23.54 13.53
CA SER B 471 1.74 -22.91 14.85
C SER B 471 0.46 -22.14 15.09
N ILE B 472 0.04 -21.33 14.12
CA ILE B 472 -1.18 -20.56 14.30
C ILE B 472 -2.38 -21.48 14.44
N THR B 473 -2.47 -22.51 13.60
CA THR B 473 -3.61 -23.41 13.70
C THR B 473 -3.68 -24.06 15.08
N ILE B 474 -2.57 -24.62 15.54
CA ILE B 474 -2.59 -25.38 16.79
C ILE B 474 -2.80 -24.46 17.98
N VAL B 475 -2.19 -23.27 17.95
CA VAL B 475 -2.36 -22.35 19.08
C VAL B 475 -3.79 -21.85 19.15
N SER B 476 -4.41 -21.55 18.01
CA SER B 476 -5.81 -21.14 18.03
C SER B 476 -6.69 -22.25 18.57
N ALA B 477 -6.46 -23.49 18.10
CA ALA B 477 -7.27 -24.61 18.57
C ALA B 477 -7.11 -24.81 20.07
N MET B 478 -5.88 -24.73 20.56
CA MET B 478 -5.64 -24.93 21.99
C MET B 478 -6.26 -23.82 22.83
N ALA B 479 -6.15 -22.57 22.38
CA ALA B 479 -6.74 -21.46 23.11
C ALA B 479 -8.25 -21.61 23.20
N LEU B 480 -8.89 -21.98 22.08
CA LEU B 480 -10.33 -22.18 22.11
C LEU B 480 -10.71 -23.38 22.97
N SER B 481 -9.90 -24.43 22.93
CA SER B 481 -10.17 -25.59 23.77
C SER B 481 -10.14 -25.23 25.24
N VAL B 482 -9.17 -24.41 25.64
CA VAL B 482 -9.08 -24.01 27.04
C VAL B 482 -10.23 -23.07 27.40
N LEU B 483 -10.57 -22.13 26.51
CA LEU B 483 -11.69 -21.24 26.79
C LEU B 483 -12.99 -22.01 26.90
N VAL B 484 -13.20 -23.00 26.02
CA VAL B 484 -14.40 -23.82 26.08
C VAL B 484 -14.42 -24.66 27.34
N ALA B 485 -13.25 -25.15 27.76
CA ALA B 485 -13.20 -26.01 28.95
C ALA B 485 -13.57 -25.25 30.21
N LEU B 486 -13.39 -23.93 30.22
CA LEU B 486 -13.74 -23.09 31.36
C LEU B 486 -15.13 -22.48 31.26
N ILE B 487 -15.81 -22.66 30.13
CA ILE B 487 -17.09 -22.00 29.90
C ILE B 487 -18.18 -23.03 29.65
N LEU B 488 -18.01 -23.84 28.61
CA LEU B 488 -19.10 -24.71 28.17
C LEU B 488 -19.13 -26.02 28.95
N THR B 489 -18.03 -26.78 28.94
CA THR B 489 -18.07 -28.11 29.53
C THR B 489 -18.48 -28.10 31.01
N PRO B 490 -18.07 -27.14 31.84
CA PRO B 490 -18.63 -27.11 33.21
C PRO B 490 -20.15 -27.00 33.22
N ALA B 491 -20.73 -26.18 32.34
CA ALA B 491 -22.18 -26.05 32.31
C ALA B 491 -22.84 -27.35 31.86
N LEU B 492 -22.28 -27.98 30.83
CA LEU B 492 -22.84 -29.25 30.36
C LEU B 492 -22.75 -30.32 31.44
N CYS B 493 -21.62 -30.37 32.15
CA CYS B 493 -21.47 -31.34 33.23
C CYS B 493 -22.48 -31.07 34.34
N ALA B 494 -22.70 -29.79 34.67
CA ALA B 494 -23.64 -29.45 35.73
C ALA B 494 -25.06 -29.85 35.36
N THR B 495 -25.45 -29.62 34.09
CA THR B 495 -26.85 -29.79 33.73
C THR B 495 -27.19 -31.19 33.22
N MET B 496 -26.27 -31.86 32.52
CA MET B 496 -26.58 -33.12 31.85
C MET B 496 -26.33 -34.34 32.73
N LEU B 497 -25.17 -34.41 33.37
CA LEU B 497 -24.82 -35.59 34.15
C LEU B 497 -25.85 -35.82 35.24
N LYS B 498 -26.23 -37.10 35.44
CA LYS B 498 -27.16 -37.48 36.50
C LYS B 498 -26.41 -38.10 37.67
N PRO B 499 -26.94 -37.99 38.89
CA PRO B 499 -26.17 -38.45 40.06
C PRO B 499 -25.86 -39.93 40.00
N ILE B 500 -24.68 -40.28 40.51
CA ILE B 500 -24.23 -41.67 40.55
C ILE B 500 -24.40 -42.19 41.98
N THR B 509 -21.91 -56.73 36.29
CA THR B 509 -21.60 -57.97 35.60
C THR B 509 -21.56 -57.75 34.09
N GLY B 510 -21.54 -58.85 33.33
CA GLY B 510 -21.45 -58.73 31.89
C GLY B 510 -20.06 -58.31 31.45
N PHE B 511 -19.97 -57.90 30.18
CA PHE B 511 -18.69 -57.45 29.66
C PHE B 511 -18.21 -56.21 30.38
N PHE B 512 -19.11 -55.26 30.64
CA PHE B 512 -18.68 -54.03 31.30
C PHE B 512 -18.29 -54.30 32.75
N GLY B 513 -18.97 -55.23 33.41
CA GLY B 513 -18.53 -55.63 34.74
C GLY B 513 -17.16 -56.26 34.73
N TRP B 514 -16.90 -57.13 33.75
CA TRP B 514 -15.58 -57.74 33.64
C TRP B 514 -14.52 -56.67 33.39
N PHE B 515 -14.82 -55.73 32.49
CA PHE B 515 -13.84 -54.67 32.20
C PHE B 515 -13.59 -53.80 33.42
N ASN B 516 -14.65 -53.47 34.16
CA ASN B 516 -14.46 -52.65 35.36
C ASN B 516 -13.60 -53.37 36.38
N ARG B 517 -13.85 -54.66 36.62
CA ARG B 517 -13.02 -55.40 37.56
C ARG B 517 -11.58 -55.48 37.06
N MET B 518 -11.39 -55.73 35.76
CA MET B 518 -10.05 -55.83 35.20
C MET B 518 -9.30 -54.50 35.36
N PHE B 519 -9.98 -53.38 35.10
CA PHE B 519 -9.31 -52.09 35.21
C PHE B 519 -9.03 -51.74 36.66
N ASP B 520 -9.92 -52.11 37.58
CA ASP B 520 -9.63 -51.87 39.00
C ASP B 520 -8.40 -52.66 39.44
N LYS B 521 -8.31 -53.93 39.05
CA LYS B 521 -7.13 -54.70 39.39
C LYS B 521 -5.88 -54.14 38.73
N SER B 522 -6.02 -53.66 37.49
CA SER B 522 -4.89 -53.06 36.80
C SER B 522 -4.40 -51.81 37.53
N THR B 523 -5.32 -50.97 37.98
CA THR B 523 -4.93 -49.78 38.73
C THR B 523 -4.28 -50.14 40.05
N HIS B 524 -4.80 -51.15 40.74
CA HIS B 524 -4.16 -51.61 41.97
C HIS B 524 -2.73 -52.05 41.70
N HIS B 525 -2.54 -52.85 40.65
CA HIS B 525 -1.19 -53.31 40.33
C HIS B 525 -0.28 -52.15 39.95
N TYR B 526 -0.82 -51.18 39.22
CA TYR B 526 -0.01 -50.03 38.81
C TYR B 526 0.43 -49.22 40.03
N THR B 527 -0.48 -48.98 40.97
CA THR B 527 -0.10 -48.23 42.17
C THR B 527 0.90 -49.01 43.01
N ASP B 528 0.75 -50.34 43.09
CA ASP B 528 1.75 -51.14 43.78
C ASP B 528 3.11 -51.02 43.11
N SER B 529 3.13 -51.06 41.77
CA SER B 529 4.39 -50.92 41.04
C SER B 529 5.02 -49.56 41.31
N VAL B 530 4.23 -48.49 41.27
CA VAL B 530 4.77 -47.16 41.52
C VAL B 530 5.31 -47.08 42.94
N GLY B 531 4.58 -47.61 43.91
CA GLY B 531 5.08 -47.62 45.27
C GLY B 531 6.40 -48.36 45.41
N ASN B 532 6.53 -49.49 44.72
CA ASN B 532 7.80 -50.22 44.73
C ASN B 532 8.91 -49.40 44.08
N ILE B 533 8.57 -48.63 43.04
CA ILE B 533 9.58 -47.84 42.34
C ILE B 533 10.07 -46.69 43.22
N LEU B 534 9.17 -46.07 43.98
CA LEU B 534 9.54 -44.90 44.77
C LEU B 534 10.48 -45.25 45.92
N ARG B 535 10.65 -46.52 46.26
CA ARG B 535 11.61 -46.90 47.29
C ARG B 535 13.04 -46.97 46.77
N SER B 536 13.22 -46.95 45.46
CA SER B 536 14.55 -47.01 44.84
C SER B 536 14.63 -45.98 43.72
N THR B 537 14.23 -44.74 44.01
CA THR B 537 14.22 -43.71 42.99
C THR B 537 15.59 -43.53 42.36
N GLY B 538 16.66 -43.77 43.12
CA GLY B 538 18.00 -43.60 42.58
C GLY B 538 18.30 -44.53 41.43
N ARG B 539 17.78 -45.75 41.48
CA ARG B 539 18.04 -46.73 40.42
C ARG B 539 17.48 -46.25 39.09
N TYR B 540 16.28 -45.67 39.10
CA TYR B 540 15.58 -45.33 37.87
C TYR B 540 16.02 -44.02 37.25
N LEU B 541 16.74 -43.18 37.98
CA LEU B 541 17.36 -42.01 37.36
C LEU B 541 18.43 -42.42 36.36
N VAL B 542 19.14 -43.51 36.65
CA VAL B 542 20.09 -44.05 35.68
C VAL B 542 19.36 -44.50 34.42
N LEU B 543 18.19 -45.12 34.58
CA LEU B 543 17.40 -45.49 33.40
C LEU B 543 16.94 -44.26 32.64
N TYR B 544 16.57 -43.20 33.34
CA TYR B 544 16.21 -41.96 32.66
C TYR B 544 17.39 -41.43 31.84
N LEU B 545 18.58 -41.46 32.43
CA LEU B 545 19.76 -41.00 31.71
C LEU B 545 20.04 -41.88 30.48
N ILE B 546 19.87 -43.19 30.61
CA ILE B 546 20.07 -44.08 29.47
C ILE B 546 19.07 -43.75 28.37
N ILE B 547 17.81 -43.51 28.75
CA ILE B 547 16.79 -43.17 27.77
C ILE B 547 17.13 -41.85 27.07
N VAL B 548 17.60 -40.87 27.82
CA VAL B 548 17.96 -39.58 27.22
C VAL B 548 19.13 -39.75 26.26
N VAL B 549 20.11 -40.57 26.64
CA VAL B 549 21.25 -40.81 25.75
C VAL B 549 20.80 -41.49 24.48
N GLY B 550 19.91 -42.48 24.59
CA GLY B 550 19.35 -43.10 23.40
C GLY B 550 18.59 -42.12 22.53
N MET B 551 17.85 -41.21 23.16
CA MET B 551 17.16 -40.17 22.41
C MET B 551 18.15 -39.34 21.61
N ALA B 552 19.23 -38.92 22.25
CA ALA B 552 20.23 -38.11 21.55
C ALA B 552 20.85 -38.89 20.40
N TRP B 553 21.15 -40.17 20.62
CA TRP B 553 21.72 -41.00 19.56
C TRP B 553 20.78 -41.08 18.35
N LEU B 554 19.51 -41.41 18.60
CA LEU B 554 18.56 -41.51 17.51
C LEU B 554 18.38 -40.18 16.80
N PHE B 555 18.34 -39.08 17.57
CA PHE B 555 18.12 -37.77 16.96
C PHE B 555 19.29 -37.37 16.07
N VAL B 556 20.52 -37.60 16.51
CA VAL B 556 21.66 -37.24 15.68
C VAL B 556 21.73 -38.14 14.45
N ARG B 557 21.36 -39.41 14.60
CA ARG B 557 21.44 -40.33 13.48
C ARG B 557 20.22 -40.29 12.56
N LEU B 558 19.24 -39.44 12.82
CA LEU B 558 18.04 -39.40 12.01
C LEU B 558 18.25 -38.48 10.81
N PRO B 559 18.13 -38.97 9.57
CA PRO B 559 18.27 -38.07 8.43
C PRO B 559 17.20 -36.98 8.45
N SER B 560 17.57 -35.82 7.95
CA SER B 560 16.67 -34.68 7.91
C SER B 560 16.10 -34.51 6.50
N SER B 561 14.96 -33.84 6.43
CA SER B 561 14.28 -33.61 5.16
C SER B 561 13.40 -32.38 5.29
N PHE B 562 12.65 -32.09 4.24
CA PHE B 562 11.79 -30.91 4.16
C PHE B 562 10.32 -31.27 4.06
N LEU B 563 9.94 -32.08 3.07
CA LEU B 563 8.57 -32.56 2.95
C LEU B 563 8.63 -33.90 2.23
N PRO B 564 7.66 -34.78 2.47
CA PRO B 564 7.68 -36.10 1.83
C PRO B 564 7.15 -36.05 0.41
N ASP B 565 7.84 -36.75 -0.48
CA ASP B 565 7.37 -36.88 -1.86
C ASP B 565 6.07 -37.67 -1.88
N GLU B 566 5.17 -37.29 -2.78
CA GLU B 566 3.83 -37.84 -2.83
C GLU B 566 3.47 -38.21 -4.26
N ASP B 567 2.56 -39.16 -4.40
CA ASP B 567 2.05 -39.58 -5.70
C ASP B 567 0.89 -38.67 -6.07
N GLN B 568 1.18 -37.66 -6.88
CA GLN B 568 0.18 -36.69 -7.28
C GLN B 568 -0.53 -37.07 -8.56
N GLY B 569 -0.24 -38.25 -9.12
CA GLY B 569 -0.86 -38.71 -10.34
C GLY B 569 -0.09 -38.37 -11.60
N VAL B 570 0.95 -37.55 -11.51
CA VAL B 570 1.74 -37.14 -12.66
C VAL B 570 3.22 -37.14 -12.27
N PHE B 571 4.07 -37.27 -13.28
CA PHE B 571 5.51 -37.13 -13.09
C PHE B 571 6.13 -36.72 -14.42
N LEU B 572 7.37 -36.26 -14.35
CA LEU B 572 8.06 -35.69 -15.50
C LEU B 572 9.15 -36.63 -16.00
N SER B 573 9.65 -36.32 -17.19
CA SER B 573 10.79 -37.03 -17.76
C SER B 573 11.30 -36.23 -18.94
N MET B 574 12.59 -35.91 -18.94
CA MET B 574 13.15 -35.01 -19.93
C MET B 574 14.37 -35.63 -20.59
N ALA B 575 14.47 -35.42 -21.90
CA ALA B 575 15.62 -35.86 -22.69
C ALA B 575 16.59 -34.71 -22.91
N GLN B 576 17.85 -35.07 -23.20
CA GLN B 576 18.89 -34.07 -23.42
C GLN B 576 19.87 -34.68 -24.43
N LEU B 577 19.66 -34.37 -25.70
CA LEU B 577 20.52 -34.89 -26.76
C LEU B 577 21.86 -34.15 -26.77
N PRO B 578 22.87 -34.73 -27.41
CA PRO B 578 24.18 -34.07 -27.47
C PRO B 578 24.07 -32.69 -28.09
N ALA B 579 25.16 -31.94 -27.99
CA ALA B 579 25.20 -30.60 -28.57
C ALA B 579 25.09 -30.67 -30.08
N GLY B 580 24.29 -29.78 -30.65
CA GLY B 580 24.05 -29.74 -32.08
C GLY B 580 22.90 -30.59 -32.56
N ALA B 581 22.25 -31.36 -31.69
CA ALA B 581 21.11 -32.15 -32.10
C ALA B 581 19.95 -31.24 -32.47
N THR B 582 19.20 -31.63 -33.49
CA THR B 582 18.15 -30.83 -34.07
C THR B 582 16.80 -31.22 -33.47
N GLN B 583 15.73 -30.70 -34.07
CA GLN B 583 14.39 -30.95 -33.56
C GLN B 583 13.89 -32.34 -33.92
N GLU B 584 14.26 -32.86 -35.09
CA GLU B 584 13.80 -34.18 -35.50
C GLU B 584 14.35 -35.27 -34.58
N ARG B 585 15.64 -35.19 -34.22
CA ARG B 585 16.22 -36.20 -33.35
C ARG B 585 15.59 -36.19 -31.97
N THR B 586 15.37 -35.00 -31.40
CA THR B 586 14.70 -34.91 -30.11
C THR B 586 13.28 -35.44 -30.21
N GLN B 587 12.61 -35.20 -31.33
CA GLN B 587 11.26 -35.73 -31.48
C GLN B 587 11.27 -37.25 -31.56
N LYS B 588 12.29 -37.83 -32.20
CA LYS B 588 12.39 -39.28 -32.20
C LYS B 588 12.58 -39.83 -30.79
N VAL B 589 13.44 -39.18 -30.00
CA VAL B 589 13.67 -39.65 -28.64
C VAL B 589 12.40 -39.52 -27.80
N LEU B 590 11.69 -38.40 -27.96
CA LEU B 590 10.44 -38.23 -27.21
C LEU B 590 9.38 -39.22 -27.66
N ASP B 591 9.35 -39.58 -28.94
CA ASP B 591 8.43 -40.59 -29.42
C ASP B 591 8.76 -41.96 -28.83
N GLU B 592 10.05 -42.28 -28.70
CA GLU B 592 10.42 -43.52 -28.04
C GLU B 592 9.98 -43.53 -26.58
N MET B 593 10.17 -42.41 -25.89
CA MET B 593 9.70 -42.30 -24.51
C MET B 593 8.19 -42.50 -24.42
N THR B 594 7.44 -41.85 -25.32
CA THR B 594 5.99 -41.95 -25.30
C THR B 594 5.53 -43.37 -25.60
N ASN B 595 6.19 -44.03 -26.56
CA ASN B 595 5.84 -45.41 -26.87
C ASN B 595 6.10 -46.32 -25.67
N TYR B 596 7.23 -46.13 -25.00
CA TYR B 596 7.48 -46.93 -23.80
C TYR B 596 6.40 -46.69 -22.76
N TYR B 597 6.05 -45.43 -22.52
CA TYR B 597 5.08 -45.12 -21.48
C TYR B 597 3.71 -45.71 -21.79
N LEU B 598 3.27 -45.59 -23.04
CA LEU B 598 1.93 -46.02 -23.40
C LEU B 598 1.84 -47.50 -23.74
N THR B 599 2.97 -48.19 -23.86
CA THR B 599 2.97 -49.64 -24.10
C THR B 599 3.28 -50.43 -22.84
N LYS B 600 4.41 -50.15 -22.19
CA LYS B 600 4.78 -50.89 -21.00
C LYS B 600 3.90 -50.52 -19.81
N GLU B 601 3.70 -49.21 -19.60
CA GLU B 601 2.91 -48.72 -18.48
C GLU B 601 1.49 -48.36 -18.90
N LYS B 602 0.91 -49.12 -19.83
CA LYS B 602 -0.42 -48.80 -20.31
C LYS B 602 -1.46 -48.91 -19.22
N ASP B 603 -1.21 -49.70 -18.18
CA ASP B 603 -2.14 -49.86 -17.07
C ASP B 603 -1.88 -48.86 -15.95
N ASN B 604 -0.92 -47.95 -16.12
CA ASN B 604 -0.62 -46.96 -15.10
C ASN B 604 -0.63 -45.55 -15.69
N VAL B 605 -0.31 -45.43 -16.97
CA VAL B 605 -0.14 -44.13 -17.62
C VAL B 605 -1.34 -43.85 -18.51
N GLU B 606 -1.89 -42.64 -18.39
CA GLU B 606 -3.07 -42.25 -19.14
C GLU B 606 -2.77 -41.34 -20.32
N SER B 607 -1.65 -40.63 -20.31
CA SER B 607 -1.30 -39.73 -21.40
C SER B 607 0.10 -39.20 -21.17
N VAL B 608 0.76 -38.82 -22.27
CA VAL B 608 2.10 -38.24 -22.24
C VAL B 608 2.06 -36.96 -23.06
N PHE B 609 2.31 -35.83 -22.41
CA PHE B 609 2.31 -34.53 -23.07
C PHE B 609 3.76 -34.15 -23.37
N ALA B 610 4.27 -34.68 -24.47
CA ALA B 610 5.67 -34.49 -24.84
C ALA B 610 5.87 -33.11 -25.41
N VAL B 611 6.64 -32.27 -24.72
CA VAL B 611 6.95 -30.92 -25.17
C VAL B 611 8.37 -30.95 -25.72
N ASN B 612 8.49 -30.76 -27.03
CA ASN B 612 9.79 -30.74 -27.69
C ASN B 612 10.31 -29.31 -27.76
N GLY B 613 11.63 -29.17 -27.73
CA GLY B 613 12.22 -27.86 -27.76
C GLY B 613 12.11 -27.09 -26.47
N PHE B 614 11.90 -27.77 -25.35
CA PHE B 614 11.73 -27.14 -24.05
C PHE B 614 12.63 -27.83 -23.03
N GLY B 615 12.80 -27.19 -21.88
CA GLY B 615 13.62 -27.76 -20.84
C GLY B 615 13.57 -26.90 -19.60
N PHE B 616 14.25 -27.38 -18.57
CA PHE B 616 14.36 -26.65 -17.31
C PHE B 616 15.73 -25.99 -17.15
N ALA B 617 16.81 -26.72 -17.37
CA ALA B 617 18.13 -26.12 -17.34
C ALA B 617 18.30 -25.10 -18.45
N GLY B 618 17.81 -25.42 -19.66
CA GLY B 618 17.93 -24.51 -20.78
C GLY B 618 17.17 -24.97 -22.01
N ARG B 619 16.46 -24.05 -22.63
CA ARG B 619 15.71 -24.36 -23.84
C ARG B 619 16.64 -24.55 -25.03
N GLY B 620 16.16 -25.30 -26.01
CA GLY B 620 16.93 -25.56 -27.21
C GLY B 620 16.29 -26.67 -27.99
N GLN B 621 16.83 -26.89 -29.20
CA GLN B 621 16.30 -27.95 -30.05
C GLN B 621 16.75 -29.32 -29.60
N ASN B 622 17.79 -29.42 -28.78
CA ASN B 622 18.33 -30.70 -28.34
C ASN B 622 17.84 -31.08 -26.95
N THR B 623 16.68 -30.57 -26.53
CA THR B 623 16.09 -30.92 -25.25
C THR B 623 14.60 -31.12 -25.42
N GLY B 624 14.00 -31.82 -24.47
CA GLY B 624 12.58 -32.06 -24.49
C GLY B 624 12.08 -32.35 -23.10
N ILE B 625 10.76 -32.54 -23.00
CA ILE B 625 10.10 -32.82 -21.73
C ILE B 625 8.86 -33.65 -22.04
N ALA B 626 8.40 -34.40 -21.04
CA ALA B 626 7.18 -35.19 -21.16
C ALA B 626 6.48 -35.21 -19.81
N PHE B 627 5.30 -34.58 -19.74
CA PHE B 627 4.51 -34.57 -18.51
C PHE B 627 3.62 -35.82 -18.52
N VAL B 628 4.13 -36.91 -17.96
CA VAL B 628 3.38 -38.16 -17.91
C VAL B 628 2.29 -38.04 -16.85
N SER B 629 1.06 -38.33 -17.23
CA SER B 629 -0.09 -38.27 -16.34
C SER B 629 -0.61 -39.68 -16.12
N LEU B 630 -0.71 -40.09 -14.87
CA LEU B 630 -1.09 -41.45 -14.52
C LEU B 630 -2.60 -41.53 -14.30
N LYS B 631 -3.11 -42.75 -14.25
CA LYS B 631 -4.52 -42.98 -14.04
C LYS B 631 -4.89 -42.64 -12.60
N ASP B 632 -6.19 -42.75 -12.29
CA ASP B 632 -6.67 -42.46 -10.95
C ASP B 632 -6.10 -43.47 -9.96
N TRP B 633 -5.89 -43.01 -8.72
CA TRP B 633 -5.28 -43.87 -7.72
C TRP B 633 -6.05 -45.17 -7.54
N SER B 634 -7.39 -45.11 -7.65
CA SER B 634 -8.20 -46.30 -7.49
C SER B 634 -7.90 -47.35 -8.55
N GLN B 635 -7.25 -46.96 -9.65
CA GLN B 635 -6.88 -47.89 -10.71
C GLN B 635 -5.41 -48.28 -10.64
N ARG B 636 -4.71 -47.93 -9.56
CA ARG B 636 -3.29 -48.24 -9.39
C ARG B 636 -3.07 -48.86 -8.02
N PRO B 637 -3.53 -50.09 -7.82
CA PRO B 637 -3.31 -50.73 -6.52
C PRO B 637 -1.87 -51.17 -6.34
N GLY B 638 -1.44 -51.25 -5.09
CA GLY B 638 -0.14 -51.77 -4.76
C GLY B 638 0.96 -50.72 -4.84
N GLU B 639 2.10 -51.06 -4.25
CA GLU B 639 3.26 -50.17 -4.29
C GLU B 639 3.98 -50.22 -5.62
N GLU B 640 3.76 -51.28 -6.42
CA GLU B 640 4.39 -51.36 -7.72
C GLU B 640 3.77 -50.42 -8.74
N ASN B 641 2.58 -49.88 -8.46
CA ASN B 641 1.88 -49.00 -9.37
C ASN B 641 1.95 -47.53 -8.95
N LYS B 642 2.73 -47.21 -7.93
CA LYS B 642 2.85 -45.82 -7.53
C LYS B 642 3.89 -45.11 -8.40
N VAL B 643 4.02 -43.80 -8.19
CA VAL B 643 4.91 -43.01 -9.04
C VAL B 643 6.36 -43.41 -8.84
N GLU B 644 6.75 -43.75 -7.60
CA GLU B 644 8.13 -44.12 -7.36
C GLU B 644 8.53 -45.37 -8.11
N ALA B 645 7.67 -46.39 -8.08
CA ALA B 645 7.97 -47.64 -8.80
C ALA B 645 7.99 -47.42 -10.30
N ILE B 646 7.02 -46.67 -10.83
CA ILE B 646 6.98 -46.39 -12.26
C ILE B 646 8.24 -45.64 -12.69
N THR B 647 8.64 -44.66 -11.90
CA THR B 647 9.84 -43.89 -12.20
C THR B 647 11.08 -44.77 -12.18
N ALA B 648 11.20 -45.66 -11.18
CA ALA B 648 12.36 -46.54 -11.13
C ALA B 648 12.41 -47.48 -12.32
N ARG B 649 11.26 -48.05 -12.71
CA ARG B 649 11.24 -48.92 -13.88
C ARG B 649 11.61 -48.15 -15.15
N ALA B 650 11.06 -46.95 -15.30
CA ALA B 650 11.40 -46.14 -16.47
C ALA B 650 12.90 -45.83 -16.50
N MET B 651 13.48 -45.46 -15.36
CA MET B 651 14.91 -45.21 -15.30
C MET B 651 15.68 -46.46 -15.68
N GLY B 652 15.21 -47.64 -15.27
CA GLY B 652 15.81 -48.86 -15.73
C GLY B 652 15.78 -48.99 -17.25
N TYR B 653 14.65 -48.61 -17.85
CA TYR B 653 14.52 -48.70 -19.30
C TYR B 653 15.32 -47.60 -20.01
N PHE B 654 15.27 -46.37 -19.48
CA PHE B 654 15.86 -45.23 -20.17
C PHE B 654 17.38 -45.20 -20.11
N SER B 655 18.00 -46.06 -19.29
CA SER B 655 19.45 -46.12 -19.28
C SER B 655 20.01 -46.80 -20.52
N GLN B 656 19.18 -47.50 -21.28
CA GLN B 656 19.63 -48.18 -22.49
C GLN B 656 19.57 -47.29 -23.72
N ILE B 657 18.99 -46.10 -23.64
CA ILE B 657 18.87 -45.22 -24.79
C ILE B 657 20.23 -44.60 -25.06
N LYS B 658 20.92 -45.08 -26.09
CA LYS B 658 22.23 -44.55 -26.46
C LYS B 658 22.08 -43.44 -27.51
N ASP B 659 21.17 -42.51 -27.21
CA ASP B 659 20.98 -41.33 -28.05
C ASP B 659 20.76 -40.05 -27.25
N ALA B 660 20.45 -40.12 -25.96
CA ALA B 660 20.15 -38.95 -25.16
C ALA B 660 20.24 -39.32 -23.69
N MET B 661 20.38 -38.30 -22.85
CA MET B 661 20.42 -38.50 -21.40
C MET B 661 18.99 -38.34 -20.87
N VAL B 662 18.20 -39.41 -21.06
CA VAL B 662 16.80 -39.41 -20.65
C VAL B 662 16.72 -39.91 -19.21
N PHE B 663 16.02 -39.17 -18.35
CA PHE B 663 15.77 -39.65 -17.01
C PHE B 663 14.51 -39.01 -16.45
N ALA B 664 13.71 -39.82 -15.76
CA ALA B 664 12.42 -39.42 -15.21
C ALA B 664 12.55 -39.15 -13.72
N PHE B 665 11.61 -38.35 -13.20
CA PHE B 665 11.60 -38.02 -11.79
C PHE B 665 10.19 -37.60 -11.40
N ASN B 666 9.94 -37.61 -10.10
CA ASN B 666 8.65 -37.19 -9.57
C ASN B 666 8.64 -35.69 -9.34
N LEU B 667 7.44 -35.13 -9.23
CA LEU B 667 7.30 -33.72 -8.96
C LEU B 667 7.70 -33.42 -7.52
N PRO B 668 8.09 -32.18 -7.23
CA PRO B 668 8.36 -31.81 -5.84
C PRO B 668 7.06 -31.75 -5.04
N ALA B 669 7.22 -31.87 -3.71
CA ALA B 669 6.05 -31.79 -2.84
C ALA B 669 5.35 -30.45 -2.98
N ILE B 670 6.11 -29.36 -3.02
CA ILE B 670 5.60 -28.02 -3.30
C ILE B 670 6.20 -27.58 -4.62
N VAL B 671 5.38 -27.58 -5.68
CA VAL B 671 5.87 -27.19 -6.99
C VAL B 671 6.31 -25.75 -7.00
N GLU B 672 5.67 -24.90 -6.20
CA GLU B 672 6.06 -23.49 -6.12
C GLU B 672 7.55 -23.37 -5.83
N LEU B 673 8.04 -24.12 -4.85
CA LEU B 673 9.47 -24.22 -4.59
C LEU B 673 10.10 -25.21 -5.57
N GLY B 674 11.41 -25.34 -5.50
CA GLY B 674 12.16 -26.25 -6.34
C GLY B 674 12.32 -27.60 -5.68
N THR B 675 13.44 -28.26 -6.00
CA THR B 675 13.73 -29.55 -5.39
C THR B 675 13.90 -29.42 -3.88
N ALA B 676 14.54 -28.35 -3.43
CA ALA B 676 14.76 -28.11 -2.01
C ALA B 676 15.61 -29.20 -1.37
N THR B 677 16.49 -29.81 -2.16
CA THR B 677 17.43 -30.80 -1.68
C THR B 677 18.84 -30.42 -2.10
N GLY B 678 19.79 -30.61 -1.20
CA GLY B 678 21.17 -30.25 -1.50
C GLY B 678 21.42 -28.76 -1.32
N PHE B 679 22.32 -28.24 -2.14
CA PHE B 679 22.71 -26.83 -2.05
C PHE B 679 22.76 -26.23 -3.45
N ASP B 680 22.64 -24.91 -3.51
CA ASP B 680 22.69 -24.13 -4.74
C ASP B 680 23.91 -23.20 -4.66
N PHE B 681 24.90 -23.45 -5.50
CA PHE B 681 26.18 -22.75 -5.45
C PHE B 681 26.38 -21.98 -6.74
N GLU B 682 26.78 -20.71 -6.62
CA GLU B 682 27.03 -19.84 -7.77
C GLU B 682 28.49 -19.44 -7.77
N LEU B 683 29.15 -19.58 -8.91
CA LEU B 683 30.56 -19.25 -9.07
C LEU B 683 30.65 -17.94 -9.85
N ILE B 684 30.68 -16.82 -9.13
CA ILE B 684 30.64 -15.50 -9.76
C ILE B 684 32.03 -15.11 -10.24
N ASP B 685 32.05 -14.16 -11.19
CA ASP B 685 33.27 -13.64 -11.78
C ASP B 685 33.43 -12.19 -11.33
N GLN B 686 34.27 -11.96 -10.33
CA GLN B 686 34.38 -10.66 -9.69
C GLN B 686 35.58 -9.86 -10.17
N GLY B 687 36.26 -10.30 -11.23
CA GLY B 687 37.41 -9.59 -11.73
C GLY B 687 37.40 -9.38 -13.23
N GLY B 688 36.27 -9.62 -13.87
CA GLY B 688 36.19 -9.48 -15.31
C GLY B 688 37.12 -10.41 -16.07
N LEU B 689 37.22 -11.65 -15.63
CA LEU B 689 38.14 -12.61 -16.23
C LEU B 689 37.60 -13.22 -17.53
N GLY B 690 36.32 -13.05 -17.82
CA GLY B 690 35.73 -13.58 -19.03
C GLY B 690 35.02 -14.90 -18.79
N HIS B 691 34.50 -15.45 -19.88
CA HIS B 691 33.80 -16.73 -19.81
C HIS B 691 34.79 -17.89 -19.74
N GLU B 692 35.89 -17.83 -20.48
CA GLU B 692 36.84 -18.94 -20.49
C GLU B 692 37.49 -19.13 -19.14
N LYS B 693 37.92 -18.03 -18.50
CA LYS B 693 38.53 -18.14 -17.18
C LYS B 693 37.53 -18.66 -16.16
N LEU B 694 36.29 -18.18 -16.23
CA LEU B 694 35.26 -18.64 -15.30
C LEU B 694 34.99 -20.14 -15.48
N THR B 695 34.90 -20.60 -16.73
CA THR B 695 34.69 -22.02 -16.97
C THR B 695 35.87 -22.84 -16.49
N GLN B 696 37.10 -22.34 -16.69
CA GLN B 696 38.27 -23.05 -16.21
C GLN B 696 38.25 -23.16 -14.70
N ALA B 697 37.84 -22.10 -14.01
CA ALA B 697 37.74 -22.15 -12.55
C ALA B 697 36.66 -23.13 -12.11
N ARG B 698 35.54 -23.17 -12.81
CA ARG B 698 34.50 -24.15 -12.47
C ARG B 698 35.03 -25.58 -12.65
N ASN B 699 35.76 -25.83 -13.73
CA ASN B 699 36.34 -27.14 -13.94
C ASN B 699 37.33 -27.48 -12.84
N GLN B 700 38.14 -26.51 -12.43
CA GLN B 700 39.07 -26.73 -11.33
C GLN B 700 38.33 -27.09 -10.05
N LEU B 701 37.26 -26.36 -9.73
CA LEU B 701 36.48 -26.67 -8.54
C LEU B 701 35.88 -28.07 -8.62
N PHE B 702 35.40 -28.47 -9.80
CA PHE B 702 34.90 -29.82 -9.98
C PHE B 702 36.01 -30.84 -9.73
N GLY B 703 37.22 -30.55 -10.20
CA GLY B 703 38.34 -31.42 -9.91
C GLY B 703 38.61 -31.53 -8.42
N MET B 704 38.40 -30.43 -7.68
CA MET B 704 38.63 -30.46 -6.24
C MET B 704 37.58 -31.28 -5.52
N VAL B 705 36.31 -31.07 -5.84
CA VAL B 705 35.25 -31.79 -5.14
C VAL B 705 35.26 -33.28 -5.46
N ALA B 706 35.89 -33.67 -6.58
CA ALA B 706 35.99 -35.08 -6.90
C ALA B 706 36.88 -35.83 -5.92
N GLN B 707 37.68 -35.12 -5.13
CA GLN B 707 38.58 -35.74 -4.17
C GLN B 707 37.95 -35.92 -2.79
N HIS B 708 36.68 -35.56 -2.62
CA HIS B 708 35.97 -35.70 -1.35
C HIS B 708 34.64 -36.41 -1.59
N PRO B 709 34.66 -37.68 -1.98
CA PRO B 709 33.40 -38.39 -2.23
C PRO B 709 32.60 -38.65 -0.98
N ASP B 710 33.21 -38.54 0.20
CA ASP B 710 32.52 -38.86 1.44
C ASP B 710 31.75 -37.67 2.02
N VAL B 711 31.91 -36.48 1.47
CA VAL B 711 31.22 -35.29 1.95
C VAL B 711 30.32 -34.67 0.89
N LEU B 712 30.79 -34.59 -0.34
CA LEU B 712 30.03 -34.03 -1.45
C LEU B 712 29.68 -35.13 -2.44
N THR B 713 28.41 -35.21 -2.83
CA THR B 713 27.95 -36.20 -3.78
C THR B 713 27.06 -35.52 -4.81
N GLY B 714 27.21 -35.93 -6.06
CA GLY B 714 26.36 -35.42 -7.13
C GLY B 714 26.51 -33.94 -7.41
N VAL B 715 27.73 -33.43 -7.43
CA VAL B 715 27.99 -32.03 -7.75
C VAL B 715 28.09 -31.90 -9.25
N ARG B 716 27.19 -31.12 -9.84
CA ARG B 716 27.07 -31.00 -11.28
C ARG B 716 26.71 -29.57 -11.64
N PRO B 717 26.92 -29.17 -12.89
CA PRO B 717 26.48 -27.84 -13.32
C PRO B 717 24.96 -27.77 -13.46
N ASN B 718 24.46 -26.53 -13.52
CA ASN B 718 23.07 -26.27 -13.85
C ASN B 718 22.95 -25.47 -15.15
N GLY B 719 23.90 -25.62 -16.07
CA GLY B 719 23.90 -24.89 -17.31
C GLY B 719 24.43 -25.72 -18.45
N LEU B 720 24.48 -25.10 -19.62
CA LEU B 720 24.87 -25.78 -20.85
C LEU B 720 26.32 -25.46 -21.20
N GLU B 721 27.05 -26.48 -21.62
CA GLU B 721 28.45 -26.33 -21.95
C GLU B 721 28.61 -25.62 -23.30
N ASP B 722 29.84 -25.19 -23.58
CA ASP B 722 30.13 -24.54 -24.84
C ASP B 722 29.88 -25.49 -26.00
N THR B 723 29.37 -24.94 -27.10
CA THR B 723 29.04 -25.70 -28.29
C THR B 723 29.58 -24.97 -29.52
N PRO B 724 29.74 -25.67 -30.64
CA PRO B 724 30.22 -25.01 -31.85
C PRO B 724 29.23 -24.00 -32.37
N GLN B 725 29.77 -22.96 -33.01
CA GLN B 725 28.95 -21.90 -33.61
C GLN B 725 29.57 -21.49 -34.93
N PHE B 726 28.73 -21.00 -35.84
CA PHE B 726 29.17 -20.59 -37.16
C PHE B 726 29.50 -19.10 -37.13
N LYS B 727 30.77 -18.78 -37.31
CA LYS B 727 31.25 -17.40 -37.25
C LYS B 727 31.43 -16.88 -38.67
N ILE B 728 30.57 -15.95 -39.08
CA ILE B 728 30.68 -15.27 -40.36
C ILE B 728 31.00 -13.81 -40.07
N ASP B 729 32.17 -13.36 -40.53
CA ASP B 729 32.65 -12.01 -40.25
C ASP B 729 32.82 -11.27 -41.57
N ILE B 730 32.14 -10.12 -41.69
CA ILE B 730 32.20 -9.33 -42.91
C ILE B 730 33.55 -8.66 -43.03
N ASP B 731 33.97 -8.42 -44.27
CA ASP B 731 35.22 -7.74 -44.57
C ASP B 731 34.90 -6.30 -44.96
N GLN B 732 35.32 -5.35 -44.14
CA GLN B 732 34.99 -3.96 -44.40
C GLN B 732 35.63 -3.46 -45.70
N GLU B 733 36.90 -3.81 -45.92
CA GLU B 733 37.57 -3.37 -47.14
C GLU B 733 36.84 -3.88 -48.39
N LYS B 734 36.50 -5.16 -48.40
CA LYS B 734 35.83 -5.73 -49.58
C LYS B 734 34.40 -5.21 -49.72
N ALA B 735 33.69 -5.06 -48.61
CA ALA B 735 32.34 -4.53 -48.68
C ALA B 735 32.35 -3.11 -49.23
N GLN B 736 33.31 -2.29 -48.81
CA GLN B 736 33.38 -0.92 -49.30
C GLN B 736 33.85 -0.86 -50.75
N ALA B 737 34.78 -1.74 -51.12
CA ALA B 737 35.27 -1.75 -52.50
C ALA B 737 34.14 -2.08 -53.47
N LEU B 738 33.29 -3.03 -53.11
CA LEU B 738 32.14 -3.40 -53.93
C LEU B 738 30.94 -2.49 -53.71
N GLY B 739 31.03 -1.53 -52.81
CA GLY B 739 29.95 -0.60 -52.57
C GLY B 739 28.73 -1.23 -51.91
N VAL B 740 28.94 -2.14 -50.96
CA VAL B 740 27.87 -2.78 -50.23
C VAL B 740 27.85 -2.21 -48.81
N SER B 741 26.70 -1.71 -48.39
CA SER B 741 26.59 -1.16 -47.05
C SER B 741 26.54 -2.27 -46.02
N ILE B 742 27.20 -2.06 -44.89
CA ILE B 742 27.16 -3.04 -43.80
C ILE B 742 25.75 -3.19 -43.27
N SER B 743 24.97 -2.10 -43.27
CA SER B 743 23.59 -2.19 -42.83
C SER B 743 22.81 -3.16 -43.71
N ASP B 744 22.99 -3.08 -45.03
CA ASP B 744 22.30 -3.99 -45.94
C ASP B 744 22.71 -5.43 -45.67
N ILE B 745 24.01 -5.68 -45.49
CA ILE B 745 24.48 -7.05 -45.27
C ILE B 745 23.89 -7.61 -43.99
N ASN B 746 23.94 -6.83 -42.91
CA ASN B 746 23.42 -7.30 -41.64
C ASN B 746 21.92 -7.53 -41.69
N THR B 747 21.18 -6.62 -42.32
CA THR B 747 19.74 -6.80 -42.43
C THR B 747 19.40 -8.03 -43.25
N THR B 748 20.09 -8.23 -44.38
CA THR B 748 19.83 -9.42 -45.20
C THR B 748 20.09 -10.68 -44.40
N LEU B 749 21.25 -10.77 -43.76
CA LEU B 749 21.57 -11.97 -42.99
C LEU B 749 20.54 -12.21 -41.89
N GLY B 750 20.24 -11.18 -41.11
CA GLY B 750 19.32 -11.37 -40.00
C GLY B 750 17.93 -11.73 -40.44
N ALA B 751 17.39 -11.01 -41.42
CA ALA B 751 16.03 -11.27 -41.87
C ALA B 751 15.93 -12.64 -42.53
N ALA B 752 16.95 -13.06 -43.27
CA ALA B 752 16.89 -14.33 -43.97
C ALA B 752 17.01 -15.50 -42.99
N TRP B 753 17.95 -15.44 -42.05
CA TRP B 753 18.29 -16.62 -41.26
C TRP B 753 17.69 -16.61 -39.86
N GLY B 754 17.24 -15.48 -39.35
CA GLY B 754 16.68 -15.41 -38.02
C GLY B 754 15.24 -14.96 -38.01
N GLY B 755 14.85 -14.22 -39.03
CA GLY B 755 13.49 -13.74 -39.16
C GLY B 755 13.33 -12.33 -38.62
N SER B 756 12.44 -11.58 -39.24
CA SER B 756 12.18 -10.20 -38.85
C SER B 756 10.69 -10.01 -38.64
N TYR B 757 10.34 -9.25 -37.62
CA TYR B 757 8.97 -8.87 -37.32
C TYR B 757 8.75 -7.48 -37.91
N VAL B 758 8.04 -7.41 -39.04
CA VAL B 758 7.96 -6.16 -39.80
C VAL B 758 6.88 -5.24 -39.23
N ASN B 759 5.63 -5.68 -39.29
CA ASN B 759 4.52 -4.89 -38.80
C ASN B 759 3.39 -5.84 -38.42
N ASP B 760 2.19 -5.29 -38.21
CA ASP B 760 1.03 -6.08 -37.83
C ASP B 760 -0.03 -6.01 -38.93
N PHE B 761 -1.04 -6.86 -38.80
CA PHE B 761 -2.20 -6.84 -39.66
C PHE B 761 -3.39 -7.32 -38.87
N ILE B 762 -4.58 -6.94 -39.31
CA ILE B 762 -5.82 -7.21 -38.59
C ILE B 762 -6.57 -8.31 -39.32
N ASP B 763 -6.69 -9.46 -38.66
CA ASP B 763 -7.41 -10.61 -39.20
C ASP B 763 -8.46 -11.03 -38.21
N ARG B 764 -9.72 -11.08 -38.66
CA ARG B 764 -10.83 -11.50 -37.81
C ARG B 764 -10.86 -10.70 -36.51
N GLY B 765 -10.63 -9.41 -36.64
CA GLY B 765 -10.70 -8.54 -35.46
C GLY B 765 -9.64 -8.83 -34.41
N ARG B 766 -8.41 -9.06 -34.84
CA ARG B 766 -7.30 -9.24 -33.92
C ARG B 766 -6.02 -8.78 -34.62
N VAL B 767 -5.21 -8.01 -33.90
CA VAL B 767 -3.97 -7.50 -34.46
C VAL B 767 -2.90 -8.57 -34.37
N LYS B 768 -2.45 -9.07 -35.52
CA LYS B 768 -1.54 -10.19 -35.59
C LYS B 768 -0.24 -9.77 -36.25
N LYS B 769 0.85 -10.43 -35.84
CA LYS B 769 2.18 -10.04 -36.30
C LYS B 769 2.38 -10.46 -37.75
N VAL B 770 3.35 -9.82 -38.40
CA VAL B 770 3.80 -10.17 -39.73
C VAL B 770 5.29 -10.46 -39.67
N TYR B 771 5.69 -11.62 -40.16
CA TYR B 771 7.06 -12.08 -40.08
C TYR B 771 7.60 -12.37 -41.47
N ILE B 772 8.87 -12.05 -41.70
CA ILE B 772 9.57 -12.43 -42.92
C ILE B 772 10.78 -13.26 -42.52
N MET B 773 10.99 -14.36 -43.25
CA MET B 773 12.11 -15.25 -42.98
C MET B 773 12.37 -16.05 -44.24
N SER B 774 13.57 -16.59 -44.35
CA SER B 774 13.91 -17.39 -45.52
C SER B 774 13.11 -18.69 -45.50
N GLU B 775 12.96 -19.27 -46.69
CA GLU B 775 12.37 -20.60 -46.77
C GLU B 775 13.33 -21.60 -46.14
N ALA B 776 12.75 -22.65 -45.54
CA ALA B 776 13.55 -23.57 -44.73
C ALA B 776 14.77 -24.05 -45.50
N LYS B 777 14.59 -24.50 -46.73
CA LYS B 777 15.66 -25.20 -47.44
C LYS B 777 16.83 -24.30 -47.79
N TYR B 778 16.70 -22.98 -47.64
CA TYR B 778 17.76 -22.05 -48.04
C TYR B 778 18.56 -21.51 -46.85
N ARG B 779 18.30 -22.00 -45.64
CA ARG B 779 19.02 -21.54 -44.46
C ARG B 779 19.36 -22.71 -43.55
N MET B 780 19.88 -23.80 -44.13
CA MET B 780 20.10 -25.03 -43.38
C MET B 780 21.56 -25.44 -43.25
N LEU B 781 22.42 -25.07 -44.18
CA LEU B 781 23.80 -25.52 -44.20
C LEU B 781 24.73 -24.33 -44.33
N PRO B 782 26.00 -24.48 -43.95
CA PRO B 782 26.96 -23.41 -44.20
C PRO B 782 27.09 -23.06 -45.68
N GLU B 783 26.78 -24.00 -46.57
CA GLU B 783 26.86 -23.74 -48.00
C GLU B 783 25.73 -22.84 -48.50
N ASP B 784 24.73 -22.56 -47.67
CA ASP B 784 23.63 -21.70 -48.07
C ASP B 784 23.94 -20.22 -47.89
N ILE B 785 25.04 -19.87 -47.23
CA ILE B 785 25.43 -18.46 -47.12
C ILE B 785 25.68 -17.88 -48.51
N GLY B 786 26.24 -18.69 -49.41
CA GLY B 786 26.58 -18.21 -50.73
C GLY B 786 25.40 -18.09 -51.67
N LYS B 787 24.21 -18.51 -51.25
CA LYS B 787 23.03 -18.37 -52.09
C LYS B 787 22.34 -17.02 -51.94
N TRP B 788 22.78 -16.19 -51.00
CA TRP B 788 22.14 -14.92 -50.70
C TRP B 788 23.00 -13.78 -51.22
N TYR B 789 22.37 -12.84 -51.91
CA TYR B 789 23.05 -11.72 -52.53
C TYR B 789 22.55 -10.41 -51.95
N VAL B 790 23.43 -9.42 -51.92
CA VAL B 790 23.12 -8.08 -51.44
C VAL B 790 23.49 -7.09 -52.53
N ARG B 791 22.57 -6.16 -52.80
CA ARG B 791 22.76 -5.22 -53.90
C ARG B 791 23.82 -4.18 -53.57
N GLY B 792 24.71 -3.93 -54.51
CA GLY B 792 25.73 -2.92 -54.35
C GLY B 792 25.22 -1.53 -54.68
N SER B 793 26.13 -0.56 -54.59
CA SER B 793 25.75 0.83 -54.82
C SER B 793 25.29 1.06 -56.25
N ASP B 794 25.96 0.43 -57.21
CA ASP B 794 25.65 0.64 -58.63
C ASP B 794 24.48 -0.21 -59.12
N GLY B 795 23.90 -1.04 -58.26
CA GLY B 795 22.77 -1.87 -58.64
C GLY B 795 23.11 -3.30 -58.98
N GLN B 796 24.36 -3.72 -58.76
CA GLN B 796 24.76 -5.09 -59.03
C GLN B 796 24.57 -5.95 -57.77
N MET B 797 24.31 -7.24 -57.99
CA MET B 797 24.11 -8.17 -56.90
C MET B 797 25.44 -8.84 -56.55
N VAL B 798 25.78 -8.81 -55.26
CA VAL B 798 27.05 -9.32 -54.76
C VAL B 798 26.75 -10.44 -53.78
N PRO B 799 27.36 -11.62 -53.90
CA PRO B 799 27.10 -12.69 -52.94
C PRO B 799 27.84 -12.48 -51.64
N PHE B 800 27.39 -13.21 -50.61
CA PHE B 800 28.05 -13.13 -49.32
C PHE B 800 29.46 -13.72 -49.35
N SER B 801 29.77 -14.53 -50.35
CA SER B 801 31.08 -15.17 -50.43
C SER B 801 32.15 -14.25 -51.01
N ALA B 802 31.77 -13.10 -51.57
CA ALA B 802 32.72 -12.19 -52.18
C ALA B 802 33.24 -11.14 -51.21
N PHE B 803 32.66 -11.02 -50.01
CA PHE B 803 33.14 -10.07 -49.03
C PHE B 803 33.10 -10.60 -47.61
N SER B 804 32.98 -11.91 -47.41
CA SER B 804 32.83 -12.47 -46.08
C SER B 804 33.65 -13.74 -45.96
N THR B 805 34.02 -14.07 -44.72
CA THR B 805 34.74 -15.29 -44.39
C THR B 805 33.98 -16.01 -43.29
N SER B 806 34.01 -17.34 -43.34
CA SER B 806 33.25 -18.17 -42.42
C SER B 806 34.17 -19.17 -41.74
N ARG B 807 33.89 -19.44 -40.46
CA ARG B 807 34.66 -20.41 -39.71
C ARG B 807 33.83 -20.89 -38.53
N TRP B 808 34.23 -22.02 -37.96
CA TRP B 808 33.54 -22.62 -36.82
C TRP B 808 34.29 -22.26 -35.55
N GLU B 809 33.58 -21.67 -34.60
CA GLU B 809 34.14 -21.28 -33.31
C GLU B 809 33.34 -21.94 -32.20
N TYR B 810 33.68 -21.59 -30.96
CA TYR B 810 33.04 -22.13 -29.77
C TYR B 810 32.42 -21.00 -28.97
N GLY B 811 31.28 -21.30 -28.34
CA GLY B 811 30.58 -20.31 -27.55
C GLY B 811 29.47 -20.96 -26.76
N SER B 812 29.10 -20.30 -25.68
CA SER B 812 28.12 -20.86 -24.76
C SER B 812 26.71 -20.68 -25.31
N PRO B 813 25.91 -21.74 -25.40
CA PRO B 813 24.51 -21.57 -25.83
C PRO B 813 23.63 -20.92 -24.77
N ARG B 814 24.09 -20.81 -23.53
CA ARG B 814 23.29 -20.20 -22.47
C ARG B 814 24.24 -19.59 -21.46
N LEU B 815 24.23 -18.26 -21.37
CA LEU B 815 25.04 -17.53 -20.42
C LEU B 815 24.21 -17.18 -19.19
N GLU B 816 24.89 -16.90 -18.08
CA GLU B 816 24.22 -16.67 -16.82
C GLU B 816 24.86 -15.47 -16.11
N ARG B 817 24.07 -14.84 -15.26
CA ARG B 817 24.55 -13.78 -14.39
C ARG B 817 23.91 -13.95 -13.02
N TYR B 818 24.58 -13.44 -12.00
CA TYR B 818 24.04 -13.44 -10.65
C TYR B 818 24.40 -12.13 -9.98
N ASN B 819 23.38 -11.33 -9.66
CA ASN B 819 23.57 -10.02 -9.05
C ASN B 819 24.42 -9.11 -9.93
N GLY B 820 24.29 -9.26 -11.25
CA GLY B 820 24.94 -8.39 -12.19
C GLY B 820 26.32 -8.81 -12.65
N LEU B 821 26.78 -9.99 -12.27
CA LEU B 821 28.10 -10.46 -12.64
C LEU B 821 27.99 -11.84 -13.30
N PRO B 822 28.94 -12.19 -14.17
CA PRO B 822 28.90 -13.52 -14.78
C PRO B 822 28.95 -14.60 -13.70
N SER B 823 28.24 -15.69 -13.95
CA SER B 823 28.03 -16.70 -12.92
C SER B 823 27.97 -18.08 -13.58
N LEU B 824 28.18 -19.10 -12.74
CA LEU B 824 28.06 -20.50 -13.16
C LEU B 824 27.42 -21.25 -12.00
N GLU B 825 26.12 -21.51 -12.10
CA GLU B 825 25.41 -22.20 -11.04
C GLU B 825 25.87 -23.64 -10.94
N ILE B 826 26.12 -24.10 -9.73
CA ILE B 826 26.60 -25.45 -9.47
C ILE B 826 25.67 -26.08 -8.43
N LEU B 827 25.21 -27.30 -8.72
CA LEU B 827 24.23 -27.97 -7.90
C LEU B 827 24.80 -29.27 -7.35
N GLY B 828 24.28 -29.70 -6.22
CA GLY B 828 24.73 -30.94 -5.60
C GLY B 828 24.08 -31.10 -4.24
N GLN B 829 24.47 -32.17 -3.56
CA GLN B 829 23.96 -32.42 -2.21
C GLN B 829 25.02 -33.13 -1.39
N ALA B 830 24.83 -33.10 -0.08
CA ALA B 830 25.77 -33.71 0.85
C ALA B 830 25.70 -35.23 0.77
N ALA B 831 26.84 -35.87 1.05
CA ALA B 831 26.91 -37.31 1.00
C ALA B 831 26.05 -37.91 2.11
N PRO B 832 25.64 -39.18 1.97
CA PRO B 832 24.75 -39.77 2.98
C PRO B 832 25.35 -39.69 4.37
N GLY B 833 24.51 -39.32 5.34
CA GLY B 833 24.94 -39.21 6.70
C GLY B 833 25.67 -37.94 7.05
N LYS B 834 25.72 -36.97 6.14
CA LYS B 834 26.39 -35.70 6.39
C LYS B 834 25.38 -34.56 6.24
N SER B 835 25.37 -33.64 7.20
CA SER B 835 24.46 -32.51 7.14
C SER B 835 24.84 -31.58 5.98
N THR B 836 23.84 -30.92 5.42
CA THR B 836 24.09 -29.99 4.32
C THR B 836 25.01 -28.87 4.76
N GLY B 837 25.04 -28.56 6.06
CA GLY B 837 25.96 -27.54 6.53
C GLY B 837 27.41 -27.89 6.27
N GLU B 838 27.77 -29.16 6.47
CA GLU B 838 29.14 -29.58 6.20
C GLU B 838 29.47 -29.48 4.72
N ALA B 839 28.54 -29.88 3.85
CA ALA B 839 28.78 -29.75 2.42
C ALA B 839 28.95 -28.29 2.02
N MET B 840 28.11 -27.41 2.57
CA MET B 840 28.25 -25.98 2.27
C MET B 840 29.59 -25.45 2.74
N ALA B 841 30.02 -25.83 3.94
CA ALA B 841 31.32 -25.38 4.44
C ALA B 841 32.46 -25.89 3.57
N LEU B 842 32.37 -27.15 3.14
CA LEU B 842 33.42 -27.71 2.29
C LEU B 842 33.45 -27.00 0.94
N MET B 843 32.28 -26.70 0.38
CA MET B 843 32.24 -25.98 -0.89
C MET B 843 32.82 -24.57 -0.74
N GLU B 844 32.51 -23.91 0.37
CA GLU B 844 33.11 -22.60 0.61
C GLU B 844 34.62 -22.69 0.72
N GLU B 845 35.13 -23.71 1.41
CA GLU B 845 36.57 -23.86 1.55
C GLU B 845 37.24 -24.15 0.21
N LEU B 846 36.64 -25.03 -0.59
CA LEU B 846 37.22 -25.37 -1.89
C LEU B 846 37.12 -24.22 -2.87
N ALA B 847 36.06 -23.41 -2.78
CA ALA B 847 35.92 -22.25 -3.64
C ALA B 847 36.88 -21.12 -3.28
N GLY B 848 37.54 -21.20 -2.13
CA GLY B 848 38.52 -20.21 -1.75
C GLY B 848 39.90 -20.43 -2.33
N LYS B 849 40.15 -21.61 -2.90
CA LYS B 849 41.42 -21.91 -3.52
C LYS B 849 41.43 -21.64 -5.03
N LEU B 850 40.32 -21.14 -5.57
CA LEU B 850 40.21 -20.88 -6.98
C LEU B 850 40.93 -19.58 -7.34
N PRO B 851 41.26 -19.39 -8.62
CA PRO B 851 42.08 -18.23 -9.01
C PRO B 851 41.55 -16.91 -8.47
N SER B 852 42.41 -15.90 -8.45
CA SER B 852 42.02 -14.59 -7.95
C SER B 852 40.96 -13.97 -8.84
N GLY B 853 40.08 -13.18 -8.23
CA GLY B 853 39.03 -12.53 -8.97
C GLY B 853 37.80 -13.38 -9.22
N ILE B 854 37.67 -14.52 -8.53
CA ILE B 854 36.52 -15.40 -8.68
C ILE B 854 35.92 -15.60 -7.30
N GLY B 855 34.66 -15.22 -7.14
CA GLY B 855 33.95 -15.35 -5.90
C GLY B 855 32.92 -16.47 -5.93
N TYR B 856 31.94 -16.36 -5.04
CA TYR B 856 30.85 -17.33 -5.00
C TYR B 856 29.71 -16.73 -4.20
N ASP B 857 28.60 -17.46 -4.15
CA ASP B 857 27.45 -17.05 -3.36
C ASP B 857 26.44 -18.18 -3.35
N TRP B 858 25.53 -18.12 -2.38
CA TRP B 858 24.51 -19.12 -2.18
C TRP B 858 23.15 -18.53 -2.55
N THR B 859 22.36 -19.29 -3.28
CA THR B 859 21.09 -18.82 -3.82
C THR B 859 19.96 -19.78 -3.49
N GLY B 860 18.78 -19.24 -3.23
CA GLY B 860 17.60 -20.04 -3.04
C GLY B 860 17.60 -20.86 -1.76
N MET B 861 17.56 -22.19 -1.92
CA MET B 861 17.45 -23.07 -0.77
C MET B 861 18.59 -22.84 0.21
N SER B 862 19.81 -22.61 -0.29
CA SER B 862 20.95 -22.35 0.59
C SER B 862 20.79 -21.03 1.32
N TYR B 863 20.28 -20.01 0.64
CA TYR B 863 19.96 -18.75 1.29
C TYR B 863 19.02 -18.99 2.47
N GLN B 864 17.93 -19.71 2.23
CA GLN B 864 16.96 -19.98 3.29
C GLN B 864 17.60 -20.80 4.42
N GLU B 865 18.46 -21.74 4.06
CA GLU B 865 19.09 -22.56 5.09
C GLU B 865 19.99 -21.72 5.99
N ARG B 866 20.76 -20.80 5.41
CA ARG B 866 21.54 -19.90 6.24
C ARG B 866 20.64 -19.07 7.15
N LEU B 867 19.57 -18.51 6.58
CA LEU B 867 18.67 -17.67 7.36
C LEU B 867 18.09 -18.44 8.55
N SER B 868 17.63 -19.67 8.32
CA SER B 868 16.97 -20.42 9.39
C SER B 868 17.98 -20.95 10.40
N GLY B 869 19.15 -21.39 9.94
CA GLY B 869 20.18 -21.82 10.86
C GLY B 869 20.61 -20.71 11.79
N ASN B 870 20.56 -19.46 11.31
CA ASN B 870 20.82 -18.34 12.20
C ASN B 870 19.77 -18.21 13.32
N GLN B 871 18.62 -18.88 13.19
CA GLN B 871 17.51 -18.72 14.13
C GLN B 871 17.21 -19.96 14.97
N ALA B 872 17.72 -21.12 14.58
CA ALA B 872 17.25 -22.37 15.17
C ALA B 872 17.26 -22.40 16.69
N PRO B 873 18.36 -22.08 17.39
CA PRO B 873 18.44 -22.37 18.83
C PRO B 873 17.88 -21.29 19.76
N ALA B 874 17.90 -20.04 19.32
CA ALA B 874 17.42 -18.96 20.19
C ALA B 874 15.95 -19.13 20.51
N LEU B 875 15.13 -19.51 19.53
CA LEU B 875 13.72 -19.72 19.78
C LEU B 875 13.50 -20.86 20.77
N TYR B 876 14.30 -21.93 20.66
CA TYR B 876 14.19 -23.02 21.63
C TYR B 876 14.53 -22.57 23.03
N ALA B 877 15.59 -21.76 23.17
CA ALA B 877 15.96 -21.26 24.49
C ALA B 877 14.87 -20.38 25.06
N ILE B 878 14.29 -19.49 24.25
CA ILE B 878 13.23 -18.62 24.73
C ILE B 878 12.01 -19.44 25.14
N SER B 879 11.67 -20.45 24.34
CA SER B 879 10.54 -21.32 24.69
C SER B 879 10.77 -22.01 26.01
N LEU B 880 11.97 -22.56 26.21
CA LEU B 880 12.26 -23.26 27.46
C LEU B 880 12.18 -22.31 28.65
N ILE B 881 12.74 -21.10 28.51
CA ILE B 881 12.72 -20.15 29.61
C ILE B 881 11.28 -19.75 29.95
N VAL B 882 10.47 -19.47 28.94
CA VAL B 882 9.09 -19.06 29.19
C VAL B 882 8.30 -20.20 29.82
N VAL B 883 8.51 -21.43 29.36
CA VAL B 883 7.82 -22.56 29.94
C VAL B 883 8.21 -22.74 31.41
N PHE B 884 9.50 -22.62 31.72
CA PHE B 884 9.91 -22.73 33.11
C PHE B 884 9.30 -21.65 33.96
N LEU B 885 9.26 -20.41 33.46
CA LEU B 885 8.66 -19.32 34.24
C LEU B 885 7.18 -19.57 34.47
N CYS B 886 6.46 -20.03 33.45
CA CYS B 886 5.04 -20.31 33.61
C CYS B 886 4.81 -21.42 34.63
N LEU B 887 5.64 -22.46 34.60
CA LEU B 887 5.48 -23.55 35.56
C LEU B 887 5.81 -23.11 36.97
N ALA B 888 6.84 -22.27 37.14
CA ALA B 888 7.15 -21.73 38.45
C ALA B 888 6.01 -20.87 38.96
N ALA B 889 5.39 -20.09 38.08
CA ALA B 889 4.21 -19.32 38.45
C ALA B 889 3.08 -20.23 38.91
N LEU B 890 2.82 -21.29 38.15
CA LEU B 890 1.70 -22.17 38.48
C LEU B 890 1.92 -22.91 39.79
N TYR B 891 3.13 -23.45 39.99
CA TYR B 891 3.40 -24.30 41.15
C TYR B 891 3.93 -23.52 42.35
N GLU B 892 4.20 -22.22 42.21
CA GLU B 892 4.69 -21.42 43.32
C GLU B 892 5.98 -22.02 43.89
N SER B 893 6.92 -22.29 43.00
CA SER B 893 8.23 -22.79 43.40
C SER B 893 9.13 -22.82 42.18
N TRP B 894 10.43 -22.62 42.43
CA TRP B 894 11.42 -22.66 41.36
C TRP B 894 11.92 -24.07 41.07
N SER B 895 11.61 -25.04 41.93
CA SER B 895 12.12 -26.40 41.79
C SER B 895 11.10 -27.38 41.25
N ILE B 896 9.82 -27.22 41.60
CA ILE B 896 8.80 -28.15 41.12
C ILE B 896 8.76 -28.21 39.60
N PRO B 897 8.94 -27.12 38.86
CA PRO B 897 8.86 -27.22 37.40
C PRO B 897 9.77 -28.28 36.80
N PHE B 898 10.94 -28.54 37.41
CA PHE B 898 11.84 -29.54 36.85
C PHE B 898 11.20 -30.92 36.82
N SER B 899 10.23 -31.18 37.69
CA SER B 899 9.50 -32.43 37.61
C SER B 899 8.57 -32.49 36.42
N VAL B 900 8.35 -31.36 35.74
CA VAL B 900 7.50 -31.31 34.56
C VAL B 900 8.29 -31.12 33.28
N MET B 901 9.45 -30.47 33.34
CA MET B 901 10.28 -30.27 32.16
C MET B 901 11.13 -31.49 31.83
N LEU B 902 11.24 -32.45 32.75
CA LEU B 902 12.02 -33.65 32.50
C LEU B 902 11.25 -34.71 31.71
N VAL B 903 9.96 -34.48 31.44
CA VAL B 903 9.17 -35.41 30.64
C VAL B 903 9.28 -35.15 29.15
N VAL B 904 9.95 -34.06 28.74
CA VAL B 904 10.10 -33.80 27.31
C VAL B 904 10.83 -34.93 26.61
N PRO B 905 11.95 -35.46 27.12
CA PRO B 905 12.63 -36.55 26.41
C PRO B 905 11.81 -37.83 26.31
N LEU B 906 10.76 -37.98 27.11
CA LEU B 906 10.05 -39.27 27.13
C LEU B 906 9.32 -39.52 25.82
N GLY B 907 8.55 -38.56 25.33
CA GLY B 907 7.83 -38.77 24.08
C GLY B 907 8.72 -38.70 22.86
N VAL B 908 9.76 -37.88 22.89
CA VAL B 908 10.67 -37.77 21.77
C VAL B 908 11.34 -39.11 21.49
N VAL B 909 11.62 -39.89 22.54
CA VAL B 909 12.21 -41.19 22.35
C VAL B 909 11.32 -42.06 21.47
N GLY B 910 10.02 -42.10 21.80
CA GLY B 910 9.10 -42.89 21.01
C GLY B 910 8.95 -42.40 19.60
N ALA B 911 8.87 -41.07 19.43
CA ALA B 911 8.75 -40.52 18.07
C ALA B 911 9.95 -40.91 17.23
N LEU B 912 11.15 -40.78 17.79
CA LEU B 912 12.36 -41.13 17.05
C LEU B 912 12.42 -42.62 16.75
N LEU B 913 12.02 -43.46 17.70
CA LEU B 913 12.03 -44.89 17.46
C LEU B 913 11.08 -45.26 16.33
N ALA B 914 9.87 -44.69 16.33
CA ALA B 914 8.92 -44.98 15.27
C ALA B 914 9.45 -44.52 13.92
N ALA B 915 9.98 -43.30 13.85
CA ALA B 915 10.50 -42.79 12.59
C ALA B 915 11.66 -43.65 12.09
N THR B 916 12.56 -44.04 12.99
CA THR B 916 13.73 -44.83 12.59
C THR B 916 13.32 -46.21 12.10
N PHE B 917 12.47 -46.90 12.86
CA PHE B 917 12.06 -48.24 12.46
C PHE B 917 11.28 -48.22 11.17
N ARG B 918 10.42 -47.22 10.97
CA ARG B 918 9.65 -47.12 9.75
C ARG B 918 10.44 -46.51 8.60
N GLY B 919 11.67 -46.06 8.86
CA GLY B 919 12.49 -45.49 7.79
C GLY B 919 11.98 -44.18 7.26
N LEU B 920 11.49 -43.30 8.13
CA LEU B 920 11.09 -41.96 7.76
C LEU B 920 12.20 -40.98 8.11
N THR B 921 11.99 -39.71 7.78
CA THR B 921 12.98 -38.67 7.97
C THR B 921 12.44 -37.60 8.91
N ASN B 922 13.26 -36.58 9.15
CA ASN B 922 12.92 -35.50 10.08
C ASN B 922 12.32 -34.31 9.33
N ASP B 923 11.21 -34.59 8.63
CA ASP B 923 10.54 -33.58 7.83
C ASP B 923 9.71 -32.66 8.73
N VAL B 924 9.09 -31.64 8.12
CA VAL B 924 8.36 -30.65 8.90
C VAL B 924 7.26 -31.30 9.73
N TYR B 925 6.51 -32.21 9.12
CA TYR B 925 5.46 -32.90 9.85
C TYR B 925 6.02 -33.58 11.08
N PHE B 926 7.26 -34.08 11.00
CA PHE B 926 7.87 -34.73 12.16
C PHE B 926 8.09 -33.73 13.29
N GLN B 927 8.60 -32.53 12.99
CA GLN B 927 8.78 -31.55 14.05
C GLN B 927 7.46 -31.13 14.67
N VAL B 928 6.43 -30.94 13.86
CA VAL B 928 5.14 -30.52 14.42
C VAL B 928 4.56 -31.63 15.29
N GLY B 929 4.66 -32.88 14.83
CA GLY B 929 4.22 -33.99 15.65
C GLY B 929 4.98 -34.08 16.96
N LEU B 930 6.30 -33.85 16.91
CA LEU B 930 7.09 -33.85 18.14
C LEU B 930 6.60 -32.78 19.09
N LEU B 931 6.32 -31.58 18.58
CA LEU B 931 5.86 -30.50 19.45
C LEU B 931 4.52 -30.85 20.09
N THR B 932 3.59 -31.42 19.32
CA THR B 932 2.30 -31.75 19.91
C THR B 932 2.43 -32.88 20.92
N THR B 933 3.28 -33.87 20.64
CA THR B 933 3.51 -34.95 21.60
C THR B 933 4.11 -34.40 22.90
N ILE B 934 5.09 -33.50 22.77
CA ILE B 934 5.69 -32.88 23.95
C ILE B 934 4.63 -32.12 24.73
N GLY B 935 3.79 -31.35 24.04
CA GLY B 935 2.76 -30.60 24.72
C GLY B 935 1.79 -31.49 25.48
N LEU B 936 1.37 -32.59 24.88
CA LEU B 936 0.39 -33.45 25.53
C LEU B 936 1.00 -34.21 26.70
N SER B 937 2.23 -34.70 26.55
CA SER B 937 2.89 -35.33 27.68
C SER B 937 3.11 -34.35 28.81
N ALA B 938 3.49 -33.10 28.48
CA ALA B 938 3.66 -32.09 29.51
C ALA B 938 2.34 -31.79 30.20
N LYS B 939 1.23 -31.80 29.45
CA LYS B 939 -0.08 -31.61 30.06
C LYS B 939 -0.38 -32.71 31.07
N ASN B 940 -0.11 -33.96 30.70
CA ASN B 940 -0.34 -35.06 31.63
C ASN B 940 0.52 -34.91 32.89
N ALA B 941 1.79 -34.60 32.71
CA ALA B 941 2.68 -34.43 33.85
C ALA B 941 2.25 -33.26 34.72
N ILE B 942 1.79 -32.18 34.10
CA ILE B 942 1.34 -31.02 34.87
C ILE B 942 0.17 -31.40 35.75
N LEU B 943 -0.80 -32.12 35.19
CA LEU B 943 -1.95 -32.53 36.00
C LEU B 943 -1.53 -33.45 37.14
N ILE B 944 -0.67 -34.42 36.86
CA ILE B 944 -0.24 -35.33 37.93
C ILE B 944 0.45 -34.56 39.04
N VAL B 945 1.39 -33.69 38.69
CA VAL B 945 2.17 -32.98 39.70
C VAL B 945 1.27 -32.04 40.49
N GLU B 946 0.36 -31.35 39.81
CA GLU B 946 -0.53 -30.44 40.52
C GLU B 946 -1.43 -31.19 41.50
N PHE B 947 -1.98 -32.33 41.07
CA PHE B 947 -2.82 -33.09 41.99
C PHE B 947 -2.03 -33.57 43.19
N ALA B 948 -0.81 -34.07 42.97
CA ALA B 948 0.02 -34.51 44.08
C ALA B 948 0.31 -33.37 45.04
N LYS B 949 0.68 -32.20 44.51
CA LYS B 949 1.00 -31.07 45.36
C LYS B 949 -0.21 -30.58 46.14
N ASP B 950 -1.38 -30.52 45.48
CA ASP B 950 -2.59 -30.10 46.17
C ASP B 950 -2.96 -31.07 47.28
N LEU B 951 -2.83 -32.37 47.02
CA LEU B 951 -3.08 -33.35 48.07
C LEU B 951 -2.11 -33.18 49.23
N MET B 952 -0.84 -32.89 48.92
CA MET B 952 0.16 -32.78 49.97
C MET B 952 0.01 -31.48 50.77
N GLU B 953 -0.61 -30.46 50.18
CA GLU B 953 -0.78 -29.18 50.86
C GLU B 953 -2.11 -29.08 51.58
N LYS B 954 -3.21 -29.13 50.83
CA LYS B 954 -4.52 -28.87 51.42
C LYS B 954 -4.92 -29.94 52.42
N GLU B 955 -4.66 -31.21 52.10
CA GLU B 955 -5.04 -32.32 52.96
C GLU B 955 -3.90 -32.81 53.84
N GLY B 956 -2.73 -32.18 53.78
CA GLY B 956 -1.64 -32.53 54.68
C GLY B 956 -1.21 -33.98 54.60
N LYS B 957 -1.14 -34.53 53.39
CA LYS B 957 -0.67 -35.89 53.21
C LYS B 957 0.85 -35.91 53.09
N GLY B 958 1.41 -37.11 53.18
CA GLY B 958 2.84 -37.25 53.00
C GLY B 958 3.24 -37.13 51.55
N LEU B 959 4.55 -37.08 51.33
CA LEU B 959 5.04 -36.99 49.96
C LEU B 959 4.68 -38.24 49.16
N ILE B 960 5.01 -39.42 49.71
CA ILE B 960 4.74 -40.65 48.99
C ILE B 960 3.25 -40.90 48.87
N GLU B 961 2.50 -40.69 49.96
CA GLU B 961 1.06 -40.91 49.91
C GLU B 961 0.38 -39.96 48.93
N ALA B 962 0.79 -38.69 48.93
CA ALA B 962 0.22 -37.73 48.00
C ALA B 962 0.55 -38.11 46.57
N THR B 963 1.79 -38.52 46.30
CA THR B 963 2.16 -38.93 44.95
C THR B 963 1.32 -40.13 44.50
N LEU B 964 1.16 -41.11 45.38
CA LEU B 964 0.43 -42.32 45.01
C LEU B 964 -1.04 -41.99 44.74
N GLU B 965 -1.66 -41.16 45.58
CA GLU B 965 -3.04 -40.77 45.31
C GLU B 965 -3.16 -39.99 44.01
N ALA B 966 -2.22 -39.08 43.73
CA ALA B 966 -2.31 -38.29 42.51
C ALA B 966 -2.22 -39.19 41.28
N VAL B 967 -1.27 -40.12 41.27
CA VAL B 967 -1.13 -41.01 40.12
C VAL B 967 -2.33 -41.92 40.00
N ARG B 968 -2.86 -42.42 41.12
CA ARG B 968 -4.04 -43.27 41.06
C ARG B 968 -5.22 -42.52 40.46
N MET B 969 -5.43 -41.27 40.87
CA MET B 969 -6.56 -40.51 40.35
C MET B 969 -6.36 -40.14 38.88
N ARG B 970 -5.12 -39.92 38.46
CA ARG B 970 -4.87 -39.45 37.10
C ARG B 970 -4.62 -40.56 36.10
N LEU B 971 -4.52 -41.82 36.52
CA LEU B 971 -4.27 -42.89 35.58
C LEU B 971 -5.35 -42.98 34.52
N ARG B 972 -6.61 -42.98 34.93
CA ARG B 972 -7.69 -43.27 33.98
C ARG B 972 -7.77 -42.25 32.84
N PRO B 973 -7.84 -40.93 33.09
CA PRO B 973 -7.92 -40.00 31.97
C PRO B 973 -6.72 -40.07 31.06
N ILE B 974 -5.53 -40.35 31.60
CA ILE B 974 -4.34 -40.51 30.77
C ILE B 974 -4.54 -41.64 29.78
N LEU B 975 -5.00 -42.80 30.26
CA LEU B 975 -5.22 -43.94 29.38
C LEU B 975 -6.32 -43.66 28.37
N MET B 976 -7.40 -43.02 28.81
CA MET B 976 -8.48 -42.73 27.87
C MET B 976 -7.99 -41.83 26.73
N THR B 977 -7.29 -40.75 27.08
CA THR B 977 -6.79 -39.84 26.06
C THR B 977 -5.80 -40.54 25.14
N SER B 978 -4.88 -41.31 25.71
CA SER B 978 -3.88 -42.00 24.89
C SER B 978 -4.54 -42.96 23.92
N LEU B 979 -5.48 -43.77 24.41
CA LEU B 979 -6.16 -44.73 23.55
C LEU B 979 -6.94 -44.02 22.45
N ALA B 980 -7.69 -42.97 22.79
CA ALA B 980 -8.48 -42.27 21.80
C ALA B 980 -7.59 -41.68 20.72
N PHE B 981 -6.52 -40.99 21.11
CA PHE B 981 -5.65 -40.35 20.13
C PHE B 981 -4.92 -41.37 19.27
N ILE B 982 -4.42 -42.45 19.88
CA ILE B 982 -3.71 -43.46 19.11
C ILE B 982 -4.64 -44.10 18.08
N LEU B 983 -5.87 -44.44 18.50
CA LEU B 983 -6.80 -45.03 17.55
C LEU B 983 -7.18 -44.04 16.45
N GLY B 984 -7.33 -42.75 16.80
CA GLY B 984 -7.67 -41.75 15.80
C GLY B 984 -6.55 -41.45 14.82
N VAL B 985 -5.30 -41.69 15.21
CA VAL B 985 -4.18 -41.48 14.32
C VAL B 985 -3.78 -42.75 13.55
N MET B 986 -4.19 -43.92 14.02
CA MET B 986 -3.81 -45.16 13.34
C MET B 986 -4.12 -45.19 11.85
N PRO B 987 -5.28 -44.70 11.38
CA PRO B 987 -5.49 -44.69 9.92
C PRO B 987 -4.43 -43.91 9.16
N LEU B 988 -3.91 -42.83 9.73
CA LEU B 988 -2.83 -42.10 9.07
C LEU B 988 -1.59 -42.96 8.94
N VAL B 989 -1.25 -43.71 10.00
CA VAL B 989 -0.07 -44.58 9.95
C VAL B 989 -0.27 -45.68 8.92
N ILE B 990 -1.46 -46.27 8.87
CA ILE B 990 -1.72 -47.36 7.95
C ILE B 990 -2.02 -46.88 6.53
N SER B 991 -2.45 -45.64 6.37
CA SER B 991 -2.82 -45.14 5.06
C SER B 991 -1.65 -45.24 4.09
N SER B 992 -1.93 -45.72 2.88
CA SER B 992 -0.91 -45.81 1.84
C SER B 992 -1.45 -45.44 0.46
N GLY B 993 -2.54 -44.70 0.40
CA GLY B 993 -3.16 -44.39 -0.87
C GLY B 993 -2.69 -43.08 -1.47
N ALA B 994 -3.63 -42.17 -1.72
CA ALA B 994 -3.29 -40.89 -2.35
C ALA B 994 -2.85 -39.89 -1.30
N GLY B 995 -1.70 -39.26 -1.53
CA GLY B 995 -1.17 -38.30 -0.59
C GLY B 995 -0.90 -38.89 0.77
N SER B 996 -0.33 -40.10 0.81
CA SER B 996 -0.07 -40.80 2.05
C SER B 996 1.30 -40.49 2.64
N GLY B 997 2.15 -39.77 1.92
CA GLY B 997 3.45 -39.41 2.49
C GLY B 997 3.31 -38.47 3.67
N ALA B 998 2.55 -37.39 3.50
CA ALA B 998 2.30 -36.48 4.60
C ALA B 998 1.53 -37.16 5.71
N GLN B 999 0.55 -38.01 5.34
CA GLN B 999 -0.22 -38.71 6.36
C GLN B 999 0.67 -39.59 7.22
N ASN B 1000 1.55 -40.38 6.59
CA ASN B 1000 2.45 -41.23 7.35
C ASN B 1000 3.41 -40.42 8.19
N ALA B 1001 3.97 -39.34 7.63
CA ALA B 1001 4.88 -38.50 8.40
C ALA B 1001 4.20 -37.92 9.63
N VAL B 1002 2.94 -37.49 9.47
CA VAL B 1002 2.21 -36.91 10.59
C VAL B 1002 1.85 -37.98 11.62
N GLY B 1003 1.46 -39.15 11.15
CA GLY B 1003 0.88 -40.15 12.03
C GLY B 1003 1.85 -41.04 12.76
N THR B 1004 2.92 -41.50 12.11
CA THR B 1004 3.81 -42.46 12.74
C THR B 1004 4.54 -41.85 13.92
N GLY B 1005 5.07 -40.64 13.74
CA GLY B 1005 5.74 -39.97 14.85
C GLY B 1005 4.81 -39.74 16.02
N VAL B 1006 3.59 -39.29 15.74
CA VAL B 1006 2.63 -39.03 16.82
C VAL B 1006 2.28 -40.32 17.54
N MET B 1007 2.05 -41.41 16.79
CA MET B 1007 1.68 -42.66 17.41
C MET B 1007 2.79 -43.19 18.30
N GLY B 1008 4.03 -43.20 17.79
CA GLY B 1008 5.14 -43.64 18.61
C GLY B 1008 5.33 -42.77 19.83
N GLY B 1009 5.23 -41.45 19.66
CA GLY B 1009 5.41 -40.56 20.78
C GLY B 1009 4.35 -40.75 21.86
N MET B 1010 3.09 -40.91 21.45
CA MET B 1010 2.04 -41.16 22.43
C MET B 1010 2.26 -42.48 23.14
N VAL B 1011 2.63 -43.52 22.42
CA VAL B 1011 2.83 -44.81 23.08
C VAL B 1011 3.92 -44.69 24.13
N THR B 1012 5.07 -44.15 23.75
CA THR B 1012 6.19 -44.07 24.68
C THR B 1012 5.87 -43.13 25.84
N ALA B 1013 5.24 -41.99 25.57
CA ALA B 1013 4.93 -41.04 26.63
C ALA B 1013 3.95 -41.66 27.62
N THR B 1014 2.89 -42.31 27.13
CA THR B 1014 1.94 -42.92 28.04
C THR B 1014 2.59 -44.00 28.88
N ILE B 1015 3.43 -44.84 28.27
CA ILE B 1015 4.05 -45.92 29.03
C ILE B 1015 5.04 -45.37 30.05
N LEU B 1016 5.77 -44.32 29.71
CA LEU B 1016 6.89 -43.88 30.53
C LEU B 1016 6.51 -42.83 31.56
N ALA B 1017 5.65 -41.87 31.22
CA ALA B 1017 5.33 -40.79 32.13
C ALA B 1017 4.65 -41.29 33.39
N ILE B 1018 3.69 -42.21 33.24
CA ILE B 1018 2.95 -42.69 34.40
C ILE B 1018 3.87 -43.30 35.43
N PHE B 1019 5.06 -43.73 35.04
CA PHE B 1019 6.01 -44.34 35.95
C PHE B 1019 7.16 -43.42 36.33
N PHE B 1020 7.47 -42.42 35.52
CA PHE B 1020 8.60 -41.53 35.77
C PHE B 1020 8.20 -40.22 36.44
N VAL B 1021 7.05 -39.64 36.09
CA VAL B 1021 6.66 -38.37 36.66
C VAL B 1021 6.60 -38.43 38.19
N PRO B 1022 6.00 -39.46 38.80
CA PRO B 1022 6.10 -39.57 40.26
C PRO B 1022 7.54 -39.63 40.74
N VAL B 1023 8.43 -40.32 40.00
CA VAL B 1023 9.83 -40.38 40.41
C VAL B 1023 10.44 -38.99 40.40
N PHE B 1024 10.20 -38.23 39.33
CA PHE B 1024 10.75 -36.88 39.27
C PHE B 1024 10.18 -36.02 40.39
N PHE B 1025 8.89 -36.09 40.63
CA PHE B 1025 8.28 -35.26 41.68
C PHE B 1025 8.87 -35.59 43.03
N VAL B 1026 8.98 -36.88 43.37
CA VAL B 1026 9.50 -37.27 44.67
C VAL B 1026 10.96 -36.86 44.81
N VAL B 1027 11.77 -37.09 43.77
CA VAL B 1027 13.19 -36.75 43.86
C VAL B 1027 13.38 -35.25 44.00
N VAL B 1028 12.63 -34.46 43.22
CA VAL B 1028 12.76 -33.01 43.30
C VAL B 1028 12.30 -32.49 44.65
N ARG B 1029 11.18 -33.03 45.18
CA ARG B 1029 10.72 -32.58 46.48
C ARG B 1029 11.71 -32.93 47.58
N ARG B 1030 12.28 -34.14 47.52
CA ARG B 1030 13.28 -34.51 48.52
C ARG B 1030 14.50 -33.60 48.42
N ARG B 1031 14.96 -33.31 47.21
CA ARG B 1031 16.18 -32.53 47.03
C ARG B 1031 16.01 -31.11 47.56
N PHE B 1032 14.95 -30.43 47.13
CA PHE B 1032 14.67 -29.05 47.54
C PHE B 1032 13.46 -29.08 48.48
N SER B 1033 13.73 -29.28 49.77
CA SER B 1033 12.68 -29.42 50.77
C SER B 1033 12.59 -28.22 51.70
N LYS B 1034 13.69 -27.87 52.36
CA LYS B 1034 13.70 -26.75 53.29
C LYS B 1034 14.18 -25.35 52.88
N MET C 1 -21.85 0.14 41.14
CA MET C 1 -21.36 1.42 40.57
C MET C 1 -22.23 2.60 40.99
N PRO C 2 -23.57 2.47 40.90
CA PRO C 2 -24.42 3.59 41.30
C PRO C 2 -24.21 4.03 42.74
N ASN C 3 -24.00 3.09 43.66
CA ASN C 3 -23.78 3.45 45.07
C ASN C 3 -22.48 4.21 45.27
N PHE C 4 -21.44 3.87 44.51
CA PHE C 4 -20.18 4.59 44.64
C PHE C 4 -20.35 6.05 44.28
N PHE C 5 -21.09 6.35 43.21
CA PHE C 5 -21.26 7.72 42.75
C PHE C 5 -22.41 8.44 43.42
N ILE C 6 -23.27 7.75 44.17
CA ILE C 6 -24.31 8.45 44.90
C ILE C 6 -23.69 9.30 46.00
N ASP C 7 -22.62 8.80 46.62
CA ASP C 7 -21.92 9.52 47.68
C ASP C 7 -20.78 10.39 47.17
N ARG C 8 -20.48 10.34 45.88
CA ARG C 8 -19.38 11.11 45.28
C ARG C 8 -19.89 11.83 44.05
N PRO C 9 -20.78 12.81 44.22
CA PRO C 9 -21.32 13.53 43.06
C PRO C 9 -20.26 14.26 42.26
N ILE C 10 -19.21 14.76 42.91
CA ILE C 10 -18.19 15.51 42.19
C ILE C 10 -17.42 14.61 41.24
N PHE C 11 -17.19 13.35 41.62
CA PHE C 11 -16.53 12.41 40.72
C PHE C 11 -17.36 12.19 39.46
N ALA C 12 -18.66 12.01 39.61
CA ALA C 12 -19.53 11.83 38.45
C ALA C 12 -19.55 13.09 37.59
N TRP C 13 -19.62 14.27 38.22
CA TRP C 13 -19.60 15.50 37.46
C TRP C 13 -18.30 15.65 36.69
N VAL C 14 -17.17 15.25 37.30
CA VAL C 14 -15.89 15.31 36.62
C VAL C 14 -15.87 14.39 35.41
N ILE C 15 -16.37 13.17 35.56
CA ILE C 15 -16.39 12.25 34.42
C ILE C 15 -17.23 12.84 33.30
N ALA C 16 -18.40 13.36 33.63
CA ALA C 16 -19.28 13.93 32.62
C ALA C 16 -18.62 15.13 31.94
N ILE C 17 -17.97 15.99 32.72
CA ILE C 17 -17.36 17.19 32.16
C ILE C 17 -16.21 16.83 31.25
N ILE C 18 -15.43 15.80 31.60
CA ILE C 18 -14.32 15.39 30.75
C ILE C 18 -14.84 14.78 29.45
N ILE C 19 -15.93 14.01 29.52
CA ILE C 19 -16.52 13.47 28.30
C ILE C 19 -17.00 14.61 27.40
N MET C 20 -17.69 15.59 27.99
CA MET C 20 -18.18 16.73 27.23
C MET C 20 -17.02 17.51 26.62
N LEU C 21 -15.93 17.68 27.37
CA LEU C 21 -14.78 18.42 26.86
C LEU C 21 -14.14 17.68 25.68
N ALA C 22 -14.01 16.36 25.78
CA ALA C 22 -13.48 15.59 24.65
C ALA C 22 -14.37 15.73 23.43
N GLY C 23 -15.68 15.64 23.62
CA GLY C 23 -16.60 15.79 22.49
C GLY C 23 -16.53 17.18 21.89
N GLY C 24 -16.43 18.21 22.72
CA GLY C 24 -16.36 19.57 22.21
C GLY C 24 -15.07 19.84 21.45
N LEU C 25 -13.96 19.30 21.94
CA LEU C 25 -12.70 19.45 21.22
C LEU C 25 -12.70 18.63 19.94
N SER C 26 -13.45 17.53 19.90
CA SER C 26 -13.54 16.72 18.69
C SER C 26 -14.45 17.34 17.63
N ILE C 27 -15.49 18.06 18.05
CA ILE C 27 -16.39 18.67 17.07
C ILE C 27 -15.63 19.67 16.21
N LEU C 28 -14.68 20.39 16.80
CA LEU C 28 -13.94 21.40 16.05
C LEU C 28 -13.10 20.78 14.95
N LYS C 29 -12.50 19.62 15.21
CA LYS C 29 -11.55 19.00 14.29
C LYS C 29 -12.19 17.92 13.42
N LEU C 30 -13.50 17.73 13.49
CA LEU C 30 -14.16 16.68 12.72
C LEU C 30 -14.54 17.21 11.34
N PRO C 31 -14.16 16.54 10.25
CA PRO C 31 -14.59 17.01 8.93
C PRO C 31 -16.09 16.87 8.74
N VAL C 32 -16.64 17.78 7.95
CA VAL C 32 -18.06 17.78 7.62
C VAL C 32 -18.25 17.31 6.19
N ALA C 33 -19.37 16.65 5.94
CA ALA C 33 -19.68 16.16 4.61
C ALA C 33 -21.18 15.89 4.54
N GLN C 34 -21.63 15.32 3.42
CA GLN C 34 -23.02 14.87 3.27
C GLN C 34 -23.13 13.36 3.43
N TYR C 35 -22.23 12.62 2.81
CA TYR C 35 -22.15 11.17 2.91
C TYR C 35 -20.70 10.80 3.19
N PRO C 36 -20.46 9.63 3.78
CA PRO C 36 -19.09 9.14 3.86
C PRO C 36 -18.62 8.65 2.50
N THR C 37 -17.48 7.97 2.44
CA THR C 37 -17.06 7.34 1.20
C THR C 37 -17.89 6.08 0.98
N ILE C 38 -18.96 6.19 0.19
CA ILE C 38 -19.85 5.07 -0.06
C ILE C 38 -19.82 4.59 -1.51
N ALA C 39 -19.44 5.44 -2.45
CA ALA C 39 -19.39 5.01 -3.84
C ALA C 39 -18.23 4.05 -4.06
N PRO C 40 -18.44 2.92 -4.72
CA PRO C 40 -17.33 1.98 -4.96
C PRO C 40 -16.25 2.61 -5.81
N PRO C 41 -14.98 2.32 -5.52
CA PRO C 41 -13.90 2.93 -6.32
C PRO C 41 -13.90 2.42 -7.75
N ALA C 42 -13.45 3.27 -8.66
CA ALA C 42 -13.36 2.93 -10.07
C ALA C 42 -12.00 3.33 -10.61
N ILE C 43 -11.50 2.56 -11.57
CA ILE C 43 -10.22 2.82 -12.23
C ILE C 43 -10.50 2.86 -13.73
N SER C 44 -9.99 3.89 -14.40
CA SER C 44 -10.27 4.11 -15.81
C SER C 44 -8.99 4.00 -16.62
N ILE C 45 -9.04 3.22 -17.70
CA ILE C 45 -7.94 3.06 -18.63
C ILE C 45 -8.36 3.67 -19.96
N THR C 46 -7.58 4.62 -20.46
CA THR C 46 -7.85 5.28 -21.73
C THR C 46 -6.71 5.01 -22.70
N ALA C 47 -7.05 4.51 -23.88
CA ALA C 47 -6.06 4.21 -24.91
C ALA C 47 -6.47 4.90 -26.20
N MET C 48 -5.52 5.60 -26.80
CA MET C 48 -5.76 6.40 -28.00
C MET C 48 -5.20 5.67 -29.21
N TYR C 49 -6.03 5.48 -30.23
CA TYR C 49 -5.65 4.80 -31.47
C TYR C 49 -6.02 5.74 -32.61
N PRO C 50 -5.17 6.73 -32.90
CA PRO C 50 -5.59 7.82 -33.79
C PRO C 50 -6.00 7.30 -35.16
N GLY C 51 -7.08 7.88 -35.68
CA GLY C 51 -7.55 7.58 -37.01
C GLY C 51 -8.39 6.33 -37.14
N ALA C 52 -8.62 5.60 -36.06
CA ALA C 52 -9.43 4.39 -36.11
C ALA C 52 -10.90 4.73 -35.94
N ASP C 53 -11.75 3.73 -36.11
CA ASP C 53 -13.19 3.84 -35.89
C ASP C 53 -13.57 3.02 -34.67
N ALA C 54 -14.88 2.97 -34.40
CA ALA C 54 -15.35 2.26 -33.21
C ALA C 54 -15.08 0.76 -33.32
N GLU C 55 -15.35 0.16 -34.47
CA GLU C 55 -15.16 -1.27 -34.61
C GLU C 55 -13.70 -1.66 -34.44
N THR C 56 -12.80 -0.96 -35.13
CA THR C 56 -11.39 -1.30 -35.03
C THR C 56 -10.88 -1.14 -33.61
N VAL C 57 -11.29 -0.06 -32.94
CA VAL C 57 -10.88 0.17 -31.57
C VAL C 57 -11.36 -0.97 -30.68
N GLN C 58 -12.63 -1.33 -30.79
CA GLN C 58 -13.17 -2.39 -29.95
C GLN C 58 -12.46 -3.71 -30.20
N ASN C 59 -12.20 -4.03 -31.47
CA ASN C 59 -11.61 -5.32 -31.80
C ASN C 59 -10.16 -5.40 -31.33
N THR C 60 -9.38 -4.36 -31.59
CA THR C 60 -7.92 -4.45 -31.45
C THR C 60 -7.38 -3.86 -30.16
N VAL C 61 -8.17 -3.08 -29.41
CA VAL C 61 -7.66 -2.44 -28.20
C VAL C 61 -8.51 -2.83 -27.01
N THR C 62 -9.81 -2.47 -27.04
CA THR C 62 -10.65 -2.68 -25.88
C THR C 62 -10.80 -4.17 -25.55
N GLN C 63 -10.96 -5.00 -26.57
CA GLN C 63 -11.13 -6.43 -26.33
C GLN C 63 -9.87 -7.05 -25.77
N VAL C 64 -8.70 -6.59 -26.22
CA VAL C 64 -7.44 -7.14 -25.74
C VAL C 64 -7.21 -6.75 -24.28
N ILE C 65 -7.45 -5.48 -23.94
CA ILE C 65 -7.22 -5.03 -22.58
C ILE C 65 -8.24 -5.65 -21.63
N GLU C 66 -9.47 -5.83 -22.08
CA GLU C 66 -10.50 -6.40 -21.23
C GLU C 66 -10.15 -7.82 -20.82
N GLN C 67 -9.57 -8.61 -21.73
CA GLN C 67 -9.23 -9.99 -21.41
C GLN C 67 -8.32 -10.07 -20.20
N ASN C 68 -7.20 -9.33 -20.24
CA ASN C 68 -6.27 -9.36 -19.12
C ASN C 68 -6.84 -8.68 -17.90
N MET C 69 -7.55 -7.57 -18.08
CA MET C 69 -8.14 -6.87 -16.96
C MET C 69 -9.33 -7.70 -16.53
N ASN C 70 -9.06 -8.79 -15.81
CA ASN C 70 -10.08 -9.73 -15.43
C ASN C 70 -9.51 -10.65 -14.37
N GLY C 71 -10.24 -10.87 -13.29
CA GLY C 71 -9.72 -11.59 -12.16
C GLY C 71 -8.95 -10.73 -11.17
N ILE C 72 -8.94 -9.42 -11.36
CA ILE C 72 -8.34 -8.55 -10.36
C ILE C 72 -9.15 -8.66 -9.08
N ASP C 73 -8.48 -8.49 -7.95
CA ASP C 73 -9.15 -8.63 -6.66
C ASP C 73 -10.27 -7.62 -6.51
N HIS C 74 -11.40 -8.09 -6.00
CA HIS C 74 -12.52 -7.22 -5.65
C HIS C 74 -13.01 -6.43 -6.86
N LEU C 75 -13.02 -7.07 -8.02
CA LEU C 75 -13.62 -6.47 -9.22
C LEU C 75 -15.10 -6.78 -9.20
N MET C 76 -15.92 -5.76 -9.47
CA MET C 76 -17.37 -5.88 -9.37
C MET C 76 -18.02 -5.84 -10.75
N TYR C 77 -17.60 -4.94 -11.61
CA TYR C 77 -17.94 -5.00 -13.02
C TYR C 77 -17.04 -4.04 -13.78
N MET C 78 -17.08 -4.12 -15.11
CA MET C 78 -16.31 -3.24 -15.96
C MET C 78 -17.08 -2.96 -17.23
N SER C 79 -17.07 -1.70 -17.64
CA SER C 79 -17.74 -1.27 -18.86
C SER C 79 -16.77 -0.45 -19.70
N SER C 80 -16.66 -0.78 -20.97
CA SER C 80 -15.72 -0.14 -21.87
C SER C 80 -16.44 0.33 -23.12
N ASN C 81 -15.85 1.32 -23.79
CA ASN C 81 -16.42 1.85 -25.03
C ASN C 81 -15.30 2.46 -25.86
N GLY C 82 -15.55 2.57 -27.16
CA GLY C 82 -14.61 3.17 -28.07
C GLY C 82 -15.31 4.00 -29.12
N ASP C 83 -14.92 5.27 -29.26
CA ASP C 83 -15.62 6.20 -30.14
C ASP C 83 -14.90 6.36 -31.47
N SER C 84 -15.50 7.13 -32.36
CA SER C 84 -15.00 7.26 -33.73
C SER C 84 -13.66 7.98 -33.81
N THR C 85 -13.24 8.65 -32.75
CA THR C 85 -11.96 9.35 -32.75
C THR C 85 -10.78 8.43 -32.44
N GLY C 86 -11.03 7.14 -32.22
CA GLY C 86 -9.97 6.21 -31.95
C GLY C 86 -9.61 6.05 -30.48
N THR C 87 -10.46 6.48 -29.57
CA THR C 87 -10.18 6.43 -28.14
C THR C 87 -10.98 5.30 -27.50
N ALA C 88 -10.29 4.48 -26.71
CA ALA C 88 -10.92 3.39 -25.96
C ALA C 88 -10.84 3.71 -24.48
N THR C 89 -11.98 3.62 -23.80
CA THR C 89 -12.06 3.85 -22.37
C THR C 89 -12.59 2.60 -21.70
N ILE C 90 -11.89 2.12 -20.68
CA ILE C 90 -12.29 0.94 -19.91
C ILE C 90 -12.36 1.36 -18.45
N THR C 91 -13.52 1.18 -17.83
CA THR C 91 -13.74 1.60 -16.45
C THR C 91 -14.03 0.37 -15.61
N LEU C 92 -13.23 0.17 -14.57
CA LEU C 92 -13.35 -0.98 -13.69
C LEU C 92 -13.84 -0.52 -12.32
N THR C 93 -15.02 -0.97 -11.93
CA THR C 93 -15.61 -0.64 -10.64
C THR C 93 -15.37 -1.78 -9.67
N PHE C 94 -14.80 -1.47 -8.51
CA PHE C 94 -14.39 -2.46 -7.54
C PHE C 94 -15.35 -2.50 -6.36
N GLU C 95 -15.19 -3.54 -5.54
CA GLU C 95 -16.05 -3.70 -4.37
C GLU C 95 -15.89 -2.50 -3.43
N SER C 96 -16.98 -2.12 -2.80
CA SER C 96 -16.90 -1.05 -1.80
C SER C 96 -15.94 -1.45 -0.69
N GLY C 97 -15.12 -0.50 -0.27
CA GLY C 97 -14.08 -0.76 0.71
C GLY C 97 -12.75 -1.17 0.13
N THR C 98 -12.69 -1.40 -1.19
CA THR C 98 -11.42 -1.72 -1.83
C THR C 98 -10.49 -0.52 -1.75
N ASP C 99 -9.21 -0.80 -1.56
CA ASP C 99 -8.20 0.26 -1.52
C ASP C 99 -7.97 0.78 -2.93
N PRO C 100 -8.37 2.01 -3.25
CA PRO C 100 -8.21 2.49 -4.63
C PRO C 100 -6.75 2.49 -5.10
N ASP C 101 -5.80 2.74 -4.21
CA ASP C 101 -4.40 2.77 -4.62
C ASP C 101 -3.90 1.38 -5.01
N ILE C 102 -4.18 0.38 -4.18
CA ILE C 102 -3.78 -0.99 -4.52
C ILE C 102 -4.54 -1.47 -5.74
N ALA C 103 -5.80 -1.06 -5.89
CA ALA C 103 -6.55 -1.41 -7.09
C ALA C 103 -5.88 -0.84 -8.33
N GLN C 104 -5.44 0.41 -8.27
CA GLN C 104 -4.75 1.02 -9.41
C GLN C 104 -3.43 0.31 -9.68
N VAL C 105 -2.72 -0.09 -8.63
CA VAL C 105 -1.47 -0.82 -8.82
C VAL C 105 -1.71 -2.12 -9.56
N GLN C 106 -2.73 -2.87 -9.13
CA GLN C 106 -3.03 -4.15 -9.79
C GLN C 106 -3.49 -3.92 -11.21
N VAL C 107 -4.29 -2.88 -11.45
CA VAL C 107 -4.72 -2.56 -12.82
C VAL C 107 -3.52 -2.27 -13.70
N GLN C 108 -2.55 -1.50 -13.17
CA GLN C 108 -1.34 -1.21 -13.93
C GLN C 108 -0.56 -2.49 -14.23
N ASN C 109 -0.45 -3.38 -13.25
CA ASN C 109 0.28 -4.62 -13.47
C ASN C 109 -0.38 -5.45 -14.56
N LYS C 110 -1.69 -5.65 -14.47
CA LYS C 110 -2.37 -6.46 -15.49
C LYS C 110 -2.27 -5.80 -16.86
N LEU C 111 -2.43 -4.48 -16.92
CA LEU C 111 -2.42 -3.80 -18.20
C LEU C 111 -1.06 -3.94 -18.89
N ALA C 112 0.03 -3.84 -18.14
CA ALA C 112 1.35 -3.92 -18.75
C ALA C 112 1.56 -5.24 -19.48
N LEU C 113 0.95 -6.31 -19.00
CA LEU C 113 1.01 -7.58 -19.73
C LEU C 113 0.25 -7.50 -21.05
N ALA C 114 -0.83 -6.72 -21.10
CA ALA C 114 -1.65 -6.62 -22.30
C ALA C 114 -1.12 -5.61 -23.30
N THR C 115 -0.18 -4.76 -22.92
CA THR C 115 0.33 -3.74 -23.84
C THR C 115 1.01 -4.34 -25.07
N PRO C 116 1.93 -5.32 -24.94
CA PRO C 116 2.62 -5.80 -26.14
C PRO C 116 1.71 -6.45 -27.18
N LEU C 117 0.42 -6.63 -26.88
CA LEU C 117 -0.52 -7.20 -27.84
C LEU C 117 -1.30 -6.14 -28.61
N LEU C 118 -1.15 -4.86 -28.28
CA LEU C 118 -1.90 -3.80 -28.92
C LEU C 118 -1.18 -3.27 -30.16
N PRO C 119 -1.88 -2.54 -31.02
CA PRO C 119 -1.20 -1.94 -32.18
C PRO C 119 -0.11 -0.98 -31.75
N GLN C 120 0.95 -0.91 -32.55
CA GLN C 120 2.10 -0.10 -32.20
C GLN C 120 1.71 1.36 -31.99
N GLU C 121 0.71 1.84 -32.73
CA GLU C 121 0.28 3.22 -32.56
C GLU C 121 -0.22 3.47 -31.14
N VAL C 122 -0.95 2.51 -30.57
CA VAL C 122 -1.42 2.66 -29.20
C VAL C 122 -0.25 2.74 -28.23
N GLN C 123 0.77 1.90 -28.43
CA GLN C 123 1.96 1.99 -27.61
C GLN C 123 2.61 3.37 -27.70
N GLN C 124 2.76 3.88 -28.93
CA GLN C 124 3.40 5.18 -29.10
C GLN C 124 2.60 6.26 -28.38
N GLN C 125 1.28 6.25 -28.53
CA GLN C 125 0.45 7.25 -27.87
C GLN C 125 0.55 7.13 -26.35
N GLY C 126 0.52 5.91 -25.84
CA GLY C 126 0.54 5.69 -24.40
C GLY C 126 -0.84 5.36 -23.86
N ILE C 127 -0.86 4.64 -22.75
CA ILE C 127 -2.10 4.23 -22.09
C ILE C 127 -2.07 4.76 -20.66
N SER C 128 -3.12 5.47 -20.27
CA SER C 128 -3.19 6.15 -18.99
C SER C 128 -4.13 5.42 -18.05
N VAL C 129 -3.64 5.09 -16.86
CA VAL C 129 -4.44 4.47 -15.81
C VAL C 129 -4.54 5.47 -14.66
N GLU C 130 -5.77 5.83 -14.30
CA GLU C 130 -5.98 6.73 -13.18
C GLU C 130 -7.37 6.49 -12.62
N LYS C 131 -7.52 6.77 -11.32
CA LYS C 131 -8.80 6.61 -10.66
C LYS C 131 -9.82 7.55 -11.28
N ALA C 132 -11.08 7.08 -11.35
CA ALA C 132 -12.11 7.75 -12.13
C ALA C 132 -13.30 8.13 -11.25
N SER C 133 -13.94 9.23 -11.64
CA SER C 133 -15.20 9.66 -11.07
C SER C 133 -16.08 10.16 -12.20
N SER C 134 -17.39 10.14 -11.98
CA SER C 134 -18.35 10.51 -13.01
C SER C 134 -18.81 11.96 -12.92
N SER C 135 -19.13 12.44 -11.72
CA SER C 135 -19.81 13.72 -11.55
C SER C 135 -18.81 14.80 -11.13
N PHE C 136 -19.03 16.01 -11.65
CA PHE C 136 -18.19 17.14 -11.30
C PHE C 136 -18.49 17.61 -9.87
N LEU C 137 -17.44 18.00 -9.15
CA LEU C 137 -17.64 18.65 -7.86
C LEU C 137 -18.16 20.06 -8.05
N MET C 138 -17.54 20.82 -8.96
CA MET C 138 -17.95 22.19 -9.23
C MET C 138 -17.46 22.57 -10.61
N VAL C 139 -18.01 23.66 -11.13
CA VAL C 139 -17.59 24.25 -12.39
C VAL C 139 -17.29 25.72 -12.14
N VAL C 140 -16.09 26.15 -12.53
CA VAL C 140 -15.66 27.52 -12.30
C VAL C 140 -15.67 28.28 -13.63
N GLY C 141 -16.80 28.89 -13.96
CA GLY C 141 -16.87 29.66 -15.19
C GLY C 141 -16.11 30.96 -15.09
N VAL C 142 -15.57 31.40 -16.22
CA VAL C 142 -14.80 32.62 -16.31
C VAL C 142 -15.28 33.40 -17.52
N ILE C 143 -15.57 34.69 -17.33
CA ILE C 143 -16.15 35.53 -18.36
C ILE C 143 -15.30 36.80 -18.49
N ASN C 144 -15.73 37.69 -19.38
CA ASN C 144 -15.17 39.03 -19.49
C ASN C 144 -16.32 40.01 -19.51
N THR C 145 -16.39 40.87 -18.48
CA THR C 145 -17.57 41.71 -18.30
C THR C 145 -17.74 42.67 -19.47
N ASN C 146 -16.65 43.27 -19.95
CA ASN C 146 -16.72 44.26 -21.02
C ASN C 146 -16.65 43.65 -22.42
N GLY C 147 -16.62 42.33 -22.52
CA GLY C 147 -16.73 41.67 -23.81
C GLY C 147 -15.62 42.03 -24.79
N THR C 148 -14.39 42.16 -24.31
CA THR C 148 -13.23 42.41 -25.16
C THR C 148 -12.44 41.15 -25.47
N MET C 149 -12.89 39.99 -25.00
CA MET C 149 -12.19 38.73 -25.21
C MET C 149 -13.15 37.69 -25.75
N ASN C 150 -12.71 36.93 -26.74
CA ASN C 150 -13.51 35.86 -27.31
C ASN C 150 -13.46 34.66 -26.35
N GLN C 151 -13.97 33.52 -26.79
CA GLN C 151 -13.86 32.32 -25.98
C GLN C 151 -12.44 31.79 -25.97
N ASP C 152 -11.72 31.93 -27.08
CA ASP C 152 -10.36 31.42 -27.16
C ASP C 152 -9.43 32.16 -26.20
N ASP C 153 -9.59 33.48 -26.08
CA ASP C 153 -8.73 34.25 -25.18
C ASP C 153 -8.97 33.85 -23.73
N ILE C 154 -10.24 33.76 -23.32
CA ILE C 154 -10.54 33.39 -21.95
C ILE C 154 -10.05 31.98 -21.66
N SER C 155 -10.27 31.06 -22.60
CA SER C 155 -9.83 29.68 -22.41
C SER C 155 -8.31 29.60 -22.32
N ASP C 156 -7.60 30.36 -23.15
CA ASP C 156 -6.15 30.35 -23.08
C ASP C 156 -5.66 30.90 -21.75
N TYR C 157 -6.27 31.98 -21.26
CA TYR C 157 -5.84 32.50 -19.96
C TYR C 157 -6.11 31.49 -18.86
N VAL C 158 -7.28 30.85 -18.89
CA VAL C 158 -7.61 29.85 -17.87
C VAL C 158 -6.60 28.71 -17.91
N ALA C 159 -6.27 28.22 -19.11
CA ALA C 159 -5.34 27.12 -19.24
C ALA C 159 -3.94 27.50 -18.77
N ALA C 160 -3.49 28.70 -19.13
CA ALA C 160 -2.12 29.11 -18.84
C ALA C 160 -1.92 29.50 -17.39
N ASN C 161 -2.93 30.08 -16.75
CA ASN C 161 -2.76 30.65 -15.42
C ASN C 161 -3.55 29.96 -14.32
N MET C 162 -4.69 29.33 -14.64
CA MET C 162 -5.58 28.81 -13.61
C MET C 162 -5.70 27.30 -13.61
N LYS C 163 -5.61 26.64 -14.75
CA LYS C 163 -5.85 25.20 -14.80
C LYS C 163 -4.78 24.44 -14.03
N ASP C 164 -3.51 24.77 -14.25
CA ASP C 164 -2.42 24.02 -13.63
C ASP C 164 -2.41 24.13 -12.11
N PRO C 165 -2.45 25.33 -11.51
CA PRO C 165 -2.51 25.39 -10.04
C PRO C 165 -3.71 24.68 -9.45
N ILE C 166 -4.86 24.75 -10.12
CA ILE C 166 -6.06 24.10 -9.61
C ILE C 166 -5.92 22.59 -9.66
N SER C 167 -5.27 22.07 -10.71
CA SER C 167 -5.13 20.63 -10.86
C SER C 167 -4.29 20.00 -9.75
N ARG C 168 -3.43 20.80 -9.10
CA ARG C 168 -2.57 20.30 -8.03
C ARG C 168 -3.09 20.65 -6.64
N THR C 169 -4.28 21.22 -6.56
CA THR C 169 -4.88 21.51 -5.26
C THR C 169 -5.22 20.21 -4.54
N SER C 170 -5.24 20.27 -3.21
CA SER C 170 -5.50 19.09 -2.41
C SER C 170 -6.94 18.62 -2.62
N GLY C 171 -7.09 17.38 -3.05
CA GLY C 171 -8.39 16.76 -3.23
C GLY C 171 -8.92 16.79 -4.65
N VAL C 172 -8.37 17.64 -5.51
CA VAL C 172 -8.86 17.74 -6.88
C VAL C 172 -8.39 16.55 -7.68
N GLY C 173 -9.31 15.93 -8.42
CA GLY C 173 -8.99 14.80 -9.25
C GLY C 173 -8.72 15.22 -10.68
N ASP C 174 -9.68 15.01 -11.56
CA ASP C 174 -9.56 15.40 -12.96
C ASP C 174 -10.16 16.78 -13.17
N VAL C 175 -9.37 17.71 -13.68
CA VAL C 175 -9.84 19.05 -14.01
C VAL C 175 -9.95 19.14 -15.52
N GLN C 176 -11.14 19.47 -16.00
CA GLN C 176 -11.44 19.55 -17.41
C GLN C 176 -11.67 21.00 -17.81
N LEU C 177 -11.05 21.42 -18.90
CA LEU C 177 -11.17 22.79 -19.38
C LEU C 177 -12.27 22.84 -20.44
N PHE C 178 -13.29 23.66 -20.21
CA PHE C 178 -14.39 23.81 -21.17
C PHE C 178 -14.02 24.86 -22.22
N GLY C 179 -12.89 24.59 -22.88
CA GLY C 179 -12.36 25.48 -23.90
C GLY C 179 -11.14 24.88 -24.55
N SER C 180 -10.20 25.71 -25.00
CA SER C 180 -8.98 25.19 -25.60
C SER C 180 -7.89 26.23 -25.55
N GLN C 181 -6.69 25.79 -25.21
CA GLN C 181 -5.51 26.65 -25.13
C GLN C 181 -5.12 27.12 -26.53
N TYR C 182 -4.29 28.17 -26.58
CA TYR C 182 -3.76 28.63 -27.85
C TYR C 182 -2.83 27.61 -28.48
N ALA C 183 -2.68 27.75 -29.80
CA ALA C 183 -1.72 27.00 -30.59
C ALA C 183 -1.45 27.82 -31.85
N MET C 184 -0.38 27.48 -32.54
CA MET C 184 -0.07 28.12 -33.81
C MET C 184 -0.72 27.33 -34.92
N ARG C 185 -1.75 27.90 -35.54
CA ARG C 185 -2.52 27.23 -36.57
C ARG C 185 -2.02 27.66 -37.94
N ILE C 186 -1.72 26.69 -38.80
CA ILE C 186 -1.30 26.93 -40.16
C ILE C 186 -2.45 26.49 -41.05
N TRP C 187 -3.23 27.46 -41.54
CA TRP C 187 -4.40 27.16 -42.37
C TRP C 187 -3.97 27.12 -43.82
N MET C 188 -3.70 25.92 -44.34
CA MET C 188 -3.19 25.77 -45.69
C MET C 188 -4.26 26.12 -46.72
N ASP C 189 -3.82 26.22 -47.97
CA ASP C 189 -4.68 26.49 -49.10
C ASP C 189 -4.30 25.55 -50.24
N PRO C 190 -5.15 24.59 -50.60
CA PRO C 190 -4.73 23.61 -51.63
C PRO C 190 -4.36 24.26 -52.96
N ASN C 191 -5.05 25.33 -53.33
CA ASN C 191 -4.74 26.00 -54.60
C ASN C 191 -3.35 26.59 -54.59
N LYS C 192 -2.95 27.20 -53.46
CA LYS C 192 -1.62 27.80 -53.38
C LYS C 192 -0.54 26.73 -53.26
N LEU C 193 -0.80 25.66 -52.51
CA LEU C 193 0.17 24.58 -52.42
C LEU C 193 0.39 23.92 -53.78
N ASN C 194 -0.70 23.71 -54.52
CA ASN C 194 -0.57 23.16 -55.87
C ASN C 194 0.11 24.15 -56.82
N ASN C 195 -0.12 25.44 -56.63
CA ASN C 195 0.45 26.44 -57.51
C ASN C 195 1.98 26.38 -57.48
N PHE C 196 2.56 26.17 -56.31
CA PHE C 196 4.01 26.12 -56.14
C PHE C 196 4.53 24.68 -56.12
N GLN C 197 3.71 23.70 -56.47
CA GLN C 197 4.10 22.30 -56.47
C GLN C 197 4.61 21.88 -55.10
N LEU C 198 3.83 22.20 -54.07
CA LEU C 198 4.13 21.84 -52.70
C LEU C 198 2.99 20.99 -52.14
N THR C 199 3.23 20.44 -50.96
CA THR C 199 2.24 19.60 -50.29
C THR C 199 2.40 19.77 -48.80
N PRO C 200 1.46 19.27 -48.01
CA PRO C 200 1.62 19.33 -46.54
C PRO C 200 2.88 18.65 -46.04
N VAL C 201 3.42 17.68 -46.77
CA VAL C 201 4.66 17.03 -46.35
C VAL C 201 5.79 18.05 -46.34
N ASP C 202 5.87 18.88 -47.37
CA ASP C 202 6.91 19.91 -47.42
C ASP C 202 6.75 20.90 -46.28
N VAL C 203 5.51 21.27 -45.97
CA VAL C 203 5.26 22.21 -44.86
C VAL C 203 5.71 21.59 -43.55
N ILE C 204 5.40 20.31 -43.33
CA ILE C 204 5.81 19.65 -42.10
C ILE C 204 7.33 19.60 -42.00
N SER C 205 8.00 19.25 -43.10
CA SER C 205 9.46 19.20 -43.08
C SER C 205 10.06 20.57 -42.77
N ALA C 206 9.54 21.61 -43.41
CA ALA C 206 10.06 22.95 -43.15
C ALA C 206 9.82 23.37 -41.71
N LEU C 207 8.64 23.09 -41.18
CA LEU C 207 8.36 23.46 -39.79
C LEU C 207 9.29 22.73 -38.83
N LYS C 208 9.51 21.44 -39.05
CA LYS C 208 10.37 20.67 -38.15
C LYS C 208 11.82 21.11 -38.25
N ALA C 209 12.27 21.47 -39.45
CA ALA C 209 13.65 21.91 -39.61
C ALA C 209 13.89 23.32 -39.06
N GLN C 210 12.97 24.24 -39.32
CA GLN C 210 13.17 25.65 -39.00
C GLN C 210 12.59 26.07 -37.66
N ASN C 211 11.86 25.20 -36.97
CA ASN C 211 11.32 25.48 -35.64
C ASN C 211 11.80 24.36 -34.72
N ALA C 212 13.01 24.53 -34.17
CA ALA C 212 13.59 23.49 -33.34
C ALA C 212 14.53 24.13 -32.33
N GLN C 213 14.74 23.42 -31.22
CA GLN C 213 15.65 23.83 -30.16
C GLN C 213 16.86 22.91 -30.21
N VAL C 214 18.02 23.46 -30.57
CA VAL C 214 19.21 22.68 -30.86
C VAL C 214 20.20 22.85 -29.72
N ALA C 215 20.73 21.74 -29.24
CA ALA C 215 21.81 21.73 -28.26
C ALA C 215 23.15 21.82 -28.98
N ALA C 216 24.05 22.66 -28.47
CA ALA C 216 25.29 22.94 -29.18
C ALA C 216 26.52 22.97 -28.27
N GLY C 217 26.47 22.32 -27.11
CA GLY C 217 27.67 22.20 -26.30
C GLY C 217 28.05 23.51 -25.61
N GLN C 218 29.36 23.71 -25.46
CA GLN C 218 29.88 24.84 -24.70
C GLN C 218 31.23 25.26 -25.26
N LEU C 219 31.63 26.49 -24.92
CA LEU C 219 32.99 26.95 -25.13
C LEU C 219 33.81 26.62 -23.88
N GLY C 220 34.96 26.01 -24.08
CA GLY C 220 35.78 25.64 -22.95
C GLY C 220 35.15 24.58 -22.07
N GLY C 221 34.41 23.65 -22.65
CA GLY C 221 33.82 22.58 -21.87
C GLY C 221 34.85 21.54 -21.49
N THR C 222 34.53 20.82 -20.41
CA THR C 222 35.46 19.83 -19.89
C THR C 222 35.57 18.65 -20.84
N PRO C 223 36.77 18.05 -21.00
CA PRO C 223 38.04 18.41 -20.36
C PRO C 223 38.70 19.60 -21.04
N PRO C 224 39.01 20.66 -20.31
CA PRO C 224 39.51 21.88 -20.93
C PRO C 224 41.02 21.87 -21.12
N VAL C 225 41.48 22.79 -21.96
CA VAL C 225 42.91 22.99 -22.16
C VAL C 225 43.52 23.57 -20.89
N LYS C 226 44.80 23.30 -20.68
CA LYS C 226 45.50 23.87 -19.53
C LYS C 226 45.49 25.38 -19.63
N GLY C 227 45.10 26.03 -18.54
CA GLY C 227 45.05 27.49 -18.52
C GLY C 227 43.82 28.10 -19.15
N GLN C 228 42.82 27.29 -19.50
CA GLN C 228 41.57 27.84 -20.02
C GLN C 228 40.93 28.75 -18.98
N GLN C 229 40.46 29.91 -19.42
CA GLN C 229 39.85 30.89 -18.54
C GLN C 229 38.40 31.22 -18.88
N LEU C 230 37.90 30.76 -20.02
CA LEU C 230 36.56 31.08 -20.49
C LEU C 230 35.69 29.84 -20.51
N ASN C 231 34.46 29.98 -20.02
CA ASN C 231 33.45 28.94 -20.13
C ASN C 231 32.12 29.60 -20.46
N ALA C 232 31.48 29.14 -21.54
CA ALA C 232 30.24 29.75 -21.97
C ALA C 232 29.46 28.76 -22.81
N SER C 233 28.15 28.71 -22.61
CA SER C 233 27.30 27.87 -23.43
C SER C 233 27.16 28.46 -24.82
N ILE C 234 26.86 27.59 -25.79
CA ILE C 234 26.61 27.99 -27.16
C ILE C 234 25.11 27.90 -27.40
N ILE C 235 24.52 28.97 -27.92
CA ILE C 235 23.10 29.06 -28.16
C ILE C 235 22.87 28.90 -29.66
N ALA C 236 22.34 27.76 -30.07
CA ALA C 236 22.06 27.48 -31.47
C ALA C 236 20.60 27.84 -31.76
N GLN C 237 20.10 27.37 -32.90
CA GLN C 237 18.72 27.59 -33.31
C GLN C 237 17.75 27.44 -32.14
N THR C 238 16.76 28.31 -32.09
CA THR C 238 15.76 28.30 -31.02
C THR C 238 14.36 28.32 -31.62
N ARG C 239 13.39 27.88 -30.83
CA ARG C 239 12.02 27.80 -31.30
C ARG C 239 11.48 29.18 -31.65
N LEU C 240 10.65 29.24 -32.68
CA LEU C 240 9.99 30.49 -33.05
C LEU C 240 8.90 30.82 -32.04
N THR C 241 8.57 32.10 -31.93
CA THR C 241 7.71 32.60 -30.86
C THR C 241 6.46 33.30 -31.35
N ASN C 242 6.53 34.09 -32.41
CA ASN C 242 5.41 34.88 -32.88
C ASN C 242 4.97 34.43 -34.26
N THR C 243 3.84 34.99 -34.72
CA THR C 243 3.27 34.59 -35.98
C THR C 243 4.08 35.11 -37.16
N GLU C 244 4.77 36.25 -36.99
CA GLU C 244 5.60 36.77 -38.07
C GLU C 244 6.77 35.84 -38.36
N GLU C 245 7.40 35.30 -37.31
CA GLU C 245 8.49 34.36 -37.51
C GLU C 245 8.01 33.09 -38.19
N PHE C 246 6.84 32.58 -37.79
CA PHE C 246 6.32 31.36 -38.39
C PHE C 246 5.96 31.55 -39.84
N GLY C 247 5.38 32.70 -40.18
CA GLY C 247 5.02 32.96 -41.57
C GLY C 247 6.20 33.19 -42.48
N ASN C 248 7.39 33.37 -41.92
CA ASN C 248 8.60 33.60 -42.70
C ASN C 248 9.35 32.31 -43.02
N ILE C 249 8.84 31.16 -42.59
CA ILE C 249 9.51 29.89 -42.87
C ILE C 249 9.59 29.69 -44.38
N LEU C 250 10.77 29.27 -44.84
CA LEU C 250 11.02 29.11 -46.27
C LEU C 250 10.72 27.68 -46.69
N LEU C 251 9.82 27.53 -47.67
CA LEU C 251 9.42 26.21 -48.13
C LEU C 251 10.24 25.75 -49.33
N LYS C 252 10.47 26.64 -50.30
CA LYS C 252 11.30 26.30 -51.44
C LYS C 252 11.79 27.58 -52.10
N VAL C 253 12.82 27.44 -52.91
CA VAL C 253 13.36 28.54 -53.71
C VAL C 253 13.25 28.13 -55.18
N ASN C 254 12.57 28.93 -55.97
CA ASN C 254 12.46 28.67 -57.40
C ASN C 254 13.74 29.10 -58.10
N GLN C 255 13.92 28.58 -59.33
CA GLN C 255 15.13 28.87 -60.08
C GLN C 255 15.25 30.35 -60.46
N ASP C 256 14.17 31.13 -60.34
CA ASP C 256 14.24 32.55 -60.62
C ASP C 256 14.73 33.36 -59.44
N GLY C 257 15.05 32.72 -58.32
CA GLY C 257 15.57 33.41 -57.16
C GLY C 257 14.52 33.83 -56.14
N SER C 258 13.24 33.67 -56.45
CA SER C 258 12.18 34.02 -55.51
C SER C 258 12.01 32.92 -54.48
N GLN C 259 11.60 33.31 -53.27
CA GLN C 259 11.40 32.39 -52.17
C GLN C 259 9.91 32.19 -51.93
N VAL C 260 9.51 30.95 -51.69
CA VAL C 260 8.13 30.60 -51.40
C VAL C 260 8.05 30.42 -49.88
N ARG C 261 7.74 31.51 -49.18
CA ARG C 261 7.64 31.46 -47.74
C ARG C 261 6.36 30.75 -47.32
N LEU C 262 6.30 30.38 -46.04
CA LEU C 262 5.13 29.66 -45.54
C LEU C 262 3.87 30.50 -45.65
N ARG C 263 3.99 31.81 -45.39
CA ARG C 263 2.82 32.68 -45.42
C ARG C 263 2.20 32.77 -46.81
N ASP C 264 2.92 32.34 -47.84
CA ASP C 264 2.42 32.41 -49.20
C ASP C 264 1.49 31.25 -49.55
N VAL C 265 1.40 30.23 -48.70
CA VAL C 265 0.55 29.08 -48.99
C VAL C 265 -0.31 28.75 -47.77
N ALA C 266 -0.39 29.67 -46.81
CA ALA C 266 -1.11 29.39 -45.58
C ALA C 266 -1.46 30.70 -44.89
N LYS C 267 -2.25 30.60 -43.83
CA LYS C 267 -2.59 31.71 -42.96
C LYS C 267 -2.17 31.36 -41.54
N ILE C 268 -1.39 32.24 -40.92
CA ILE C 268 -0.77 31.97 -39.62
C ILE C 268 -1.50 32.78 -38.57
N GLU C 269 -1.93 32.13 -37.50
CA GLU C 269 -2.58 32.84 -36.41
C GLU C 269 -2.57 31.97 -35.16
N LEU C 270 -2.76 32.62 -34.01
CA LEU C 270 -2.93 31.92 -32.74
C LEU C 270 -4.39 31.53 -32.60
N GLY C 271 -4.67 30.23 -32.74
CA GLY C 271 -6.00 29.72 -32.54
C GLY C 271 -6.00 28.64 -31.47
N GLY C 272 -7.19 28.16 -31.15
CA GLY C 272 -7.31 27.10 -30.18
C GLY C 272 -6.76 25.79 -30.70
N GLU C 273 -6.27 24.96 -29.79
CA GLU C 273 -5.80 23.64 -30.18
C GLU C 273 -6.91 22.82 -30.82
N SER C 274 -8.10 22.86 -30.22
CA SER C 274 -9.27 22.20 -30.77
C SER C 274 -10.45 23.15 -30.68
N TYR C 275 -11.25 23.20 -31.74
CA TYR C 275 -12.43 24.04 -31.80
C TYR C 275 -13.71 23.26 -31.51
N ASP C 276 -13.64 22.27 -30.62
CA ASP C 276 -14.77 21.39 -30.38
C ASP C 276 -15.68 21.92 -29.27
N VAL C 277 -15.14 22.10 -28.08
CA VAL C 277 -15.95 22.53 -26.94
C VAL C 277 -16.10 24.04 -26.96
N VAL C 278 -17.34 24.51 -26.81
CA VAL C 278 -17.68 25.93 -26.86
C VAL C 278 -18.63 26.20 -25.70
N ALA C 279 -18.09 26.75 -24.61
CA ALA C 279 -18.88 27.02 -23.42
C ALA C 279 -19.44 28.44 -23.46
N LYS C 280 -20.64 28.60 -22.93
CA LYS C 280 -21.28 29.89 -22.81
C LYS C 280 -21.91 30.01 -21.43
N PHE C 281 -21.92 31.23 -20.91
CA PHE C 281 -22.50 31.52 -19.60
C PHE C 281 -23.60 32.56 -19.78
N ASN C 282 -24.85 32.13 -19.63
CA ASN C 282 -26.01 33.00 -19.80
C ASN C 282 -26.01 33.64 -21.19
N GLY C 283 -25.68 32.85 -22.20
CA GLY C 283 -25.64 33.37 -23.55
C GLY C 283 -24.47 34.29 -23.83
N GLN C 284 -23.39 34.18 -23.07
CA GLN C 284 -22.24 35.04 -23.18
C GLN C 284 -20.97 34.19 -23.31
N PRO C 285 -20.03 34.55 -24.18
CA PRO C 285 -18.82 33.74 -24.32
C PRO C 285 -18.10 33.60 -22.99
N ALA C 286 -17.65 32.40 -22.70
CA ALA C 286 -17.06 32.10 -21.40
C ALA C 286 -16.17 30.87 -21.52
N SER C 287 -15.53 30.53 -20.41
CA SER C 287 -14.78 29.31 -20.28
C SER C 287 -14.72 28.95 -18.81
N GLY C 288 -14.37 27.71 -18.51
CA GLY C 288 -14.36 27.29 -17.12
C GLY C 288 -13.69 25.95 -16.97
N LEU C 289 -13.51 25.57 -15.70
CA LEU C 289 -12.83 24.34 -15.33
C LEU C 289 -13.84 23.41 -14.65
N GLY C 290 -14.01 22.22 -15.20
CA GLY C 290 -14.87 21.24 -14.58
C GLY C 290 -14.12 20.39 -13.58
N ILE C 291 -14.24 20.73 -12.30
CA ILE C 291 -13.38 20.18 -11.27
C ILE C 291 -14.05 18.97 -10.65
N LYS C 292 -13.41 17.81 -10.76
CA LYS C 292 -13.88 16.60 -10.09
C LYS C 292 -13.20 16.47 -8.74
N LEU C 293 -13.61 15.46 -7.98
CA LEU C 293 -13.11 15.26 -6.62
C LEU C 293 -12.33 13.95 -6.57
N ALA C 294 -11.11 14.01 -6.03
CA ALA C 294 -10.29 12.82 -5.90
C ALA C 294 -10.96 11.82 -4.96
N THR C 295 -10.79 10.54 -5.27
CA THR C 295 -11.41 9.50 -4.46
C THR C 295 -10.95 9.62 -3.02
N GLY C 296 -11.91 9.63 -2.10
CA GLY C 296 -11.62 9.70 -0.68
C GLY C 296 -11.38 11.09 -0.14
N ALA C 297 -11.44 12.13 -0.97
CA ALA C 297 -11.21 13.49 -0.52
C ALA C 297 -12.50 14.11 -0.02
N ASN C 298 -12.36 15.10 0.85
CA ASN C 298 -13.51 15.80 1.41
C ASN C 298 -13.98 16.88 0.44
N ALA C 299 -15.29 16.91 0.17
CA ALA C 299 -15.83 17.88 -0.76
C ALA C 299 -15.67 19.31 -0.25
N LEU C 300 -16.02 19.53 1.02
CA LEU C 300 -15.98 20.89 1.55
C LEU C 300 -14.54 21.41 1.62
N ASP C 301 -13.60 20.58 2.07
CA ASP C 301 -12.21 21.02 2.13
C ASP C 301 -11.66 21.29 0.74
N THR C 302 -12.00 20.43 -0.23
CA THR C 302 -11.54 20.64 -1.59
C THR C 302 -12.10 21.94 -2.16
N ALA C 303 -13.38 22.22 -1.91
CA ALA C 303 -13.97 23.47 -2.41
C ALA C 303 -13.32 24.67 -1.75
N ASN C 304 -13.04 24.58 -0.44
CA ASN C 304 -12.36 25.68 0.24
C ASN C 304 -10.97 25.90 -0.34
N ALA C 305 -10.23 24.83 -0.61
CA ALA C 305 -8.90 24.96 -1.20
C ALA C 305 -8.98 25.59 -2.59
N ILE C 306 -9.95 25.16 -3.40
CA ILE C 306 -10.09 25.73 -4.74
C ILE C 306 -10.40 27.22 -4.66
N ARG C 307 -11.30 27.61 -3.77
CA ARG C 307 -11.65 29.02 -3.65
C ARG C 307 -10.45 29.83 -3.13
N ALA C 308 -9.67 29.26 -2.22
CA ALA C 308 -8.48 29.95 -1.73
C ALA C 308 -7.48 30.18 -2.87
N GLU C 309 -7.25 29.15 -3.68
CA GLU C 309 -6.32 29.31 -4.80
C GLU C 309 -6.84 30.35 -5.80
N LEU C 310 -8.15 30.32 -6.09
CA LEU C 310 -8.72 31.30 -7.00
C LEU C 310 -8.57 32.71 -6.45
N ALA C 311 -8.77 32.88 -5.14
CA ALA C 311 -8.53 34.19 -4.53
C ALA C 311 -7.08 34.61 -4.67
N LYS C 312 -6.16 33.65 -4.53
CA LYS C 312 -4.74 33.97 -4.73
C LYS C 312 -4.47 34.43 -6.15
N MET C 313 -5.21 33.92 -7.13
CA MET C 313 -4.98 34.30 -8.52
C MET C 313 -5.77 35.53 -8.96
N GLU C 314 -6.72 35.99 -8.14
CA GLU C 314 -7.59 37.09 -8.58
C GLU C 314 -6.83 38.37 -8.93
N PRO C 315 -5.85 38.82 -8.14
CA PRO C 315 -5.26 40.15 -8.41
C PRO C 315 -4.63 40.28 -9.79
N PHE C 316 -4.17 39.20 -10.39
CA PHE C 316 -3.41 39.26 -11.63
C PHE C 316 -4.28 39.17 -12.88
N PHE C 317 -5.60 39.15 -12.73
CA PHE C 317 -6.47 39.03 -13.89
C PHE C 317 -6.40 40.28 -14.75
N PRO C 318 -6.63 40.16 -16.06
CA PRO C 318 -6.72 41.35 -16.90
C PRO C 318 -7.93 42.20 -16.57
N SER C 319 -8.14 43.28 -17.30
CA SER C 319 -9.22 44.21 -17.00
C SER C 319 -10.56 43.61 -17.41
N GLY C 320 -11.51 43.63 -16.48
CA GLY C 320 -12.88 43.22 -16.75
C GLY C 320 -13.13 41.74 -16.70
N MET C 321 -12.11 40.92 -16.48
CA MET C 321 -12.26 39.47 -16.46
C MET C 321 -12.71 39.03 -15.07
N LYS C 322 -13.73 38.17 -15.03
CA LYS C 322 -14.42 37.83 -13.79
C LYS C 322 -14.59 36.33 -13.69
N ILE C 323 -14.71 35.85 -12.45
CA ILE C 323 -14.95 34.43 -12.16
C ILE C 323 -16.39 34.27 -11.69
N VAL C 324 -17.06 33.26 -12.22
CA VAL C 324 -18.42 32.92 -11.82
C VAL C 324 -18.44 31.43 -11.50
N TYR C 325 -19.44 31.01 -10.73
CA TYR C 325 -19.58 29.63 -10.28
C TYR C 325 -20.96 29.14 -10.69
N PRO C 326 -21.13 28.74 -11.96
CA PRO C 326 -22.44 28.28 -12.44
C PRO C 326 -22.83 26.88 -12.01
N TYR C 327 -22.09 26.26 -11.09
CA TYR C 327 -22.41 24.91 -10.65
C TYR C 327 -21.64 24.60 -9.38
N ASP C 328 -22.35 24.21 -8.33
CA ASP C 328 -21.72 23.90 -7.06
C ASP C 328 -22.69 23.03 -6.25
N THR C 329 -22.13 22.07 -5.51
CA THR C 329 -22.92 21.18 -4.69
C THR C 329 -22.55 21.23 -3.22
N THR C 330 -21.57 22.03 -2.83
CA THR C 330 -21.21 22.18 -1.43
C THR C 330 -22.21 23.07 -0.69
N PRO C 331 -22.80 24.09 -1.33
CA PRO C 331 -23.86 24.84 -0.62
C PRO C 331 -24.97 23.94 -0.14
N PHE C 332 -25.34 22.93 -0.91
CA PHE C 332 -26.34 21.98 -0.45
C PHE C 332 -25.85 21.20 0.75
N VAL C 333 -24.57 20.82 0.76
CA VAL C 333 -24.02 20.12 1.92
C VAL C 333 -24.18 20.99 3.16
N LYS C 334 -23.82 22.27 3.05
CA LYS C 334 -23.91 23.16 4.19
C LYS C 334 -25.36 23.33 4.66
N ILE C 335 -26.28 23.52 3.72
CA ILE C 335 -27.67 23.76 4.12
C ILE C 335 -28.28 22.49 4.72
N SER C 336 -27.96 21.32 4.16
CA SER C 336 -28.50 20.09 4.72
C SER C 336 -27.96 19.84 6.11
N ILE C 337 -26.66 20.09 6.34
CA ILE C 337 -26.11 19.91 7.68
C ILE C 337 -26.77 20.88 8.66
N HIS C 338 -26.97 22.12 8.24
CA HIS C 338 -27.63 23.09 9.10
C HIS C 338 -29.05 22.65 9.44
N GLU C 339 -29.77 22.14 8.45
CA GLU C 339 -31.14 21.67 8.70
C GLU C 339 -31.15 20.51 9.68
N VAL C 340 -30.20 19.58 9.55
CA VAL C 340 -30.18 18.44 10.46
C VAL C 340 -29.83 18.88 11.88
N VAL C 341 -28.93 19.85 12.01
CA VAL C 341 -28.61 20.37 13.34
C VAL C 341 -29.82 21.06 13.95
N LYS C 342 -30.56 21.83 13.15
CA LYS C 342 -31.78 22.46 13.63
C LYS C 342 -32.79 21.40 14.08
N THR C 343 -32.91 20.31 13.32
CA THR C 343 -33.77 19.22 13.72
C THR C 343 -33.33 18.62 15.06
N LEU C 344 -32.03 18.47 15.25
CA LEU C 344 -31.53 17.96 16.52
C LEU C 344 -31.91 18.87 17.68
N VAL C 345 -31.76 20.19 17.48
CA VAL C 345 -32.10 21.14 18.54
C VAL C 345 -33.59 21.07 18.86
N GLU C 346 -34.43 21.02 17.83
CA GLU C 346 -35.87 20.92 18.07
C GLU C 346 -36.22 19.62 18.78
N ALA C 347 -35.54 18.53 18.42
CA ALA C 347 -35.78 17.26 19.10
C ALA C 347 -35.45 17.37 20.58
N ILE C 348 -34.32 17.99 20.91
CA ILE C 348 -33.94 18.15 22.31
C ILE C 348 -35.00 18.96 23.06
N ILE C 349 -35.46 20.06 22.45
CA ILE C 349 -36.45 20.91 23.12
C ILE C 349 -37.74 20.13 23.35
N LEU C 350 -38.20 19.39 22.34
CA LEU C 350 -39.46 18.68 22.48
C LEU C 350 -39.34 17.53 23.49
N VAL C 351 -38.20 16.86 23.53
CA VAL C 351 -38.01 15.81 24.52
C VAL C 351 -38.04 16.39 25.92
N PHE C 352 -37.37 17.54 26.12
CA PHE C 352 -37.44 18.18 27.43
C PHE C 352 -38.86 18.54 27.79
N LEU C 353 -39.62 19.05 26.83
CA LEU C 353 -41.00 19.44 27.11
C LEU C 353 -41.84 18.23 27.50
N VAL C 354 -41.68 17.10 26.83
CA VAL C 354 -42.43 15.90 27.19
C VAL C 354 -42.06 15.44 28.59
N MET C 355 -40.76 15.39 28.90
CA MET C 355 -40.36 14.97 30.23
C MET C 355 -40.91 15.90 31.29
N TYR C 356 -40.99 17.20 30.99
CA TYR C 356 -41.57 18.13 31.97
C TYR C 356 -43.07 17.93 32.10
N LEU C 357 -43.74 17.61 31.00
CA LEU C 357 -45.17 17.36 31.08
C LEU C 357 -45.46 16.18 31.99
N PHE C 358 -44.64 15.14 31.91
CA PHE C 358 -44.92 13.95 32.71
C PHE C 358 -44.40 14.09 34.15
N LEU C 359 -43.17 14.58 34.32
CA LEU C 359 -42.58 14.71 35.65
C LEU C 359 -43.09 15.95 36.37
N GLN C 360 -43.34 17.03 35.63
CA GLN C 360 -43.90 18.27 36.19
C GLN C 360 -42.97 18.90 37.22
N ASN C 361 -41.66 18.65 37.08
CA ASN C 361 -40.66 19.24 37.96
C ASN C 361 -39.49 19.71 37.11
N PHE C 362 -38.94 20.87 37.44
CA PHE C 362 -37.82 21.39 36.66
C PHE C 362 -36.53 20.64 36.98
N ARG C 363 -36.30 20.32 38.26
CA ARG C 363 -35.10 19.57 38.61
C ARG C 363 -35.17 18.14 38.08
N ALA C 364 -36.32 17.48 38.24
CA ALA C 364 -36.49 16.13 37.75
C ALA C 364 -36.43 16.06 36.23
N THR C 365 -36.65 17.18 35.54
CA THR C 365 -36.53 17.22 34.09
C THR C 365 -35.14 17.63 33.64
N LEU C 366 -34.40 18.36 34.47
CA LEU C 366 -33.00 18.63 34.16
C LEU C 366 -32.13 17.42 34.39
N ILE C 367 -32.48 16.57 35.35
CA ILE C 367 -31.65 15.41 35.64
C ILE C 367 -31.49 14.51 34.42
N PRO C 368 -32.55 14.14 33.68
CA PRO C 368 -32.36 13.37 32.45
C PRO C 368 -31.96 14.22 31.26
N THR C 369 -32.26 15.51 31.26
CA THR C 369 -31.85 16.37 30.15
C THR C 369 -30.33 16.56 30.13
N ILE C 370 -29.71 16.62 31.30
CA ILE C 370 -28.25 16.77 31.38
C ILE C 370 -27.56 15.57 30.75
N ALA C 371 -28.27 14.47 30.52
CA ALA C 371 -27.69 13.31 29.87
C ALA C 371 -27.66 13.42 28.36
N VAL C 372 -28.25 14.47 27.79
CA VAL C 372 -28.24 14.68 26.35
C VAL C 372 -26.89 15.25 25.93
N PRO C 373 -26.42 16.37 26.50
CA PRO C 373 -25.10 16.87 26.11
C PRO C 373 -24.00 15.87 26.33
N VAL C 374 -24.02 15.16 27.47
CA VAL C 374 -22.94 14.23 27.78
C VAL C 374 -22.89 13.12 26.75
N VAL C 375 -24.04 12.51 26.46
CA VAL C 375 -24.07 11.38 25.54
C VAL C 375 -23.74 11.83 24.12
N LEU C 376 -24.29 12.96 23.69
CA LEU C 376 -24.03 13.42 22.32
C LEU C 376 -22.56 13.78 22.13
N LEU C 377 -21.96 14.46 23.10
CA LEU C 377 -20.57 14.85 22.94
C LEU C 377 -19.63 13.66 23.12
N GLY C 378 -20.00 12.69 23.96
CA GLY C 378 -19.24 11.45 23.99
C GLY C 378 -19.30 10.70 22.66
N THR C 379 -20.47 10.71 22.01
CA THR C 379 -20.57 10.11 20.69
C THR C 379 -19.73 10.87 19.67
N PHE C 380 -19.68 12.19 19.77
CA PHE C 380 -18.80 12.95 18.89
C PHE C 380 -17.34 12.56 19.10
N ALA C 381 -16.94 12.40 20.36
CA ALA C 381 -15.58 11.98 20.65
C ALA C 381 -15.30 10.60 20.09
N VAL C 382 -16.27 9.69 20.20
CA VAL C 382 -16.09 8.34 19.65
C VAL C 382 -15.97 8.40 18.13
N LEU C 383 -16.78 9.22 17.48
CA LEU C 383 -16.68 9.38 16.03
C LEU C 383 -15.30 9.88 15.65
N ALA C 384 -14.80 10.88 16.36
CA ALA C 384 -13.47 11.41 16.06
C ALA C 384 -12.40 10.36 16.27
N ALA C 385 -12.54 9.54 17.31
CA ALA C 385 -11.53 8.53 17.61
C ALA C 385 -11.42 7.51 16.48
N PHE C 386 -12.56 7.06 15.95
CA PHE C 386 -12.57 6.03 14.92
C PHE C 386 -12.47 6.59 13.52
N GLY C 387 -12.05 7.84 13.38
CA GLY C 387 -11.87 8.42 12.06
C GLY C 387 -13.15 8.58 11.26
N PHE C 388 -14.22 9.03 11.90
CA PHE C 388 -15.47 9.32 11.21
C PHE C 388 -15.57 10.82 10.97
N SER C 389 -16.69 11.24 10.40
CA SER C 389 -16.93 12.64 10.06
C SER C 389 -18.30 13.06 10.57
N ILE C 390 -18.61 14.33 10.40
CA ILE C 390 -19.93 14.87 10.74
C ILE C 390 -20.70 14.96 9.44
N ASN C 391 -21.40 13.89 9.10
CA ASN C 391 -22.19 13.82 7.87
C ASN C 391 -23.66 13.64 8.24
N THR C 392 -24.51 13.61 7.21
CA THR C 392 -25.94 13.52 7.47
C THR C 392 -26.32 12.19 8.12
N LEU C 393 -25.60 11.11 7.80
CA LEU C 393 -25.95 9.82 8.37
C LEU C 393 -25.64 9.77 9.87
N THR C 394 -24.47 10.27 10.28
CA THR C 394 -24.16 10.29 11.71
C THR C 394 -25.11 11.21 12.46
N MET C 395 -25.45 12.36 11.86
CA MET C 395 -26.38 13.27 12.52
C MET C 395 -27.78 12.66 12.61
N PHE C 396 -28.19 11.89 11.60
CA PHE C 396 -29.47 11.18 11.71
C PHE C 396 -29.41 10.14 12.81
N GLY C 397 -28.30 9.42 12.92
CA GLY C 397 -28.16 8.47 14.01
C GLY C 397 -28.22 9.15 15.37
N MET C 398 -27.70 10.37 15.45
CA MET C 398 -27.77 11.12 16.69
C MET C 398 -29.20 11.59 16.98
N VAL C 399 -29.91 12.07 15.95
CA VAL C 399 -31.28 12.53 16.16
C VAL C 399 -32.16 11.37 16.62
N LEU C 400 -31.99 10.19 16.02
CA LEU C 400 -32.73 9.03 16.50
C LEU C 400 -32.37 8.68 17.92
N ALA C 401 -31.13 8.94 18.33
CA ALA C 401 -30.68 8.60 19.68
C ALA C 401 -31.06 9.64 20.72
N ILE C 402 -31.61 10.78 20.33
CA ILE C 402 -32.02 11.78 21.31
C ILE C 402 -33.10 11.22 22.21
N GLY C 403 -34.07 10.53 21.62
CA GLY C 403 -35.13 9.91 22.42
C GLY C 403 -34.76 8.57 23.02
N LEU C 404 -33.60 8.04 22.68
CA LEU C 404 -33.16 6.74 23.19
C LEU C 404 -32.13 6.87 24.30
N LEU C 405 -31.22 7.84 24.22
CA LEU C 405 -30.24 8.02 25.28
C LEU C 405 -30.86 8.50 26.59
N VAL C 406 -32.09 9.01 26.55
CA VAL C 406 -32.76 9.49 27.75
C VAL C 406 -33.68 8.45 28.37
N ASP C 407 -33.78 7.25 27.80
CA ASP C 407 -34.66 6.24 28.35
C ASP C 407 -34.19 5.75 29.72
N ASP C 408 -32.89 5.51 29.86
CA ASP C 408 -32.37 5.01 31.12
C ASP C 408 -32.48 6.08 32.21
N ALA C 409 -32.07 7.31 31.90
CA ALA C 409 -32.19 8.38 32.87
C ALA C 409 -33.65 8.64 33.22
N ILE C 410 -34.54 8.58 32.22
CA ILE C 410 -35.96 8.75 32.48
C ILE C 410 -36.47 7.68 33.42
N VAL C 411 -36.08 6.42 33.20
CA VAL C 411 -36.54 5.35 34.08
C VAL C 411 -36.04 5.57 35.50
N VAL C 412 -34.76 5.94 35.64
CA VAL C 412 -34.20 6.18 36.97
C VAL C 412 -34.96 7.29 37.67
N VAL C 413 -35.17 8.41 36.99
CA VAL C 413 -35.80 9.57 37.64
C VAL C 413 -37.25 9.25 37.98
N GLU C 414 -37.96 8.58 37.08
CA GLU C 414 -39.35 8.23 37.35
C GLU C 414 -39.46 7.31 38.55
N ASN C 415 -38.57 6.32 38.64
CA ASN C 415 -38.61 5.41 39.78
C ASN C 415 -38.29 6.15 41.06
N VAL C 416 -37.31 7.05 41.03
CA VAL C 416 -36.94 7.79 42.24
C VAL C 416 -38.11 8.65 42.71
N GLU C 417 -38.76 9.35 41.77
CA GLU C 417 -39.93 10.17 42.13
C GLU C 417 -41.04 9.31 42.70
N ARG C 418 -41.30 8.15 42.08
CA ARG C 418 -42.37 7.28 42.54
C ARG C 418 -42.09 6.77 43.95
N VAL C 419 -40.86 6.34 44.21
CA VAL C 419 -40.51 5.83 45.54
C VAL C 419 -40.60 6.96 46.56
N MET C 420 -40.12 8.15 46.21
CA MET C 420 -40.19 9.28 47.14
C MET C 420 -41.64 9.60 47.48
N ALA C 421 -42.52 9.61 46.48
CA ALA C 421 -43.93 9.91 46.74
C ALA C 421 -44.59 8.82 47.56
N GLU C 422 -44.23 7.55 47.32
CA GLU C 422 -44.92 6.45 47.97
C GLU C 422 -44.41 6.22 49.39
N GLU C 423 -43.14 5.83 49.52
CA GLU C 423 -42.56 5.50 50.81
C GLU C 423 -42.06 6.73 51.58
N GLY C 424 -41.98 7.88 50.93
CA GLY C 424 -41.58 9.09 51.63
C GLY C 424 -40.12 9.14 52.02
N LEU C 425 -39.28 8.35 51.36
CA LEU C 425 -37.86 8.36 51.69
C LEU C 425 -37.22 9.67 51.20
N PRO C 426 -36.09 10.05 51.80
CA PRO C 426 -35.35 11.21 51.28
C PRO C 426 -34.74 10.89 49.94
N PRO C 427 -34.25 11.90 49.22
CA PRO C 427 -33.71 11.62 47.86
C PRO C 427 -32.60 10.59 47.85
N LYS C 428 -31.70 10.59 48.83
CA LYS C 428 -30.57 9.67 48.80
C LYS C 428 -31.03 8.23 48.96
N GLU C 429 -31.82 7.95 49.99
CA GLU C 429 -32.30 6.59 50.22
C GLU C 429 -33.19 6.13 49.08
N ALA C 430 -34.05 7.03 48.59
CA ALA C 430 -34.91 6.69 47.47
C ALA C 430 -34.10 6.35 46.24
N THR C 431 -33.02 7.10 45.98
CA THR C 431 -32.17 6.82 44.83
C THR C 431 -31.47 5.48 44.99
N ARG C 432 -30.97 5.19 46.20
CA ARG C 432 -30.33 3.89 46.43
C ARG C 432 -31.30 2.75 46.14
N LYS C 433 -32.50 2.84 46.71
CA LYS C 433 -33.50 1.79 46.50
C LYS C 433 -33.88 1.68 45.03
N SER C 434 -34.09 2.82 44.37
CA SER C 434 -34.50 2.80 42.97
C SER C 434 -33.43 2.15 42.10
N MET C 435 -32.16 2.51 42.33
CA MET C 435 -31.09 1.91 41.55
C MET C 435 -31.02 0.41 41.78
N GLY C 436 -31.14 -0.02 43.04
CA GLY C 436 -31.17 -1.44 43.32
C GLY C 436 -32.30 -2.15 42.60
N GLN C 437 -33.44 -1.46 42.47
CA GLN C 437 -34.59 -2.08 41.82
C GLN C 437 -34.40 -2.19 40.31
N ILE C 438 -33.90 -1.12 39.67
CA ILE C 438 -34.00 -0.97 38.22
C ILE C 438 -32.69 -1.22 37.51
N GLN C 439 -31.60 -1.52 38.23
CA GLN C 439 -30.30 -1.63 37.56
C GLN C 439 -30.35 -2.61 36.40
N GLY C 440 -31.11 -3.69 36.53
CA GLY C 440 -31.16 -4.67 35.46
C GLY C 440 -31.85 -4.16 34.20
N ALA C 441 -32.96 -3.43 34.37
CA ALA C 441 -33.71 -2.96 33.22
C ALA C 441 -32.90 -1.98 32.38
N LEU C 442 -32.10 -1.14 33.03
CA LEU C 442 -31.24 -0.22 32.29
C LEU C 442 -30.33 -0.96 31.33
N VAL C 443 -29.62 -1.97 31.85
CA VAL C 443 -28.69 -2.73 31.03
C VAL C 443 -29.43 -3.50 29.96
N GLY C 444 -30.58 -4.07 30.29
CA GLY C 444 -31.37 -4.76 29.29
C GLY C 444 -31.75 -3.86 28.13
N ILE C 445 -32.24 -2.66 28.45
CA ILE C 445 -32.65 -1.71 27.42
C ILE C 445 -31.46 -1.31 26.56
N ALA C 446 -30.35 -0.94 27.20
CA ALA C 446 -29.19 -0.50 26.43
C ALA C 446 -28.67 -1.63 25.54
N MET C 447 -28.59 -2.85 26.07
CA MET C 447 -28.08 -3.97 25.29
C MET C 447 -28.99 -4.28 24.12
N VAL C 448 -30.31 -4.32 24.34
CA VAL C 448 -31.22 -4.66 23.25
C VAL C 448 -31.19 -3.58 22.18
N LEU C 449 -31.04 -2.32 22.57
CA LEU C 449 -30.96 -1.24 21.60
C LEU C 449 -29.60 -1.16 20.93
N SER C 450 -28.58 -1.83 21.48
CA SER C 450 -27.26 -1.87 20.88
C SER C 450 -26.96 -3.18 20.16
N ALA C 451 -27.84 -4.17 20.26
CA ALA C 451 -27.59 -5.47 19.63
C ALA C 451 -28.22 -5.59 18.25
N VAL C 452 -29.22 -4.76 17.93
CA VAL C 452 -29.76 -4.75 16.58
C VAL C 452 -28.86 -4.02 15.60
N PHE C 453 -27.89 -3.24 16.09
CA PHE C 453 -27.05 -2.40 15.26
C PHE C 453 -25.65 -2.95 15.05
N ILE C 454 -25.31 -4.09 15.63
CA ILE C 454 -24.00 -4.69 15.43
C ILE C 454 -23.99 -5.44 14.10
N PRO C 455 -24.98 -6.29 13.81
CA PRO C 455 -24.90 -7.07 12.57
C PRO C 455 -24.87 -6.24 11.30
N MET C 456 -25.59 -5.11 11.24
CA MET C 456 -25.65 -4.35 10.00
C MET C 456 -24.31 -3.74 9.63
N ALA C 457 -23.42 -3.56 10.60
CA ALA C 457 -22.10 -3.02 10.31
C ALA C 457 -21.24 -3.97 9.49
N PHE C 458 -21.62 -5.24 9.39
CA PHE C 458 -20.84 -6.26 8.70
C PHE C 458 -21.25 -6.46 7.26
N PHE C 459 -22.24 -5.72 6.77
CA PHE C 459 -22.75 -5.91 5.42
C PHE C 459 -21.98 -5.05 4.44
N GLY C 460 -21.96 -5.48 3.18
CA GLY C 460 -21.18 -4.83 2.15
C GLY C 460 -22.01 -3.96 1.21
N GLY C 461 -21.30 -3.18 0.41
CA GLY C 461 -21.91 -2.28 -0.54
C GLY C 461 -22.09 -0.88 0.03
N SER C 462 -22.60 0.01 -0.84
CA SER C 462 -22.97 1.34 -0.37
C SER C 462 -24.00 1.25 0.73
N THR C 463 -24.88 0.25 0.67
CA THR C 463 -25.85 0.05 1.74
C THR C 463 -25.14 -0.27 3.06
N GLY C 464 -24.12 -1.12 3.02
CA GLY C 464 -23.38 -1.43 4.22
C GLY C 464 -22.62 -0.22 4.76
N ALA C 465 -22.05 0.58 3.86
CA ALA C 465 -21.35 1.78 4.28
C ALA C 465 -22.32 2.78 4.92
N ILE C 466 -23.55 2.83 4.43
CA ILE C 466 -24.57 3.67 5.06
C ILE C 466 -24.96 3.10 6.41
N TYR C 467 -25.03 1.78 6.52
CA TYR C 467 -25.40 1.15 7.78
C TYR C 467 -24.35 1.40 8.86
N ARG C 468 -23.08 1.45 8.48
CA ARG C 468 -22.02 1.57 9.48
C ARG C 468 -22.11 2.86 10.26
N GLN C 469 -22.52 3.95 9.60
CA GLN C 469 -22.62 5.24 10.29
C GLN C 469 -23.67 5.18 11.39
N PHE C 470 -24.86 4.67 11.07
CA PHE C 470 -25.89 4.52 12.07
C PHE C 470 -25.44 3.57 13.18
N SER C 471 -24.77 2.48 12.81
CA SER C 471 -24.32 1.53 13.82
C SER C 471 -23.39 2.20 14.82
N ILE C 472 -22.34 2.87 14.34
CA ILE C 472 -21.39 3.49 15.25
C ILE C 472 -22.11 4.52 16.12
N THR C 473 -22.90 5.40 15.50
CA THR C 473 -23.52 6.48 16.26
C THR C 473 -24.42 5.93 17.35
N ILE C 474 -25.32 5.02 16.99
CA ILE C 474 -26.33 4.58 17.95
C ILE C 474 -25.72 3.66 19.01
N VAL C 475 -24.77 2.80 18.63
CA VAL C 475 -24.15 1.95 19.63
C VAL C 475 -23.35 2.78 20.63
N SER C 476 -22.60 3.78 20.14
CA SER C 476 -21.88 4.65 21.07
C SER C 476 -22.85 5.41 21.95
N ALA C 477 -23.95 5.91 21.38
CA ALA C 477 -24.92 6.63 22.17
C ALA C 477 -25.52 5.75 23.26
N MET C 478 -25.83 4.50 22.94
CA MET C 478 -26.41 3.60 23.94
C MET C 478 -25.41 3.27 25.04
N ALA C 479 -24.16 2.99 24.68
CA ALA C 479 -23.16 2.68 25.69
C ALA C 479 -22.95 3.87 26.62
N LEU C 480 -22.80 5.07 26.06
CA LEU C 480 -22.66 6.26 26.90
C LEU C 480 -23.91 6.53 27.71
N SER C 481 -25.08 6.22 27.18
CA SER C 481 -26.32 6.46 27.91
C SER C 481 -26.40 5.56 29.14
N VAL C 482 -26.05 4.28 28.98
CA VAL C 482 -26.10 3.40 30.15
C VAL C 482 -25.01 3.79 31.15
N LEU C 483 -23.83 4.17 30.67
CA LEU C 483 -22.79 4.63 31.59
C LEU C 483 -23.26 5.85 32.38
N VAL C 484 -23.88 6.81 31.70
CA VAL C 484 -24.37 8.00 32.38
C VAL C 484 -25.48 7.64 33.36
N ALA C 485 -26.40 6.76 32.95
CA ALA C 485 -27.50 6.39 33.83
C ALA C 485 -27.00 5.66 35.06
N LEU C 486 -25.86 4.99 34.98
CA LEU C 486 -25.28 4.33 36.14
C LEU C 486 -24.42 5.26 36.98
N ILE C 487 -23.79 6.26 36.37
CA ILE C 487 -22.80 7.08 37.05
C ILE C 487 -23.39 8.41 37.49
N LEU C 488 -23.84 9.22 36.53
CA LEU C 488 -24.19 10.60 36.84
C LEU C 488 -25.62 10.72 37.33
N THR C 489 -26.57 10.06 36.68
CA THR C 489 -27.97 10.23 37.06
C THR C 489 -28.24 9.89 38.52
N PRO C 490 -27.71 8.80 39.09
CA PRO C 490 -27.92 8.58 40.53
C PRO C 490 -27.40 9.72 41.38
N ALA C 491 -26.25 10.30 41.04
CA ALA C 491 -25.71 11.39 41.85
C ALA C 491 -26.58 12.63 41.77
N LEU C 492 -27.05 12.99 40.57
CA LEU C 492 -27.93 14.14 40.43
C LEU C 492 -29.24 13.90 41.17
N CYS C 493 -29.79 12.69 41.07
CA CYS C 493 -31.02 12.39 41.79
C CYS C 493 -30.81 12.51 43.29
N ALA C 494 -29.69 12.01 43.80
CA ALA C 494 -29.43 12.10 45.23
C ALA C 494 -29.28 13.55 45.68
N THR C 495 -28.61 14.37 44.87
CA THR C 495 -28.33 15.74 45.29
C THR C 495 -29.39 16.74 44.83
N MET C 496 -29.65 16.81 43.53
CA MET C 496 -30.51 17.87 43.00
C MET C 496 -31.95 17.74 43.50
N LEU C 497 -32.50 16.53 43.48
CA LEU C 497 -33.92 16.37 43.79
C LEU C 497 -34.24 16.82 45.20
N LYS C 498 -35.42 17.41 45.37
CA LYS C 498 -35.89 17.87 46.68
C LYS C 498 -36.89 16.89 47.27
N PRO C 499 -36.85 16.67 48.59
CA PRO C 499 -37.74 15.67 49.19
C PRO C 499 -39.21 15.98 48.93
N ILE C 500 -40.00 14.91 48.78
CA ILE C 500 -41.44 14.99 48.65
C ILE C 500 -42.06 14.28 49.85
N GLN C 501 -43.05 14.91 50.47
CA GLN C 501 -43.71 14.35 51.63
C GLN C 501 -44.22 12.94 51.34
N THR C 509 -52.62 22.19 41.08
CA THR C 509 -53.89 22.48 40.44
C THR C 509 -53.65 23.16 39.09
N GLY C 510 -54.65 23.10 38.22
CA GLY C 510 -54.55 23.70 36.90
C GLY C 510 -54.51 22.66 35.81
N PHE C 511 -53.72 22.90 34.76
CA PHE C 511 -53.57 21.92 33.71
C PHE C 511 -52.94 20.64 34.23
N PHE C 512 -51.91 20.77 35.07
CA PHE C 512 -51.21 19.59 35.58
C PHE C 512 -52.10 18.76 36.47
N GLY C 513 -52.93 19.39 37.29
CA GLY C 513 -53.84 18.63 38.14
C GLY C 513 -54.84 17.83 37.33
N TRP C 514 -55.44 18.47 36.32
CA TRP C 514 -56.38 17.76 35.45
C TRP C 514 -55.70 16.62 34.71
N PHE C 515 -54.48 16.88 34.21
CA PHE C 515 -53.74 15.83 33.52
C PHE C 515 -53.47 14.66 34.45
N ASN C 516 -53.09 14.95 35.70
CA ASN C 516 -52.79 13.88 36.65
C ASN C 516 -54.04 13.07 36.97
N ARG C 517 -55.18 13.73 37.16
CA ARG C 517 -56.41 12.99 37.43
C ARG C 517 -56.78 12.12 36.24
N MET C 518 -56.69 12.67 35.03
CA MET C 518 -56.97 11.88 33.83
C MET C 518 -56.04 10.70 33.72
N PHE C 519 -54.75 10.89 34.01
CA PHE C 519 -53.79 9.80 33.88
C PHE C 519 -54.04 8.73 34.93
N ASP C 520 -54.40 9.12 36.16
CA ASP C 520 -54.71 8.12 37.18
C ASP C 520 -55.93 7.30 36.78
N LYS C 521 -56.98 7.98 36.29
CA LYS C 521 -58.15 7.25 35.83
C LYS C 521 -57.79 6.30 34.68
N SER C 522 -56.97 6.76 33.74
CA SER C 522 -56.61 5.94 32.60
C SER C 522 -55.74 4.76 33.02
N THR C 523 -54.86 4.95 34.00
CA THR C 523 -54.05 3.83 34.49
C THR C 523 -54.94 2.78 35.14
N HIS C 524 -55.90 3.21 35.95
CA HIS C 524 -56.81 2.24 36.55
C HIS C 524 -57.58 1.49 35.47
N HIS C 525 -58.10 2.22 34.48
CA HIS C 525 -58.84 1.59 33.40
C HIS C 525 -57.97 0.60 32.64
N TYR C 526 -56.72 0.97 32.37
CA TYR C 526 -55.84 0.11 31.59
C TYR C 526 -55.49 -1.16 32.35
N THR C 527 -55.18 -1.04 33.65
CA THR C 527 -54.86 -2.24 34.41
C THR C 527 -56.07 -3.15 34.54
N ASP C 528 -57.26 -2.57 34.72
CA ASP C 528 -58.47 -3.39 34.73
C ASP C 528 -58.65 -4.10 33.40
N SER C 529 -58.44 -3.40 32.29
CA SER C 529 -58.60 -4.00 30.97
C SER C 529 -57.60 -5.14 30.77
N VAL C 530 -56.35 -4.92 31.16
CA VAL C 530 -55.35 -5.98 31.04
C VAL C 530 -55.75 -7.18 31.89
N GLY C 531 -56.30 -6.93 33.07
CA GLY C 531 -56.84 -8.02 33.85
C GLY C 531 -57.91 -8.79 33.09
N ASN C 532 -58.78 -8.07 32.39
CA ASN C 532 -59.80 -8.72 31.58
C ASN C 532 -59.20 -9.43 30.37
N ILE C 533 -58.12 -8.88 29.82
CA ILE C 533 -57.48 -9.49 28.65
C ILE C 533 -56.91 -10.86 29.01
N LEU C 534 -56.24 -10.97 30.17
CA LEU C 534 -55.58 -12.20 30.56
C LEU C 534 -56.55 -13.30 30.94
N ARG C 535 -57.84 -13.00 31.08
CA ARG C 535 -58.81 -14.05 31.36
C ARG C 535 -59.15 -14.87 30.13
N SER C 536 -59.01 -14.28 28.94
CA SER C 536 -59.39 -14.90 27.67
C SER C 536 -58.29 -14.72 26.65
N THR C 537 -57.05 -15.05 27.03
CA THR C 537 -55.91 -14.82 26.15
C THR C 537 -56.06 -15.54 24.82
N GLY C 538 -56.89 -16.58 24.76
CA GLY C 538 -57.02 -17.34 23.53
C GLY C 538 -57.49 -16.51 22.36
N ARG C 539 -58.44 -15.60 22.59
CA ARG C 539 -59.02 -14.83 21.51
C ARG C 539 -58.16 -13.65 21.09
N TYR C 540 -57.11 -13.32 21.84
CA TYR C 540 -56.20 -12.25 21.45
C TYR C 540 -54.98 -12.75 20.69
N LEU C 541 -54.65 -14.03 20.82
CA LEU C 541 -53.66 -14.62 19.92
C LEU C 541 -54.16 -14.65 18.49
N VAL C 542 -55.47 -14.81 18.30
CA VAL C 542 -56.04 -14.71 16.95
C VAL C 542 -55.83 -13.31 16.39
N LEU C 543 -56.05 -12.28 17.20
CA LEU C 543 -55.80 -10.92 16.75
C LEU C 543 -54.32 -10.71 16.46
N TYR C 544 -53.44 -11.30 17.26
CA TYR C 544 -52.02 -11.18 16.98
C TYR C 544 -51.68 -11.82 15.64
N LEU C 545 -52.26 -12.99 15.34
CA LEU C 545 -52.00 -13.63 14.06
C LEU C 545 -52.54 -12.79 12.90
N ILE C 546 -53.72 -12.20 13.08
CA ILE C 546 -54.24 -11.31 12.04
C ILE C 546 -53.31 -10.12 11.83
N ILE C 547 -52.76 -9.59 12.93
CA ILE C 547 -51.81 -8.48 12.82
C ILE C 547 -50.56 -8.91 12.07
N VAL C 548 -50.07 -10.12 12.34
CA VAL C 548 -48.88 -10.60 11.66
C VAL C 548 -49.13 -10.77 10.16
N VAL C 549 -50.30 -11.33 9.82
CA VAL C 549 -50.65 -11.49 8.40
C VAL C 549 -50.77 -10.12 7.74
N GLY C 550 -51.38 -9.16 8.42
CA GLY C 550 -51.47 -7.82 7.86
C GLY C 550 -50.11 -7.19 7.68
N MET C 551 -49.20 -7.42 8.62
CA MET C 551 -47.84 -6.93 8.47
C MET C 551 -47.19 -7.51 7.22
N ALA C 552 -47.35 -8.83 7.02
CA ALA C 552 -46.76 -9.45 5.84
C ALA C 552 -47.34 -8.86 4.56
N TRP C 553 -48.66 -8.66 4.53
CA TRP C 553 -49.30 -8.07 3.35
C TRP C 553 -48.78 -6.67 3.10
N LEU C 554 -48.67 -5.86 4.14
CA LEU C 554 -48.19 -4.49 3.98
C LEU C 554 -46.75 -4.46 3.51
N PHE C 555 -45.91 -5.34 4.05
CA PHE C 555 -44.52 -5.38 3.62
C PHE C 555 -44.40 -5.79 2.15
N VAL C 556 -45.16 -6.80 1.74
CA VAL C 556 -45.08 -7.24 0.35
C VAL C 556 -45.60 -6.15 -0.58
N ARG C 557 -46.62 -5.40 -0.15
CA ARG C 557 -47.24 -4.39 -1.00
C ARG C 557 -46.41 -3.12 -1.13
N LEU C 558 -45.46 -2.89 -0.24
CA LEU C 558 -44.78 -1.59 -0.18
C LEU C 558 -43.71 -1.50 -1.26
N PRO C 559 -43.72 -0.47 -2.10
CA PRO C 559 -42.67 -0.31 -3.11
C PRO C 559 -41.30 -0.19 -2.47
N SER C 560 -40.28 -0.16 -3.33
CA SER C 560 -38.90 -0.10 -2.87
C SER C 560 -38.11 0.88 -3.72
N SER C 561 -37.06 1.44 -3.12
CA SER C 561 -36.13 2.33 -3.80
C SER C 561 -34.79 2.24 -3.08
N PHE C 562 -33.90 3.20 -3.35
CA PHE C 562 -32.58 3.22 -2.73
C PHE C 562 -32.36 4.42 -1.83
N LEU C 563 -32.47 5.64 -2.37
CA LEU C 563 -32.24 6.84 -1.59
C LEU C 563 -33.15 7.94 -2.12
N PRO C 564 -33.74 8.76 -1.26
CA PRO C 564 -34.62 9.82 -1.75
C PRO C 564 -33.85 10.88 -2.53
N ASP C 565 -34.53 11.46 -3.51
CA ASP C 565 -33.98 12.57 -4.27
C ASP C 565 -34.05 13.85 -3.46
N GLU C 566 -33.12 14.77 -3.75
CA GLU C 566 -33.01 16.02 -3.01
C GLU C 566 -32.97 17.17 -3.99
N ASP C 567 -33.29 18.36 -3.48
CA ASP C 567 -33.21 19.60 -4.23
C ASP C 567 -31.88 20.25 -3.88
N GLN C 568 -30.86 19.96 -4.69
CA GLN C 568 -29.52 20.43 -4.43
C GLN C 568 -29.26 21.84 -4.95
N GLY C 569 -30.26 22.47 -5.58
CA GLY C 569 -30.11 23.80 -6.12
C GLY C 569 -29.58 23.83 -7.53
N VAL C 570 -29.12 22.71 -8.06
CA VAL C 570 -28.56 22.63 -9.40
C VAL C 570 -29.07 21.35 -10.06
N PHE C 571 -29.42 21.44 -11.33
CA PHE C 571 -29.75 20.27 -12.12
C PHE C 571 -29.07 20.38 -13.48
N LEU C 572 -29.10 19.29 -14.23
CA LEU C 572 -28.42 19.18 -15.51
C LEU C 572 -29.43 19.18 -16.64
N SER C 573 -28.92 19.24 -17.86
CA SER C 573 -29.76 19.12 -19.04
C SER C 573 -28.86 18.91 -20.25
N MET C 574 -29.24 17.97 -21.10
CA MET C 574 -28.43 17.55 -22.23
C MET C 574 -29.28 17.50 -23.49
N ALA C 575 -28.67 17.80 -24.63
CA ALA C 575 -29.34 17.79 -25.92
C ALA C 575 -28.51 16.99 -26.91
N GLN C 576 -29.15 16.03 -27.58
CA GLN C 576 -28.54 15.33 -28.70
C GLN C 576 -29.37 15.58 -29.96
N LEU C 577 -28.69 15.97 -31.02
CA LEU C 577 -29.29 16.18 -32.32
C LEU C 577 -29.15 14.93 -33.17
N PRO C 578 -29.85 14.86 -34.30
CA PRO C 578 -29.74 13.68 -35.15
C PRO C 578 -28.29 13.39 -35.53
N ALA C 579 -28.04 12.13 -35.89
CA ALA C 579 -26.70 11.73 -36.31
C ALA C 579 -26.24 12.58 -37.48
N GLY C 580 -25.00 13.03 -37.43
CA GLY C 580 -24.45 13.91 -38.44
C GLY C 580 -24.74 15.38 -38.25
N ALA C 581 -25.24 15.78 -37.08
CA ALA C 581 -25.50 17.18 -36.82
C ALA C 581 -24.20 17.95 -36.70
N THR C 582 -24.27 19.26 -36.91
CA THR C 582 -23.11 20.12 -36.92
C THR C 582 -23.13 21.02 -35.69
N GLN C 583 -22.06 21.80 -35.54
CA GLN C 583 -21.92 22.65 -34.36
C GLN C 583 -22.98 23.75 -34.34
N GLU C 584 -23.33 24.30 -35.50
CA GLU C 584 -24.31 25.39 -35.53
C GLU C 584 -25.67 24.93 -35.04
N ARG C 585 -26.13 23.76 -35.47
CA ARG C 585 -27.44 23.30 -35.05
C ARG C 585 -27.48 23.00 -33.56
N THR C 586 -26.44 22.36 -33.03
CA THR C 586 -26.39 22.12 -31.60
C THR C 586 -26.34 23.42 -30.83
N GLN C 587 -25.62 24.42 -31.34
CA GLN C 587 -25.57 25.71 -30.66
C GLN C 587 -26.92 26.40 -30.69
N LYS C 588 -27.66 26.25 -31.79
CA LYS C 588 -29.00 26.81 -31.85
C LYS C 588 -29.91 26.17 -30.82
N VAL C 589 -29.83 24.84 -30.69
CA VAL C 589 -30.65 24.14 -29.70
C VAL C 589 -30.27 24.57 -28.29
N LEU C 590 -28.97 24.69 -28.01
CA LEU C 590 -28.53 25.12 -26.69
C LEU C 590 -28.95 26.55 -26.41
N ASP C 591 -28.95 27.41 -27.42
CA ASP C 591 -29.44 28.77 -27.25
C ASP C 591 -30.93 28.77 -26.92
N GLU C 592 -31.71 27.92 -27.57
CA GLU C 592 -33.12 27.79 -27.23
C GLU C 592 -33.28 27.38 -25.78
N MET C 593 -32.49 26.38 -25.35
CA MET C 593 -32.58 25.90 -23.97
C MET C 593 -32.24 27.00 -22.98
N THR C 594 -31.17 27.74 -23.24
CA THR C 594 -30.76 28.82 -22.33
C THR C 594 -31.82 29.92 -22.29
N ASN C 595 -32.37 30.29 -23.44
CA ASN C 595 -33.41 31.31 -23.46
C ASN C 595 -34.62 30.87 -22.67
N TYR C 596 -35.02 29.60 -22.79
CA TYR C 596 -36.13 29.11 -22.00
C TYR C 596 -35.83 29.19 -20.52
N TYR C 597 -34.64 28.75 -20.11
CA TYR C 597 -34.32 28.76 -18.69
C TYR C 597 -34.31 30.17 -18.14
N LEU C 598 -33.77 31.13 -18.89
CA LEU C 598 -33.65 32.49 -18.41
C LEU C 598 -34.90 33.32 -18.63
N THR C 599 -35.90 32.78 -19.32
CA THR C 599 -37.17 33.49 -19.53
C THR C 599 -38.31 32.86 -18.75
N LYS C 600 -38.57 31.56 -18.96
CA LYS C 600 -39.69 30.92 -18.28
C LYS C 600 -39.38 30.67 -16.82
N GLU C 601 -38.16 30.26 -16.50
CA GLU C 601 -37.75 29.94 -15.13
C GLU C 601 -36.85 31.03 -14.56
N LYS C 602 -37.10 32.29 -14.92
CA LYS C 602 -36.28 33.39 -14.43
C LYS C 602 -36.44 33.60 -12.93
N ASP C 603 -37.54 33.12 -12.35
CA ASP C 603 -37.73 33.27 -10.91
C ASP C 603 -36.89 32.28 -10.12
N ASN C 604 -36.63 31.10 -10.66
CA ASN C 604 -35.89 30.05 -9.97
C ASN C 604 -34.48 29.85 -10.48
N VAL C 605 -34.25 29.99 -11.78
CA VAL C 605 -32.94 29.72 -12.38
C VAL C 605 -32.11 31.00 -12.34
N GLU C 606 -30.85 30.87 -11.98
CA GLU C 606 -29.94 32.00 -11.87
C GLU C 606 -28.87 32.03 -12.95
N SER C 607 -28.39 30.88 -13.41
CA SER C 607 -27.34 30.85 -14.40
C SER C 607 -27.40 29.54 -15.18
N VAL C 608 -27.04 29.61 -16.45
CA VAL C 608 -26.93 28.45 -17.33
C VAL C 608 -25.54 28.47 -17.95
N PHE C 609 -24.80 27.39 -17.79
CA PHE C 609 -23.46 27.24 -18.37
C PHE C 609 -23.55 26.17 -19.46
N ALA C 610 -23.91 26.61 -20.67
CA ALA C 610 -24.11 25.69 -21.77
C ALA C 610 -22.78 25.35 -22.42
N VAL C 611 -22.43 24.07 -22.44
CA VAL C 611 -21.19 23.59 -23.03
C VAL C 611 -21.53 22.83 -24.29
N ASN C 612 -21.15 23.36 -25.44
CA ASN C 612 -21.46 22.75 -26.72
C ASN C 612 -20.33 21.84 -27.16
N GLY C 613 -20.69 20.69 -27.74
CA GLY C 613 -19.70 19.71 -28.13
C GLY C 613 -19.20 18.83 -27.01
N PHE C 614 -19.85 18.86 -25.85
CA PHE C 614 -19.45 18.05 -24.71
C PHE C 614 -20.68 17.38 -24.13
N GLY C 615 -20.49 16.17 -23.63
CA GLY C 615 -21.58 15.44 -23.00
C GLY C 615 -21.03 14.28 -22.20
N PHE C 616 -21.91 13.68 -21.40
CA PHE C 616 -21.55 12.50 -20.63
C PHE C 616 -21.80 11.21 -21.39
N ALA C 617 -22.38 11.28 -22.59
CA ALA C 617 -22.68 10.13 -23.41
C ALA C 617 -21.87 10.16 -24.71
N GLY C 618 -20.60 10.48 -24.60
CA GLY C 618 -19.74 10.56 -25.77
C GLY C 618 -19.70 11.96 -26.35
N ARG C 619 -18.60 12.25 -27.02
CA ARG C 619 -18.38 13.56 -27.61
C ARG C 619 -18.95 13.60 -29.03
N GLY C 620 -19.08 14.81 -29.55
CA GLY C 620 -19.55 14.98 -30.91
C GLY C 620 -20.15 16.36 -31.09
N GLN C 621 -20.35 16.71 -32.35
CA GLN C 621 -20.98 17.99 -32.68
C GLN C 621 -22.48 17.95 -32.52
N ASN C 622 -23.07 16.77 -32.39
CA ASN C 622 -24.50 16.62 -32.20
C ASN C 622 -24.91 16.61 -30.74
N THR C 623 -23.96 16.77 -29.82
CA THR C 623 -24.22 16.66 -28.39
C THR C 623 -23.87 17.97 -27.69
N GLY C 624 -24.61 18.26 -26.64
CA GLY C 624 -24.34 19.41 -25.80
C GLY C 624 -24.93 19.20 -24.43
N ILE C 625 -24.39 19.93 -23.45
CA ILE C 625 -24.88 19.86 -22.08
C ILE C 625 -24.95 21.27 -21.52
N ALA C 626 -25.72 21.41 -20.44
CA ALA C 626 -25.89 22.69 -19.77
C ALA C 626 -26.01 22.45 -18.27
N PHE C 627 -25.24 23.20 -17.49
CA PHE C 627 -25.32 23.18 -16.04
C PHE C 627 -26.19 24.34 -15.59
N VAL C 628 -27.28 24.03 -14.88
CA VAL C 628 -28.23 25.04 -14.43
C VAL C 628 -28.17 25.15 -12.92
N SER C 629 -27.97 26.36 -12.42
CA SER C 629 -27.87 26.64 -10.99
C SER C 629 -29.03 27.55 -10.60
N LEU C 630 -29.82 27.11 -9.63
CA LEU C 630 -31.00 27.84 -9.22
C LEU C 630 -30.67 28.79 -8.07
N LYS C 631 -31.60 29.70 -7.79
CA LYS C 631 -31.41 30.65 -6.70
C LYS C 631 -31.37 29.92 -5.37
N ASP C 632 -31.07 30.67 -4.31
CA ASP C 632 -30.98 30.07 -2.99
C ASP C 632 -32.34 29.56 -2.54
N TRP C 633 -32.33 28.53 -1.71
CA TRP C 633 -33.57 27.86 -1.33
C TRP C 633 -34.57 28.83 -0.74
N SER C 634 -34.10 29.81 0.03
CA SER C 634 -35.00 30.76 0.68
C SER C 634 -35.79 31.58 -0.32
N GLN C 635 -35.34 31.66 -1.57
CA GLN C 635 -36.04 32.39 -2.61
C GLN C 635 -36.87 31.49 -3.51
N ARG C 636 -37.02 30.21 -3.14
CA ARG C 636 -37.79 29.25 -3.92
C ARG C 636 -38.76 28.52 -2.99
N PRO C 637 -39.80 29.20 -2.53
CA PRO C 637 -40.78 28.55 -1.64
C PRO C 637 -41.90 27.88 -2.41
N GLY C 638 -42.28 26.70 -1.95
CA GLY C 638 -43.36 25.93 -2.55
C GLY C 638 -42.85 24.70 -3.27
N GLU C 639 -43.79 23.81 -3.57
CA GLU C 639 -43.48 22.59 -4.29
C GLU C 639 -43.23 22.84 -5.78
N GLU C 640 -43.75 23.94 -6.31
CA GLU C 640 -43.59 24.25 -7.73
C GLU C 640 -42.27 24.92 -8.04
N ASN C 641 -41.50 25.32 -7.03
CA ASN C 641 -40.23 25.99 -7.23
C ASN C 641 -39.04 25.10 -6.91
N LYS C 642 -39.27 23.82 -6.66
CA LYS C 642 -38.18 22.90 -6.39
C LYS C 642 -37.63 22.32 -7.69
N VAL C 643 -36.56 21.55 -7.57
CA VAL C 643 -35.89 21.03 -8.76
C VAL C 643 -36.79 20.04 -9.49
N GLU C 644 -37.56 19.25 -8.75
CA GLU C 644 -38.44 18.27 -9.39
C GLU C 644 -39.49 18.96 -10.26
N ALA C 645 -40.16 19.98 -9.72
CA ALA C 645 -41.15 20.71 -10.49
C ALA C 645 -40.51 21.45 -11.66
N ILE C 646 -39.35 22.05 -11.44
CA ILE C 646 -38.68 22.80 -12.50
C ILE C 646 -38.32 21.87 -13.66
N THR C 647 -37.75 20.71 -13.34
CA THR C 647 -37.37 19.77 -14.39
C THR C 647 -38.59 19.16 -15.06
N ALA C 648 -39.67 18.93 -14.31
CA ALA C 648 -40.89 18.44 -14.93
C ALA C 648 -41.45 19.45 -15.92
N ARG C 649 -41.48 20.73 -15.55
CA ARG C 649 -41.92 21.75 -16.48
C ARG C 649 -41.01 21.83 -17.70
N ALA C 650 -39.70 21.76 -17.48
CA ALA C 650 -38.76 21.82 -18.60
C ALA C 650 -38.99 20.67 -19.56
N MET C 651 -39.16 19.45 -19.04
CA MET C 651 -39.43 18.31 -19.90
C MET C 651 -40.79 18.44 -20.58
N GLY C 652 -41.74 19.09 -19.94
CA GLY C 652 -42.98 19.40 -20.63
C GLY C 652 -42.77 20.30 -21.82
N TYR C 653 -41.92 21.31 -21.67
CA TYR C 653 -41.63 22.21 -22.79
C TYR C 653 -40.66 21.58 -23.79
N PHE C 654 -39.67 20.84 -23.30
CA PHE C 654 -38.65 20.28 -24.19
C PHE C 654 -39.16 19.10 -25.00
N SER C 655 -40.12 18.35 -24.48
CA SER C 655 -40.64 17.19 -25.21
C SER C 655 -41.24 17.60 -26.55
N GLN C 656 -41.66 18.84 -26.69
CA GLN C 656 -42.25 19.34 -27.92
C GLN C 656 -41.20 19.91 -28.88
N ILE C 657 -39.92 19.87 -28.51
CA ILE C 657 -38.85 20.35 -29.38
C ILE C 657 -38.49 19.22 -30.35
N LYS C 658 -38.90 19.37 -31.60
CA LYS C 658 -38.52 18.44 -32.66
C LYS C 658 -37.25 18.91 -33.33
N ASP C 659 -36.51 17.96 -33.91
CA ASP C 659 -35.18 18.15 -34.51
C ASP C 659 -34.10 18.22 -33.44
N ALA C 660 -34.39 17.63 -32.28
CA ALA C 660 -33.46 17.55 -31.17
C ALA C 660 -34.09 16.67 -30.10
N MET C 661 -33.26 16.18 -29.19
CA MET C 661 -33.71 15.34 -28.08
C MET C 661 -33.15 15.95 -26.79
N VAL C 662 -33.90 16.88 -26.21
CA VAL C 662 -33.45 17.63 -25.04
C VAL C 662 -34.02 16.96 -23.79
N PHE C 663 -33.18 16.86 -22.76
CA PHE C 663 -33.57 16.26 -21.49
C PHE C 663 -33.12 17.15 -20.34
N ALA C 664 -33.86 17.08 -19.24
CA ALA C 664 -33.49 17.77 -18.01
C ALA C 664 -33.72 16.84 -16.85
N PHE C 665 -32.71 16.66 -15.99
CA PHE C 665 -32.79 15.67 -14.94
C PHE C 665 -32.03 16.15 -13.71
N ASN C 666 -32.35 15.55 -12.57
CA ASN C 666 -31.72 15.86 -11.30
C ASN C 666 -30.37 15.15 -11.21
N LEU C 667 -29.77 15.13 -10.03
CA LEU C 667 -28.50 14.45 -9.81
C LEU C 667 -28.70 13.21 -8.94
N PRO C 668 -27.89 12.18 -9.14
CA PRO C 668 -28.07 10.96 -8.35
C PRO C 668 -27.61 11.14 -6.91
N ALA C 669 -28.12 10.28 -6.03
CA ALA C 669 -27.78 10.38 -4.62
C ALA C 669 -26.28 10.21 -4.42
N ILE C 670 -25.69 9.21 -5.06
CA ILE C 670 -24.25 8.97 -5.01
C ILE C 670 -23.70 9.54 -6.32
N VAL C 671 -23.26 10.79 -6.28
CA VAL C 671 -22.88 11.49 -7.49
C VAL C 671 -21.69 10.82 -8.17
N GLU C 672 -20.94 9.99 -7.45
CA GLU C 672 -19.77 9.35 -8.02
C GLU C 672 -20.08 8.11 -8.84
N LEU C 673 -21.34 7.68 -8.89
CA LEU C 673 -21.73 6.46 -9.61
C LEU C 673 -22.35 6.78 -10.96
N GLY C 674 -23.44 7.56 -10.97
CA GLY C 674 -24.12 7.93 -12.19
C GLY C 674 -24.06 9.41 -12.44
N THR C 675 -24.70 9.81 -13.54
CA THR C 675 -24.79 11.22 -13.91
C THR C 675 -26.20 11.79 -13.84
N ALA C 676 -27.21 10.95 -13.65
CA ALA C 676 -28.60 11.39 -13.61
C ALA C 676 -29.38 10.54 -12.63
N THR C 677 -30.50 11.10 -12.18
CA THR C 677 -31.40 10.38 -11.29
C THR C 677 -32.18 9.34 -12.09
N GLY C 678 -32.45 8.20 -11.45
CA GLY C 678 -33.19 7.13 -12.10
C GLY C 678 -32.47 5.80 -12.02
N PHE C 679 -32.51 5.03 -13.10
CA PHE C 679 -31.91 3.71 -13.15
C PHE C 679 -30.98 3.61 -14.35
N ASP C 680 -29.98 2.73 -14.24
CA ASP C 680 -28.98 2.51 -15.28
C ASP C 680 -29.13 1.08 -15.79
N PHE C 681 -29.68 0.94 -16.99
CA PHE C 681 -30.08 -0.35 -17.53
C PHE C 681 -29.17 -0.71 -18.69
N GLU C 682 -28.58 -1.90 -18.64
CA GLU C 682 -27.66 -2.38 -19.68
C GLU C 682 -28.33 -3.48 -20.48
N LEU C 683 -28.37 -3.31 -21.80
CA LEU C 683 -29.00 -4.28 -22.70
C LEU C 683 -27.89 -5.08 -23.36
N ILE C 684 -27.46 -6.14 -22.68
CA ILE C 684 -26.32 -6.92 -23.14
C ILE C 684 -26.75 -7.85 -24.27
N ASP C 685 -25.77 -8.28 -25.06
CA ASP C 685 -25.97 -9.16 -26.21
C ASP C 685 -25.20 -10.44 -25.95
N GLN C 686 -25.86 -11.40 -25.29
CA GLN C 686 -25.19 -12.64 -24.88
C GLN C 686 -25.12 -13.65 -26.01
N GLY C 687 -26.07 -13.62 -26.95
CA GLY C 687 -26.13 -14.60 -27.99
C GLY C 687 -25.21 -14.36 -29.17
N GLY C 688 -24.41 -13.30 -29.13
CA GLY C 688 -23.57 -12.98 -30.27
C GLY C 688 -24.38 -12.65 -31.51
N LEU C 689 -25.49 -11.94 -31.35
CA LEU C 689 -26.34 -11.62 -32.48
C LEU C 689 -25.71 -10.57 -33.39
N GLY C 690 -24.95 -9.65 -32.81
CA GLY C 690 -24.33 -8.57 -33.55
C GLY C 690 -24.87 -7.22 -33.15
N HIS C 691 -24.34 -6.18 -33.81
CA HIS C 691 -24.76 -4.83 -33.48
C HIS C 691 -26.15 -4.52 -34.03
N GLU C 692 -26.44 -4.97 -35.26
CA GLU C 692 -27.75 -4.68 -35.84
C GLU C 692 -28.87 -5.32 -35.04
N LYS C 693 -28.70 -6.58 -34.64
CA LYS C 693 -29.73 -7.25 -33.86
C LYS C 693 -29.90 -6.60 -32.49
N LEU C 694 -28.78 -6.21 -31.86
CA LEU C 694 -28.87 -5.54 -30.57
C LEU C 694 -29.60 -4.21 -30.68
N THR C 695 -29.31 -3.44 -31.73
CA THR C 695 -29.99 -2.17 -31.93
C THR C 695 -31.48 -2.38 -32.21
N GLN C 696 -31.81 -3.41 -32.98
CA GLN C 696 -33.22 -3.71 -33.22
C GLN C 696 -33.92 -4.09 -31.92
N ALA C 697 -33.26 -4.85 -31.05
CA ALA C 697 -33.85 -5.19 -29.77
C ALA C 697 -34.04 -3.96 -28.89
N ARG C 698 -33.07 -3.04 -28.92
CA ARG C 698 -33.23 -1.80 -28.16
C ARG C 698 -34.41 -0.99 -28.69
N ASN C 699 -34.55 -0.90 -30.01
CA ASN C 699 -35.69 -0.19 -30.59
C ASN C 699 -37.01 -0.85 -30.20
N GLN C 700 -37.05 -2.18 -30.20
CA GLN C 700 -38.25 -2.88 -29.77
C GLN C 700 -38.56 -2.58 -28.31
N LEU C 701 -37.55 -2.60 -27.44
CA LEU C 701 -37.78 -2.30 -26.04
C LEU C 701 -38.33 -0.90 -25.87
N PHE C 702 -37.76 0.07 -26.59
CA PHE C 702 -38.31 1.43 -26.56
C PHE C 702 -39.74 1.44 -27.07
N GLY C 703 -40.06 0.59 -28.04
CA GLY C 703 -41.43 0.52 -28.53
C GLY C 703 -42.40 0.06 -27.46
N MET C 704 -42.01 -0.94 -26.68
CA MET C 704 -42.89 -1.42 -25.60
C MET C 704 -42.76 -0.58 -24.35
N VAL C 705 -41.62 0.10 -24.14
CA VAL C 705 -41.50 1.01 -23.02
C VAL C 705 -42.44 2.19 -23.18
N ALA C 706 -42.68 2.64 -24.41
CA ALA C 706 -43.57 3.76 -24.65
C ALA C 706 -45.03 3.42 -24.37
N GLN C 707 -45.36 2.14 -24.19
CA GLN C 707 -46.73 1.74 -23.88
C GLN C 707 -47.06 1.86 -22.40
N HIS C 708 -46.09 2.22 -21.56
CA HIS C 708 -46.28 2.32 -20.11
C HIS C 708 -45.79 3.68 -19.66
N PRO C 709 -46.45 4.75 -20.09
CA PRO C 709 -46.05 6.10 -19.64
C PRO C 709 -46.40 6.38 -18.20
N ASP C 710 -47.16 5.50 -17.55
CA ASP C 710 -47.54 5.68 -16.15
C ASP C 710 -46.51 5.12 -15.18
N VAL C 711 -45.54 4.34 -15.66
CA VAL C 711 -44.49 3.79 -14.81
C VAL C 711 -43.12 4.34 -15.18
N LEU C 712 -42.84 4.52 -16.47
CA LEU C 712 -41.54 4.96 -16.94
C LEU C 712 -41.68 6.26 -17.72
N THR C 713 -40.75 7.19 -17.47
CA THR C 713 -40.69 8.44 -18.21
C THR C 713 -39.23 8.79 -18.47
N GLY C 714 -39.00 9.47 -19.59
CA GLY C 714 -37.65 9.93 -19.91
C GLY C 714 -36.65 8.82 -20.11
N VAL C 715 -37.07 7.73 -20.74
CA VAL C 715 -36.17 6.63 -21.05
C VAL C 715 -35.43 6.97 -22.34
N ARG C 716 -34.10 7.02 -22.25
CA ARG C 716 -33.26 7.47 -23.36
C ARG C 716 -32.04 6.58 -23.43
N PRO C 717 -31.44 6.44 -24.62
CA PRO C 717 -30.15 5.75 -24.71
C PRO C 717 -29.04 6.59 -24.10
N ASN C 718 -28.09 5.91 -23.46
CA ASN C 718 -26.87 6.56 -22.98
C ASN C 718 -25.73 6.43 -23.97
N GLY C 719 -25.97 6.84 -25.21
CA GLY C 719 -24.96 6.68 -26.23
C GLY C 719 -25.36 7.39 -27.50
N LEU C 720 -24.65 7.07 -28.58
CA LEU C 720 -24.79 7.74 -29.86
C LEU C 720 -25.33 6.77 -30.91
N GLU C 721 -26.19 7.29 -31.79
CA GLU C 721 -26.76 6.50 -32.86
C GLU C 721 -25.80 6.36 -34.02
N ASP C 722 -26.13 5.48 -34.96
CA ASP C 722 -25.27 5.29 -36.12
C ASP C 722 -25.17 6.57 -36.93
N THR C 723 -23.99 6.82 -37.48
CA THR C 723 -23.72 8.05 -38.22
C THR C 723 -23.16 7.70 -39.58
N PRO C 724 -23.38 8.55 -40.58
CA PRO C 724 -22.77 8.31 -41.90
C PRO C 724 -21.26 8.45 -41.83
N GLN C 725 -20.57 7.64 -42.63
CA GLN C 725 -19.12 7.65 -42.68
C GLN C 725 -18.69 7.77 -44.13
N PHE C 726 -17.78 8.70 -44.40
CA PHE C 726 -17.30 8.97 -45.76
C PHE C 726 -16.08 8.11 -46.01
N LYS C 727 -16.30 6.89 -46.47
CA LYS C 727 -15.20 5.98 -46.74
C LYS C 727 -14.57 6.31 -48.08
N ILE C 728 -13.25 6.53 -48.07
CA ILE C 728 -12.48 6.88 -49.26
C ILE C 728 -11.49 5.75 -49.49
N ASP C 729 -11.53 5.16 -50.68
CA ASP C 729 -10.69 4.03 -51.04
C ASP C 729 -9.57 4.50 -51.95
N ILE C 730 -8.34 4.16 -51.60
CA ILE C 730 -7.16 4.51 -52.38
C ILE C 730 -6.81 3.31 -53.26
N ASP C 731 -6.74 3.53 -54.56
CA ASP C 731 -6.35 2.49 -55.50
C ASP C 731 -4.83 2.54 -55.63
N GLN C 732 -4.13 1.70 -54.86
CA GLN C 732 -2.68 1.78 -54.82
C GLN C 732 -2.07 1.52 -56.20
N GLU C 733 -2.62 0.56 -56.94
CA GLU C 733 -2.08 0.26 -58.26
C GLU C 733 -2.06 1.52 -59.12
N LYS C 734 -3.16 2.27 -59.12
CA LYS C 734 -3.17 3.55 -59.80
C LYS C 734 -2.23 4.54 -59.15
N ALA C 735 -2.01 4.41 -57.84
CA ALA C 735 -1.10 5.33 -57.14
C ALA C 735 0.31 5.22 -57.69
N GLN C 736 0.82 3.99 -57.87
CA GLN C 736 2.13 3.85 -58.50
C GLN C 736 2.08 4.05 -60.00
N ALA C 737 0.93 3.81 -60.64
CA ALA C 737 0.83 4.09 -62.07
C ALA C 737 1.18 5.55 -62.35
N LEU C 738 0.75 6.46 -61.48
CA LEU C 738 1.06 7.88 -61.60
C LEU C 738 2.29 8.26 -60.79
N GLY C 739 2.95 7.31 -60.14
CA GLY C 739 4.14 7.61 -59.36
C GLY C 739 3.91 8.45 -58.13
N VAL C 740 2.87 8.15 -57.35
CA VAL C 740 2.58 8.85 -56.11
C VAL C 740 2.78 7.87 -54.96
N SER C 741 3.55 8.29 -53.95
CA SER C 741 3.84 7.43 -52.81
C SER C 741 2.61 7.30 -51.91
N ILE C 742 2.46 6.12 -51.31
CA ILE C 742 1.38 5.92 -50.35
C ILE C 742 1.63 6.72 -49.09
N SER C 743 2.89 6.84 -48.67
CA SER C 743 3.21 7.64 -47.49
C SER C 743 2.84 9.10 -47.71
N ASP C 744 3.15 9.63 -48.91
CA ASP C 744 2.78 11.00 -49.21
C ASP C 744 1.27 11.18 -49.22
N ILE C 745 0.54 10.20 -49.77
CA ILE C 745 -0.92 10.29 -49.79
C ILE C 745 -1.45 10.33 -48.37
N ASN C 746 -0.96 9.44 -47.51
CA ASN C 746 -1.44 9.40 -46.13
C ASN C 746 -1.13 10.70 -45.41
N THR C 747 0.10 11.20 -45.55
CA THR C 747 0.46 12.44 -44.86
C THR C 747 -0.37 13.61 -45.37
N THR C 748 -0.55 13.72 -46.69
CA THR C 748 -1.32 14.82 -47.23
C THR C 748 -2.76 14.77 -46.73
N LEU C 749 -3.39 13.60 -46.79
CA LEU C 749 -4.78 13.49 -46.35
C LEU C 749 -4.91 13.82 -44.87
N GLY C 750 -4.06 13.22 -44.03
CA GLY C 750 -4.16 13.47 -42.60
C GLY C 750 -3.94 14.92 -42.25
N ALA C 751 -2.86 15.51 -42.77
CA ALA C 751 -2.56 16.90 -42.45
C ALA C 751 -3.65 17.83 -42.97
N ALA C 752 -4.16 17.57 -44.18
CA ALA C 752 -5.13 18.48 -44.77
C ALA C 752 -6.46 18.43 -44.03
N TRP C 753 -6.98 17.24 -43.75
CA TRP C 753 -8.35 17.13 -43.25
C TRP C 753 -8.42 16.95 -41.74
N GLY C 754 -7.54 16.14 -41.15
CA GLY C 754 -7.59 15.92 -39.72
C GLY C 754 -6.71 16.82 -38.89
N GLY C 755 -5.80 17.55 -39.52
CA GLY C 755 -4.91 18.42 -38.79
C GLY C 755 -3.75 17.64 -38.19
N SER C 756 -2.54 18.16 -38.31
CA SER C 756 -1.34 17.47 -37.86
C SER C 756 -0.63 18.31 -36.83
N TYR C 757 -0.27 17.70 -35.70
CA TYR C 757 0.47 18.37 -34.63
C TYR C 757 1.95 18.18 -34.92
N VAL C 758 2.62 19.26 -35.35
CA VAL C 758 4.00 19.15 -35.83
C VAL C 758 4.97 19.18 -34.66
N ASN C 759 5.02 20.29 -33.94
CA ASN C 759 5.93 20.44 -32.80
C ASN C 759 5.40 21.57 -31.93
N ASP C 760 6.21 22.01 -30.98
CA ASP C 760 5.81 23.00 -30.00
C ASP C 760 6.47 24.35 -30.26
N PHE C 761 6.00 25.36 -29.53
CA PHE C 761 6.65 26.67 -29.52
C PHE C 761 6.39 27.28 -28.16
N ILE C 762 7.12 28.35 -27.85
CA ILE C 762 7.01 29.01 -26.56
C ILE C 762 6.12 30.24 -26.73
N ASP C 763 5.02 30.29 -25.99
CA ASP C 763 4.10 31.42 -26.01
C ASP C 763 4.10 32.05 -24.62
N ARG C 764 4.70 33.23 -24.51
CA ARG C 764 4.72 33.96 -23.25
C ARG C 764 5.25 33.08 -22.11
N GLY C 765 6.31 32.33 -22.41
CA GLY C 765 6.92 31.48 -21.40
C GLY C 765 6.17 30.20 -21.10
N ARG C 766 5.31 29.74 -22.01
CA ARG C 766 4.60 28.49 -21.85
C ARG C 766 4.67 27.70 -23.16
N VAL C 767 4.92 26.40 -23.05
CA VAL C 767 5.10 25.55 -24.22
C VAL C 767 3.73 25.22 -24.79
N LYS C 768 3.52 25.53 -26.06
CA LYS C 768 2.25 25.29 -26.74
C LYS C 768 2.52 24.58 -28.06
N LYS C 769 1.47 23.99 -28.62
CA LYS C 769 1.60 23.14 -29.79
C LYS C 769 1.58 23.95 -31.08
N VAL C 770 2.04 23.33 -32.15
CA VAL C 770 1.95 23.88 -33.50
C VAL C 770 1.13 22.91 -34.33
N TYR C 771 0.07 23.42 -34.95
CA TYR C 771 -0.85 22.62 -35.75
C TYR C 771 -0.88 23.12 -37.17
N ILE C 772 -1.02 22.19 -38.12
CA ILE C 772 -1.22 22.50 -39.52
C ILE C 772 -2.50 21.81 -39.97
N MET C 773 -3.33 22.52 -40.72
CA MET C 773 -4.61 21.97 -41.15
C MET C 773 -5.09 22.80 -42.33
N SER C 774 -5.97 22.19 -43.13
CA SER C 774 -6.53 22.89 -44.27
C SER C 774 -7.47 23.99 -43.81
N GLU C 775 -7.60 25.01 -44.63
CA GLU C 775 -8.57 26.06 -44.35
C GLU C 775 -9.98 25.49 -44.42
N ALA C 776 -10.87 26.06 -43.60
CA ALA C 776 -12.19 25.47 -43.42
C ALA C 776 -12.87 25.20 -44.75
N LYS C 777 -12.87 26.18 -45.65
CA LYS C 777 -13.67 26.08 -46.87
C LYS C 777 -13.18 24.98 -47.81
N TYR C 778 -12.00 24.42 -47.59
CA TYR C 778 -11.44 23.40 -48.48
C TYR C 778 -11.56 21.99 -47.96
N ARG C 779 -12.23 21.78 -46.82
CA ARG C 779 -12.38 20.44 -46.26
C ARG C 779 -13.80 20.25 -45.72
N MET C 780 -14.80 20.65 -46.50
CA MET C 780 -16.19 20.55 -46.09
C MET C 780 -16.98 19.54 -46.91
N LEU C 781 -17.00 19.68 -48.22
CA LEU C 781 -17.85 18.82 -49.05
C LEU C 781 -17.05 17.63 -49.56
N PRO C 782 -17.74 16.55 -49.98
CA PRO C 782 -17.01 15.40 -50.52
C PRO C 782 -16.17 15.73 -51.74
N GLU C 783 -16.61 16.65 -52.60
CA GLU C 783 -15.83 16.98 -53.79
C GLU C 783 -14.60 17.82 -53.46
N ASP C 784 -14.45 18.29 -52.23
CA ASP C 784 -13.22 18.96 -51.82
C ASP C 784 -12.03 18.01 -51.77
N ILE C 785 -12.28 16.69 -51.84
CA ILE C 785 -11.18 15.74 -51.90
C ILE C 785 -10.35 15.97 -53.16
N GLY C 786 -11.01 16.28 -54.26
CA GLY C 786 -10.32 16.46 -55.53
C GLY C 786 -9.62 17.79 -55.69
N LYS C 787 -9.78 18.70 -54.72
CA LYS C 787 -9.06 19.96 -54.75
C LYS C 787 -7.64 19.85 -54.20
N TRP C 788 -7.27 18.69 -53.65
CA TRP C 788 -5.98 18.51 -53.01
C TRP C 788 -5.08 17.69 -53.93
N TYR C 789 -3.88 18.21 -54.17
CA TYR C 789 -2.93 17.62 -55.10
C TYR C 789 -1.73 17.07 -54.33
N VAL C 790 -1.26 15.90 -54.74
CA VAL C 790 -0.09 15.25 -54.16
C VAL C 790 0.95 15.10 -55.25
N ARG C 791 2.18 15.54 -54.95
CA ARG C 791 3.24 15.52 -55.95
C ARG C 791 3.66 14.09 -56.26
N GLY C 792 3.87 13.81 -57.54
CA GLY C 792 4.34 12.52 -57.97
C GLY C 792 5.84 12.37 -57.85
N SER C 793 6.34 11.20 -58.24
CA SER C 793 7.76 10.93 -58.15
C SER C 793 8.56 11.87 -59.03
N ASP C 794 8.07 12.17 -60.23
CA ASP C 794 8.79 13.01 -61.17
C ASP C 794 8.59 14.50 -60.91
N GLY C 795 7.78 14.87 -59.93
CA GLY C 795 7.54 16.26 -59.62
C GLY C 795 6.27 16.84 -60.21
N GLN C 796 5.41 16.02 -60.81
CA GLN C 796 4.16 16.47 -61.39
C GLN C 796 3.04 16.22 -60.39
N MET C 797 2.23 17.25 -60.14
CA MET C 797 1.16 17.14 -59.15
C MET C 797 0.07 16.21 -59.65
N VAL C 798 -0.53 15.47 -58.72
CA VAL C 798 -1.59 14.51 -59.02
C VAL C 798 -2.74 14.74 -58.05
N PRO C 799 -3.97 14.92 -58.52
CA PRO C 799 -5.09 15.10 -57.59
C PRO C 799 -5.56 13.78 -57.01
N PHE C 800 -6.26 13.89 -55.87
CA PHE C 800 -6.82 12.70 -55.25
C PHE C 800 -7.85 12.01 -56.13
N SER C 801 -8.43 12.74 -57.10
CA SER C 801 -9.43 12.14 -57.98
C SER C 801 -8.82 11.07 -58.87
N ALA C 802 -7.52 11.18 -59.17
CA ALA C 802 -6.90 10.30 -60.15
C ALA C 802 -6.57 8.91 -59.60
N PHE C 803 -6.56 8.73 -58.27
CA PHE C 803 -6.19 7.45 -57.70
C PHE C 803 -7.05 7.10 -56.50
N SER C 804 -8.28 7.58 -56.43
CA SER C 804 -9.13 7.29 -55.28
C SER C 804 -10.59 7.41 -55.68
N THR C 805 -11.44 6.78 -54.86
CA THR C 805 -12.88 6.90 -54.98
C THR C 805 -13.48 6.81 -53.58
N SER C 806 -14.68 7.35 -53.43
CA SER C 806 -15.31 7.47 -52.12
C SER C 806 -16.76 7.03 -52.18
N ARG C 807 -17.26 6.58 -51.03
CA ARG C 807 -18.64 6.14 -50.91
C ARG C 807 -19.12 6.42 -49.49
N TRP C 808 -20.43 6.47 -49.32
CA TRP C 808 -21.05 6.73 -48.04
C TRP C 808 -21.58 5.44 -47.44
N GLU C 809 -21.17 5.14 -46.20
CA GLU C 809 -21.66 3.98 -45.49
C GLU C 809 -21.97 4.38 -44.05
N TYR C 810 -22.89 3.63 -43.44
CA TYR C 810 -23.29 3.88 -42.07
C TYR C 810 -22.37 3.13 -41.10
N GLY C 811 -22.32 3.63 -39.88
CA GLY C 811 -21.49 3.02 -38.85
C GLY C 811 -21.82 3.62 -37.50
N SER C 812 -21.32 2.95 -36.46
CA SER C 812 -21.58 3.38 -35.10
C SER C 812 -20.46 4.32 -34.64
N PRO C 813 -20.76 5.55 -34.21
CA PRO C 813 -19.69 6.44 -33.74
C PRO C 813 -19.13 6.05 -32.38
N ARG C 814 -19.79 5.17 -31.65
CA ARG C 814 -19.32 4.78 -30.32
C ARG C 814 -19.96 3.46 -29.94
N LEU C 815 -19.13 2.42 -29.80
CA LEU C 815 -19.60 1.10 -29.38
C LEU C 815 -19.31 0.90 -27.91
N GLU C 816 -20.12 0.06 -27.27
CA GLU C 816 -20.05 -0.15 -25.84
C GLU C 816 -19.97 -1.64 -25.53
N ARG C 817 -19.33 -1.95 -24.40
CA ARG C 817 -19.30 -3.31 -23.88
C ARG C 817 -19.56 -3.25 -22.38
N TYR C 818 -20.13 -4.33 -21.85
CA TYR C 818 -20.38 -4.45 -20.42
C TYR C 818 -20.01 -5.85 -19.97
N ASN C 819 -18.99 -5.96 -19.13
CA ASN C 819 -18.51 -7.26 -18.67
C ASN C 819 -18.10 -8.13 -19.85
N GLY C 820 -17.44 -7.52 -20.83
CA GLY C 820 -16.94 -8.24 -21.98
C GLY C 820 -18.01 -8.77 -22.91
N LEU C 821 -19.09 -8.02 -23.08
CA LEU C 821 -20.12 -8.35 -24.06
C LEU C 821 -20.65 -7.05 -24.63
N PRO C 822 -21.06 -7.02 -25.91
CA PRO C 822 -21.68 -5.81 -26.44
C PRO C 822 -22.94 -5.46 -25.67
N SER C 823 -23.18 -4.16 -25.49
CA SER C 823 -24.31 -3.72 -24.70
C SER C 823 -24.73 -2.33 -25.17
N LEU C 824 -25.95 -1.95 -24.80
CA LEU C 824 -26.50 -0.63 -25.10
C LEU C 824 -27.12 -0.10 -23.80
N GLU C 825 -26.40 0.79 -23.12
CA GLU C 825 -26.90 1.33 -21.86
C GLU C 825 -28.12 2.19 -22.10
N ILE C 826 -29.12 2.03 -21.24
CA ILE C 826 -30.38 2.78 -21.33
C ILE C 826 -30.62 3.46 -19.99
N LEU C 827 -30.93 4.76 -20.05
CA LEU C 827 -31.17 5.56 -18.87
C LEU C 827 -32.61 6.03 -18.85
N GLY C 828 -33.21 6.08 -17.66
CA GLY C 828 -34.59 6.46 -17.54
C GLY C 828 -34.94 6.84 -16.13
N GLN C 829 -36.25 7.07 -15.91
CA GLN C 829 -36.74 7.48 -14.61
C GLN C 829 -38.14 6.89 -14.41
N ALA C 830 -38.55 6.80 -13.16
CA ALA C 830 -39.87 6.32 -12.83
C ALA C 830 -40.88 7.45 -12.90
N ALA C 831 -42.08 7.14 -13.40
CA ALA C 831 -43.11 8.16 -13.55
C ALA C 831 -43.49 8.72 -12.18
N PRO C 832 -43.98 9.96 -12.12
CA PRO C 832 -44.33 10.54 -10.82
C PRO C 832 -45.33 9.67 -10.08
N GLY C 833 -45.11 9.51 -8.78
CA GLY C 833 -45.92 8.62 -7.97
C GLY C 833 -45.46 7.18 -7.96
N LYS C 834 -44.39 6.85 -8.68
CA LYS C 834 -43.85 5.50 -8.72
C LYS C 834 -42.40 5.54 -8.25
N SER C 835 -41.99 4.48 -7.55
CA SER C 835 -40.63 4.38 -7.06
C SER C 835 -39.72 3.80 -8.15
N THR C 836 -38.41 3.95 -7.95
CA THR C 836 -37.46 3.39 -8.89
C THR C 836 -37.51 1.86 -8.88
N GLY C 837 -37.91 1.26 -7.76
CA GLY C 837 -38.06 -0.19 -7.73
C GLY C 837 -39.12 -0.67 -8.71
N GLU C 838 -40.24 0.04 -8.80
CA GLU C 838 -41.29 -0.33 -9.74
C GLU C 838 -40.82 -0.16 -11.18
N ALA C 839 -40.07 0.90 -11.47
CA ALA C 839 -39.51 1.07 -12.81
C ALA C 839 -38.54 -0.06 -13.14
N MET C 840 -37.69 -0.43 -12.19
CA MET C 840 -36.77 -1.54 -12.41
C MET C 840 -37.52 -2.85 -12.65
N ALA C 841 -38.57 -3.10 -11.88
CA ALA C 841 -39.35 -4.32 -12.09
C ALA C 841 -40.00 -4.33 -13.47
N LEU C 842 -40.56 -3.19 -13.89
CA LEU C 842 -41.17 -3.14 -15.22
C LEU C 842 -40.14 -3.34 -16.31
N MET C 843 -38.95 -2.73 -16.16
CA MET C 843 -37.91 -2.90 -17.17
C MET C 843 -37.45 -4.35 -17.24
N GLU C 844 -37.33 -5.01 -16.09
CA GLU C 844 -36.99 -6.43 -16.08
C GLU C 844 -38.07 -7.25 -16.79
N GLU C 845 -39.34 -6.90 -16.57
CA GLU C 845 -40.42 -7.61 -17.27
C GLU C 845 -40.33 -7.39 -18.77
N LEU C 846 -40.14 -6.14 -19.20
CA LEU C 846 -40.10 -5.84 -20.63
C LEU C 846 -38.88 -6.47 -21.30
N ALA C 847 -37.74 -6.46 -20.61
CA ALA C 847 -36.52 -7.03 -21.18
C ALA C 847 -36.60 -8.54 -21.33
N GLY C 848 -37.59 -9.19 -20.74
CA GLY C 848 -37.79 -10.61 -20.93
C GLY C 848 -38.55 -10.99 -22.17
N LYS C 849 -39.17 -10.02 -22.83
CA LYS C 849 -39.90 -10.26 -24.06
C LYS C 849 -39.06 -10.04 -25.31
N LEU C 850 -37.77 -9.74 -25.15
CA LEU C 850 -36.89 -9.48 -26.27
C LEU C 850 -36.39 -10.79 -26.88
N PRO C 851 -35.87 -10.75 -28.11
CA PRO C 851 -35.45 -11.99 -28.78
C PRO C 851 -34.48 -12.82 -27.96
N SER C 852 -34.29 -14.07 -28.36
CA SER C 852 -33.39 -14.96 -27.65
C SER C 852 -31.95 -14.48 -27.78
N GLY C 853 -31.16 -14.72 -26.73
CA GLY C 853 -29.78 -14.32 -26.71
C GLY C 853 -29.53 -12.89 -26.31
N ILE C 854 -30.56 -12.15 -25.94
CA ILE C 854 -30.45 -10.75 -25.52
C ILE C 854 -30.85 -10.68 -24.06
N GLY C 855 -29.89 -10.37 -23.20
CA GLY C 855 -30.14 -10.28 -21.77
C GLY C 855 -30.20 -8.85 -21.28
N TYR C 856 -29.84 -8.65 -20.03
CA TYR C 856 -29.81 -7.32 -19.44
C TYR C 856 -29.04 -7.39 -18.14
N ASP C 857 -28.72 -6.21 -17.59
CA ASP C 857 -28.05 -6.12 -16.32
C ASP C 857 -28.20 -4.70 -15.79
N TRP C 858 -28.04 -4.56 -14.48
CA TRP C 858 -28.15 -3.28 -13.80
C TRP C 858 -26.76 -2.83 -13.36
N THR C 859 -26.49 -1.54 -13.51
CA THR C 859 -25.18 -0.97 -13.21
C THR C 859 -25.34 0.31 -12.41
N GLY C 860 -24.32 0.64 -11.65
CA GLY C 860 -24.33 1.89 -10.90
C GLY C 860 -25.39 1.88 -9.81
N MET C 861 -26.19 2.95 -9.77
CA MET C 861 -27.18 3.07 -8.71
C MET C 861 -28.19 1.93 -8.75
N SER C 862 -28.53 1.45 -9.93
CA SER C 862 -29.42 0.30 -10.03
C SER C 862 -28.78 -0.95 -9.47
N TYR C 863 -27.48 -1.14 -9.70
CA TYR C 863 -26.76 -2.25 -9.10
C TYR C 863 -26.81 -2.16 -7.58
N GLN C 864 -26.58 -0.97 -7.03
CA GLN C 864 -26.60 -0.81 -5.58
C GLN C 864 -28.01 -1.06 -5.03
N GLU C 865 -29.03 -0.58 -5.72
CA GLU C 865 -30.40 -0.81 -5.26
C GLU C 865 -30.76 -2.28 -5.27
N ARG C 866 -30.39 -2.99 -6.34
CA ARG C 866 -30.64 -4.42 -6.40
C ARG C 866 -29.91 -5.15 -5.27
N LEU C 867 -28.65 -4.77 -5.01
CA LEU C 867 -27.89 -5.40 -3.94
C LEU C 867 -28.55 -5.17 -2.59
N SER C 868 -29.01 -3.93 -2.34
CA SER C 868 -29.68 -3.63 -1.09
C SER C 868 -30.94 -4.47 -0.91
N GLY C 869 -31.77 -4.52 -1.95
CA GLY C 869 -32.98 -5.33 -1.87
C GLY C 869 -32.68 -6.79 -1.64
N ASN C 870 -31.63 -7.30 -2.28
CA ASN C 870 -31.28 -8.71 -2.12
C ASN C 870 -30.83 -9.01 -0.70
N GLN C 871 -29.99 -8.15 -0.12
CA GLN C 871 -29.41 -8.46 1.19
C GLN C 871 -30.25 -7.93 2.35
N ALA C 872 -31.41 -7.32 2.09
CA ALA C 872 -32.26 -6.89 3.21
C ALA C 872 -32.74 -8.04 4.08
N PRO C 873 -33.34 -9.11 3.54
CA PRO C 873 -33.90 -10.15 4.44
C PRO C 873 -32.88 -10.78 5.36
N ALA C 874 -31.67 -11.06 4.88
CA ALA C 874 -30.64 -11.64 5.73
C ALA C 874 -30.31 -10.72 6.89
N LEU C 875 -30.33 -9.41 6.64
CA LEU C 875 -30.06 -8.45 7.71
C LEU C 875 -31.09 -8.58 8.82
N TYR C 876 -32.37 -8.65 8.46
CA TYR C 876 -33.41 -8.80 9.48
C TYR C 876 -33.26 -10.12 10.21
N ALA C 877 -33.00 -11.20 9.48
CA ALA C 877 -32.89 -12.51 10.13
C ALA C 877 -31.74 -12.52 11.15
N ILE C 878 -30.57 -12.05 10.73
CA ILE C 878 -29.42 -12.08 11.64
C ILE C 878 -29.63 -11.12 12.80
N SER C 879 -30.24 -9.96 12.56
CA SER C 879 -30.49 -9.03 13.66
C SER C 879 -31.43 -9.64 14.68
N LEU C 880 -32.52 -10.28 14.22
CA LEU C 880 -33.45 -10.90 15.15
C LEU C 880 -32.78 -12.03 15.92
N ILE C 881 -31.97 -12.85 15.24
CA ILE C 881 -31.30 -13.95 15.93
C ILE C 881 -30.33 -13.41 16.98
N VAL C 882 -29.59 -12.36 16.65
CA VAL C 882 -28.62 -11.81 17.60
C VAL C 882 -29.33 -11.22 18.80
N VAL C 883 -30.44 -10.52 18.58
CA VAL C 883 -31.19 -9.95 19.70
C VAL C 883 -31.75 -11.07 20.58
N PHE C 884 -32.26 -12.14 19.97
CA PHE C 884 -32.76 -13.26 20.76
C PHE C 884 -31.66 -13.88 21.60
N LEU C 885 -30.48 -14.09 21.00
CA LEU C 885 -29.37 -14.66 21.75
C LEU C 885 -28.95 -13.76 22.89
N CYS C 886 -28.86 -12.45 22.65
CA CYS C 886 -28.49 -11.52 23.71
C CYS C 886 -29.51 -11.54 24.84
N LEU C 887 -30.80 -11.56 24.50
CA LEU C 887 -31.83 -11.59 25.54
C LEU C 887 -31.75 -12.89 26.34
N ALA C 888 -31.55 -14.02 25.67
CA ALA C 888 -31.44 -15.28 26.37
C ALA C 888 -30.22 -15.29 27.30
N ALA C 889 -29.11 -14.74 26.84
CA ALA C 889 -27.92 -14.66 27.69
C ALA C 889 -28.15 -13.77 28.89
N LEU C 890 -28.75 -12.59 28.67
CA LEU C 890 -28.95 -11.63 29.75
C LEU C 890 -29.95 -12.15 30.79
N TYR C 891 -31.04 -12.78 30.32
CA TYR C 891 -32.14 -13.15 31.19
C TYR C 891 -32.09 -14.61 31.61
N GLU C 892 -31.08 -15.36 31.19
CA GLU C 892 -30.87 -16.73 31.64
C GLU C 892 -32.15 -17.55 31.45
N SER C 893 -32.61 -17.62 30.21
CA SER C 893 -33.82 -18.36 29.89
C SER C 893 -34.00 -18.36 28.37
N TRP C 894 -34.71 -19.38 27.89
CA TRP C 894 -35.11 -19.45 26.50
C TRP C 894 -36.54 -18.94 26.26
N SER C 895 -37.30 -18.68 27.31
CA SER C 895 -38.71 -18.32 27.20
C SER C 895 -38.96 -16.82 27.31
N ILE C 896 -38.24 -16.12 28.17
CA ILE C 896 -38.39 -14.67 28.25
C ILE C 896 -37.98 -14.01 26.94
N PRO C 897 -36.88 -14.40 26.27
CA PRO C 897 -36.62 -13.84 24.94
C PRO C 897 -37.75 -14.08 23.97
N PHE C 898 -38.40 -15.24 24.04
CA PHE C 898 -39.55 -15.51 23.18
C PHE C 898 -40.71 -14.59 23.52
N SER C 899 -40.94 -14.33 24.80
CA SER C 899 -41.98 -13.40 25.19
C SER C 899 -41.67 -11.98 24.73
N VAL C 900 -40.38 -11.66 24.61
CA VAL C 900 -39.97 -10.34 24.15
C VAL C 900 -39.85 -10.26 22.64
N MET C 901 -39.60 -11.39 21.98
CA MET C 901 -39.41 -11.42 20.53
C MET C 901 -40.71 -11.56 19.77
N LEU C 902 -41.84 -11.74 20.45
CA LEU C 902 -43.14 -11.77 19.78
C LEU C 902 -43.72 -10.37 19.59
N VAL C 903 -43.10 -9.35 20.18
CA VAL C 903 -43.59 -7.98 20.07
C VAL C 903 -43.03 -7.26 18.85
N VAL C 904 -42.03 -7.84 18.17
CA VAL C 904 -41.46 -7.17 17.00
C VAL C 904 -42.50 -6.97 15.91
N PRO C 905 -43.34 -7.96 15.57
CA PRO C 905 -44.35 -7.71 14.53
C PRO C 905 -45.31 -6.60 14.87
N LEU C 906 -45.42 -6.21 16.14
CA LEU C 906 -46.31 -5.13 16.51
C LEU C 906 -45.73 -3.76 16.22
N GLY C 907 -44.42 -3.66 16.04
CA GLY C 907 -43.81 -2.40 15.70
C GLY C 907 -43.61 -2.27 14.20
N VAL C 908 -43.23 -3.39 13.58
CA VAL C 908 -43.03 -3.40 12.14
C VAL C 908 -44.33 -3.07 11.41
N VAL C 909 -45.46 -3.54 11.94
CA VAL C 909 -46.74 -3.21 11.32
C VAL C 909 -46.99 -1.71 11.39
N GLY C 910 -46.63 -1.08 12.50
CA GLY C 910 -46.79 0.36 12.60
C GLY C 910 -45.90 1.11 11.63
N ALA C 911 -44.64 0.68 11.50
CA ALA C 911 -43.74 1.33 10.56
C ALA C 911 -44.26 1.20 9.14
N LEU C 912 -44.74 0.01 8.77
CA LEU C 912 -45.25 -0.20 7.41
C LEU C 912 -46.52 0.60 7.17
N LEU C 913 -47.39 0.71 8.18
CA LEU C 913 -48.59 1.52 8.02
C LEU C 913 -48.23 2.99 7.82
N ALA C 914 -47.28 3.50 8.60
CA ALA C 914 -46.88 4.89 8.46
C ALA C 914 -46.28 5.15 7.08
N ALA C 915 -45.38 4.26 6.64
CA ALA C 915 -44.77 4.43 5.33
C ALA C 915 -45.81 4.35 4.22
N THR C 916 -46.75 3.41 4.32
CA THR C 916 -47.78 3.26 3.30
C THR C 916 -48.68 4.49 3.22
N PHE C 917 -49.10 5.01 4.38
CA PHE C 917 -50.03 6.14 4.36
C PHE C 917 -49.33 7.42 3.94
N ARG C 918 -48.11 7.66 4.41
CA ARG C 918 -47.40 8.89 4.04
C ARG C 918 -46.98 8.88 2.59
N GLY C 919 -46.96 7.73 1.93
CA GLY C 919 -46.54 7.64 0.54
C GLY C 919 -45.07 7.42 0.33
N LEU C 920 -44.35 6.95 1.34
CA LEU C 920 -42.92 6.69 1.20
C LEU C 920 -42.73 5.28 0.63
N THR C 921 -41.47 4.84 0.55
CA THR C 921 -41.12 3.56 -0.04
C THR C 921 -40.16 2.84 0.88
N ASN C 922 -39.69 1.68 0.43
CA ASN C 922 -38.84 0.79 1.22
C ASN C 922 -37.39 0.97 0.80
N ASP C 923 -36.79 2.10 1.20
CA ASP C 923 -35.43 2.45 0.86
C ASP C 923 -34.50 2.15 2.02
N VAL C 924 -33.23 2.55 1.91
CA VAL C 924 -32.24 2.23 2.93
C VAL C 924 -32.64 2.81 4.27
N TYR C 925 -33.07 4.07 4.28
CA TYR C 925 -33.51 4.71 5.51
C TYR C 925 -34.65 3.93 6.14
N PHE C 926 -35.52 3.34 5.32
CA PHE C 926 -36.61 2.56 5.88
C PHE C 926 -36.12 1.25 6.48
N GLN C 927 -35.09 0.63 5.92
CA GLN C 927 -34.51 -0.56 6.55
C GLN C 927 -33.90 -0.21 7.90
N VAL C 928 -33.18 0.91 7.97
CA VAL C 928 -32.68 1.36 9.26
C VAL C 928 -33.84 1.61 10.23
N GLY C 929 -34.94 2.17 9.73
CA GLY C 929 -36.09 2.40 10.58
C GLY C 929 -36.70 1.11 11.09
N LEU C 930 -36.74 0.07 10.24
CA LEU C 930 -37.27 -1.21 10.68
C LEU C 930 -36.40 -1.83 11.76
N LEU C 931 -35.07 -1.73 11.62
CA LEU C 931 -34.19 -2.24 12.67
C LEU C 931 -34.37 -1.46 13.97
N THR C 932 -34.46 -0.15 13.89
CA THR C 932 -34.73 0.63 15.10
C THR C 932 -36.08 0.27 15.70
N THR C 933 -37.06 -0.07 14.86
CA THR C 933 -38.36 -0.49 15.36
C THR C 933 -38.27 -1.83 16.09
N ILE C 934 -37.47 -2.76 15.57
CA ILE C 934 -37.20 -3.99 16.31
C ILE C 934 -36.67 -3.66 17.69
N GLY C 935 -35.67 -2.77 17.74
CA GLY C 935 -35.07 -2.42 19.01
C GLY C 935 -36.07 -1.80 19.98
N LEU C 936 -36.89 -0.88 19.48
CA LEU C 936 -37.85 -0.19 20.35
C LEU C 936 -38.94 -1.12 20.85
N SER C 937 -39.43 -2.00 19.97
CA SER C 937 -40.44 -2.97 20.39
C SER C 937 -39.88 -3.87 21.48
N ALA C 938 -38.64 -4.35 21.30
CA ALA C 938 -38.04 -5.18 22.33
C ALA C 938 -37.85 -4.40 23.63
N LYS C 939 -37.49 -3.12 23.54
CA LYS C 939 -37.36 -2.30 24.74
C LYS C 939 -38.67 -2.20 25.50
N ASN C 940 -39.76 -1.91 24.79
CA ASN C 940 -41.05 -1.78 25.44
C ASN C 940 -41.48 -3.09 26.08
N ALA C 941 -41.20 -4.21 25.40
CA ALA C 941 -41.51 -5.51 25.98
C ALA C 941 -40.69 -5.76 27.23
N ILE C 942 -39.40 -5.41 27.19
CA ILE C 942 -38.51 -5.61 28.33
C ILE C 942 -39.03 -4.85 29.55
N LEU C 943 -39.46 -3.60 29.34
CA LEU C 943 -39.81 -2.77 30.48
C LEU C 943 -40.89 -3.42 31.35
N ILE C 944 -41.70 -4.31 30.78
CA ILE C 944 -42.74 -5.02 31.53
C ILE C 944 -42.27 -6.41 31.94
N VAL C 945 -41.65 -7.14 31.01
CA VAL C 945 -41.29 -8.53 31.29
C VAL C 945 -40.23 -8.61 32.37
N GLU C 946 -39.26 -7.69 32.36
CA GLU C 946 -38.23 -7.70 33.38
C GLU C 946 -38.83 -7.52 34.76
N PHE C 947 -39.74 -6.54 34.91
CA PHE C 947 -40.34 -6.30 36.21
C PHE C 947 -41.18 -7.50 36.66
N ALA C 948 -41.97 -8.07 35.74
CA ALA C 948 -42.81 -9.21 36.11
C ALA C 948 -41.95 -10.39 36.56
N LYS C 949 -40.89 -10.67 35.81
CA LYS C 949 -39.99 -11.75 36.18
C LYS C 949 -39.32 -11.49 37.51
N ASP C 950 -38.90 -10.24 37.75
CA ASP C 950 -38.28 -9.93 39.04
C ASP C 950 -39.26 -10.17 40.18
N LEU C 951 -40.50 -9.72 40.01
CA LEU C 951 -41.50 -9.95 41.04
C LEU C 951 -41.64 -11.45 41.32
N MET C 952 -41.86 -12.24 40.27
CA MET C 952 -42.08 -13.67 40.46
C MET C 952 -40.86 -14.34 41.10
N GLU C 953 -39.66 -13.99 40.64
CA GLU C 953 -38.46 -14.68 41.10
C GLU C 953 -38.12 -14.31 42.54
N LYS C 954 -38.17 -13.02 42.87
CA LYS C 954 -37.70 -12.54 44.16
C LYS C 954 -38.79 -12.58 45.22
N GLU C 955 -39.92 -11.90 44.97
CA GLU C 955 -40.98 -11.80 45.96
C GLU C 955 -41.96 -12.95 45.90
N GLY C 956 -41.72 -13.94 45.04
CA GLY C 956 -42.54 -15.14 45.05
C GLY C 956 -44.02 -14.87 44.83
N LYS C 957 -44.33 -13.98 43.90
CA LYS C 957 -45.72 -13.69 43.57
C LYS C 957 -46.20 -14.63 42.48
N GLY C 958 -47.51 -14.58 42.22
CA GLY C 958 -48.11 -15.41 41.21
C GLY C 958 -47.80 -14.92 39.81
N LEU C 959 -48.45 -15.55 38.83
CA LEU C 959 -48.25 -15.16 37.45
C LEU C 959 -49.13 -13.97 37.08
N ILE C 960 -50.44 -14.10 37.23
CA ILE C 960 -51.35 -13.02 36.89
C ILE C 960 -51.12 -11.82 37.79
N GLU C 961 -50.94 -12.07 39.09
CA GLU C 961 -50.73 -10.96 40.03
C GLU C 961 -49.44 -10.21 39.69
N ALA C 962 -48.36 -10.94 39.43
CA ALA C 962 -47.10 -10.30 39.09
C ALA C 962 -47.22 -9.53 37.78
N THR C 963 -47.89 -10.10 36.78
CA THR C 963 -48.05 -9.40 35.52
C THR C 963 -48.84 -8.11 35.68
N LEU C 964 -49.94 -8.16 36.44
CA LEU C 964 -50.76 -6.97 36.62
C LEU C 964 -50.00 -5.90 37.39
N GLU C 965 -49.27 -6.29 38.44
CA GLU C 965 -48.47 -5.31 39.16
C GLU C 965 -47.37 -4.73 38.28
N ALA C 966 -46.78 -5.56 37.42
CA ALA C 966 -45.72 -5.07 36.53
C ALA C 966 -46.25 -4.04 35.54
N VAL C 967 -47.39 -4.34 34.93
CA VAL C 967 -47.96 -3.38 33.98
C VAL C 967 -48.35 -2.10 34.69
N ARG C 968 -48.96 -2.20 35.87
CA ARG C 968 -49.38 -1.00 36.58
C ARG C 968 -48.18 -0.15 37.02
N MET C 969 -47.09 -0.79 37.48
CA MET C 969 -45.90 -0.04 37.84
C MET C 969 -45.26 0.61 36.62
N ARG C 970 -45.15 -0.13 35.52
CA ARG C 970 -44.32 0.30 34.39
C ARG C 970 -45.10 1.05 33.32
N LEU C 971 -46.39 1.31 33.52
CA LEU C 971 -47.12 2.06 32.50
C LEU C 971 -46.53 3.45 32.31
N ARG C 972 -46.24 4.15 33.42
CA ARG C 972 -45.80 5.53 33.29
C ARG C 972 -44.46 5.66 32.57
N PRO C 973 -43.39 4.97 32.97
CA PRO C 973 -42.13 5.11 32.23
C PRO C 973 -42.23 4.70 30.77
N ILE C 974 -43.06 3.70 30.48
CA ILE C 974 -43.19 3.24 29.09
C ILE C 974 -43.77 4.35 28.23
N LEU C 975 -44.88 4.95 28.68
CA LEU C 975 -45.46 6.05 27.93
C LEU C 975 -44.53 7.25 27.88
N MET C 976 -43.83 7.52 28.98
CA MET C 976 -42.93 8.67 29.02
C MET C 976 -41.86 8.54 27.96
N THR C 977 -41.20 7.38 27.89
CA THR C 977 -40.12 7.19 26.94
C THR C 977 -40.64 7.05 25.51
N SER C 978 -41.79 6.39 25.33
CA SER C 978 -42.38 6.29 24.00
C SER C 978 -42.71 7.67 23.45
N LEU C 979 -43.31 8.53 24.27
CA LEU C 979 -43.65 9.87 23.80
C LEU C 979 -42.40 10.71 23.60
N ALA C 980 -41.39 10.53 24.45
CA ALA C 980 -40.14 11.25 24.24
C ALA C 980 -39.53 10.90 22.90
N PHE C 981 -39.52 9.61 22.53
CA PHE C 981 -38.98 9.24 21.24
C PHE C 981 -39.87 9.72 20.10
N ILE C 982 -41.19 9.62 20.25
CA ILE C 982 -42.09 10.03 19.17
C ILE C 982 -41.92 11.51 18.89
N LEU C 983 -41.83 12.33 19.93
CA LEU C 983 -41.64 13.76 19.76
C LEU C 983 -40.18 14.13 19.50
N GLY C 984 -39.26 13.18 19.62
CA GLY C 984 -37.89 13.42 19.20
C GLY C 984 -37.67 13.28 17.71
N VAL C 985 -38.52 12.53 17.02
CA VAL C 985 -38.45 12.39 15.56
C VAL C 985 -39.58 13.13 14.87
N MET C 986 -40.36 13.92 15.61
CA MET C 986 -41.35 14.76 14.96
C MET C 986 -40.71 15.78 14.03
N PRO C 987 -39.64 16.48 14.40
CA PRO C 987 -39.01 17.41 13.45
C PRO C 987 -38.54 16.74 12.16
N LEU C 988 -38.04 15.51 12.25
CA LEU C 988 -37.69 14.77 11.03
C LEU C 988 -38.92 14.49 10.19
N VAL C 989 -40.02 14.08 10.83
CA VAL C 989 -41.22 13.67 10.10
C VAL C 989 -41.86 14.87 9.41
N ILE C 990 -41.86 16.03 10.05
CA ILE C 990 -42.51 17.22 9.50
C ILE C 990 -41.53 18.15 8.80
N SER C 991 -40.30 17.69 8.54
CA SER C 991 -39.31 18.54 7.90
C SER C 991 -39.73 18.85 6.47
N SER C 992 -39.45 20.08 6.04
CA SER C 992 -39.77 20.49 4.67
C SER C 992 -38.69 21.34 4.04
N GLY C 993 -37.55 21.51 4.69
CA GLY C 993 -36.48 22.35 4.17
C GLY C 993 -35.60 21.61 3.20
N ALA C 994 -34.39 22.12 3.03
CA ALA C 994 -33.42 21.49 2.15
C ALA C 994 -33.02 20.14 2.69
N GLY C 995 -32.88 19.16 1.80
CA GLY C 995 -32.52 17.83 2.21
C GLY C 995 -33.53 17.21 3.15
N SER C 996 -34.82 17.31 2.82
CA SER C 996 -35.88 16.80 3.66
C SER C 996 -36.33 15.39 3.29
N GLY C 997 -35.99 14.91 2.10
CA GLY C 997 -36.39 13.56 1.72
C GLY C 997 -35.79 12.51 2.64
N ALA C 998 -34.49 12.62 2.89
CA ALA C 998 -33.83 11.70 3.81
C ALA C 998 -34.40 11.83 5.21
N GLN C 999 -34.70 13.05 5.65
CA GLN C 999 -35.25 13.24 6.99
C GLN C 999 -36.60 12.56 7.13
N ASN C 1000 -37.50 12.78 6.16
CA ASN C 1000 -38.81 12.14 6.23
C ASN C 1000 -38.67 10.62 6.17
N ALA C 1001 -37.81 10.10 5.30
CA ALA C 1001 -37.64 8.66 5.19
C ALA C 1001 -37.12 8.07 6.50
N VAL C 1002 -36.18 8.76 7.15
CA VAL C 1002 -35.64 8.26 8.41
C VAL C 1002 -36.69 8.33 9.51
N GLY C 1003 -37.51 9.37 9.52
CA GLY C 1003 -38.38 9.62 10.65
C GLY C 1003 -39.72 8.91 10.63
N THR C 1004 -40.35 8.80 9.46
CA THR C 1004 -41.72 8.29 9.42
C THR C 1004 -41.79 6.84 9.88
N GLY C 1005 -40.87 5.99 9.40
CA GLY C 1005 -40.92 4.59 9.79
C GLY C 1005 -40.76 4.39 11.29
N VAL C 1006 -39.77 5.07 11.88
CA VAL C 1006 -39.52 4.89 13.30
C VAL C 1006 -40.66 5.48 14.13
N MET C 1007 -41.23 6.60 13.69
CA MET C 1007 -42.34 7.18 14.43
C MET C 1007 -43.55 6.25 14.43
N GLY C 1008 -43.90 5.72 13.26
CA GLY C 1008 -45.00 4.77 13.22
C GLY C 1008 -44.72 3.53 14.05
N GLY C 1009 -43.49 3.03 13.97
CA GLY C 1009 -43.13 1.86 14.76
C GLY C 1009 -43.28 2.10 16.24
N MET C 1010 -42.81 3.24 16.73
CA MET C 1010 -42.95 3.55 18.15
C MET C 1010 -44.42 3.70 18.53
N VAL C 1011 -45.22 4.35 17.69
CA VAL C 1011 -46.63 4.53 18.01
C VAL C 1011 -47.31 3.18 18.18
N THR C 1012 -47.12 2.28 17.21
CA THR C 1012 -47.82 1.00 17.28
C THR C 1012 -47.21 0.05 18.30
N ALA C 1013 -45.92 0.18 18.59
CA ALA C 1013 -45.29 -0.64 19.62
C ALA C 1013 -45.55 -0.12 21.02
N THR C 1014 -46.09 1.09 21.15
CA THR C 1014 -46.53 1.58 22.45
C THR C 1014 -48.02 1.37 22.70
N ILE C 1015 -48.86 1.59 21.68
CA ILE C 1015 -50.29 1.38 21.89
C ILE C 1015 -50.61 -0.11 22.01
N LEU C 1016 -49.95 -0.95 21.21
CA LEU C 1016 -50.27 -2.38 21.19
C LEU C 1016 -49.49 -3.17 22.24
N ALA C 1017 -48.23 -2.82 22.49
CA ALA C 1017 -47.43 -3.62 23.40
C ALA C 1017 -48.01 -3.62 24.80
N ILE C 1018 -48.49 -2.47 25.29
CA ILE C 1018 -48.98 -2.42 26.66
C ILE C 1018 -50.14 -3.38 26.87
N PHE C 1019 -50.79 -3.84 25.79
CA PHE C 1019 -51.89 -4.77 25.89
C PHE C 1019 -51.52 -6.20 25.51
N PHE C 1020 -50.54 -6.38 24.63
CA PHE C 1020 -50.18 -7.71 24.15
C PHE C 1020 -49.04 -8.34 24.93
N VAL C 1021 -48.08 -7.54 25.43
CA VAL C 1021 -46.95 -8.13 26.14
C VAL C 1021 -47.41 -8.93 27.34
N PRO C 1022 -48.37 -8.48 28.16
CA PRO C 1022 -48.87 -9.36 29.22
C PRO C 1022 -49.41 -10.68 28.70
N VAL C 1023 -50.09 -10.65 27.54
CA VAL C 1023 -50.64 -11.87 26.97
C VAL C 1023 -49.50 -12.83 26.62
N PHE C 1024 -48.46 -12.32 25.95
CA PHE C 1024 -47.35 -13.18 25.57
C PHE C 1024 -46.64 -13.73 26.80
N PHE C 1025 -46.37 -12.86 27.78
CA PHE C 1025 -45.70 -13.31 29.00
C PHE C 1025 -46.47 -14.42 29.67
N VAL C 1026 -47.78 -14.21 29.90
CA VAL C 1026 -48.57 -15.21 30.59
C VAL C 1026 -48.64 -16.49 29.79
N VAL C 1027 -48.87 -16.39 28.47
CA VAL C 1027 -49.04 -17.60 27.66
C VAL C 1027 -47.76 -18.40 27.63
N VAL C 1028 -46.61 -17.73 27.49
CA VAL C 1028 -45.34 -18.45 27.44
C VAL C 1028 -45.01 -19.06 28.80
N ARG C 1029 -45.29 -18.32 29.88
CA ARG C 1029 -45.03 -18.87 31.22
C ARG C 1029 -45.88 -20.10 31.49
N ARG C 1030 -47.16 -20.06 31.14
CA ARG C 1030 -48.07 -21.16 31.45
C ARG C 1030 -47.86 -22.37 30.54
N ARG C 1031 -47.09 -22.22 29.47
CA ARG C 1031 -46.75 -23.33 28.59
C ARG C 1031 -45.26 -23.61 28.51
N PHE C 1032 -44.42 -22.68 28.97
CA PHE C 1032 -42.96 -22.85 28.92
C PHE C 1032 -42.48 -23.15 27.51
N SER C 1033 -43.05 -22.44 26.54
CA SER C 1033 -42.62 -22.56 25.15
C SER C 1033 -41.19 -22.07 24.97
#